data_2RQM
#
_entry.id   2RQM
#
_entity_poly.entity_id   1
_entity_poly.type   'polypeptide(L)'
_entity_poly.pdbx_seq_one_letter_code
;GDIRDYNDADMARLLEQWEKDDDIEEGDLPEHKRPSAPIDFSKLDPGKPESILKMTKKGKTLMMFVTVSGNPTEKETEEI
TSLWQGSLFNANYDVQRFIVGSDRAIFMLRDGSYAWEIKDFLVSQDRCAEVTLEGQMYPGK
;
_entity_poly.pdbx_strand_id   A
#
# COMPACT_ATOMS: atom_id res chain seq x y z
N GLY A 1 64.75 27.37 18.44
CA GLY A 1 64.39 28.72 18.91
C GLY A 1 65.30 29.80 18.34
N ASP A 2 65.36 29.86 17.01
CA ASP A 2 66.20 30.83 16.32
C ASP A 2 65.37 32.05 15.91
N ILE A 3 64.07 31.84 15.81
CA ILE A 3 63.13 32.91 15.45
C ILE A 3 61.86 32.80 16.29
N ARG A 4 61.56 33.85 17.05
CA ARG A 4 60.37 33.89 17.89
C ARG A 4 59.11 33.91 17.05
N ASP A 5 59.04 34.87 16.12
CA ASP A 5 57.81 35.17 15.37
C ASP A 5 57.17 33.91 14.79
N TYR A 6 57.97 33.13 14.05
CA TYR A 6 57.45 31.96 13.37
C TYR A 6 56.99 30.92 14.39
N ASN A 7 57.84 30.68 15.38
CA ASN A 7 57.55 29.66 16.39
C ASN A 7 56.23 29.96 17.10
N ASP A 8 56.17 31.06 17.83
CA ASP A 8 54.99 31.37 18.63
C ASP A 8 53.76 31.50 17.74
N ALA A 9 53.87 32.30 16.68
CA ALA A 9 52.73 32.55 15.80
C ALA A 9 52.23 31.26 15.14
N ASP A 10 53.06 30.70 14.26
CA ASP A 10 52.64 29.58 13.42
C ASP A 10 52.39 28.32 14.26
N MET A 11 53.29 28.03 15.19
CA MET A 11 53.21 26.80 15.97
C MET A 11 52.01 26.86 16.93
N ALA A 12 51.70 28.05 17.46
CA ALA A 12 50.51 28.19 18.31
C ALA A 12 49.25 27.99 17.48
N ARG A 13 49.24 28.57 16.28
CA ARG A 13 48.11 28.40 15.37
C ARG A 13 47.91 26.92 15.03
N LEU A 14 49.02 26.17 14.97
CA LEU A 14 48.98 24.74 14.71
C LEU A 14 48.51 23.98 15.96
N LEU A 15 49.03 24.38 17.13
CA LEU A 15 48.70 23.72 18.39
C LEU A 15 47.42 24.28 19.00
N GLU A 16 46.83 25.27 18.32
CA GLU A 16 45.60 25.91 18.79
C GLU A 16 44.56 24.88 19.21
N GLN A 17 44.37 23.86 18.37
CA GLN A 17 43.41 22.80 18.65
C GLN A 17 43.74 22.07 19.95
N TRP A 18 45.03 21.78 20.16
CA TRP A 18 45.48 21.05 21.34
C TRP A 18 45.28 21.91 22.59
N GLU A 19 45.61 23.19 22.46
CA GLU A 19 45.44 24.14 23.55
C GLU A 19 43.97 24.30 23.89
N LYS A 20 43.12 24.27 22.87
CA LYS A 20 41.69 24.35 23.04
C LYS A 20 41.21 23.17 23.89
N ASP A 21 41.67 21.97 23.53
CA ASP A 21 41.34 20.76 24.28
C ASP A 21 41.74 20.92 25.74
N ASP A 22 42.99 21.30 25.97
CA ASP A 22 43.52 21.49 27.32
C ASP A 22 42.71 22.55 28.07
N ASP A 23 42.25 23.56 27.35
CA ASP A 23 41.57 24.71 27.95
C ASP A 23 40.16 24.33 28.39
N ILE A 24 39.46 23.60 27.53
CA ILE A 24 38.10 23.17 27.83
C ILE A 24 38.10 21.98 28.79
N GLU A 25 39.22 21.27 28.84
CA GLU A 25 39.40 20.15 29.75
C GLU A 25 39.70 20.68 31.15
N GLU A 26 40.62 21.66 31.20
CA GLU A 26 41.02 22.34 32.43
C GLU A 26 41.62 21.34 33.44
N GLY A 27 41.91 20.14 32.98
CA GLY A 27 42.53 19.13 33.81
C GLY A 27 41.60 18.57 34.87
N ASP A 28 40.29 18.67 34.63
CA ASP A 28 39.31 18.11 35.56
C ASP A 28 39.06 16.64 35.26
N LEU A 29 39.37 15.78 36.24
CA LEU A 29 39.22 14.34 36.08
C LEU A 29 37.77 13.92 36.28
N PRO A 30 37.15 13.28 35.26
CA PRO A 30 35.80 12.74 35.37
C PRO A 30 35.80 11.30 35.86
N GLU A 31 34.75 10.91 36.58
CA GLU A 31 34.65 9.56 37.10
C GLU A 31 34.21 8.59 36.01
N HIS A 32 33.92 9.14 34.83
CA HIS A 32 33.42 8.35 33.72
C HIS A 32 34.57 7.72 32.92
N LYS A 33 34.74 6.42 33.09
CA LYS A 33 35.70 5.63 32.34
C LYS A 33 35.03 5.09 31.07
N ARG A 34 35.82 4.54 30.15
CA ARG A 34 35.29 3.87 28.96
C ARG A 34 34.27 2.80 29.39
N PRO A 35 32.97 2.98 29.04
CA PRO A 35 31.91 2.07 29.47
C PRO A 35 31.98 0.72 28.75
N SER A 36 32.67 0.70 27.60
CA SER A 36 32.84 -0.52 26.84
C SER A 36 33.97 -1.36 27.41
N ALA A 37 33.62 -2.48 28.05
CA ALA A 37 34.61 -3.42 28.57
C ALA A 37 35.16 -4.32 27.45
N PRO A 38 34.27 -4.93 26.62
CA PRO A 38 34.70 -5.69 25.45
C PRO A 38 35.08 -4.77 24.29
N ILE A 39 36.37 -4.56 24.10
CA ILE A 39 36.88 -3.71 23.02
C ILE A 39 36.43 -4.25 21.66
N ASP A 40 36.05 -5.53 21.63
CA ASP A 40 35.64 -6.22 20.42
C ASP A 40 34.57 -5.45 19.63
N PHE A 41 33.77 -4.63 20.33
CA PHE A 41 32.76 -3.80 19.67
C PHE A 41 33.42 -2.89 18.64
N SER A 42 34.42 -2.12 19.07
CA SER A 42 35.11 -1.18 18.19
C SER A 42 36.18 -1.91 17.37
N LYS A 43 36.64 -3.05 17.89
CA LYS A 43 37.65 -3.86 17.22
C LYS A 43 37.09 -4.43 15.92
N LEU A 44 35.96 -5.12 16.01
CA LEU A 44 35.32 -5.73 14.85
C LEU A 44 34.36 -4.75 14.17
N ASP A 45 33.49 -4.13 14.99
CA ASP A 45 32.37 -3.34 14.47
C ASP A 45 31.48 -4.21 13.59
N PRO A 46 30.45 -4.85 14.19
CA PRO A 46 29.60 -5.86 13.54
C PRO A 46 29.18 -5.51 12.11
N GLY A 47 28.92 -4.23 11.86
CA GLY A 47 28.54 -3.79 10.52
C GLY A 47 27.04 -3.87 10.30
N LYS A 48 26.39 -4.85 10.93
CA LYS A 48 24.94 -5.01 10.85
C LYS A 48 24.24 -3.78 11.42
N PRO A 49 23.53 -3.01 10.57
CA PRO A 49 22.85 -1.78 11.01
C PRO A 49 21.55 -2.08 11.73
N GLU A 50 21.65 -2.64 12.94
CA GLU A 50 20.48 -3.00 13.73
C GLU A 50 19.54 -1.80 13.90
N SER A 51 20.10 -0.60 13.80
CA SER A 51 19.34 0.64 13.91
C SER A 51 18.11 0.63 13.01
N ILE A 52 18.22 0.01 11.83
CA ILE A 52 17.10 -0.06 10.89
C ILE A 52 15.97 -0.93 11.47
N LEU A 53 16.36 -2.02 12.14
CA LEU A 53 15.39 -2.91 12.78
C LEU A 53 14.72 -2.21 13.95
N LYS A 54 15.50 -1.38 14.64
CA LYS A 54 15.00 -0.60 15.76
C LYS A 54 14.13 0.56 15.27
N MET A 55 14.39 1.01 14.04
CA MET A 55 13.66 2.15 13.46
C MET A 55 12.41 1.69 12.70
N THR A 56 12.39 0.42 12.27
CA THR A 56 11.25 -0.09 11.51
C THR A 56 10.13 -0.57 12.42
N LYS A 57 8.90 -0.40 11.94
CA LYS A 57 7.71 -0.88 12.63
C LYS A 57 6.64 -1.21 11.60
N LYS A 58 5.72 -2.10 11.93
CA LYS A 58 4.61 -2.43 11.03
C LYS A 58 3.79 -1.18 10.74
N GLY A 59 3.24 -1.11 9.53
CA GLY A 59 2.50 0.06 9.10
C GLY A 59 3.12 0.72 7.89
N LYS A 60 3.43 -0.09 6.88
CA LYS A 60 3.98 0.42 5.63
C LYS A 60 2.87 0.98 4.76
N THR A 61 2.71 2.30 4.80
CA THR A 61 1.66 3.00 4.06
C THR A 61 2.21 3.57 2.76
N LEU A 62 3.29 2.98 2.25
CA LEU A 62 3.94 3.45 1.03
C LEU A 62 3.15 2.95 -0.18
N MET A 63 2.52 3.86 -0.91
CA MET A 63 1.75 3.51 -2.09
C MET A 63 2.39 4.07 -3.35
N MET A 64 2.02 3.49 -4.49
CA MET A 64 2.40 4.01 -5.79
C MET A 64 1.19 4.62 -6.45
N PHE A 65 1.28 5.90 -6.81
CA PHE A 65 0.20 6.59 -7.51
C PHE A 65 0.28 6.26 -8.99
N VAL A 66 -0.57 5.34 -9.44
CA VAL A 66 -0.58 4.91 -10.83
C VAL A 66 -1.71 5.59 -11.60
N THR A 67 -1.36 6.64 -12.33
CA THR A 67 -2.32 7.33 -13.21
C THR A 67 -2.49 6.51 -14.48
N VAL A 68 -3.52 5.67 -14.50
CA VAL A 68 -3.69 4.70 -15.58
C VAL A 68 -4.42 5.30 -16.77
N SER A 69 -5.66 5.74 -16.53
CA SER A 69 -6.54 6.17 -17.60
C SER A 69 -6.19 7.56 -18.12
N GLY A 70 -6.45 8.59 -17.30
CA GLY A 70 -6.34 9.96 -17.76
C GLY A 70 -7.62 10.40 -18.44
N ASN A 71 -8.64 9.56 -18.31
CA ASN A 71 -9.95 9.80 -18.90
C ASN A 71 -11.03 9.68 -17.81
N PRO A 72 -11.97 10.64 -17.76
CA PRO A 72 -12.97 10.76 -16.68
C PRO A 72 -13.59 9.44 -16.22
N THR A 73 -13.79 8.50 -17.14
CA THR A 73 -14.47 7.25 -16.83
C THR A 73 -13.66 6.40 -15.84
N GLU A 74 -14.08 6.41 -14.58
CA GLU A 74 -13.40 5.66 -13.51
C GLU A 74 -13.39 4.17 -13.82
N LYS A 75 -14.35 3.73 -14.64
CA LYS A 75 -14.49 2.33 -15.03
C LYS A 75 -13.15 1.74 -15.48
N GLU A 76 -12.45 2.46 -16.36
CA GLU A 76 -11.21 1.97 -16.94
C GLU A 76 -10.20 1.63 -15.84
N THR A 77 -10.03 2.56 -14.91
CA THR A 77 -9.10 2.40 -13.81
C THR A 77 -9.51 1.23 -12.92
N GLU A 78 -10.80 1.13 -12.61
CA GLU A 78 -11.30 0.05 -11.76
C GLU A 78 -11.06 -1.30 -12.43
N GLU A 79 -11.41 -1.38 -13.72
CA GLU A 79 -11.25 -2.62 -14.49
C GLU A 79 -9.79 -3.08 -14.46
N ILE A 80 -8.89 -2.21 -14.90
CA ILE A 80 -7.48 -2.57 -15.02
C ILE A 80 -6.88 -2.86 -13.64
N THR A 81 -7.28 -2.10 -12.63
CA THR A 81 -6.76 -2.29 -11.27
C THR A 81 -7.25 -3.60 -10.67
N SER A 82 -8.48 -3.99 -10.99
CA SER A 82 -9.03 -5.26 -10.50
C SER A 82 -8.38 -6.43 -11.25
N LEU A 83 -8.02 -6.20 -12.51
CA LEU A 83 -7.27 -7.18 -13.29
C LEU A 83 -5.91 -7.40 -12.66
N TRP A 84 -5.24 -6.30 -12.29
CA TRP A 84 -3.98 -6.36 -11.56
C TRP A 84 -4.19 -7.06 -10.21
N GLN A 85 -5.25 -6.69 -9.51
CA GLN A 85 -5.59 -7.30 -8.23
C GLN A 85 -5.73 -8.82 -8.39
N GLY A 86 -6.22 -9.23 -9.55
CA GLY A 86 -6.29 -10.65 -9.86
C GLY A 86 -4.91 -11.25 -10.08
N SER A 87 -4.23 -10.79 -11.12
CA SER A 87 -2.92 -11.34 -11.51
C SER A 87 -1.93 -11.35 -10.34
N LEU A 88 -1.85 -10.23 -9.63
CA LEU A 88 -0.91 -10.10 -8.51
C LEU A 88 -1.19 -11.15 -7.43
N PHE A 89 -2.43 -11.20 -6.96
CA PHE A 89 -2.82 -12.13 -5.90
C PHE A 89 -2.69 -13.57 -6.39
N ASN A 90 -2.89 -13.78 -7.69
CA ASN A 90 -2.70 -15.10 -8.30
C ASN A 90 -1.22 -15.45 -8.35
N ALA A 91 -0.39 -14.41 -8.40
CA ALA A 91 1.07 -14.57 -8.42
C ALA A 91 1.64 -14.55 -6.99
N ASN A 92 0.75 -14.67 -6.01
CA ASN A 92 1.12 -14.70 -4.58
C ASN A 92 1.63 -13.35 -4.10
N TYR A 93 1.33 -12.29 -4.86
CA TYR A 93 1.64 -10.93 -4.45
C TYR A 93 0.43 -10.29 -3.77
N ASP A 94 0.33 -10.46 -2.46
CA ASP A 94 -0.76 -9.87 -1.70
C ASP A 94 -0.41 -8.44 -1.33
N VAL A 95 -1.00 -7.49 -2.05
CA VAL A 95 -0.75 -6.07 -1.85
C VAL A 95 -2.06 -5.33 -1.70
N GLN A 96 -1.99 -4.06 -1.28
CA GLN A 96 -3.18 -3.25 -1.10
C GLN A 96 -3.35 -2.32 -2.29
N ARG A 97 -4.59 -2.25 -2.79
CA ARG A 97 -4.88 -1.48 -3.99
C ARG A 97 -6.23 -0.78 -3.84
N PHE A 98 -6.23 0.54 -4.01
CA PHE A 98 -7.44 1.34 -3.84
C PHE A 98 -7.55 2.35 -4.99
N ILE A 99 -8.78 2.68 -5.36
CA ILE A 99 -9.02 3.66 -6.42
C ILE A 99 -9.56 4.97 -5.84
N VAL A 100 -8.63 5.87 -5.51
CA VAL A 100 -8.98 7.20 -5.02
C VAL A 100 -8.48 8.24 -6.02
N GLY A 101 -9.40 8.86 -6.73
CA GLY A 101 -9.03 9.65 -7.88
C GLY A 101 -9.28 8.87 -9.14
N SER A 102 -10.35 9.22 -9.87
CA SER A 102 -10.81 8.45 -11.03
C SER A 102 -9.67 7.94 -11.93
N ASP A 103 -8.55 8.66 -11.99
CA ASP A 103 -7.42 8.27 -12.85
C ASP A 103 -6.32 7.58 -12.05
N ARG A 104 -6.29 7.85 -10.74
CA ARG A 104 -5.18 7.43 -9.88
C ARG A 104 -5.51 6.13 -9.14
N ALA A 105 -4.80 5.06 -9.48
CA ALA A 105 -4.89 3.80 -8.75
C ALA A 105 -3.68 3.68 -7.82
N ILE A 106 -3.93 3.66 -6.51
CA ILE A 106 -2.83 3.60 -5.54
C ILE A 106 -2.57 2.17 -5.09
N PHE A 107 -1.33 1.72 -5.31
CA PHE A 107 -0.89 0.40 -4.85
C PHE A 107 -0.01 0.53 -3.61
N MET A 108 -0.61 0.24 -2.46
CA MET A 108 0.10 0.28 -1.18
C MET A 108 0.77 -1.05 -0.91
N LEU A 109 2.09 -1.03 -0.76
CA LEU A 109 2.87 -2.26 -0.59
C LEU A 109 3.17 -2.51 0.88
N ARG A 110 2.86 -3.72 1.34
CA ARG A 110 3.25 -4.16 2.68
C ARG A 110 4.66 -4.76 2.62
N ASP A 111 5.15 -4.91 1.38
CA ASP A 111 6.48 -5.47 1.12
C ASP A 111 7.36 -4.39 0.50
N GLY A 112 8.53 -4.79 0.00
CA GLY A 112 9.44 -3.82 -0.61
C GLY A 112 10.39 -4.43 -1.62
N SER A 113 10.82 -5.67 -1.37
CA SER A 113 11.82 -6.32 -2.20
C SER A 113 11.46 -6.29 -3.69
N TYR A 114 10.20 -6.59 -4.00
CA TYR A 114 9.76 -6.66 -5.40
C TYR A 114 9.02 -5.38 -5.83
N ALA A 115 9.35 -4.26 -5.18
CA ALA A 115 8.71 -2.98 -5.50
C ALA A 115 8.84 -2.63 -6.98
N TRP A 116 10.06 -2.72 -7.51
CA TRP A 116 10.31 -2.43 -8.93
C TRP A 116 9.80 -3.55 -9.82
N GLU A 117 9.65 -4.75 -9.25
CA GLU A 117 9.19 -5.91 -10.00
C GLU A 117 7.70 -5.72 -10.33
N ILE A 118 6.90 -5.42 -9.30
CA ILE A 118 5.48 -5.13 -9.50
C ILE A 118 5.30 -3.85 -10.31
N LYS A 119 6.16 -2.86 -10.04
CA LYS A 119 6.15 -1.61 -10.80
C LYS A 119 6.37 -1.90 -12.29
N ASP A 120 7.28 -2.82 -12.57
CA ASP A 120 7.56 -3.27 -13.94
C ASP A 120 6.31 -3.87 -14.54
N PHE A 121 5.68 -4.77 -13.80
CA PHE A 121 4.45 -5.43 -14.22
C PHE A 121 3.38 -4.39 -14.59
N LEU A 122 3.34 -3.29 -13.85
CA LEU A 122 2.38 -2.22 -14.11
C LEU A 122 2.72 -1.49 -15.41
N VAL A 123 3.95 -1.01 -15.52
CA VAL A 123 4.38 -0.21 -16.68
C VAL A 123 4.62 -1.09 -17.91
N SER A 124 4.54 -2.41 -17.72
CA SER A 124 4.75 -3.37 -18.80
C SER A 124 3.69 -3.22 -19.90
N GLN A 125 2.63 -2.47 -19.62
CA GLN A 125 1.57 -2.24 -20.61
C GLN A 125 1.98 -1.16 -21.61
N ASP A 126 1.40 -1.23 -22.81
CA ASP A 126 1.71 -0.29 -23.90
C ASP A 126 1.57 1.16 -23.46
N ARG A 127 0.51 1.45 -22.71
CA ARG A 127 0.23 2.81 -22.26
C ARG A 127 1.30 3.30 -21.27
N CYS A 128 1.95 2.35 -20.58
CA CYS A 128 2.96 2.65 -19.56
C CYS A 128 2.32 3.23 -18.30
N ALA A 129 1.67 4.38 -18.46
CA ALA A 129 0.98 5.08 -17.35
C ALA A 129 1.99 5.69 -16.37
N GLU A 130 1.50 6.64 -15.57
CA GLU A 130 2.32 7.29 -14.56
C GLU A 130 2.33 6.47 -13.28
N VAL A 131 3.48 5.93 -12.91
CA VAL A 131 3.63 5.19 -11.66
C VAL A 131 4.63 5.90 -10.76
N THR A 132 4.11 6.70 -9.83
CA THR A 132 4.96 7.48 -8.92
C THR A 132 4.92 6.90 -7.52
N LEU A 133 5.91 7.23 -6.70
CA LEU A 133 5.95 6.78 -5.32
C LEU A 133 5.51 7.90 -4.39
N GLU A 134 4.85 7.53 -3.29
CA GLU A 134 4.50 8.50 -2.25
C GLU A 134 5.79 9.15 -1.73
N GLY A 135 5.90 10.47 -1.91
CA GLY A 135 7.09 11.19 -1.48
C GLY A 135 8.13 11.26 -2.59
N GLN A 136 9.15 10.40 -2.50
CA GLN A 136 10.24 10.40 -3.47
C GLN A 136 10.38 9.01 -4.11
N MET A 137 10.95 8.97 -5.31
CA MET A 137 11.19 7.71 -6.00
C MET A 137 12.66 7.31 -5.86
N TYR A 138 12.92 6.40 -4.93
CA TYR A 138 14.27 5.93 -4.66
C TYR A 138 14.35 4.40 -4.80
N PRO A 139 15.15 3.90 -5.76
CA PRO A 139 15.34 2.46 -5.97
C PRO A 139 16.16 1.83 -4.84
N GLY A 140 17.02 2.65 -4.23
CA GLY A 140 17.88 2.19 -3.16
C GLY A 140 19.17 2.99 -3.12
N LYS A 141 19.87 3.01 -4.25
CA LYS A 141 21.09 3.78 -4.39
C LYS A 141 21.24 4.28 -5.83
N GLY A 1 -14.76 29.83 -12.81
CA GLY A 1 -15.97 30.49 -13.35
C GLY A 1 -16.61 29.71 -14.49
N ASP A 2 -16.57 28.39 -14.42
CA ASP A 2 -17.11 27.54 -15.48
C ASP A 2 -18.15 26.55 -14.96
N ILE A 3 -17.70 25.33 -14.66
CA ILE A 3 -18.61 24.20 -14.38
C ILE A 3 -19.20 24.28 -12.97
N ARG A 4 -18.38 23.93 -11.97
CA ARG A 4 -18.86 23.88 -10.59
C ARG A 4 -19.35 25.26 -10.14
N ASP A 5 -18.72 26.31 -10.66
CA ASP A 5 -19.10 27.68 -10.33
C ASP A 5 -20.55 27.92 -10.72
N TYR A 6 -20.90 27.55 -11.95
CA TYR A 6 -22.27 27.69 -12.43
C TYR A 6 -23.24 26.97 -11.49
N ASN A 7 -22.90 25.72 -11.16
CA ASN A 7 -23.76 24.92 -10.29
C ASN A 7 -24.02 25.64 -8.97
N ASP A 8 -22.99 25.73 -8.14
CA ASP A 8 -23.13 26.30 -6.80
C ASP A 8 -23.58 27.76 -6.86
N ALA A 9 -22.79 28.58 -7.55
CA ALA A 9 -23.01 30.03 -7.55
C ALA A 9 -24.35 30.42 -8.17
N ASP A 10 -24.67 29.85 -9.34
CA ASP A 10 -25.87 30.27 -10.06
C ASP A 10 -27.12 29.66 -9.42
N MET A 11 -27.09 28.35 -9.14
CA MET A 11 -28.24 27.69 -8.53
C MET A 11 -28.52 28.33 -7.16
N ALA A 12 -27.47 28.77 -6.47
CA ALA A 12 -27.63 29.53 -5.24
C ALA A 12 -28.35 30.85 -5.55
N ARG A 13 -27.75 31.66 -6.42
CA ARG A 13 -28.27 32.99 -6.75
C ARG A 13 -29.74 32.96 -7.18
N LEU A 14 -30.18 31.84 -7.73
CA LEU A 14 -31.58 31.66 -8.10
C LEU A 14 -32.40 31.11 -6.92
N LEU A 15 -31.80 30.21 -6.14
CA LEU A 15 -32.50 29.53 -5.04
C LEU A 15 -31.99 29.99 -3.67
N GLU A 16 -31.46 31.20 -3.59
CA GLU A 16 -30.98 31.78 -2.31
C GLU A 16 -32.03 31.65 -1.20
N GLN A 17 -33.29 31.51 -1.61
CA GLN A 17 -34.40 31.40 -0.68
C GLN A 17 -34.15 30.30 0.36
N TRP A 18 -33.96 29.06 -0.11
CA TRP A 18 -33.78 27.94 0.81
C TRP A 18 -32.44 28.06 1.53
N GLU A 19 -31.42 28.54 0.83
CA GLU A 19 -30.09 28.71 1.39
C GLU A 19 -30.14 29.62 2.62
N LYS A 20 -30.55 30.87 2.38
CA LYS A 20 -30.63 31.88 3.42
C LYS A 20 -31.57 31.42 4.53
N ASP A 21 -32.75 30.93 4.14
CA ASP A 21 -33.77 30.48 5.10
C ASP A 21 -33.21 29.35 5.98
N ASP A 22 -32.44 28.46 5.37
CA ASP A 22 -31.84 27.33 6.08
C ASP A 22 -30.87 27.84 7.14
N ASP A 23 -30.00 28.77 6.76
CA ASP A 23 -29.06 29.37 7.70
C ASP A 23 -29.80 30.11 8.81
N ILE A 24 -30.90 30.76 8.44
CA ILE A 24 -31.74 31.46 9.42
C ILE A 24 -32.37 30.47 10.40
N GLU A 25 -32.65 29.27 9.92
CA GLU A 25 -33.24 28.21 10.73
C GLU A 25 -32.16 27.48 11.54
N GLU A 26 -30.93 27.49 11.02
CA GLU A 26 -29.82 26.78 11.65
C GLU A 26 -29.42 27.44 12.98
N GLY A 27 -28.61 26.74 13.77
CA GLY A 27 -28.13 27.26 15.04
C GLY A 27 -29.01 26.88 16.21
N ASP A 28 -29.23 25.57 16.35
CA ASP A 28 -29.99 25.02 17.48
C ASP A 28 -29.45 23.63 17.84
N LEU A 29 -29.87 23.12 18.99
CA LEU A 29 -29.43 21.81 19.46
C LEU A 29 -30.62 20.85 19.59
N PRO A 30 -30.40 19.55 19.32
CA PRO A 30 -31.46 18.53 19.38
C PRO A 30 -31.69 18.02 20.80
N GLU A 31 -32.30 16.85 20.90
CA GLU A 31 -32.62 16.23 22.19
C GLU A 31 -31.43 15.41 22.72
N HIS A 32 -30.34 15.42 21.97
CA HIS A 32 -29.11 14.76 22.39
C HIS A 32 -28.09 15.80 22.83
N LYS A 33 -27.67 15.72 24.09
CA LYS A 33 -26.64 16.60 24.63
C LYS A 33 -25.24 16.06 24.33
N ARG A 34 -24.21 16.76 24.80
CA ARG A 34 -22.82 16.36 24.59
C ARG A 34 -22.61 14.89 24.94
N PRO A 35 -22.45 14.01 23.92
CA PRO A 35 -22.38 12.56 24.13
C PRO A 35 -20.96 12.06 24.41
N SER A 36 -19.99 12.98 24.44
CA SER A 36 -18.60 12.62 24.67
C SER A 36 -18.39 12.18 26.12
N ALA A 37 -18.16 10.89 26.31
CA ALA A 37 -17.87 10.34 27.63
C ALA A 37 -16.53 10.86 28.16
N PRO A 38 -15.44 10.79 27.35
CA PRO A 38 -14.15 11.35 27.73
C PRO A 38 -14.14 12.87 27.61
N ILE A 39 -14.17 13.55 28.76
CA ILE A 39 -14.21 15.00 28.79
C ILE A 39 -12.88 15.60 28.33
N ASP A 40 -11.89 14.73 28.11
CA ASP A 40 -10.55 15.13 27.66
C ASP A 40 -10.63 16.07 26.47
N PHE A 41 -11.49 15.74 25.51
CA PHE A 41 -11.62 16.53 24.30
C PHE A 41 -12.10 17.95 24.62
N SER A 42 -13.17 18.03 25.40
CA SER A 42 -13.82 19.31 25.69
C SER A 42 -13.06 20.13 26.74
N LYS A 43 -12.25 19.47 27.56
CA LYS A 43 -11.51 20.15 28.61
C LYS A 43 -10.11 20.53 28.14
N LEU A 44 -9.43 19.60 27.46
CA LEU A 44 -8.04 19.80 27.05
C LEU A 44 -7.96 20.41 25.64
N ASP A 45 -8.89 20.03 24.76
CA ASP A 45 -8.80 20.39 23.34
C ASP A 45 -7.47 19.89 22.76
N PRO A 46 -7.47 18.66 22.22
CA PRO A 46 -6.24 18.01 21.72
C PRO A 46 -5.46 18.89 20.74
N GLY A 47 -6.05 19.15 19.56
CA GLY A 47 -5.36 19.92 18.53
C GLY A 47 -4.14 19.19 18.00
N LYS A 48 -4.04 17.91 18.36
CA LYS A 48 -2.86 17.10 18.06
C LYS A 48 -2.72 16.87 16.56
N PRO A 49 -1.47 16.83 16.04
CA PRO A 49 -1.20 16.46 14.65
C PRO A 49 -1.27 14.94 14.48
N GLU A 50 -2.34 14.48 13.84
CA GLU A 50 -2.59 13.04 13.68
C GLU A 50 -1.78 12.48 12.51
N SER A 51 -0.74 13.21 12.12
CA SER A 51 0.19 12.75 11.10
C SER A 51 0.80 11.39 11.50
N ILE A 52 0.95 11.16 12.80
CA ILE A 52 1.44 9.87 13.29
C ILE A 52 0.43 8.77 12.95
N LEU A 53 -0.86 9.11 12.98
CA LEU A 53 -1.92 8.19 12.62
C LEU A 53 -1.88 7.93 11.11
N LYS A 54 -1.50 8.95 10.36
CA LYS A 54 -1.29 8.80 8.92
C LYS A 54 -0.15 7.79 8.69
N MET A 55 0.91 7.92 9.49
CA MET A 55 2.04 6.99 9.42
C MET A 55 1.68 5.63 10.01
N THR A 56 0.63 5.59 10.85
CA THR A 56 0.15 4.34 11.40
C THR A 56 -0.49 3.49 10.29
N LYS A 57 0.27 2.52 9.79
CA LYS A 57 -0.19 1.60 8.76
C LYS A 57 0.48 0.24 8.97
N LYS A 58 -0.30 -0.74 9.40
CA LYS A 58 0.22 -2.08 9.67
C LYS A 58 0.81 -2.70 8.41
N GLY A 59 2.13 -2.90 8.41
CA GLY A 59 2.82 -3.60 7.34
C GLY A 59 2.56 -3.00 5.97
N LYS A 60 2.58 -1.67 5.88
CA LYS A 60 2.44 -0.96 4.61
C LYS A 60 3.21 0.35 4.69
N THR A 61 4.30 0.45 3.93
CA THR A 61 5.17 1.62 3.98
C THR A 61 5.33 2.28 2.60
N LEU A 62 5.26 1.47 1.55
CA LEU A 62 5.51 1.94 0.19
C LEU A 62 4.18 2.08 -0.55
N MET A 63 3.89 3.27 -1.05
CA MET A 63 2.67 3.51 -1.82
C MET A 63 2.99 4.14 -3.18
N MET A 64 2.44 3.54 -4.23
CA MET A 64 2.65 4.01 -5.59
C MET A 64 1.35 4.58 -6.17
N PHE A 65 1.43 5.80 -6.68
CA PHE A 65 0.31 6.43 -7.37
C PHE A 65 0.49 6.25 -8.88
N VAL A 66 -0.34 5.39 -9.47
CA VAL A 66 -0.24 5.10 -10.90
C VAL A 66 -1.40 5.74 -11.67
N THR A 67 -1.09 6.81 -12.39
CA THR A 67 -2.05 7.44 -13.29
C THR A 67 -2.27 6.53 -14.50
N VAL A 68 -3.48 5.99 -14.63
CA VAL A 68 -3.76 5.00 -15.66
C VAL A 68 -4.50 5.62 -16.83
N SER A 69 -5.69 6.16 -16.55
CA SER A 69 -6.52 6.72 -17.59
C SER A 69 -6.13 8.17 -17.89
N GLY A 70 -5.94 8.95 -16.83
CA GLY A 70 -5.66 10.37 -17.00
C GLY A 70 -6.91 11.15 -17.38
N ASN A 71 -8.01 10.42 -17.56
CA ASN A 71 -9.32 10.99 -17.87
C ASN A 71 -10.35 10.44 -16.88
N PRO A 72 -11.51 11.11 -16.73
CA PRO A 72 -12.49 10.80 -15.66
C PRO A 72 -13.09 9.39 -15.71
N THR A 73 -12.98 8.68 -16.84
CA THR A 73 -13.64 7.40 -16.99
C THR A 73 -13.10 6.37 -15.99
N GLU A 74 -13.75 6.31 -14.83
CA GLU A 74 -13.38 5.41 -13.74
C GLU A 74 -13.33 3.96 -14.22
N LYS A 75 -14.07 3.68 -15.28
CA LYS A 75 -14.27 2.32 -15.77
C LYS A 75 -12.94 1.66 -16.10
N GLU A 76 -12.15 2.32 -16.96
CA GLU A 76 -10.91 1.74 -17.46
C GLU A 76 -9.92 1.50 -16.33
N THR A 77 -9.86 2.45 -15.40
CA THR A 77 -8.98 2.34 -14.25
C THR A 77 -9.40 1.17 -13.35
N GLU A 78 -10.70 1.03 -13.13
CA GLU A 78 -11.22 -0.04 -12.28
C GLU A 78 -10.92 -1.39 -12.92
N GLU A 79 -11.19 -1.49 -14.22
CA GLU A 79 -10.94 -2.72 -14.98
C GLU A 79 -9.48 -3.13 -14.88
N ILE A 80 -8.57 -2.22 -15.22
CA ILE A 80 -7.14 -2.52 -15.24
C ILE A 80 -6.65 -2.89 -13.83
N THR A 81 -7.20 -2.23 -12.81
CA THR A 81 -6.88 -2.54 -11.43
C THR A 81 -7.34 -3.97 -11.08
N SER A 82 -8.51 -4.35 -11.60
CA SER A 82 -9.04 -5.70 -11.40
C SER A 82 -8.08 -6.72 -12.04
N LEU A 83 -7.59 -6.40 -13.23
CA LEU A 83 -6.65 -7.26 -13.93
C LEU A 83 -5.36 -7.42 -13.11
N TRP A 84 -4.89 -6.30 -12.57
CA TRP A 84 -3.69 -6.31 -11.73
C TRP A 84 -3.89 -7.18 -10.50
N GLN A 85 -4.87 -6.85 -9.67
CA GLN A 85 -5.12 -7.59 -8.42
C GLN A 85 -5.40 -9.07 -8.72
N GLY A 86 -5.92 -9.35 -9.90
CA GLY A 86 -6.10 -10.72 -10.34
C GLY A 86 -4.77 -11.40 -10.61
N SER A 87 -3.89 -10.70 -11.31
CA SER A 87 -2.60 -11.26 -11.75
C SER A 87 -1.56 -11.20 -10.63
N LEU A 88 -1.78 -10.35 -9.64
CA LEU A 88 -0.86 -10.21 -8.52
C LEU A 88 -1.12 -11.28 -7.46
N PHE A 89 -2.39 -11.42 -7.10
CA PHE A 89 -2.79 -12.32 -6.02
C PHE A 89 -2.64 -13.79 -6.41
N ASN A 90 -2.74 -14.10 -7.71
CA ASN A 90 -2.53 -15.46 -8.18
C ASN A 90 -1.05 -15.84 -8.07
N ALA A 91 -0.20 -14.81 -8.02
CA ALA A 91 1.23 -15.00 -7.81
C ALA A 91 1.56 -14.78 -6.33
N ASN A 92 0.50 -14.63 -5.53
CA ASN A 92 0.62 -14.45 -4.07
C ASN A 92 1.36 -13.16 -3.71
N TYR A 93 1.33 -12.18 -4.61
CA TYR A 93 1.85 -10.85 -4.32
C TYR A 93 0.85 -10.11 -3.45
N ASP A 94 1.02 -10.23 -2.14
CA ASP A 94 0.08 -9.68 -1.18
C ASP A 94 0.27 -8.17 -1.02
N VAL A 95 -0.50 -7.41 -1.77
CA VAL A 95 -0.47 -5.94 -1.70
C VAL A 95 -1.90 -5.41 -1.63
N GLN A 96 -2.05 -4.16 -1.22
CA GLN A 96 -3.38 -3.54 -1.13
C GLN A 96 -3.54 -2.50 -2.24
N ARG A 97 -4.78 -2.25 -2.65
CA ARG A 97 -5.05 -1.37 -3.78
C ARG A 97 -6.34 -0.60 -3.55
N PHE A 98 -6.37 0.64 -4.00
CA PHE A 98 -7.57 1.49 -3.92
C PHE A 98 -7.69 2.34 -5.18
N ILE A 99 -8.92 2.63 -5.57
CA ILE A 99 -9.15 3.54 -6.70
C ILE A 99 -9.74 4.86 -6.17
N VAL A 100 -8.85 5.79 -5.88
CA VAL A 100 -9.23 7.12 -5.41
C VAL A 100 -8.73 8.17 -6.41
N GLY A 101 -9.65 8.79 -7.12
CA GLY A 101 -9.29 9.63 -8.24
C GLY A 101 -9.36 8.83 -9.53
N SER A 102 -10.44 8.99 -10.27
CA SER A 102 -10.74 8.17 -11.44
C SER A 102 -9.59 8.10 -12.46
N ASP A 103 -8.70 9.09 -12.41
CA ASP A 103 -7.57 9.17 -13.34
C ASP A 103 -6.51 8.12 -13.02
N ARG A 104 -6.45 7.69 -11.76
CA ARG A 104 -5.33 6.88 -11.28
C ARG A 104 -5.80 5.76 -10.35
N ALA A 105 -4.84 4.94 -9.96
CA ALA A 105 -5.03 3.89 -8.95
C ALA A 105 -3.85 3.92 -7.98
N ILE A 106 -4.12 3.69 -6.70
CA ILE A 106 -3.06 3.71 -5.68
C ILE A 106 -2.81 2.30 -5.14
N PHE A 107 -1.53 1.93 -5.07
CA PHE A 107 -1.13 0.61 -4.58
C PHE A 107 -0.34 0.74 -3.30
N MET A 108 -0.86 0.17 -2.22
CA MET A 108 -0.17 0.13 -0.94
C MET A 108 0.60 -1.18 -0.82
N LEU A 109 1.89 -1.13 -1.12
CA LEU A 109 2.74 -2.31 -1.04
C LEU A 109 2.99 -2.67 0.41
N ARG A 110 2.77 -3.93 0.75
CA ARG A 110 2.93 -4.40 2.12
C ARG A 110 4.39 -4.71 2.39
N ASP A 111 5.20 -4.65 1.34
CA ASP A 111 6.63 -4.90 1.43
C ASP A 111 7.36 -4.07 0.37
N GLY A 112 8.68 -4.15 0.36
CA GLY A 112 9.47 -3.43 -0.62
C GLY A 112 10.50 -4.31 -1.28
N SER A 113 10.26 -5.62 -1.25
CA SER A 113 11.21 -6.60 -1.76
C SER A 113 11.11 -6.72 -3.28
N TYR A 114 9.91 -7.02 -3.78
CA TYR A 114 9.68 -7.15 -5.22
C TYR A 114 9.02 -5.88 -5.76
N ALA A 115 9.18 -4.78 -5.02
CA ALA A 115 8.58 -3.49 -5.37
C ALA A 115 8.93 -3.07 -6.81
N TRP A 116 10.18 -3.28 -7.18
CA TRP A 116 10.67 -2.87 -8.51
C TRP A 116 10.04 -3.75 -9.59
N GLU A 117 9.77 -5.00 -9.21
CA GLU A 117 9.24 -5.99 -10.14
C GLU A 117 7.76 -5.72 -10.40
N ILE A 118 7.01 -5.48 -9.32
CA ILE A 118 5.59 -5.16 -9.45
C ILE A 118 5.42 -3.83 -10.18
N LYS A 119 6.34 -2.88 -9.93
CA LYS A 119 6.35 -1.62 -10.67
C LYS A 119 6.49 -1.88 -12.16
N ASP A 120 7.49 -2.69 -12.51
CA ASP A 120 7.74 -3.06 -13.90
C ASP A 120 6.52 -3.76 -14.50
N PHE A 121 5.86 -4.57 -13.68
CA PHE A 121 4.64 -5.26 -14.06
C PHE A 121 3.55 -4.25 -14.43
N LEU A 122 3.43 -3.20 -13.61
CA LEU A 122 2.44 -2.15 -13.85
C LEU A 122 2.72 -1.44 -15.18
N VAL A 123 3.96 -1.00 -15.36
CA VAL A 123 4.35 -0.24 -16.55
C VAL A 123 4.46 -1.15 -17.79
N SER A 124 4.55 -2.46 -17.56
CA SER A 124 4.61 -3.43 -18.64
C SER A 124 3.35 -3.34 -19.50
N GLN A 125 2.24 -2.98 -18.87
CA GLN A 125 0.98 -2.81 -19.56
C GLN A 125 0.87 -1.39 -20.12
N ASP A 126 0.44 -1.30 -21.36
CA ASP A 126 0.45 -0.04 -22.11
C ASP A 126 -0.49 1.01 -21.50
N ARG A 127 -1.44 0.56 -20.66
CA ARG A 127 -2.39 1.48 -20.04
C ARG A 127 -1.74 2.25 -18.87
N CYS A 128 -0.50 1.92 -18.55
CA CYS A 128 0.24 2.66 -17.52
C CYS A 128 0.74 3.98 -18.12
N ALA A 129 0.05 5.06 -17.81
CA ALA A 129 0.39 6.37 -18.34
C ALA A 129 1.50 7.03 -17.53
N GLU A 130 1.37 6.98 -16.21
CA GLU A 130 2.30 7.64 -15.30
C GLU A 130 2.38 6.90 -13.97
N VAL A 131 3.58 6.43 -13.63
CA VAL A 131 3.79 5.73 -12.36
C VAL A 131 4.68 6.58 -11.45
N THR A 132 4.20 6.85 -10.23
CA THR A 132 4.93 7.66 -9.27
C THR A 132 4.78 7.10 -7.85
N LEU A 133 5.73 7.42 -6.98
CA LEU A 133 5.66 7.05 -5.56
C LEU A 133 5.02 8.19 -4.78
N GLU A 134 4.72 7.97 -3.50
CA GLU A 134 4.38 9.09 -2.62
C GLU A 134 5.60 10.00 -2.47
N GLY A 135 5.72 10.95 -3.41
CA GLY A 135 6.90 11.80 -3.46
C GLY A 135 7.86 11.31 -4.54
N GLN A 136 9.12 11.76 -4.46
CA GLN A 136 10.15 11.32 -5.41
C GLN A 136 10.77 10.01 -4.94
N MET A 137 11.71 9.49 -5.71
CA MET A 137 12.41 8.26 -5.38
C MET A 137 13.15 8.41 -4.04
N TYR A 138 12.47 8.04 -2.96
CA TYR A 138 13.07 8.09 -1.62
C TYR A 138 14.10 6.97 -1.38
N PRO A 139 13.93 5.75 -1.96
CA PRO A 139 14.95 4.70 -1.85
C PRO A 139 16.09 4.92 -2.85
N GLY A 140 17.13 4.09 -2.76
CA GLY A 140 18.26 4.19 -3.66
C GLY A 140 19.59 4.08 -2.93
N LYS A 141 20.37 5.15 -3.00
CA LYS A 141 21.65 5.22 -2.31
C LYS A 141 22.01 6.69 -2.07
N GLY A 1 15.19 -2.19 -48.33
CA GLY A 1 16.08 -2.27 -47.14
C GLY A 1 16.41 -0.90 -46.58
N ASP A 2 16.99 -0.05 -47.44
CA ASP A 2 17.31 1.33 -47.09
C ASP A 2 18.42 1.40 -46.04
N ILE A 3 18.09 1.08 -44.80
CA ILE A 3 19.07 1.03 -43.72
C ILE A 3 19.11 -0.36 -43.09
N ARG A 4 18.07 -1.14 -43.33
CA ARG A 4 17.94 -2.46 -42.73
C ARG A 4 19.09 -3.38 -43.14
N ASP A 5 19.61 -3.17 -44.35
CA ASP A 5 20.63 -4.06 -44.90
C ASP A 5 21.79 -4.24 -43.94
N TYR A 6 22.34 -3.12 -43.45
CA TYR A 6 23.46 -3.18 -42.52
C TYR A 6 22.97 -3.64 -41.16
N ASN A 7 21.78 -3.19 -40.77
CA ASN A 7 21.19 -3.63 -39.50
C ASN A 7 21.09 -5.15 -39.47
N ASP A 8 20.17 -5.71 -40.24
CA ASP A 8 19.99 -7.15 -40.31
C ASP A 8 21.34 -7.85 -40.50
N ALA A 9 21.96 -7.63 -41.66
CA ALA A 9 23.19 -8.36 -42.01
C ALA A 9 24.34 -8.01 -41.08
N ASP A 10 24.80 -6.75 -41.13
CA ASP A 10 26.04 -6.36 -40.48
C ASP A 10 25.91 -6.37 -38.96
N MET A 11 24.75 -5.96 -38.44
CA MET A 11 24.58 -5.91 -36.99
C MET A 11 24.40 -7.33 -36.44
N ALA A 12 23.70 -8.20 -37.19
CA ALA A 12 23.58 -9.60 -36.77
C ALA A 12 24.96 -10.24 -36.72
N ARG A 13 25.84 -9.87 -37.67
CA ARG A 13 27.21 -10.36 -37.67
C ARG A 13 27.94 -9.86 -36.41
N LEU A 14 27.85 -8.56 -36.14
CA LEU A 14 28.51 -7.96 -34.99
C LEU A 14 28.08 -8.66 -33.70
N LEU A 15 26.78 -8.79 -33.51
CA LEU A 15 26.23 -9.44 -32.32
C LEU A 15 26.56 -10.94 -32.31
N GLU A 16 26.71 -11.52 -33.50
CA GLU A 16 27.13 -12.92 -33.62
C GLU A 16 28.54 -13.08 -33.08
N GLN A 17 29.40 -12.12 -33.43
CA GLN A 17 30.79 -12.11 -32.97
C GLN A 17 30.83 -11.97 -31.46
N TRP A 18 30.13 -10.97 -30.95
CA TRP A 18 30.07 -10.70 -29.51
C TRP A 18 29.51 -11.90 -28.77
N GLU A 19 28.47 -12.51 -29.33
CA GLU A 19 27.84 -13.69 -28.74
C GLU A 19 28.83 -14.85 -28.72
N LYS A 20 29.54 -15.02 -29.83
CA LYS A 20 30.54 -16.08 -29.95
C LYS A 20 31.55 -15.97 -28.81
N ASP A 21 32.17 -14.81 -28.66
CA ASP A 21 33.18 -14.59 -27.64
C ASP A 21 32.57 -14.71 -26.24
N ASP A 22 31.44 -14.07 -26.04
CA ASP A 22 30.74 -14.12 -24.75
C ASP A 22 30.41 -15.57 -24.37
N ASP A 23 30.19 -16.40 -25.38
CA ASP A 23 29.79 -17.79 -25.16
C ASP A 23 31.00 -18.67 -24.86
N ILE A 24 32.10 -18.39 -25.55
CA ILE A 24 33.33 -19.16 -25.36
C ILE A 24 34.21 -18.56 -24.26
N GLU A 25 33.83 -17.40 -23.74
CA GLU A 25 34.55 -16.77 -22.64
C GLU A 25 33.82 -16.98 -21.31
N GLU A 26 32.49 -16.84 -21.34
CA GLU A 26 31.69 -17.00 -20.12
C GLU A 26 30.44 -17.84 -20.43
N GLY A 27 29.75 -18.28 -19.38
CA GLY A 27 28.54 -19.08 -19.52
C GLY A 27 28.83 -20.55 -19.59
N ASP A 28 30.08 -20.90 -19.32
CA ASP A 28 30.54 -22.29 -19.32
C ASP A 28 30.63 -22.81 -17.89
N LEU A 29 30.69 -24.12 -17.75
CA LEU A 29 30.83 -24.76 -16.44
C LEU A 29 32.31 -24.98 -16.14
N PRO A 30 32.77 -24.61 -14.93
CA PRO A 30 34.18 -24.69 -14.56
C PRO A 30 34.71 -26.12 -14.58
N GLU A 31 36.03 -26.27 -14.75
CA GLU A 31 36.68 -27.57 -14.74
C GLU A 31 36.54 -28.20 -13.36
N HIS A 32 36.23 -27.37 -12.38
CA HIS A 32 36.03 -27.79 -11.01
C HIS A 32 34.63 -28.38 -10.80
N LYS A 33 34.57 -29.70 -10.69
CA LYS A 33 33.30 -30.39 -10.46
C LYS A 33 32.97 -30.39 -8.97
N ARG A 34 31.99 -29.56 -8.60
CA ARG A 34 31.52 -29.51 -7.21
C ARG A 34 30.56 -30.67 -6.93
N PRO A 35 30.97 -31.64 -6.08
CA PRO A 35 30.14 -32.79 -5.71
C PRO A 35 29.26 -32.47 -4.49
N SER A 36 29.36 -31.23 -4.01
CA SER A 36 28.67 -30.81 -2.79
C SER A 36 27.16 -30.74 -3.04
N ALA A 37 26.42 -31.62 -2.37
CA ALA A 37 24.96 -31.66 -2.46
C ALA A 37 24.29 -30.48 -1.73
N PRO A 38 24.85 -29.98 -0.59
CA PRO A 38 24.31 -28.79 0.11
C PRO A 38 24.53 -27.49 -0.67
N ILE A 39 24.13 -27.49 -1.94
CA ILE A 39 24.26 -26.30 -2.80
C ILE A 39 23.54 -25.10 -2.19
N ASP A 40 22.53 -25.39 -1.38
CA ASP A 40 21.76 -24.34 -0.68
C ASP A 40 22.70 -23.41 0.08
N PHE A 41 23.72 -23.98 0.71
CA PHE A 41 24.70 -23.20 1.46
C PHE A 41 25.52 -22.34 0.51
N SER A 42 25.71 -22.80 -0.72
CA SER A 42 26.46 -22.06 -1.72
C SER A 42 25.63 -20.90 -2.29
N LYS A 43 24.32 -21.12 -2.39
CA LYS A 43 23.42 -20.11 -2.94
C LYS A 43 23.12 -19.03 -1.91
N LEU A 44 22.76 -19.45 -0.69
CA LEU A 44 22.45 -18.51 0.38
C LEU A 44 23.74 -17.96 0.99
N ASP A 45 24.73 -18.84 1.15
CA ASP A 45 26.02 -18.49 1.75
C ASP A 45 25.82 -17.91 3.16
N PRO A 46 25.60 -18.78 4.16
CA PRO A 46 25.43 -18.37 5.55
C PRO A 46 26.67 -17.66 6.08
N GLY A 47 26.48 -16.76 7.04
CA GLY A 47 27.57 -15.97 7.56
C GLY A 47 27.22 -14.50 7.58
N LYS A 48 26.42 -14.08 6.60
CA LYS A 48 25.89 -12.72 6.57
C LYS A 48 25.08 -12.47 7.85
N PRO A 49 25.13 -11.23 8.39
CA PRO A 49 24.44 -10.90 9.63
C PRO A 49 22.95 -10.63 9.42
N GLU A 50 22.10 -11.35 10.15
CA GLU A 50 20.65 -11.14 10.10
C GLU A 50 20.27 -9.86 10.85
N SER A 51 21.28 -9.11 11.30
CA SER A 51 21.07 -7.83 11.97
C SER A 51 20.27 -6.90 11.07
N ILE A 52 20.42 -7.05 9.76
CA ILE A 52 19.63 -6.28 8.80
C ILE A 52 18.15 -6.63 8.93
N LEU A 53 17.84 -7.92 9.11
CA LEU A 53 16.46 -8.37 9.31
C LEU A 53 15.93 -7.83 10.62
N LYS A 54 16.83 -7.70 11.60
CA LYS A 54 16.50 -7.17 12.91
C LYS A 54 16.15 -5.68 12.82
N MET A 55 16.97 -4.92 12.08
CA MET A 55 16.85 -3.46 12.07
C MET A 55 15.83 -2.96 11.03
N THR A 56 15.52 -3.78 10.03
CA THR A 56 14.56 -3.40 9.01
C THR A 56 13.14 -3.29 9.58
N LYS A 57 12.34 -2.39 8.99
CA LYS A 57 10.97 -2.14 9.45
C LYS A 57 9.96 -2.92 8.61
N LYS A 58 9.11 -3.72 9.27
CA LYS A 58 8.09 -4.52 8.60
C LYS A 58 6.71 -3.89 8.78
N GLY A 59 5.88 -3.93 7.73
CA GLY A 59 4.52 -3.44 7.83
C GLY A 59 4.42 -2.02 7.36
N LYS A 60 4.91 -1.79 6.15
CA LYS A 60 4.99 -0.47 5.57
C LYS A 60 3.66 0.01 5.01
N THR A 61 3.56 1.31 4.84
CA THR A 61 2.36 1.97 4.33
C THR A 61 2.70 2.76 3.07
N LEU A 62 3.75 2.35 2.34
CA LEU A 62 4.17 3.06 1.14
C LEU A 62 3.29 2.70 -0.04
N MET A 63 3.00 3.67 -0.89
CA MET A 63 2.11 3.48 -2.02
C MET A 63 2.80 3.81 -3.34
N MET A 64 2.35 3.15 -4.40
CA MET A 64 2.76 3.45 -5.77
C MET A 64 1.54 3.97 -6.54
N PHE A 65 1.64 5.18 -7.06
CA PHE A 65 0.55 5.82 -7.79
C PHE A 65 0.65 5.50 -9.27
N VAL A 66 -0.45 5.02 -9.85
CA VAL A 66 -0.49 4.68 -11.27
C VAL A 66 -1.66 5.36 -11.96
N THR A 67 -1.38 6.43 -12.68
CA THR A 67 -2.38 7.09 -13.51
C THR A 67 -2.63 6.25 -14.75
N VAL A 68 -3.84 5.70 -14.87
CA VAL A 68 -4.14 4.76 -15.94
C VAL A 68 -4.92 5.44 -17.06
N SER A 69 -6.09 5.95 -16.74
CA SER A 69 -6.98 6.54 -17.73
C SER A 69 -6.52 7.94 -18.10
N GLY A 70 -6.19 8.74 -17.09
CA GLY A 70 -5.85 10.14 -17.31
C GLY A 70 -7.09 10.98 -17.55
N ASN A 71 -8.23 10.32 -17.73
CA ASN A 71 -9.50 10.97 -18.02
C ASN A 71 -10.54 10.51 -16.99
N PRO A 72 -11.67 11.25 -16.84
CA PRO A 72 -12.63 11.02 -15.73
C PRO A 72 -13.21 9.60 -15.66
N THR A 73 -13.13 8.84 -16.75
CA THR A 73 -13.74 7.51 -16.80
C THR A 73 -13.12 6.57 -15.75
N GLU A 74 -13.81 6.41 -14.63
CA GLU A 74 -13.37 5.51 -13.56
C GLU A 74 -13.44 4.05 -14.03
N LYS A 75 -14.26 3.83 -15.05
CA LYS A 75 -14.55 2.48 -15.54
C LYS A 75 -13.28 1.81 -16.06
N GLU A 76 -12.49 2.57 -16.83
CA GLU A 76 -11.23 2.08 -17.38
C GLU A 76 -10.29 1.69 -16.24
N THR A 77 -10.12 2.61 -15.30
CA THR A 77 -9.26 2.40 -14.14
C THR A 77 -9.74 1.19 -13.32
N GLU A 78 -11.06 1.07 -13.19
CA GLU A 78 -11.66 0.01 -12.41
C GLU A 78 -11.30 -1.36 -13.02
N GLU A 79 -11.46 -1.44 -14.34
CA GLU A 79 -11.14 -2.66 -15.08
C GLU A 79 -9.67 -3.05 -14.91
N ILE A 80 -8.77 -2.11 -15.17
CA ILE A 80 -7.35 -2.41 -15.12
C ILE A 80 -6.93 -2.80 -13.69
N THR A 81 -7.54 -2.15 -12.70
CA THR A 81 -7.23 -2.43 -11.29
C THR A 81 -7.68 -3.84 -10.91
N SER A 82 -8.87 -4.24 -11.35
CA SER A 82 -9.38 -5.57 -11.07
C SER A 82 -8.50 -6.64 -11.75
N LEU A 83 -8.13 -6.37 -13.00
CA LEU A 83 -7.23 -7.25 -13.73
C LEU A 83 -5.92 -7.44 -12.98
N TRP A 84 -5.38 -6.33 -12.46
CA TRP A 84 -4.13 -6.37 -11.70
C TRP A 84 -4.29 -7.12 -10.39
N GLN A 85 -5.28 -6.76 -9.59
CA GLN A 85 -5.45 -7.39 -8.28
C GLN A 85 -5.65 -8.90 -8.44
N GLY A 86 -6.18 -9.31 -9.58
CA GLY A 86 -6.27 -10.72 -9.91
C GLY A 86 -4.91 -11.32 -10.23
N SER A 87 -4.28 -10.81 -11.29
CA SER A 87 -3.02 -11.33 -11.79
C SER A 87 -1.92 -11.31 -10.71
N LEU A 88 -1.77 -10.17 -10.04
CA LEU A 88 -0.74 -10.01 -9.02
C LEU A 88 -0.92 -11.01 -7.88
N PHE A 89 -2.15 -11.21 -7.43
CA PHE A 89 -2.43 -12.15 -6.34
C PHE A 89 -2.27 -13.60 -6.80
N ASN A 90 -2.36 -13.83 -8.10
CA ASN A 90 -2.04 -15.15 -8.66
C ASN A 90 -0.54 -15.42 -8.49
N ALA A 91 0.24 -14.34 -8.43
CA ALA A 91 1.68 -14.42 -8.16
C ALA A 91 1.96 -14.22 -6.67
N ASN A 92 0.90 -14.24 -5.87
CA ASN A 92 0.98 -14.12 -4.41
C ASN A 92 1.50 -12.74 -3.98
N TYR A 93 1.32 -11.74 -4.84
CA TYR A 93 1.69 -10.37 -4.50
C TYR A 93 0.67 -9.78 -3.53
N ASP A 94 0.95 -9.91 -2.23
CA ASP A 94 0.06 -9.38 -1.20
C ASP A 94 0.20 -7.86 -1.12
N VAL A 95 -0.60 -7.17 -1.92
CA VAL A 95 -0.61 -5.71 -1.96
C VAL A 95 -2.06 -5.22 -1.83
N GLN A 96 -2.24 -4.03 -1.28
CA GLN A 96 -3.58 -3.45 -1.17
C GLN A 96 -3.77 -2.42 -2.27
N ARG A 97 -4.95 -2.41 -2.85
CA ARG A 97 -5.25 -1.58 -4.02
C ARG A 97 -6.53 -0.79 -3.79
N PHE A 98 -6.40 0.53 -3.88
CA PHE A 98 -7.53 1.43 -3.73
C PHE A 98 -7.60 2.33 -4.95
N ILE A 99 -8.76 2.92 -5.20
CA ILE A 99 -8.91 3.80 -6.35
C ILE A 99 -9.31 5.21 -5.90
N VAL A 100 -8.30 6.03 -5.66
CA VAL A 100 -8.49 7.44 -5.33
C VAL A 100 -8.04 8.29 -6.51
N GLY A 101 -8.98 8.98 -7.12
CA GLY A 101 -8.72 9.65 -8.38
C GLY A 101 -9.26 8.81 -9.53
N SER A 102 -10.40 9.22 -10.06
CA SER A 102 -11.15 8.44 -11.05
C SER A 102 -10.26 7.95 -12.22
N ASP A 103 -9.14 8.63 -12.46
CA ASP A 103 -8.27 8.34 -13.60
C ASP A 103 -7.04 7.50 -13.22
N ARG A 104 -6.93 7.15 -11.95
CA ARG A 104 -5.72 6.52 -11.44
C ARG A 104 -6.02 5.52 -10.31
N ALA A 105 -5.05 4.66 -10.03
CA ALA A 105 -5.16 3.69 -8.96
C ALA A 105 -3.95 3.83 -8.02
N ILE A 106 -4.07 3.32 -6.81
CA ILE A 106 -3.01 3.42 -5.81
C ILE A 106 -2.76 2.06 -5.15
N PHE A 107 -1.53 1.57 -5.26
CA PHE A 107 -1.14 0.28 -4.69
C PHE A 107 -0.27 0.47 -3.46
N MET A 108 -0.78 0.10 -2.29
CA MET A 108 -0.02 0.19 -1.04
C MET A 108 0.62 -1.16 -0.73
N LEU A 109 1.96 -1.18 -0.73
CA LEU A 109 2.72 -2.42 -0.49
C LEU A 109 3.03 -2.57 0.99
N ARG A 110 2.91 -3.80 1.48
CA ARG A 110 3.20 -4.10 2.89
C ARG A 110 4.71 -4.19 3.11
N ASP A 111 5.40 -4.75 2.12
CA ASP A 111 6.86 -4.81 2.12
C ASP A 111 7.37 -4.48 0.73
N GLY A 112 8.54 -3.84 0.66
CA GLY A 112 9.10 -3.43 -0.62
C GLY A 112 10.08 -4.44 -1.18
N SER A 113 9.85 -5.71 -0.90
CA SER A 113 10.73 -6.78 -1.34
C SER A 113 10.76 -6.87 -2.86
N TYR A 114 9.58 -7.02 -3.45
CA TYR A 114 9.44 -7.12 -4.91
C TYR A 114 8.97 -5.80 -5.50
N ALA A 115 9.31 -4.70 -4.82
CA ALA A 115 8.87 -3.37 -5.24
C ALA A 115 9.26 -3.06 -6.68
N TRP A 116 10.49 -3.44 -7.05
CA TRP A 116 11.02 -3.14 -8.37
C TRP A 116 10.36 -4.03 -9.43
N GLU A 117 10.04 -5.26 -9.03
CA GLU A 117 9.40 -6.22 -9.92
C GLU A 117 7.98 -5.77 -10.25
N ILE A 118 7.18 -5.49 -9.22
CA ILE A 118 5.81 -5.03 -9.41
C ILE A 118 5.80 -3.71 -10.17
N LYS A 119 6.77 -2.85 -9.87
CA LYS A 119 6.94 -1.58 -10.58
C LYS A 119 7.18 -1.84 -12.06
N ASP A 120 8.07 -2.79 -12.35
CA ASP A 120 8.42 -3.14 -13.73
C ASP A 120 7.20 -3.66 -14.47
N PHE A 121 6.40 -4.46 -13.79
CA PHE A 121 5.16 -4.99 -14.34
C PHE A 121 4.20 -3.84 -14.68
N LEU A 122 4.03 -2.93 -13.72
CA LEU A 122 3.13 -1.79 -13.89
C LEU A 122 3.55 -0.90 -15.05
N VAL A 123 4.85 -0.64 -15.17
CA VAL A 123 5.36 0.25 -16.22
C VAL A 123 5.37 -0.44 -17.58
N SER A 124 5.45 -1.77 -17.58
CA SER A 124 5.39 -2.54 -18.83
C SER A 124 3.97 -2.48 -19.41
N GLN A 125 2.97 -2.28 -18.55
CA GLN A 125 1.59 -2.17 -18.97
C GLN A 125 1.40 -1.00 -19.94
N ASP A 126 0.75 -1.28 -21.06
CA ASP A 126 0.57 -0.30 -22.13
C ASP A 126 -0.44 0.76 -21.72
N ARG A 127 -1.35 0.40 -20.82
CA ARG A 127 -2.45 1.28 -20.44
C ARG A 127 -2.03 2.24 -19.32
N CYS A 128 -0.80 2.10 -18.83
CA CYS A 128 -0.30 2.94 -17.75
C CYS A 128 0.29 4.23 -18.31
N ALA A 129 -0.30 5.37 -17.91
CA ALA A 129 0.16 6.68 -18.35
C ALA A 129 1.28 7.18 -17.45
N GLU A 130 1.03 7.16 -16.13
CA GLU A 130 2.01 7.63 -15.15
C GLU A 130 2.18 6.59 -14.05
N VAL A 131 3.43 6.25 -13.73
CA VAL A 131 3.73 5.33 -12.62
C VAL A 131 4.83 5.93 -11.75
N THR A 132 4.51 6.24 -10.49
CA THR A 132 5.47 6.83 -9.57
C THR A 132 5.18 6.41 -8.13
N LEU A 133 6.22 5.92 -7.44
CA LEU A 133 6.10 5.56 -6.02
C LEU A 133 6.34 6.78 -5.14
N GLU A 134 5.72 6.78 -3.96
CA GLU A 134 5.88 7.89 -3.02
C GLU A 134 7.25 7.85 -2.37
N GLY A 135 8.18 8.63 -2.90
CA GLY A 135 9.51 8.74 -2.34
C GLY A 135 10.57 8.85 -3.42
N GLN A 136 11.71 9.47 -3.08
CA GLN A 136 12.78 9.67 -4.05
C GLN A 136 13.66 8.42 -4.15
N MET A 137 13.06 7.33 -4.65
CA MET A 137 13.78 6.06 -4.87
C MET A 137 14.54 5.61 -3.62
N TYR A 138 13.88 4.82 -2.78
CA TYR A 138 14.51 4.31 -1.56
C TYR A 138 14.32 2.79 -1.44
N PRO A 139 15.41 2.02 -1.60
CA PRO A 139 15.40 0.56 -1.42
C PRO A 139 15.39 0.15 0.06
N GLY A 140 15.86 1.07 0.91
CA GLY A 140 16.01 0.77 2.32
C GLY A 140 14.67 0.46 3.00
N LYS A 141 14.65 -0.64 3.74
CA LYS A 141 13.44 -1.09 4.42
C LYS A 141 13.39 -0.55 5.85
N GLY A 1 -11.04 16.46 56.67
CA GLY A 1 -12.39 16.40 56.04
C GLY A 1 -12.43 17.16 54.73
N ASP A 2 -13.09 16.57 53.73
CA ASP A 2 -13.20 17.20 52.41
C ASP A 2 -14.49 16.74 51.73
N ILE A 3 -14.41 15.63 50.98
CA ILE A 3 -15.59 15.05 50.34
C ILE A 3 -15.69 13.56 50.66
N ARG A 4 -14.53 12.92 50.87
CA ARG A 4 -14.47 11.50 51.19
C ARG A 4 -15.36 11.15 52.37
N ASP A 5 -15.54 12.11 53.28
CA ASP A 5 -16.45 11.95 54.41
C ASP A 5 -17.85 11.61 53.91
N TYR A 6 -18.32 12.41 52.95
CA TYR A 6 -19.62 12.21 52.33
C TYR A 6 -19.62 10.93 51.50
N ASN A 7 -18.53 10.71 50.76
CA ASN A 7 -18.40 9.52 49.92
C ASN A 7 -18.57 8.27 50.76
N ASP A 8 -17.71 8.12 51.76
CA ASP A 8 -17.77 6.97 52.67
C ASP A 8 -19.18 6.84 53.24
N ALA A 9 -19.60 7.85 53.99
CA ALA A 9 -20.92 7.82 54.62
C ALA A 9 -22.02 7.52 53.59
N ASP A 10 -22.34 8.51 52.77
CA ASP A 10 -23.46 8.39 51.84
C ASP A 10 -23.23 7.25 50.85
N MET A 11 -22.16 7.34 50.06
CA MET A 11 -21.96 6.42 48.93
C MET A 11 -21.66 5.00 49.41
N ALA A 12 -20.81 4.83 50.42
CA ALA A 12 -20.45 3.49 50.85
C ALA A 12 -21.63 2.84 51.56
N ARG A 13 -22.35 3.57 52.41
CA ARG A 13 -23.48 2.97 53.11
C ARG A 13 -24.67 2.83 52.15
N LEU A 14 -24.57 3.46 50.98
CA LEU A 14 -25.46 3.16 49.86
C LEU A 14 -25.08 1.83 49.19
N LEU A 15 -23.81 1.70 48.81
CA LEU A 15 -23.32 0.49 48.13
C LEU A 15 -21.94 0.08 48.67
N GLU A 16 -21.92 -0.32 49.94
CA GLU A 16 -20.71 -0.82 50.60
C GLU A 16 -20.14 -2.05 49.87
N GLN A 17 -20.91 -2.58 48.92
CA GLN A 17 -20.49 -3.71 48.09
C GLN A 17 -19.03 -3.63 47.69
N TRP A 18 -18.61 -2.45 47.22
CA TRP A 18 -17.24 -2.26 46.72
C TRP A 18 -16.23 -2.30 47.86
N GLU A 19 -16.58 -1.68 49.00
CA GLU A 19 -15.74 -1.71 50.19
C GLU A 19 -15.57 -3.16 50.66
N LYS A 20 -16.69 -3.85 50.77
CA LYS A 20 -16.73 -5.24 51.23
C LYS A 20 -15.93 -6.14 50.28
N ASP A 21 -16.19 -6.01 48.98
CA ASP A 21 -15.52 -6.81 47.97
C ASP A 21 -14.01 -6.60 48.00
N ASP A 22 -13.60 -5.34 47.90
CA ASP A 22 -12.18 -4.99 47.89
C ASP A 22 -11.51 -5.42 49.20
N ASP A 23 -12.28 -5.39 50.29
CA ASP A 23 -11.79 -5.80 51.60
C ASP A 23 -11.51 -7.30 51.62
N ILE A 24 -12.42 -8.07 51.02
CA ILE A 24 -12.27 -9.52 50.93
C ILE A 24 -11.07 -9.88 50.05
N GLU A 25 -11.00 -9.24 48.88
CA GLU A 25 -9.85 -9.42 47.98
C GLU A 25 -8.56 -9.00 48.67
N GLU A 26 -8.67 -7.94 49.48
CA GLU A 26 -7.55 -7.39 50.25
C GLU A 26 -6.52 -6.73 49.32
N GLY A 27 -6.85 -6.66 48.02
CA GLY A 27 -6.01 -5.97 47.05
C GLY A 27 -4.61 -6.53 46.97
N ASP A 28 -4.40 -7.52 46.10
CA ASP A 28 -3.05 -8.06 45.87
C ASP A 28 -2.28 -7.11 44.96
N LEU A 29 -1.54 -6.21 45.59
CA LEU A 29 -0.82 -5.16 44.87
C LEU A 29 0.30 -5.75 44.02
N PRO A 30 0.65 -5.09 42.90
CA PRO A 30 1.79 -5.49 42.06
C PRO A 30 3.14 -5.17 42.72
N GLU A 31 3.17 -5.26 44.05
CA GLU A 31 4.36 -4.94 44.84
C GLU A 31 5.39 -6.06 44.76
N HIS A 32 4.98 -7.18 44.17
CA HIS A 32 5.85 -8.33 44.02
C HIS A 32 6.96 -8.00 43.04
N LYS A 33 8.19 -7.93 43.54
CA LYS A 33 9.33 -7.48 42.75
C LYS A 33 9.68 -8.48 41.66
N ARG A 34 9.59 -8.03 40.41
CA ARG A 34 9.91 -8.87 39.25
C ARG A 34 11.41 -9.12 39.17
N PRO A 35 11.83 -10.31 38.72
CA PRO A 35 13.24 -10.62 38.51
C PRO A 35 13.75 -10.08 37.17
N SER A 36 13.18 -10.57 36.08
CA SER A 36 13.61 -10.20 34.74
C SER A 36 12.89 -8.94 34.26
N ALA A 37 13.66 -8.00 33.71
CA ALA A 37 13.09 -6.79 33.12
C ALA A 37 12.54 -7.07 31.70
N PRO A 38 13.31 -7.74 30.81
CA PRO A 38 12.85 -8.06 29.46
C PRO A 38 11.87 -9.23 29.45
N ILE A 39 10.59 -8.92 29.65
CA ILE A 39 9.52 -9.92 29.58
C ILE A 39 8.84 -9.84 28.21
N ASP A 40 9.36 -8.98 27.36
CA ASP A 40 8.81 -8.70 26.04
C ASP A 40 8.57 -9.98 25.26
N PHE A 41 9.63 -10.78 25.13
CA PHE A 41 9.58 -12.02 24.34
C PHE A 41 8.51 -12.96 24.88
N SER A 42 8.41 -13.05 26.20
CA SER A 42 7.44 -13.93 26.86
C SER A 42 6.02 -13.42 26.65
N LYS A 43 5.87 -12.10 26.60
CA LYS A 43 4.54 -11.50 26.48
C LYS A 43 4.01 -11.62 25.05
N LEU A 44 4.88 -11.41 24.06
CA LEU A 44 4.50 -11.54 22.65
C LEU A 44 4.48 -13.02 22.25
N ASP A 45 5.31 -13.80 22.94
CA ASP A 45 5.34 -15.26 22.79
C ASP A 45 5.52 -15.72 21.34
N PRO A 46 6.78 -15.92 20.92
CA PRO A 46 7.09 -16.47 19.59
C PRO A 46 7.09 -18.00 19.59
N GLY A 47 7.49 -18.60 18.48
CA GLY A 47 7.61 -20.05 18.40
C GLY A 47 6.39 -20.72 17.80
N LYS A 48 5.21 -20.11 18.01
CA LYS A 48 3.97 -20.64 17.44
C LYS A 48 3.80 -20.18 15.99
N PRO A 49 3.13 -20.99 15.15
CA PRO A 49 2.93 -20.68 13.72
C PRO A 49 2.13 -19.39 13.49
N GLU A 50 1.64 -18.78 14.58
CA GLU A 50 0.88 -17.53 14.49
C GLU A 50 1.80 -16.32 14.36
N SER A 51 3.11 -16.58 14.35
CA SER A 51 4.11 -15.51 14.24
C SER A 51 3.83 -14.61 13.03
N ILE A 52 3.21 -15.17 11.99
CA ILE A 52 2.80 -14.38 10.84
C ILE A 52 1.75 -13.34 11.24
N LEU A 53 0.74 -13.79 11.99
CA LEU A 53 -0.31 -12.91 12.50
C LEU A 53 0.32 -11.88 13.45
N LYS A 54 1.31 -12.34 14.20
CA LYS A 54 2.00 -11.50 15.17
C LYS A 54 2.76 -10.36 14.48
N MET A 55 3.47 -10.68 13.39
CA MET A 55 4.33 -9.71 12.72
C MET A 55 3.54 -8.84 11.73
N THR A 56 2.38 -9.33 11.30
CA THR A 56 1.51 -8.54 10.41
C THR A 56 0.97 -7.31 11.13
N LYS A 57 1.53 -6.15 10.79
CA LYS A 57 1.17 -4.90 11.46
C LYS A 57 0.65 -3.87 10.45
N LYS A 58 -0.14 -2.93 10.94
CA LYS A 58 -0.63 -1.83 10.13
C LYS A 58 0.48 -0.78 9.99
N GLY A 59 0.61 -0.20 8.81
CA GLY A 59 1.70 0.72 8.55
C GLY A 59 2.56 0.23 7.40
N LYS A 60 2.03 0.33 6.19
CA LYS A 60 2.68 -0.20 5.00
C LYS A 60 3.81 0.74 4.56
N THR A 61 4.88 0.16 4.02
CA THR A 61 6.12 0.88 3.78
C THR A 61 6.11 1.67 2.48
N LEU A 62 5.37 1.18 1.48
CA LEU A 62 5.38 1.80 0.15
C LEU A 62 3.99 1.77 -0.48
N MET A 63 3.52 2.94 -0.93
CA MET A 63 2.27 3.06 -1.66
C MET A 63 2.54 3.80 -2.97
N MET A 64 2.40 3.10 -4.10
CA MET A 64 2.71 3.71 -5.39
C MET A 64 1.43 3.99 -6.18
N PHE A 65 1.28 5.25 -6.59
CA PHE A 65 0.13 5.71 -7.36
C PHE A 65 0.40 5.55 -8.85
N VAL A 66 -0.40 4.71 -9.51
CA VAL A 66 -0.25 4.47 -10.94
C VAL A 66 -1.24 5.31 -11.73
N THR A 67 -0.73 6.30 -12.47
CA THR A 67 -1.57 7.13 -13.33
C THR A 67 -1.89 6.37 -14.61
N VAL A 68 -3.10 5.80 -14.67
CA VAL A 68 -3.45 4.89 -15.77
C VAL A 68 -4.33 5.58 -16.82
N SER A 69 -5.50 6.02 -16.40
CA SER A 69 -6.54 6.46 -17.32
C SER A 69 -6.34 7.90 -17.78
N GLY A 70 -6.46 8.82 -16.84
CA GLY A 70 -6.41 10.24 -17.16
C GLY A 70 -7.79 10.78 -17.48
N ASN A 71 -8.81 9.97 -17.21
CA ASN A 71 -10.20 10.35 -17.43
C ASN A 71 -11.00 10.14 -16.15
N PRO A 72 -12.00 11.01 -15.87
CA PRO A 72 -12.77 10.98 -14.62
C PRO A 72 -13.65 9.73 -14.48
N THR A 73 -14.08 9.18 -15.62
CA THR A 73 -14.90 7.98 -15.62
C THR A 73 -14.15 6.79 -15.02
N GLU A 74 -14.68 6.28 -13.92
CA GLU A 74 -14.03 5.23 -13.13
C GLU A 74 -13.91 3.94 -13.93
N LYS A 75 -14.91 3.71 -14.78
CA LYS A 75 -15.03 2.48 -15.57
C LYS A 75 -13.67 1.96 -16.08
N GLU A 76 -12.88 2.85 -16.66
CA GLU A 76 -11.59 2.49 -17.25
C GLU A 76 -10.62 1.96 -16.18
N THR A 77 -10.38 2.77 -15.15
CA THR A 77 -9.43 2.41 -14.10
C THR A 77 -9.95 1.20 -13.32
N GLU A 78 -11.27 1.09 -13.22
CA GLU A 78 -11.90 -0.04 -12.55
C GLU A 78 -11.49 -1.33 -13.23
N GLU A 79 -11.67 -1.38 -14.55
CA GLU A 79 -11.33 -2.55 -15.33
C GLU A 79 -9.84 -2.87 -15.21
N ILE A 80 -8.98 -1.91 -15.58
CA ILE A 80 -7.54 -2.16 -15.63
C ILE A 80 -7.00 -2.56 -14.25
N THR A 81 -7.43 -1.84 -13.20
CA THR A 81 -6.97 -2.12 -11.85
C THR A 81 -7.50 -3.48 -11.38
N SER A 82 -8.68 -3.87 -11.87
CA SER A 82 -9.23 -5.19 -11.56
C SER A 82 -8.34 -6.29 -12.14
N LEU A 83 -7.91 -6.10 -13.39
CA LEU A 83 -7.02 -7.05 -14.05
C LEU A 83 -5.70 -7.16 -13.29
N TRP A 84 -5.11 -6.01 -12.95
CA TRP A 84 -3.88 -6.00 -12.17
C TRP A 84 -4.10 -6.67 -10.80
N GLN A 85 -5.25 -6.38 -10.20
CA GLN A 85 -5.61 -6.96 -8.91
C GLN A 85 -5.53 -8.48 -8.98
N GLY A 86 -6.19 -9.05 -9.98
CA GLY A 86 -6.16 -10.50 -10.16
C GLY A 86 -4.74 -11.01 -10.39
N SER A 87 -4.03 -10.38 -11.31
CA SER A 87 -2.69 -10.81 -11.70
C SER A 87 -1.74 -10.81 -10.49
N LEU A 88 -1.76 -9.71 -9.72
CA LEU A 88 -0.86 -9.56 -8.58
C LEU A 88 -1.20 -10.57 -7.49
N PHE A 89 -2.49 -10.78 -7.26
CA PHE A 89 -2.96 -11.75 -6.26
C PHE A 89 -2.65 -13.18 -6.71
N ASN A 90 -2.55 -13.38 -8.03
CA ASN A 90 -2.14 -14.66 -8.59
C ASN A 90 -0.66 -14.88 -8.34
N ALA A 91 0.09 -13.78 -8.42
CA ALA A 91 1.53 -13.80 -8.13
C ALA A 91 1.78 -13.85 -6.62
N ASN A 92 0.68 -13.78 -5.85
CA ASN A 92 0.72 -13.86 -4.39
C ASN A 92 1.43 -12.63 -3.79
N TYR A 93 1.37 -11.52 -4.51
CA TYR A 93 1.93 -10.26 -4.00
C TYR A 93 1.08 -9.73 -2.84
N ASP A 94 1.72 -9.43 -1.72
CA ASP A 94 1.03 -8.85 -0.57
C ASP A 94 0.79 -7.36 -0.83
N VAL A 95 -0.16 -7.09 -1.71
CA VAL A 95 -0.49 -5.74 -2.11
C VAL A 95 -1.97 -5.45 -1.92
N GLN A 96 -2.31 -4.17 -1.80
CA GLN A 96 -3.68 -3.73 -1.66
C GLN A 96 -3.98 -2.70 -2.74
N ARG A 97 -5.20 -2.70 -3.24
CA ARG A 97 -5.61 -1.84 -4.34
C ARG A 97 -6.76 -0.94 -3.92
N PHE A 98 -6.62 0.36 -4.14
CA PHE A 98 -7.67 1.32 -3.82
C PHE A 98 -7.82 2.34 -4.96
N ILE A 99 -9.05 2.79 -5.16
CA ILE A 99 -9.36 3.75 -6.20
C ILE A 99 -9.76 5.10 -5.58
N VAL A 100 -9.05 6.14 -6.00
CA VAL A 100 -9.33 7.50 -5.56
C VAL A 100 -8.91 8.48 -6.65
N GLY A 101 -9.89 8.97 -7.41
CA GLY A 101 -9.59 9.74 -8.60
C GLY A 101 -9.20 8.82 -9.74
N SER A 102 -10.16 8.58 -10.65
CA SER A 102 -10.02 7.57 -11.70
C SER A 102 -8.68 7.64 -12.44
N ASP A 103 -8.13 8.84 -12.54
CA ASP A 103 -6.87 9.08 -13.25
C ASP A 103 -5.77 8.15 -12.75
N ARG A 104 -5.77 7.89 -11.45
CA ARG A 104 -4.69 7.11 -10.82
C ARG A 104 -5.24 6.13 -9.78
N ALA A 105 -4.69 4.93 -9.76
CA ALA A 105 -5.02 3.93 -8.76
C ALA A 105 -3.86 3.79 -7.78
N ILE A 106 -4.17 3.62 -6.50
CA ILE A 106 -3.12 3.52 -5.48
C ILE A 106 -2.89 2.06 -5.09
N PHE A 107 -1.64 1.62 -5.19
CA PHE A 107 -1.23 0.28 -4.82
C PHE A 107 -0.42 0.33 -3.53
N MET A 108 -0.98 -0.23 -2.46
CA MET A 108 -0.32 -0.24 -1.16
C MET A 108 0.48 -1.54 -0.99
N LEU A 109 1.71 -1.42 -0.48
CA LEU A 109 2.58 -2.56 -0.28
C LEU A 109 3.07 -2.56 1.16
N ARG A 110 2.82 -3.64 1.87
CA ARG A 110 3.28 -3.77 3.24
C ARG A 110 4.77 -4.10 3.24
N ASP A 111 5.19 -4.80 2.21
CA ASP A 111 6.61 -5.10 1.99
C ASP A 111 7.03 -4.55 0.62
N GLY A 112 8.21 -3.96 0.55
CA GLY A 112 8.63 -3.27 -0.66
C GLY A 112 9.90 -3.83 -1.28
N SER A 113 10.23 -5.07 -0.96
CA SER A 113 11.44 -5.69 -1.53
C SER A 113 11.26 -5.89 -3.03
N TYR A 114 10.04 -6.23 -3.43
CA TYR A 114 9.72 -6.47 -4.83
C TYR A 114 9.07 -5.23 -5.46
N ALA A 115 9.26 -4.07 -4.83
CA ALA A 115 8.66 -2.82 -5.32
C ALA A 115 9.03 -2.54 -6.77
N TRP A 116 10.26 -2.89 -7.13
CA TRP A 116 10.76 -2.65 -8.49
C TRP A 116 10.20 -3.69 -9.45
N GLU A 117 9.96 -4.89 -8.94
CA GLU A 117 9.41 -5.98 -9.73
C GLU A 117 7.95 -5.70 -10.08
N ILE A 118 7.17 -5.29 -9.08
CA ILE A 118 5.78 -4.94 -9.29
C ILE A 118 5.66 -3.68 -10.14
N LYS A 119 6.52 -2.68 -9.88
CA LYS A 119 6.51 -1.45 -10.67
C LYS A 119 6.79 -1.78 -12.12
N ASP A 120 7.76 -2.66 -12.36
CA ASP A 120 8.12 -3.07 -13.71
C ASP A 120 6.91 -3.68 -14.40
N PHE A 121 6.25 -4.59 -13.69
CA PHE A 121 5.02 -5.22 -14.19
C PHE A 121 4.00 -4.16 -14.59
N LEU A 122 3.86 -3.13 -13.75
CA LEU A 122 2.91 -2.05 -13.98
C LEU A 122 3.31 -1.19 -15.19
N VAL A 123 4.60 -0.86 -15.29
CA VAL A 123 5.09 -0.02 -16.38
C VAL A 123 5.27 -0.83 -17.65
N SER A 124 5.14 -2.16 -17.54
CA SER A 124 5.13 -3.02 -18.71
C SER A 124 3.78 -2.91 -19.44
N GLN A 125 2.85 -2.16 -18.85
CA GLN A 125 1.55 -1.92 -19.47
C GLN A 125 1.73 -1.25 -20.83
N ASP A 126 1.29 -1.93 -21.88
CA ASP A 126 1.48 -1.47 -23.26
C ASP A 126 0.47 -0.39 -23.62
N ARG A 127 -0.65 -0.35 -22.90
CA ARG A 127 -1.72 0.59 -23.22
C ARG A 127 -1.35 2.01 -22.74
N CYS A 128 -0.89 2.11 -21.50
CA CYS A 128 -0.53 3.37 -20.86
C CYS A 128 -0.36 3.17 -19.35
N ALA A 129 0.67 3.79 -18.77
CA ALA A 129 0.91 3.67 -17.32
C ALA A 129 2.04 4.60 -16.88
N GLU A 130 2.02 4.92 -15.58
CA GLU A 130 3.09 5.67 -14.93
C GLU A 130 2.97 5.43 -13.42
N VAL A 131 4.08 5.11 -12.77
CA VAL A 131 4.05 4.72 -11.36
C VAL A 131 4.86 5.68 -10.50
N THR A 132 4.17 6.51 -9.72
CA THR A 132 4.81 7.42 -8.79
C THR A 132 4.75 6.84 -7.37
N LEU A 133 5.92 6.74 -6.72
CA LEU A 133 6.01 6.10 -5.41
C LEU A 133 5.95 7.10 -4.26
N GLU A 134 5.07 6.83 -3.30
CA GLU A 134 5.03 7.58 -2.05
C GLU A 134 5.21 6.58 -0.89
N GLY A 135 5.91 6.96 0.15
CA GLY A 135 6.09 6.07 1.30
C GLY A 135 7.40 6.30 2.02
N GLN A 136 7.74 5.36 2.90
CA GLN A 136 8.97 5.44 3.71
C GLN A 136 10.20 5.13 2.85
N MET A 137 9.98 4.42 1.76
CA MET A 137 11.05 4.05 0.83
C MET A 137 10.89 4.79 -0.50
N TYR A 138 11.69 5.84 -0.68
CA TYR A 138 11.67 6.59 -1.92
C TYR A 138 13.10 6.96 -2.34
N PRO A 139 13.74 6.11 -3.17
CA PRO A 139 15.08 6.37 -3.71
C PRO A 139 15.09 7.53 -4.70
N GLY A 140 13.93 7.76 -5.32
CA GLY A 140 13.82 8.80 -6.32
C GLY A 140 14.29 8.31 -7.68
N LYS A 141 15.61 8.16 -7.82
CA LYS A 141 16.21 7.72 -9.07
C LYS A 141 17.62 7.20 -8.79
N GLY A 1 -33.51 -14.41 -43.39
CA GLY A 1 -32.19 -14.70 -42.79
C GLY A 1 -32.32 -15.35 -41.43
N ASP A 2 -31.67 -14.78 -40.42
CA ASP A 2 -31.73 -15.31 -39.06
C ASP A 2 -33.00 -14.86 -38.37
N ILE A 3 -33.65 -15.80 -37.69
CA ILE A 3 -34.84 -15.48 -36.89
C ILE A 3 -34.62 -15.90 -35.44
N ARG A 4 -33.41 -16.36 -35.14
CA ARG A 4 -33.06 -16.87 -33.82
C ARG A 4 -33.16 -15.74 -32.79
N ASP A 5 -32.76 -14.54 -33.21
CA ASP A 5 -32.84 -13.36 -32.35
C ASP A 5 -34.28 -13.07 -31.95
N TYR A 6 -35.17 -13.07 -32.95
CA TYR A 6 -36.58 -12.83 -32.72
C TYR A 6 -37.15 -13.90 -31.81
N ASN A 7 -36.82 -15.16 -32.09
CA ASN A 7 -37.27 -16.28 -31.27
C ASN A 7 -36.83 -16.05 -29.83
N ASP A 8 -35.55 -15.74 -29.65
CA ASP A 8 -34.97 -15.49 -28.33
C ASP A 8 -35.82 -14.49 -27.56
N ALA A 9 -35.75 -13.22 -27.98
CA ALA A 9 -36.41 -12.14 -27.25
C ALA A 9 -37.92 -12.35 -27.14
N ASP A 10 -38.57 -12.55 -28.29
CA ASP A 10 -40.03 -12.60 -28.35
C ASP A 10 -40.58 -13.85 -27.70
N MET A 11 -40.11 -15.03 -28.14
CA MET A 11 -40.65 -16.29 -27.65
C MET A 11 -40.37 -16.43 -26.15
N ALA A 12 -39.20 -15.98 -25.71
CA ALA A 12 -38.89 -16.00 -24.28
C ALA A 12 -39.90 -15.14 -23.51
N ARG A 13 -39.89 -13.84 -23.78
CA ARG A 13 -40.72 -12.90 -23.02
C ARG A 13 -42.21 -13.13 -23.23
N LEU A 14 -42.58 -13.90 -24.26
CA LEU A 14 -43.97 -14.22 -24.52
C LEU A 14 -44.42 -15.43 -23.70
N LEU A 15 -43.68 -16.54 -23.80
CA LEU A 15 -44.09 -17.78 -23.14
C LEU A 15 -42.97 -18.37 -22.28
N GLU A 16 -42.21 -17.51 -21.61
CA GLU A 16 -41.19 -17.95 -20.64
C GLU A 16 -41.81 -18.79 -19.51
N GLN A 17 -43.14 -18.90 -19.52
CA GLN A 17 -43.88 -19.75 -18.58
C GLN A 17 -43.24 -21.14 -18.48
N TRP A 18 -43.07 -21.80 -19.63
CA TRP A 18 -42.52 -23.17 -19.64
C TRP A 18 -41.05 -23.14 -19.26
N GLU A 19 -40.36 -22.07 -19.63
CA GLU A 19 -38.96 -21.88 -19.26
C GLU A 19 -38.78 -21.96 -17.75
N LYS A 20 -39.44 -21.05 -17.03
CA LYS A 20 -39.33 -20.98 -15.58
C LYS A 20 -39.87 -22.27 -14.95
N ASP A 21 -40.96 -22.79 -15.50
CA ASP A 21 -41.59 -23.99 -14.96
C ASP A 21 -40.62 -25.17 -15.03
N ASP A 22 -40.07 -25.41 -16.22
CA ASP A 22 -39.10 -26.47 -16.44
C ASP A 22 -37.83 -26.22 -15.63
N ASP A 23 -37.46 -24.95 -15.47
CA ASP A 23 -36.27 -24.58 -14.68
C ASP A 23 -36.51 -24.80 -13.19
N ILE A 24 -37.78 -24.79 -12.78
CA ILE A 24 -38.13 -25.11 -11.39
C ILE A 24 -38.20 -26.62 -11.19
N GLU A 25 -38.67 -27.33 -12.22
CA GLU A 25 -38.82 -28.77 -12.15
C GLU A 25 -37.46 -29.48 -12.28
N GLU A 26 -36.61 -28.95 -13.16
CA GLU A 26 -35.30 -29.53 -13.42
C GLU A 26 -34.33 -28.42 -13.84
N GLY A 27 -33.07 -28.77 -14.07
CA GLY A 27 -32.08 -27.81 -14.51
C GLY A 27 -31.67 -26.86 -13.39
N ASP A 28 -30.67 -27.27 -12.62
CA ASP A 28 -30.15 -26.45 -11.54
C ASP A 28 -29.19 -25.39 -12.07
N LEU A 29 -29.73 -24.22 -12.42
CA LEU A 29 -28.92 -23.08 -12.85
C LEU A 29 -28.96 -21.98 -11.80
N PRO A 30 -27.91 -21.89 -10.95
CA PRO A 30 -27.80 -20.84 -9.94
C PRO A 30 -27.07 -19.60 -10.49
N GLU A 31 -27.45 -18.43 -9.98
CA GLU A 31 -26.78 -17.18 -10.35
C GLU A 31 -25.61 -16.93 -9.42
N HIS A 32 -25.64 -17.59 -8.27
CA HIS A 32 -24.62 -17.44 -7.25
C HIS A 32 -23.52 -18.47 -7.45
N LYS A 33 -22.32 -17.99 -7.77
CA LYS A 33 -21.16 -18.86 -7.98
C LYS A 33 -20.47 -19.14 -6.64
N ARG A 34 -19.54 -20.11 -6.64
CA ARG A 34 -18.73 -20.43 -5.46
C ARG A 34 -18.10 -19.16 -4.89
N PRO A 35 -18.52 -18.73 -3.68
CA PRO A 35 -18.00 -17.51 -3.06
C PRO A 35 -16.57 -17.68 -2.54
N SER A 36 -16.29 -18.83 -1.95
CA SER A 36 -14.99 -19.10 -1.35
C SER A 36 -14.28 -20.24 -2.07
N ALA A 37 -12.98 -20.08 -2.29
CA ALA A 37 -12.16 -21.14 -2.83
C ALA A 37 -11.70 -22.12 -1.73
N PRO A 38 -11.14 -21.61 -0.61
CA PRO A 38 -10.73 -22.46 0.51
C PRO A 38 -11.94 -22.91 1.35
N ILE A 39 -12.28 -24.20 1.24
CA ILE A 39 -13.42 -24.75 1.95
C ILE A 39 -13.19 -24.74 3.46
N ASP A 40 -11.92 -24.69 3.85
CA ASP A 40 -11.53 -24.70 5.26
C ASP A 40 -12.31 -23.65 6.04
N PHE A 41 -12.14 -22.38 5.64
CA PHE A 41 -12.81 -21.27 6.30
C PHE A 41 -14.33 -21.40 6.17
N SER A 42 -14.79 -21.83 5.01
CA SER A 42 -16.22 -21.94 4.73
C SER A 42 -16.88 -22.94 5.69
N LYS A 43 -16.22 -24.08 5.90
CA LYS A 43 -16.77 -25.13 6.75
C LYS A 43 -16.65 -24.75 8.22
N LEU A 44 -15.61 -23.98 8.56
CA LEU A 44 -15.48 -23.42 9.91
C LEU A 44 -16.51 -22.30 10.10
N ASP A 45 -16.97 -21.73 8.99
CA ASP A 45 -18.02 -20.70 8.99
C ASP A 45 -17.53 -19.43 9.69
N PRO A 46 -16.95 -18.48 8.94
CA PRO A 46 -16.36 -17.26 9.49
C PRO A 46 -17.40 -16.34 10.13
N GLY A 47 -18.49 -16.10 9.41
CA GLY A 47 -19.56 -15.26 9.92
C GLY A 47 -19.23 -13.77 9.82
N LYS A 48 -18.19 -13.36 10.54
CA LYS A 48 -17.78 -11.95 10.59
C LYS A 48 -17.24 -11.49 9.23
N PRO A 49 -17.89 -10.49 8.61
CA PRO A 49 -17.50 -9.99 7.28
C PRO A 49 -16.10 -9.38 7.28
N GLU A 50 -15.61 -9.01 8.45
CA GLU A 50 -14.30 -8.38 8.59
C GLU A 50 -13.17 -9.41 8.50
N SER A 51 -13.49 -10.63 8.05
CA SER A 51 -12.47 -11.66 7.85
C SER A 51 -11.34 -11.12 6.97
N ILE A 52 -11.71 -10.33 5.96
CA ILE A 52 -10.72 -9.68 5.11
C ILE A 52 -9.81 -8.75 5.93
N LEU A 53 -10.41 -8.02 6.87
CA LEU A 53 -9.65 -7.09 7.71
C LEU A 53 -8.85 -7.87 8.75
N LYS A 54 -9.30 -9.09 9.05
CA LYS A 54 -8.61 -9.99 9.95
C LYS A 54 -7.28 -10.42 9.33
N MET A 55 -7.33 -10.84 8.06
CA MET A 55 -6.14 -11.35 7.37
C MET A 55 -5.31 -10.21 6.77
N THR A 56 -5.92 -9.05 6.54
CA THR A 56 -5.21 -7.91 5.97
C THR A 56 -4.55 -7.08 7.06
N LYS A 57 -3.22 -7.14 7.11
CA LYS A 57 -2.45 -6.37 8.08
C LYS A 57 -1.98 -5.07 7.46
N LYS A 58 -2.08 -3.99 8.23
CA LYS A 58 -1.70 -2.66 7.74
C LYS A 58 -0.26 -2.34 8.15
N GLY A 59 0.32 -1.37 7.46
CA GLY A 59 1.71 -0.99 7.71
C GLY A 59 2.55 -1.16 6.47
N LYS A 60 2.16 -0.47 5.39
CA LYS A 60 2.88 -0.56 4.12
C LYS A 60 4.13 0.32 4.16
N THR A 61 5.18 -0.15 3.47
CA THR A 61 6.45 0.56 3.43
C THR A 61 6.60 1.34 2.12
N LEU A 62 5.77 0.99 1.13
CA LEU A 62 5.83 1.62 -0.18
C LEU A 62 4.43 1.62 -0.78
N MET A 63 4.08 2.71 -1.47
CA MET A 63 2.78 2.82 -2.11
C MET A 63 2.90 3.62 -3.41
N MET A 64 2.16 3.21 -4.43
CA MET A 64 2.29 3.78 -5.77
C MET A 64 0.96 4.34 -6.28
N PHE A 65 0.95 5.61 -6.65
CA PHE A 65 -0.18 6.23 -7.33
C PHE A 65 0.00 6.08 -8.84
N VAL A 66 -0.62 5.05 -9.42
CA VAL A 66 -0.45 4.74 -10.83
C VAL A 66 -1.51 5.46 -11.67
N THR A 67 -1.10 6.53 -12.36
CA THR A 67 -2.01 7.28 -13.22
C THR A 67 -2.25 6.51 -14.52
N VAL A 68 -3.36 5.78 -14.57
CA VAL A 68 -3.64 4.88 -15.69
C VAL A 68 -4.65 5.50 -16.64
N SER A 69 -5.83 5.82 -16.11
CA SER A 69 -6.94 6.27 -16.92
C SER A 69 -6.61 7.61 -17.60
N GLY A 70 -6.46 8.66 -16.79
CA GLY A 70 -6.24 10.00 -17.32
C GLY A 70 -7.52 10.59 -17.90
N ASN A 71 -8.60 9.80 -17.85
CA ASN A 71 -9.89 10.23 -18.35
C ASN A 71 -10.95 10.05 -17.26
N PRO A 72 -12.03 10.87 -17.29
CA PRO A 72 -13.09 10.86 -16.27
C PRO A 72 -13.74 9.48 -16.08
N THR A 73 -13.98 8.76 -17.17
CA THR A 73 -14.60 7.45 -17.10
C THR A 73 -13.77 6.49 -16.23
N GLU A 74 -14.18 6.38 -14.97
CA GLU A 74 -13.50 5.54 -13.97
C GLU A 74 -13.30 4.10 -14.45
N LYS A 75 -14.18 3.66 -15.34
CA LYS A 75 -14.20 2.27 -15.84
C LYS A 75 -12.79 1.79 -16.19
N GLU A 76 -12.02 2.68 -16.82
CA GLU A 76 -10.68 2.36 -17.28
C GLU A 76 -9.79 1.91 -16.11
N THR A 77 -9.62 2.80 -15.14
CA THR A 77 -8.73 2.54 -14.00
C THR A 77 -9.30 1.42 -13.11
N GLU A 78 -10.62 1.39 -12.97
CA GLU A 78 -11.30 0.39 -12.16
C GLU A 78 -10.98 -1.01 -12.69
N GLU A 79 -11.32 -1.24 -13.95
CA GLU A 79 -11.15 -2.54 -14.58
C GLU A 79 -9.67 -2.93 -14.61
N ILE A 80 -8.79 -2.01 -15.00
CA ILE A 80 -7.38 -2.33 -15.13
C ILE A 80 -6.80 -2.72 -13.76
N THR A 81 -7.23 -2.04 -12.71
CA THR A 81 -6.81 -2.36 -11.35
C THR A 81 -7.34 -3.74 -10.95
N SER A 82 -8.54 -4.08 -11.42
CA SER A 82 -9.11 -5.40 -11.18
C SER A 82 -8.25 -6.49 -11.83
N LEU A 83 -7.78 -6.23 -13.04
CA LEU A 83 -6.90 -7.16 -13.76
C LEU A 83 -5.59 -7.35 -13.02
N TRP A 84 -4.97 -6.25 -12.60
CA TRP A 84 -3.74 -6.31 -11.81
C TRP A 84 -3.99 -7.04 -10.49
N GLN A 85 -5.14 -6.76 -9.87
CA GLN A 85 -5.54 -7.41 -8.63
C GLN A 85 -5.48 -8.92 -8.79
N GLY A 86 -6.12 -9.42 -9.85
CA GLY A 86 -6.09 -10.85 -10.13
C GLY A 86 -4.67 -11.37 -10.29
N SER A 87 -3.91 -10.70 -11.17
CA SER A 87 -2.55 -11.13 -11.50
C SER A 87 -1.65 -11.17 -10.26
N LEU A 88 -1.67 -10.10 -9.47
CA LEU A 88 -0.81 -9.99 -8.30
C LEU A 88 -1.17 -11.06 -7.26
N PHE A 89 -2.46 -11.32 -7.11
CA PHE A 89 -2.94 -12.30 -6.13
C PHE A 89 -2.72 -13.74 -6.63
N ASN A 90 -2.34 -13.88 -7.90
CA ASN A 90 -1.95 -15.20 -8.43
C ASN A 90 -0.57 -15.58 -7.90
N ALA A 91 0.31 -14.59 -7.79
CA ALA A 91 1.66 -14.81 -7.25
C ALA A 91 1.68 -14.58 -5.74
N ASN A 92 0.49 -14.30 -5.20
CA ASN A 92 0.33 -13.96 -3.78
C ASN A 92 1.18 -12.76 -3.39
N TYR A 93 0.89 -11.63 -4.01
CA TYR A 93 1.45 -10.36 -3.57
C TYR A 93 0.48 -9.71 -2.60
N ASP A 94 0.75 -9.85 -1.31
CA ASP A 94 -0.11 -9.28 -0.27
C ASP A 94 -0.09 -7.75 -0.36
N VAL A 95 -0.89 -7.21 -1.26
CA VAL A 95 -0.92 -5.78 -1.50
C VAL A 95 -2.35 -5.24 -1.36
N GLN A 96 -2.47 -3.95 -1.11
CA GLN A 96 -3.76 -3.28 -1.09
C GLN A 96 -3.95 -2.51 -2.38
N ARG A 97 -5.20 -2.35 -2.80
CA ARG A 97 -5.50 -1.67 -4.05
C ARG A 97 -6.85 -0.96 -3.94
N PHE A 98 -6.83 0.35 -4.17
CA PHE A 98 -8.04 1.17 -4.09
C PHE A 98 -8.08 2.16 -5.26
N ILE A 99 -9.28 2.65 -5.57
CA ILE A 99 -9.47 3.61 -6.65
C ILE A 99 -9.87 4.98 -6.10
N VAL A 100 -8.95 5.93 -6.19
CA VAL A 100 -9.20 7.30 -5.74
C VAL A 100 -8.74 8.28 -6.81
N GLY A 101 -9.68 9.04 -7.38
CA GLY A 101 -9.36 9.89 -8.51
C GLY A 101 -9.25 9.08 -9.78
N SER A 102 -10.30 9.14 -10.61
CA SER A 102 -10.44 8.29 -11.80
C SER A 102 -9.14 8.17 -12.62
N ASP A 103 -8.28 9.17 -12.53
CA ASP A 103 -7.02 9.17 -13.29
C ASP A 103 -6.07 8.05 -12.83
N ARG A 104 -5.98 7.85 -11.53
CA ARG A 104 -4.98 6.96 -10.96
C ARG A 104 -5.58 5.93 -10.01
N ALA A 105 -4.83 4.85 -9.78
CA ALA A 105 -5.17 3.85 -8.79
C ALA A 105 -4.03 3.76 -7.77
N ILE A 106 -4.35 3.43 -6.53
CA ILE A 106 -3.35 3.41 -5.47
C ILE A 106 -3.09 1.98 -4.98
N PHE A 107 -1.82 1.57 -5.06
CA PHE A 107 -1.37 0.25 -4.61
C PHE A 107 -0.46 0.40 -3.38
N MET A 108 -0.70 -0.44 -2.37
CA MET A 108 0.08 -0.42 -1.13
C MET A 108 0.85 -1.73 -0.95
N LEU A 109 2.16 -1.63 -0.83
CA LEU A 109 3.04 -2.79 -0.67
C LEU A 109 3.46 -2.95 0.79
N ARG A 110 3.17 -4.10 1.40
CA ARG A 110 3.63 -4.39 2.75
C ARG A 110 5.09 -4.84 2.71
N ASP A 111 5.49 -5.35 1.54
CA ASP A 111 6.83 -5.89 1.34
C ASP A 111 7.50 -5.18 0.17
N GLY A 112 8.81 -4.94 0.28
CA GLY A 112 9.52 -4.18 -0.73
C GLY A 112 10.45 -5.03 -1.57
N SER A 113 10.43 -6.34 -1.37
CA SER A 113 11.34 -7.25 -2.09
C SER A 113 11.02 -7.29 -3.59
N TYR A 114 9.79 -6.88 -3.92
CA TYR A 114 9.34 -6.86 -5.32
C TYR A 114 8.85 -5.47 -5.70
N ALA A 115 9.39 -4.45 -5.04
CA ALA A 115 8.99 -3.07 -5.26
C ALA A 115 9.17 -2.66 -6.73
N TRP A 116 10.40 -2.72 -7.21
CA TRP A 116 10.71 -2.35 -8.59
C TRP A 116 10.15 -3.38 -9.56
N GLU A 117 10.00 -4.61 -9.08
CA GLU A 117 9.45 -5.71 -9.87
C GLU A 117 8.01 -5.36 -10.28
N ILE A 118 7.16 -5.11 -9.30
CA ILE A 118 5.77 -4.74 -9.55
C ILE A 118 5.70 -3.40 -10.28
N LYS A 119 6.65 -2.51 -9.98
CA LYS A 119 6.74 -1.21 -10.65
C LYS A 119 6.81 -1.41 -12.17
N ASP A 120 7.73 -2.25 -12.62
CA ASP A 120 7.89 -2.54 -14.05
C ASP A 120 6.67 -3.28 -14.58
N PHE A 121 6.14 -4.19 -13.76
CA PHE A 121 4.95 -4.95 -14.12
C PHE A 121 3.80 -3.99 -14.47
N LEU A 122 3.69 -2.92 -13.70
CA LEU A 122 2.65 -1.90 -13.92
C LEU A 122 2.93 -1.06 -15.17
N VAL A 123 4.15 -0.51 -15.25
CA VAL A 123 4.49 0.41 -16.35
C VAL A 123 4.58 -0.34 -17.70
N SER A 124 4.67 -1.66 -17.63
CA SER A 124 4.71 -2.48 -18.85
C SER A 124 3.31 -2.58 -19.49
N GLN A 125 2.34 -1.93 -18.86
CA GLN A 125 0.95 -1.93 -19.35
C GLN A 125 0.87 -1.25 -20.72
N ASP A 126 -0.18 -1.60 -21.48
CA ASP A 126 -0.39 -1.06 -22.82
C ASP A 126 -0.41 0.47 -22.82
N ARG A 127 -1.16 1.06 -21.89
CA ARG A 127 -1.27 2.51 -21.81
C ARG A 127 -0.09 3.10 -21.02
N CYS A 128 0.83 2.22 -20.62
CA CYS A 128 2.03 2.60 -19.86
C CYS A 128 1.67 3.04 -18.42
N ALA A 129 0.97 4.16 -18.31
CA ALA A 129 0.53 4.71 -17.03
C ALA A 129 1.71 5.26 -16.22
N GLU A 130 1.64 6.55 -15.90
CA GLU A 130 2.70 7.21 -15.13
C GLU A 130 2.52 6.91 -13.64
N VAL A 131 3.46 6.16 -13.08
CA VAL A 131 3.41 5.77 -11.68
C VAL A 131 4.16 6.78 -10.81
N THR A 132 3.44 7.40 -9.89
CA THR A 132 4.02 8.33 -8.93
C THR A 132 4.07 7.67 -7.54
N LEU A 133 5.27 7.34 -7.09
CA LEU A 133 5.45 6.59 -5.85
C LEU A 133 5.73 7.52 -4.68
N GLU A 134 5.40 7.05 -3.48
CA GLU A 134 5.79 7.72 -2.25
C GLU A 134 7.17 7.24 -1.81
N GLY A 135 7.92 8.11 -1.15
CA GLY A 135 9.29 7.79 -0.79
C GLY A 135 10.25 8.27 -1.86
N GLN A 136 10.25 9.57 -2.10
CA GLN A 136 11.09 10.18 -3.11
C GLN A 136 12.58 10.03 -2.75
N MET A 137 13.12 8.85 -3.09
CA MET A 137 14.53 8.51 -2.82
C MET A 137 15.21 8.03 -4.10
N TYR A 138 14.43 8.00 -5.18
CA TYR A 138 14.87 7.45 -6.46
C TYR A 138 13.75 7.54 -7.51
N PRO A 139 12.52 7.06 -7.19
CA PRO A 139 11.39 7.06 -8.15
C PRO A 139 10.88 8.46 -8.49
N GLY A 140 11.56 9.47 -7.97
CA GLY A 140 11.15 10.84 -8.20
C GLY A 140 12.34 11.77 -8.30
N LYS A 141 12.10 13.05 -8.55
CA LYS A 141 13.19 14.02 -8.73
C LYS A 141 13.46 14.75 -7.41
N GLY A 1 23.07 18.38 40.02
CA GLY A 1 22.22 17.18 40.01
C GLY A 1 21.95 16.65 41.41
N ASP A 2 21.23 17.43 42.21
CA ASP A 2 20.89 17.03 43.56
C ASP A 2 19.85 15.90 43.53
N ILE A 3 20.32 14.67 43.38
CA ILE A 3 19.45 13.50 43.29
C ILE A 3 19.93 12.38 44.21
N ARG A 4 21.24 12.30 44.43
CA ARG A 4 21.83 11.24 45.25
C ARG A 4 21.39 11.39 46.70
N ASP A 5 21.18 12.62 47.14
CA ASP A 5 20.68 12.91 48.48
C ASP A 5 19.26 12.36 48.64
N TYR A 6 18.45 12.58 47.60
CA TYR A 6 17.08 12.06 47.56
C TYR A 6 17.08 10.54 47.66
N ASN A 7 17.92 9.90 46.84
CA ASN A 7 18.04 8.45 46.85
C ASN A 7 18.43 7.97 48.23
N ASP A 8 19.51 8.55 48.75
CA ASP A 8 20.02 8.20 50.07
C ASP A 8 18.89 8.19 51.11
N ALA A 9 18.38 9.37 51.42
CA ALA A 9 17.39 9.52 52.49
C ALA A 9 16.08 8.79 52.18
N ASP A 10 15.46 9.15 51.06
CA ASP A 10 14.11 8.68 50.76
C ASP A 10 14.09 7.18 50.46
N MET A 11 15.04 6.70 49.66
CA MET A 11 15.06 5.28 49.31
C MET A 11 15.44 4.44 50.50
N ALA A 12 16.38 4.94 51.33
CA ALA A 12 16.73 4.22 52.56
C ALA A 12 15.50 4.02 53.43
N ARG A 13 14.84 5.14 53.76
CA ARG A 13 13.62 5.12 54.56
C ARG A 13 12.61 4.14 53.98
N LEU A 14 12.39 4.22 52.67
CA LEU A 14 11.42 3.35 52.00
C LEU A 14 11.74 1.88 52.25
N LEU A 15 13.02 1.54 52.09
CA LEU A 15 13.47 0.15 52.25
C LEU A 15 13.59 -0.24 53.72
N GLU A 16 13.68 0.73 54.62
CA GLU A 16 13.75 0.46 56.06
C GLU A 16 12.36 0.21 56.63
N GLN A 17 11.38 0.99 56.17
CA GLN A 17 10.02 0.91 56.68
C GLN A 17 9.46 -0.51 56.63
N TRP A 18 9.14 -1.00 55.43
CA TRP A 18 8.49 -2.30 55.28
C TRP A 18 9.28 -3.40 56.02
N GLU A 19 10.60 -3.28 56.01
CA GLU A 19 11.47 -4.25 56.65
C GLU A 19 11.17 -4.34 58.15
N LYS A 20 11.43 -3.25 58.87
CA LYS A 20 11.31 -3.23 60.32
C LYS A 20 9.85 -3.28 60.75
N ASP A 21 9.00 -2.56 60.03
CA ASP A 21 7.59 -2.46 60.38
C ASP A 21 6.87 -3.78 60.16
N ASP A 22 7.25 -4.54 59.13
CA ASP A 22 6.65 -5.85 58.91
C ASP A 22 7.22 -6.86 59.89
N ASP A 23 8.50 -6.70 60.23
CA ASP A 23 9.14 -7.54 61.26
C ASP A 23 8.43 -7.37 62.60
N ILE A 24 8.08 -6.14 62.93
CA ILE A 24 7.40 -5.84 64.19
C ILE A 24 5.92 -6.24 64.13
N GLU A 25 5.28 -5.95 63.00
CA GLU A 25 3.86 -6.25 62.82
C GLU A 25 3.63 -7.76 62.65
N GLU A 26 4.20 -8.31 61.59
CA GLU A 26 4.03 -9.73 61.27
C GLU A 26 5.07 -10.57 62.00
N GLY A 27 6.34 -10.31 61.70
CA GLY A 27 7.43 -11.07 62.28
C GLY A 27 7.42 -12.51 61.82
N ASP A 28 6.94 -12.72 60.59
CA ASP A 28 6.90 -14.05 59.99
C ASP A 28 7.30 -13.95 58.51
N LEU A 29 8.55 -14.30 58.23
CA LEU A 29 9.08 -14.23 56.87
C LEU A 29 9.38 -15.64 56.37
N PRO A 30 9.10 -15.92 55.08
CA PRO A 30 9.39 -17.23 54.48
C PRO A 30 10.88 -17.50 54.40
N GLU A 31 11.38 -18.30 55.35
CA GLU A 31 12.79 -18.68 55.37
C GLU A 31 13.09 -19.66 54.24
N HIS A 32 12.03 -20.28 53.74
CA HIS A 32 12.12 -21.16 52.58
C HIS A 32 11.27 -20.59 51.43
N LYS A 33 11.96 -20.02 50.45
CA LYS A 33 11.30 -19.44 49.29
C LYS A 33 11.13 -20.50 48.20
N ARG A 34 10.12 -20.32 47.35
CA ARG A 34 9.92 -21.19 46.20
C ARG A 34 11.13 -21.17 45.27
N PRO A 35 11.65 -22.35 44.87
CA PRO A 35 12.82 -22.45 43.98
C PRO A 35 12.60 -21.72 42.65
N SER A 36 11.46 -21.98 42.01
CA SER A 36 11.13 -21.36 40.74
C SER A 36 10.83 -19.87 40.94
N ALA A 37 11.76 -19.01 40.47
CA ALA A 37 11.65 -17.57 40.65
C ALA A 37 11.19 -16.82 39.38
N PRO A 38 11.80 -17.10 38.19
CA PRO A 38 11.51 -16.34 36.96
C PRO A 38 10.20 -16.76 36.28
N ILE A 39 9.13 -16.85 37.06
CA ILE A 39 7.81 -17.24 36.54
C ILE A 39 7.40 -16.36 35.35
N ASP A 40 7.39 -15.05 35.58
CA ASP A 40 7.01 -14.08 34.56
C ASP A 40 7.87 -14.26 33.31
N PHE A 41 9.17 -14.41 33.53
CA PHE A 41 10.12 -14.62 32.43
C PHE A 41 9.78 -15.89 31.65
N SER A 42 9.32 -16.91 32.37
CA SER A 42 8.90 -18.16 31.74
C SER A 42 7.62 -17.95 30.94
N LYS A 43 6.78 -17.00 31.38
CA LYS A 43 5.57 -16.64 30.66
C LYS A 43 5.92 -15.94 29.35
N LEU A 44 6.94 -15.09 29.39
CA LEU A 44 7.47 -14.47 28.17
C LEU A 44 8.17 -15.52 27.31
N ASP A 45 8.79 -16.49 27.99
CA ASP A 45 9.43 -17.65 27.37
C ASP A 45 10.65 -17.26 26.54
N PRO A 46 11.85 -17.25 27.17
CA PRO A 46 13.11 -17.05 26.46
C PRO A 46 13.50 -18.28 25.65
N GLY A 47 14.50 -18.14 24.78
CA GLY A 47 14.89 -19.24 23.91
C GLY A 47 14.39 -19.02 22.50
N LYS A 48 13.18 -18.51 22.38
CA LYS A 48 12.63 -18.09 21.10
C LYS A 48 12.94 -16.61 20.87
N PRO A 49 13.86 -16.29 19.94
CA PRO A 49 14.27 -14.92 19.67
C PRO A 49 13.24 -14.19 18.81
N GLU A 50 13.18 -14.54 17.53
CA GLU A 50 12.32 -13.85 16.56
C GLU A 50 12.64 -12.35 16.57
N SER A 51 13.90 -12.07 16.93
CA SER A 51 14.38 -10.70 17.15
C SER A 51 14.08 -9.80 15.95
N ILE A 52 14.24 -10.35 14.75
CA ILE A 52 13.97 -9.60 13.52
C ILE A 52 12.54 -9.04 13.51
N LEU A 53 11.55 -9.92 13.68
CA LEU A 53 10.15 -9.52 13.62
C LEU A 53 9.79 -8.67 14.84
N LYS A 54 10.49 -8.91 15.93
CA LYS A 54 10.26 -8.20 17.18
C LYS A 54 10.79 -6.76 17.10
N MET A 55 11.99 -6.60 16.51
CA MET A 55 12.62 -5.28 16.44
C MET A 55 12.06 -4.47 15.28
N THR A 56 11.50 -5.15 14.28
CA THR A 56 10.88 -4.45 13.16
C THR A 56 9.46 -4.02 13.51
N LYS A 57 9.14 -2.76 13.26
CA LYS A 57 7.81 -2.22 13.48
C LYS A 57 6.94 -2.43 12.25
N LYS A 58 5.78 -3.04 12.45
CA LYS A 58 4.85 -3.32 11.35
C LYS A 58 4.03 -2.06 11.02
N GLY A 59 3.69 -1.92 9.75
CA GLY A 59 3.04 -0.70 9.27
C GLY A 59 3.88 -0.06 8.19
N LYS A 60 4.05 -0.77 7.08
CA LYS A 60 4.93 -0.34 6.00
C LYS A 60 4.24 0.73 5.15
N THR A 61 4.83 1.92 5.12
CA THR A 61 4.25 3.06 4.42
C THR A 61 4.61 3.06 2.93
N LEU A 62 4.82 1.87 2.36
CA LEU A 62 5.18 1.75 0.95
C LEU A 62 3.92 1.86 0.10
N MET A 63 3.68 3.04 -0.46
CA MET A 63 2.47 3.30 -1.24
C MET A 63 2.87 3.73 -2.65
N MET A 64 2.12 3.26 -3.65
CA MET A 64 2.40 3.58 -5.06
C MET A 64 1.15 4.15 -5.73
N PHE A 65 1.27 5.38 -6.24
CA PHE A 65 0.24 5.98 -7.08
C PHE A 65 0.59 5.76 -8.54
N VAL A 66 -0.34 5.20 -9.30
CA VAL A 66 -0.10 4.91 -10.71
C VAL A 66 -1.21 5.49 -11.58
N THR A 67 -0.85 6.40 -12.48
CA THR A 67 -1.80 6.99 -13.41
C THR A 67 -2.07 6.01 -14.55
N VAL A 68 -3.19 5.31 -14.47
CA VAL A 68 -3.46 4.16 -15.34
C VAL A 68 -4.40 4.52 -16.49
N SER A 69 -5.60 5.01 -16.17
CA SER A 69 -6.64 5.20 -17.17
C SER A 69 -6.31 6.35 -18.11
N GLY A 70 -6.22 7.55 -17.55
CA GLY A 70 -5.96 8.74 -18.34
C GLY A 70 -7.19 9.19 -19.09
N ASN A 71 -8.32 8.53 -18.84
CA ASN A 71 -9.58 8.84 -19.51
C ASN A 71 -10.67 9.09 -18.47
N PRO A 72 -11.62 10.00 -18.78
CA PRO A 72 -12.67 10.41 -17.83
C PRO A 72 -13.55 9.26 -17.36
N THR A 73 -13.88 8.34 -18.27
CA THR A 73 -14.75 7.22 -17.95
C THR A 73 -14.09 6.26 -16.95
N GLU A 74 -14.71 6.11 -15.79
CA GLU A 74 -14.13 5.37 -14.67
C GLU A 74 -14.22 3.86 -14.90
N LYS A 75 -15.13 3.45 -15.77
CA LYS A 75 -15.30 2.04 -16.11
C LYS A 75 -13.97 1.41 -16.53
N GLU A 76 -13.16 2.17 -17.26
CA GLU A 76 -11.86 1.68 -17.71
C GLU A 76 -10.92 1.42 -16.54
N THR A 77 -10.75 2.41 -15.66
CA THR A 77 -9.85 2.27 -14.54
C THR A 77 -10.33 1.16 -13.60
N GLU A 78 -11.64 1.00 -13.50
CA GLU A 78 -12.24 -0.04 -12.67
C GLU A 78 -11.87 -1.42 -13.22
N GLU A 79 -12.09 -1.61 -14.52
CA GLU A 79 -11.77 -2.88 -15.18
C GLU A 79 -10.28 -3.21 -15.01
N ILE A 80 -9.42 -2.29 -15.44
CA ILE A 80 -7.98 -2.55 -15.45
C ILE A 80 -7.41 -2.70 -14.03
N THR A 81 -7.89 -1.88 -13.09
CA THR A 81 -7.42 -1.94 -11.72
C THR A 81 -7.85 -3.25 -11.05
N SER A 82 -9.04 -3.75 -11.39
CA SER A 82 -9.50 -5.03 -10.86
C SER A 82 -8.68 -6.17 -11.48
N LEU A 83 -8.33 -6.03 -12.76
CA LEU A 83 -7.45 -6.99 -13.44
C LEU A 83 -6.09 -7.00 -12.76
N TRP A 84 -5.57 -5.81 -12.47
CA TRP A 84 -4.31 -5.67 -11.74
C TRP A 84 -4.39 -6.38 -10.40
N GLN A 85 -5.40 -6.01 -9.61
CA GLN A 85 -5.61 -6.59 -8.29
C GLN A 85 -5.52 -8.11 -8.35
N GLY A 86 -6.31 -8.71 -9.24
CA GLY A 86 -6.30 -10.15 -9.41
C GLY A 86 -4.92 -10.68 -9.71
N SER A 87 -4.28 -10.11 -10.73
CA SER A 87 -2.95 -10.55 -11.15
C SER A 87 -1.94 -10.46 -10.00
N LEU A 88 -2.04 -9.41 -9.20
CA LEU A 88 -1.13 -9.20 -8.08
C LEU A 88 -1.26 -10.30 -7.04
N PHE A 89 -2.51 -10.71 -6.79
CA PHE A 89 -2.77 -11.76 -5.82
C PHE A 89 -2.48 -13.14 -6.40
N ASN A 90 -2.58 -13.27 -7.72
CA ASN A 90 -2.22 -14.51 -8.41
C ASN A 90 -0.70 -14.64 -8.47
N ALA A 91 -0.02 -13.49 -8.45
CA ALA A 91 1.43 -13.45 -8.39
C ALA A 91 1.92 -13.58 -6.94
N ASN A 92 0.97 -13.84 -6.04
CA ASN A 92 1.25 -14.11 -4.62
C ASN A 92 1.84 -12.88 -3.92
N TYR A 93 1.63 -11.69 -4.50
CA TYR A 93 2.11 -10.46 -3.88
C TYR A 93 1.35 -10.18 -2.59
N ASP A 94 0.03 -10.07 -2.70
CA ASP A 94 -0.84 -9.62 -1.61
C ASP A 94 -0.51 -8.19 -1.23
N VAL A 95 -1.35 -7.25 -1.66
CA VAL A 95 -1.14 -5.83 -1.40
C VAL A 95 -2.47 -5.16 -1.07
N GLN A 96 -2.41 -3.95 -0.55
CA GLN A 96 -3.61 -3.18 -0.25
C GLN A 96 -3.85 -2.18 -1.37
N ARG A 97 -5.10 -2.03 -1.78
CA ARG A 97 -5.43 -1.29 -2.99
C ARG A 97 -6.59 -0.34 -2.76
N PHE A 98 -6.49 0.84 -3.36
CA PHE A 98 -7.56 1.84 -3.32
C PHE A 98 -7.66 2.54 -4.68
N ILE A 99 -8.81 3.11 -4.98
CA ILE A 99 -9.01 3.88 -6.19
C ILE A 99 -9.42 5.32 -5.85
N VAL A 100 -8.42 6.18 -5.70
CA VAL A 100 -8.65 7.59 -5.37
C VAL A 100 -8.33 8.47 -6.58
N GLY A 101 -9.38 8.87 -7.29
CA GLY A 101 -9.20 9.57 -8.55
C GLY A 101 -9.10 8.58 -9.70
N SER A 102 -10.18 8.46 -10.46
CA SER A 102 -10.29 7.46 -11.53
C SER A 102 -9.02 7.38 -12.40
N ASP A 103 -8.35 8.51 -12.58
CA ASP A 103 -7.12 8.58 -13.39
C ASP A 103 -5.99 7.71 -12.80
N ARG A 104 -5.90 7.69 -11.47
CA ARG A 104 -4.76 7.10 -10.78
C ARG A 104 -5.20 6.12 -9.70
N ALA A 105 -4.68 4.90 -9.78
CA ALA A 105 -4.91 3.87 -8.76
C ALA A 105 -3.79 3.93 -7.72
N ILE A 106 -3.99 3.32 -6.56
CA ILE A 106 -2.97 3.31 -5.52
C ILE A 106 -2.86 1.94 -4.85
N PHE A 107 -1.63 1.53 -4.57
CA PHE A 107 -1.36 0.24 -3.90
C PHE A 107 -0.49 0.47 -2.67
N MET A 108 -0.46 -0.53 -1.79
CA MET A 108 0.38 -0.51 -0.59
C MET A 108 1.07 -1.86 -0.43
N LEU A 109 2.39 -1.85 -0.45
CA LEU A 109 3.20 -3.07 -0.42
C LEU A 109 3.80 -3.29 0.97
N ARG A 110 4.28 -4.51 1.21
CA ARG A 110 4.93 -4.83 2.49
C ARG A 110 6.42 -4.51 2.42
N ASP A 111 7.11 -5.09 1.43
CA ASP A 111 8.55 -4.97 1.32
C ASP A 111 8.97 -4.66 -0.12
N GLY A 112 10.21 -4.18 -0.27
CA GLY A 112 10.72 -3.84 -1.58
C GLY A 112 11.13 -5.06 -2.39
N SER A 113 11.00 -6.24 -1.77
CA SER A 113 11.41 -7.50 -2.39
C SER A 113 10.78 -7.68 -3.78
N TYR A 114 9.60 -7.10 -3.98
CA TYR A 114 8.90 -7.20 -5.25
C TYR A 114 8.46 -5.83 -5.76
N ALA A 115 9.00 -4.78 -5.13
CA ALA A 115 8.62 -3.41 -5.46
C ALA A 115 8.89 -3.08 -6.92
N TRP A 116 10.09 -3.38 -7.38
CA TRP A 116 10.50 -3.03 -8.73
C TRP A 116 9.84 -3.95 -9.76
N GLU A 117 9.50 -5.17 -9.33
CA GLU A 117 8.86 -6.13 -10.21
C GLU A 117 7.42 -5.72 -10.50
N ILE A 118 6.67 -5.40 -9.45
CA ILE A 118 5.30 -4.94 -9.60
C ILE A 118 5.27 -3.59 -10.33
N LYS A 119 6.20 -2.70 -9.95
CA LYS A 119 6.31 -1.39 -10.58
C LYS A 119 6.55 -1.54 -12.07
N ASP A 120 7.41 -2.49 -12.44
CA ASP A 120 7.67 -2.82 -13.83
C ASP A 120 6.37 -3.25 -14.52
N PHE A 121 5.68 -4.20 -13.91
CA PHE A 121 4.41 -4.71 -14.43
C PHE A 121 3.43 -3.57 -14.69
N LEU A 122 3.43 -2.58 -13.80
CA LEU A 122 2.53 -1.43 -13.92
C LEU A 122 2.94 -0.50 -15.07
N VAL A 123 4.21 -0.08 -15.06
CA VAL A 123 4.69 0.92 -16.02
C VAL A 123 4.80 0.35 -17.43
N SER A 124 4.86 -0.97 -17.55
CA SER A 124 4.98 -1.62 -18.85
C SER A 124 3.62 -1.70 -19.57
N GLN A 125 2.57 -1.19 -18.91
CA GLN A 125 1.23 -1.20 -19.50
C GLN A 125 1.16 -0.29 -20.73
N ASP A 126 0.35 -0.70 -21.70
CA ASP A 126 0.20 0.02 -22.97
C ASP A 126 -0.33 1.44 -22.77
N ARG A 127 -0.96 1.70 -21.63
CA ARG A 127 -1.51 3.02 -21.32
C ARG A 127 -0.45 3.97 -20.78
N CYS A 128 0.81 3.53 -20.80
CA CYS A 128 1.92 4.34 -20.30
C CYS A 128 1.68 4.70 -18.83
N ALA A 129 1.23 3.71 -18.05
CA ALA A 129 0.90 3.91 -16.64
C ALA A 129 2.14 4.35 -15.86
N GLU A 130 2.25 5.65 -15.61
CA GLU A 130 3.38 6.19 -14.86
C GLU A 130 3.17 6.00 -13.37
N VAL A 131 4.25 5.68 -12.66
CA VAL A 131 4.19 5.37 -11.24
C VAL A 131 4.70 6.56 -10.41
N THR A 132 4.24 6.63 -9.17
CA THR A 132 4.69 7.63 -8.22
C THR A 132 4.86 6.99 -6.84
N LEU A 133 6.07 7.03 -6.31
CA LEU A 133 6.37 6.42 -5.02
C LEU A 133 6.06 7.39 -3.89
N GLU A 134 5.12 7.00 -3.03
CA GLU A 134 4.70 7.83 -1.90
C GLU A 134 5.47 7.44 -0.64
N GLY A 135 5.67 8.43 0.25
CA GLY A 135 6.45 8.20 1.44
C GLY A 135 7.92 8.40 1.19
N GLN A 136 8.77 7.73 1.95
CA GLN A 136 10.22 7.82 1.77
C GLN A 136 10.78 6.48 1.31
N MET A 137 10.83 6.30 0.01
CA MET A 137 11.43 5.11 -0.59
C MET A 137 11.58 5.34 -2.09
N TYR A 138 12.79 5.72 -2.51
CA TYR A 138 13.08 6.06 -3.90
C TYR A 138 14.58 6.00 -4.14
N PRO A 139 15.02 5.41 -5.28
CA PRO A 139 16.44 5.34 -5.63
C PRO A 139 17.05 6.73 -5.84
N GLY A 140 17.47 7.36 -4.75
CA GLY A 140 18.08 8.67 -4.82
C GLY A 140 17.38 9.67 -3.91
N LYS A 141 17.67 10.95 -4.11
CA LYS A 141 17.07 12.02 -3.32
C LYS A 141 16.77 13.20 -4.23
N GLY A 1 36.97 -62.62 -12.98
CA GLY A 1 37.30 -62.56 -14.43
C GLY A 1 37.59 -63.93 -15.02
N ASP A 2 36.53 -64.71 -15.25
CA ASP A 2 36.64 -66.03 -15.87
C ASP A 2 35.26 -66.56 -16.24
N ILE A 3 35.20 -67.81 -16.71
CA ILE A 3 33.96 -68.38 -17.22
C ILE A 3 32.87 -68.48 -16.13
N ARG A 4 33.18 -69.22 -15.06
CA ARG A 4 32.18 -69.43 -13.99
C ARG A 4 31.90 -68.12 -13.27
N ASP A 5 32.94 -67.30 -13.13
CA ASP A 5 32.81 -65.97 -12.52
C ASP A 5 31.81 -65.13 -13.30
N TYR A 6 31.97 -65.13 -14.62
CA TYR A 6 31.06 -64.42 -15.50
C TYR A 6 29.63 -64.92 -15.32
N ASN A 7 29.48 -66.24 -15.33
CA ASN A 7 28.16 -66.86 -15.18
C ASN A 7 27.50 -66.41 -13.89
N ASP A 8 28.09 -66.80 -12.76
CA ASP A 8 27.52 -66.47 -11.46
C ASP A 8 27.29 -64.98 -11.30
N ALA A 9 28.35 -64.19 -11.44
CA ALA A 9 28.28 -62.76 -11.20
C ALA A 9 27.32 -62.06 -12.17
N ASP A 10 27.63 -62.12 -13.46
CA ASP A 10 26.88 -61.37 -14.47
C ASP A 10 25.43 -61.84 -14.54
N MET A 11 25.23 -63.15 -14.59
CA MET A 11 23.89 -63.70 -14.74
C MET A 11 23.06 -63.42 -13.50
N ALA A 12 23.69 -63.45 -12.32
CA ALA A 12 23.00 -63.08 -11.09
C ALA A 12 22.57 -61.61 -11.16
N ARG A 13 23.51 -60.75 -11.52
CA ARG A 13 23.24 -59.31 -11.64
C ARG A 13 22.10 -59.04 -12.62
N LEU A 14 21.93 -59.94 -13.57
CA LEU A 14 20.81 -59.85 -14.51
C LEU A 14 19.52 -60.34 -13.83
N LEU A 15 19.59 -61.52 -13.21
CA LEU A 15 18.42 -62.17 -12.62
C LEU A 15 18.12 -61.67 -11.21
N GLU A 16 18.83 -60.64 -10.76
CA GLU A 16 18.54 -59.98 -9.48
C GLU A 16 17.04 -59.66 -9.36
N GLN A 17 16.41 -59.44 -10.51
CA GLN A 17 14.99 -59.09 -10.59
C GLN A 17 14.13 -60.02 -9.72
N TRP A 18 14.37 -61.32 -9.82
CA TRP A 18 13.54 -62.31 -9.14
C TRP A 18 13.72 -62.24 -7.63
N GLU A 19 14.97 -62.06 -7.19
CA GLU A 19 15.27 -62.02 -5.75
C GLU A 19 14.77 -60.71 -5.14
N LYS A 20 14.97 -59.60 -5.86
CA LYS A 20 14.48 -58.31 -5.41
C LYS A 20 12.95 -58.32 -5.31
N ASP A 21 12.32 -58.86 -6.36
CA ASP A 21 10.87 -59.00 -6.41
C ASP A 21 10.38 -59.80 -5.21
N ASP A 22 11.05 -60.91 -4.94
CA ASP A 22 10.73 -61.77 -3.80
C ASP A 22 10.82 -61.00 -2.49
N ASP A 23 11.88 -60.21 -2.35
CA ASP A 23 12.11 -59.40 -1.16
C ASP A 23 11.00 -58.35 -0.98
N ILE A 24 10.52 -57.82 -2.10
CA ILE A 24 9.43 -56.84 -2.09
C ILE A 24 8.12 -57.52 -1.72
N GLU A 25 7.95 -58.76 -2.18
CA GLU A 25 6.74 -59.52 -1.91
C GLU A 25 6.65 -59.95 -0.45
N GLU A 26 7.72 -60.55 0.07
CA GLU A 26 7.72 -61.09 1.42
C GLU A 26 9.15 -61.49 1.82
N GLY A 27 9.33 -61.92 3.08
CA GLY A 27 10.63 -62.32 3.57
C GLY A 27 11.35 -61.17 4.23
N ASP A 28 10.57 -60.34 4.91
CA ASP A 28 11.08 -59.18 5.61
C ASP A 28 11.02 -59.41 7.12
N LEU A 29 12.13 -59.17 7.80
CA LEU A 29 12.17 -59.21 9.26
C LEU A 29 12.17 -57.78 9.80
N PRO A 30 11.05 -57.36 10.43
CA PRO A 30 10.83 -55.96 10.84
C PRO A 30 12.01 -55.33 11.59
N GLU A 31 13.00 -54.87 10.82
CA GLU A 31 14.12 -54.12 11.37
C GLU A 31 13.87 -52.62 11.21
N HIS A 32 12.87 -52.29 10.40
CA HIS A 32 12.52 -50.91 10.10
C HIS A 32 11.93 -50.24 11.34
N LYS A 33 12.37 -49.01 11.61
CA LYS A 33 11.93 -48.27 12.78
C LYS A 33 10.78 -47.32 12.43
N ARG A 34 10.27 -46.64 13.45
CA ARG A 34 9.20 -45.65 13.28
C ARG A 34 9.77 -44.27 12.95
N PRO A 35 9.52 -43.75 11.73
CA PRO A 35 9.85 -42.38 11.39
C PRO A 35 8.94 -41.42 12.16
N SER A 36 7.65 -41.73 12.16
CA SER A 36 6.66 -41.05 12.97
C SER A 36 5.79 -42.05 13.71
N ALA A 37 5.93 -42.12 15.02
CA ALA A 37 5.08 -42.98 15.85
C ALA A 37 3.79 -42.24 16.24
N PRO A 38 3.89 -41.00 16.81
CA PRO A 38 2.70 -40.20 17.14
C PRO A 38 2.00 -39.70 15.87
N ILE A 39 0.71 -40.01 15.75
CA ILE A 39 -0.08 -39.64 14.58
C ILE A 39 -0.13 -38.12 14.40
N ASP A 40 0.21 -37.39 15.45
CA ASP A 40 0.22 -35.92 15.42
C ASP A 40 1.01 -35.41 14.22
N PHE A 41 2.15 -36.05 13.94
CA PHE A 41 3.00 -35.66 12.81
C PHE A 41 2.26 -35.85 11.49
N SER A 42 1.47 -36.91 11.41
CA SER A 42 0.71 -37.22 10.21
C SER A 42 -0.50 -36.30 10.08
N LYS A 43 -1.03 -35.88 11.23
CA LYS A 43 -2.22 -35.03 11.27
C LYS A 43 -1.88 -33.59 10.87
N LEU A 44 -0.84 -33.04 11.49
CA LEU A 44 -0.40 -31.67 11.18
C LEU A 44 0.40 -31.65 9.89
N ASP A 45 1.24 -32.67 9.69
CA ASP A 45 2.08 -32.80 8.50
C ASP A 45 3.04 -31.61 8.38
N PRO A 46 4.15 -31.63 9.14
CA PRO A 46 5.14 -30.55 9.12
C PRO A 46 5.92 -30.50 7.80
N GLY A 47 6.73 -29.46 7.64
CA GLY A 47 7.54 -29.31 6.45
C GLY A 47 7.40 -27.93 5.83
N LYS A 48 6.17 -27.46 5.74
CA LYS A 48 5.90 -26.15 5.18
C LYS A 48 6.32 -25.05 6.17
N PRO A 49 7.09 -24.05 5.70
CA PRO A 49 7.56 -22.95 6.53
C PRO A 49 6.54 -21.81 6.60
N GLU A 50 6.65 -20.99 7.65
CA GLU A 50 5.81 -19.81 7.81
C GLU A 50 6.64 -18.56 7.55
N SER A 51 7.66 -18.70 6.71
CA SER A 51 8.61 -17.63 6.40
C SER A 51 7.90 -16.29 6.17
N ILE A 52 7.09 -16.23 5.11
CA ILE A 52 6.37 -15.01 4.77
C ILE A 52 5.40 -14.59 5.89
N LEU A 53 4.87 -15.58 6.60
CA LEU A 53 3.89 -15.33 7.65
C LEU A 53 4.54 -14.53 8.79
N LYS A 54 5.71 -14.99 9.23
CA LYS A 54 6.44 -14.32 10.31
C LYS A 54 7.05 -13.02 9.79
N MET A 55 7.38 -13.01 8.50
CA MET A 55 7.99 -11.85 7.86
C MET A 55 6.95 -10.75 7.62
N THR A 56 5.66 -11.12 7.64
CA THR A 56 4.59 -10.14 7.56
C THR A 56 4.71 -9.14 8.72
N LYS A 57 5.27 -7.98 8.42
CA LYS A 57 5.47 -6.93 9.42
C LYS A 57 4.62 -5.71 9.08
N LYS A 58 3.98 -5.14 10.11
CA LYS A 58 3.21 -3.92 9.95
C LYS A 58 4.13 -2.71 10.03
N GLY A 59 3.80 -1.68 9.28
CA GLY A 59 4.66 -0.51 9.17
C GLY A 59 5.07 -0.28 7.73
N LYS A 60 4.09 -0.14 6.87
CA LYS A 60 4.32 0.06 5.44
C LYS A 60 3.77 1.41 4.99
N THR A 61 4.61 2.17 4.29
CA THR A 61 4.21 3.48 3.77
C THR A 61 4.33 3.50 2.25
N LEU A 62 4.72 2.36 1.67
CA LEU A 62 4.99 2.29 0.24
C LEU A 62 3.69 2.17 -0.54
N MET A 63 3.36 3.22 -1.27
CA MET A 63 2.16 3.26 -2.10
C MET A 63 2.52 3.79 -3.48
N MET A 64 2.10 3.09 -4.53
CA MET A 64 2.38 3.51 -5.90
C MET A 64 1.13 4.03 -6.56
N PHE A 65 1.15 5.31 -6.94
CA PHE A 65 0.03 5.94 -7.61
C PHE A 65 0.18 5.85 -9.12
N VAL A 66 -0.62 5.00 -9.73
CA VAL A 66 -0.57 4.79 -11.17
C VAL A 66 -1.66 5.61 -11.87
N THR A 67 -1.25 6.67 -12.56
CA THR A 67 -2.17 7.45 -13.36
C THR A 67 -2.56 6.67 -14.61
N VAL A 68 -3.65 5.92 -14.52
CA VAL A 68 -4.04 5.00 -15.58
C VAL A 68 -4.78 5.70 -16.71
N SER A 69 -5.91 6.30 -16.38
CA SER A 69 -6.80 6.88 -17.38
C SER A 69 -6.49 8.35 -17.64
N GLY A 70 -6.72 9.18 -16.63
CA GLY A 70 -6.59 10.62 -16.79
C GLY A 70 -7.90 11.24 -17.26
N ASN A 71 -8.89 10.38 -17.47
CA ASN A 71 -10.20 10.78 -17.95
C ASN A 71 -11.28 10.26 -16.99
N PRO A 72 -12.49 10.85 -17.02
CA PRO A 72 -13.52 10.63 -15.97
C PRO A 72 -14.04 9.19 -15.89
N THR A 73 -13.94 8.44 -16.98
CA THR A 73 -14.44 7.08 -17.02
C THR A 73 -13.67 6.19 -16.04
N GLU A 74 -14.22 6.01 -14.84
CA GLU A 74 -13.61 5.17 -13.82
C GLU A 74 -13.51 3.72 -14.32
N LYS A 75 -14.34 3.42 -15.32
CA LYS A 75 -14.34 2.13 -16.01
C LYS A 75 -12.92 1.63 -16.25
N GLU A 76 -12.12 2.46 -16.92
CA GLU A 76 -10.74 2.10 -17.29
C GLU A 76 -9.93 1.65 -16.08
N THR A 77 -9.83 2.55 -15.11
CA THR A 77 -9.01 2.32 -13.93
C THR A 77 -9.51 1.13 -13.11
N GLU A 78 -10.84 0.99 -13.02
CA GLU A 78 -11.43 -0.11 -12.26
C GLU A 78 -11.10 -1.45 -12.90
N GLU A 79 -11.34 -1.54 -14.20
CA GLU A 79 -11.08 -2.77 -14.95
C GLU A 79 -9.61 -3.17 -14.85
N ILE A 80 -8.71 -2.25 -15.16
CA ILE A 80 -7.28 -2.55 -15.15
C ILE A 80 -6.83 -2.94 -13.73
N THR A 81 -7.39 -2.29 -12.72
CA THR A 81 -7.12 -2.63 -11.33
C THR A 81 -7.63 -4.05 -11.01
N SER A 82 -8.70 -4.45 -11.69
CA SER A 82 -9.24 -5.79 -11.53
C SER A 82 -8.29 -6.83 -12.17
N LEU A 83 -7.74 -6.49 -13.34
CA LEU A 83 -6.75 -7.33 -14.00
C LEU A 83 -5.52 -7.48 -13.09
N TRP A 84 -5.06 -6.35 -12.56
CA TRP A 84 -3.93 -6.35 -11.63
C TRP A 84 -4.30 -7.11 -10.35
N GLN A 85 -5.56 -7.01 -9.94
CA GLN A 85 -6.06 -7.76 -8.78
C GLN A 85 -5.76 -9.24 -8.97
N GLY A 86 -6.37 -9.82 -10.01
CA GLY A 86 -6.19 -11.23 -10.29
C GLY A 86 -4.74 -11.61 -10.44
N SER A 87 -4.02 -10.87 -11.30
CA SER A 87 -2.63 -11.19 -11.61
C SER A 87 -1.74 -11.15 -10.36
N LEU A 88 -1.83 -10.07 -9.58
CA LEU A 88 -0.98 -9.90 -8.40
C LEU A 88 -1.30 -10.93 -7.33
N PHE A 89 -2.59 -11.11 -7.03
CA PHE A 89 -3.01 -12.03 -5.98
C PHE A 89 -2.77 -13.49 -6.39
N ASN A 90 -2.82 -13.77 -7.68
CA ASN A 90 -2.45 -15.10 -8.19
C ASN A 90 -0.95 -15.32 -7.99
N ALA A 91 -0.19 -14.22 -8.06
CA ALA A 91 1.25 -14.24 -7.82
C ALA A 91 1.55 -14.15 -6.31
N ASN A 92 0.48 -14.27 -5.51
CA ASN A 92 0.58 -14.29 -4.05
C ASN A 92 1.05 -12.95 -3.48
N TYR A 93 0.87 -11.88 -4.24
CA TYR A 93 1.15 -10.53 -3.73
C TYR A 93 -0.02 -10.05 -2.88
N ASP A 94 0.03 -10.34 -1.58
CA ASP A 94 -0.99 -9.85 -0.66
C ASP A 94 -0.79 -8.35 -0.45
N VAL A 95 -1.28 -7.58 -1.40
CA VAL A 95 -1.17 -6.13 -1.37
C VAL A 95 -2.54 -5.49 -1.21
N GLN A 96 -2.59 -4.16 -1.17
CA GLN A 96 -3.86 -3.44 -1.10
C GLN A 96 -3.99 -2.51 -2.29
N ARG A 97 -5.22 -2.19 -2.66
CA ARG A 97 -5.47 -1.31 -3.80
C ARG A 97 -6.68 -0.42 -3.51
N PHE A 98 -6.51 0.87 -3.73
CA PHE A 98 -7.59 1.85 -3.55
C PHE A 98 -7.63 2.75 -4.77
N ILE A 99 -8.76 3.41 -4.99
CA ILE A 99 -8.88 4.34 -6.10
C ILE A 99 -9.33 5.72 -5.62
N VAL A 100 -8.35 6.55 -5.27
CA VAL A 100 -8.59 7.93 -4.88
C VAL A 100 -8.29 8.83 -6.08
N GLY A 101 -9.35 9.25 -6.76
CA GLY A 101 -9.18 9.91 -8.03
C GLY A 101 -9.27 8.91 -9.16
N SER A 102 -10.41 8.90 -9.86
CA SER A 102 -10.70 7.89 -10.89
C SER A 102 -9.62 7.79 -11.98
N ASP A 103 -8.65 8.71 -11.97
CA ASP A 103 -7.57 8.71 -12.96
C ASP A 103 -6.37 7.91 -12.46
N ARG A 104 -6.18 7.89 -11.14
CA ARG A 104 -4.99 7.29 -10.53
C ARG A 104 -5.36 6.21 -9.51
N ALA A 105 -4.81 5.02 -9.70
CA ALA A 105 -5.02 3.90 -8.78
C ALA A 105 -3.83 3.79 -7.82
N ILE A 106 -4.11 3.76 -6.52
CA ILE A 106 -3.06 3.66 -5.52
C ILE A 106 -2.93 2.23 -5.01
N PHE A 107 -1.79 1.61 -5.31
CA PHE A 107 -1.49 0.27 -4.85
C PHE A 107 -0.53 0.32 -3.66
N MET A 108 -0.97 -0.22 -2.53
CA MET A 108 -0.15 -0.29 -1.33
C MET A 108 0.60 -1.62 -1.31
N LEU A 109 1.89 -1.57 -1.04
CA LEU A 109 2.75 -2.73 -1.16
C LEU A 109 2.94 -3.35 0.21
N ARG A 110 3.44 -4.57 0.21
CA ARG A 110 3.67 -5.30 1.44
C ARG A 110 5.10 -5.03 1.94
N ASP A 111 6.01 -4.83 1.00
CA ASP A 111 7.40 -4.52 1.31
C ASP A 111 8.09 -3.96 0.05
N GLY A 112 9.27 -3.37 0.22
CA GLY A 112 9.95 -2.71 -0.88
C GLY A 112 10.83 -3.62 -1.70
N SER A 113 11.08 -4.84 -1.20
CA SER A 113 11.97 -5.78 -1.86
C SER A 113 11.54 -6.07 -3.31
N TYR A 114 10.24 -5.96 -3.58
CA TYR A 114 9.71 -6.24 -4.91
C TYR A 114 9.04 -4.98 -5.50
N ALA A 115 9.49 -3.82 -5.03
CA ALA A 115 8.92 -2.55 -5.49
C ALA A 115 9.11 -2.37 -7.01
N TRP A 116 10.35 -2.56 -7.46
CA TRP A 116 10.65 -2.47 -8.89
C TRP A 116 9.97 -3.58 -9.67
N GLU A 117 9.79 -4.72 -9.01
CA GLU A 117 9.16 -5.88 -9.63
C GLU A 117 7.69 -5.57 -9.97
N ILE A 118 6.94 -5.08 -8.98
CA ILE A 118 5.54 -4.75 -9.18
C ILE A 118 5.42 -3.52 -10.09
N LYS A 119 6.29 -2.52 -9.89
CA LYS A 119 6.29 -1.32 -10.71
C LYS A 119 6.53 -1.66 -12.18
N ASP A 120 7.46 -2.58 -12.41
CA ASP A 120 7.79 -3.04 -13.75
C ASP A 120 6.59 -3.75 -14.37
N PHE A 121 5.97 -4.61 -13.57
CA PHE A 121 4.74 -5.30 -13.98
C PHE A 121 3.67 -4.29 -14.37
N LEU A 122 3.58 -3.20 -13.61
CA LEU A 122 2.58 -2.15 -13.88
C LEU A 122 2.90 -1.43 -15.20
N VAL A 123 4.17 -1.13 -15.43
CA VAL A 123 4.58 -0.41 -16.64
C VAL A 123 4.65 -1.35 -17.85
N SER A 124 4.51 -2.65 -17.60
CA SER A 124 4.38 -3.64 -18.67
C SER A 124 3.11 -3.37 -19.49
N GLN A 125 2.21 -2.56 -18.93
CA GLN A 125 1.01 -2.12 -19.65
C GLN A 125 1.41 -1.35 -20.90
N ASP A 126 0.77 -1.68 -22.02
CA ASP A 126 1.06 -1.03 -23.30
C ASP A 126 0.96 0.49 -23.18
N ARG A 127 -0.11 0.95 -22.54
CA ARG A 127 -0.34 2.37 -22.32
C ARG A 127 0.33 2.82 -21.01
N CYS A 128 1.53 2.28 -20.77
CA CYS A 128 2.30 2.58 -19.56
C CYS A 128 2.37 4.09 -19.29
N ALA A 129 1.70 4.52 -18.24
CA ALA A 129 1.71 5.92 -17.83
C ALA A 129 2.58 6.10 -16.59
N GLU A 130 2.36 7.17 -15.83
CA GLU A 130 3.18 7.49 -14.69
C GLU A 130 2.80 6.66 -13.45
N VAL A 131 3.76 5.86 -12.99
CA VAL A 131 3.64 5.11 -11.74
C VAL A 131 4.55 5.75 -10.69
N THR A 132 3.97 6.61 -9.86
CA THR A 132 4.73 7.40 -8.90
C THR A 132 4.81 6.66 -7.57
N LEU A 133 5.98 6.71 -6.93
CA LEU A 133 6.18 6.01 -5.67
C LEU A 133 6.10 6.96 -4.49
N GLU A 134 5.36 6.55 -3.46
CA GLU A 134 5.32 7.25 -2.20
C GLU A 134 5.77 6.29 -1.10
N GLY A 135 6.52 6.80 -0.13
CA GLY A 135 6.94 5.98 1.00
C GLY A 135 8.44 5.73 1.03
N GLN A 136 9.20 6.78 1.32
CA GLN A 136 10.65 6.67 1.55
C GLN A 136 11.40 6.40 0.24
N MET A 137 11.34 5.15 -0.23
CA MET A 137 12.14 4.71 -1.36
C MET A 137 11.60 5.26 -2.68
N TYR A 138 12.25 6.31 -3.17
CA TYR A 138 11.91 6.91 -4.45
C TYR A 138 13.14 7.61 -5.03
N PRO A 139 13.63 7.17 -6.21
CA PRO A 139 14.82 7.74 -6.85
C PRO A 139 14.62 9.21 -7.21
N GLY A 140 15.53 10.06 -6.74
CA GLY A 140 15.44 11.48 -7.01
C GLY A 140 15.58 12.30 -5.74
N LYS A 141 16.67 12.07 -5.01
CA LYS A 141 16.93 12.72 -3.72
C LYS A 141 15.93 12.23 -2.66
N GLY A 1 56.21 -31.76 24.92
CA GLY A 1 57.48 -31.24 24.34
C GLY A 1 57.88 -31.97 23.07
N ASP A 2 57.00 -31.90 22.08
CA ASP A 2 57.23 -32.52 20.78
C ASP A 2 56.67 -31.60 19.70
N ILE A 3 56.92 -31.92 18.43
CA ILE A 3 56.43 -31.09 17.33
C ILE A 3 54.90 -31.04 17.37
N ARG A 4 54.29 -32.09 17.92
CA ARG A 4 52.82 -32.11 18.10
C ARG A 4 52.38 -30.93 18.94
N ASP A 5 53.08 -30.69 20.05
CA ASP A 5 52.76 -29.57 20.95
C ASP A 5 52.81 -28.26 20.16
N TYR A 6 53.91 -28.08 19.43
CA TYR A 6 54.08 -26.90 18.58
C TYR A 6 52.90 -26.78 17.61
N ASN A 7 52.54 -27.91 17.02
CA ASN A 7 51.46 -27.94 16.03
C ASN A 7 50.14 -27.50 16.64
N ASP A 8 49.62 -28.29 17.59
CA ASP A 8 48.30 -27.98 18.16
C ASP A 8 48.31 -26.58 18.77
N ALA A 9 49.30 -26.30 19.62
CA ALA A 9 49.38 -25.02 20.31
C ALA A 9 49.41 -23.85 19.32
N ASP A 10 50.48 -23.77 18.53
CA ASP A 10 50.72 -22.63 17.65
C ASP A 10 49.74 -22.63 16.47
N MET A 11 49.69 -23.75 15.75
CA MET A 11 48.89 -23.84 14.53
C MET A 11 47.41 -23.60 14.84
N ALA A 12 46.91 -24.18 15.95
CA ALA A 12 45.53 -23.97 16.31
C ALA A 12 45.32 -22.54 16.79
N ARG A 13 46.23 -22.04 17.63
CA ARG A 13 46.12 -20.67 18.14
C ARG A 13 45.99 -19.68 16.99
N LEU A 14 46.62 -20.01 15.85
CA LEU A 14 46.50 -19.19 14.65
C LEU A 14 45.19 -19.46 13.91
N LEU A 15 44.83 -20.74 13.77
CA LEU A 15 43.61 -21.13 13.06
C LEU A 15 42.47 -21.45 14.04
N GLU A 16 42.56 -20.85 15.23
CA GLU A 16 41.65 -21.15 16.35
C GLU A 16 40.19 -21.18 15.90
N GLN A 17 39.73 -20.13 15.23
CA GLN A 17 38.34 -20.03 14.79
C GLN A 17 37.92 -21.25 13.98
N TRP A 18 38.66 -21.50 12.91
CA TRP A 18 38.34 -22.57 11.97
C TRP A 18 38.40 -23.93 12.66
N GLU A 19 39.40 -24.10 13.53
CA GLU A 19 39.62 -25.38 14.22
C GLU A 19 38.55 -25.64 15.28
N LYS A 20 38.22 -24.62 16.07
CA LYS A 20 37.23 -24.77 17.14
C LYS A 20 35.86 -25.11 16.55
N ASP A 21 35.46 -24.37 15.52
CA ASP A 21 34.17 -24.61 14.87
C ASP A 21 34.16 -25.96 14.16
N ASP A 22 35.23 -26.26 13.44
CA ASP A 22 35.35 -27.54 12.74
C ASP A 22 35.26 -28.70 13.73
N ASP A 23 35.88 -28.53 14.90
CA ASP A 23 35.86 -29.55 15.95
C ASP A 23 34.45 -29.72 16.52
N ILE A 24 33.76 -28.60 16.72
CA ILE A 24 32.37 -28.62 17.23
C ILE A 24 31.47 -29.40 16.27
N GLU A 25 31.69 -29.18 14.98
CA GLU A 25 30.91 -29.86 13.94
C GLU A 25 31.47 -31.25 13.67
N GLU A 26 32.74 -31.44 14.04
CA GLU A 26 33.44 -32.72 13.90
C GLU A 26 33.58 -33.10 12.43
N GLY A 27 33.44 -32.11 11.56
CA GLY A 27 33.55 -32.33 10.13
C GLY A 27 32.40 -33.15 9.57
N ASP A 28 31.27 -33.18 10.29
CA ASP A 28 30.08 -33.86 9.80
C ASP A 28 29.37 -32.96 8.79
N LEU A 29 29.76 -33.11 7.53
CA LEU A 29 29.24 -32.27 6.45
C LEU A 29 27.83 -32.74 6.05
N PRO A 30 26.89 -31.78 5.85
CA PRO A 30 25.53 -32.09 5.38
C PRO A 30 25.53 -32.64 3.95
N GLU A 31 25.94 -33.89 3.81
CA GLU A 31 25.96 -34.55 2.50
C GLU A 31 24.61 -35.20 2.22
N HIS A 32 23.81 -35.31 3.27
CA HIS A 32 22.48 -35.88 3.17
C HIS A 32 21.45 -34.76 3.04
N LYS A 33 20.52 -34.92 2.11
CA LYS A 33 19.53 -33.88 1.81
C LYS A 33 18.50 -33.73 2.94
N ARG A 34 18.17 -32.49 3.26
CA ARG A 34 17.11 -32.19 4.22
C ARG A 34 15.74 -32.59 3.64
N PRO A 35 15.08 -33.59 4.26
CA PRO A 35 13.83 -34.17 3.73
C PRO A 35 12.57 -33.37 4.07
N SER A 36 12.73 -32.24 4.76
CA SER A 36 11.60 -31.47 5.25
C SER A 36 10.80 -30.84 4.10
N ALA A 37 9.59 -31.34 3.90
CA ALA A 37 8.69 -30.84 2.85
C ALA A 37 7.82 -29.66 3.34
N PRO A 38 7.17 -29.77 4.53
CA PRO A 38 6.28 -28.71 5.05
C PRO A 38 7.06 -27.52 5.64
N ILE A 39 8.05 -27.04 4.89
CA ILE A 39 8.90 -25.94 5.32
C ILE A 39 8.08 -24.71 5.73
N ASP A 40 6.88 -24.58 5.15
CA ASP A 40 5.95 -23.50 5.50
C ASP A 40 5.78 -23.40 7.02
N PHE A 41 5.27 -24.49 7.61
CA PHE A 41 4.99 -24.53 9.04
C PHE A 41 6.28 -24.31 9.84
N SER A 42 7.38 -24.86 9.32
CA SER A 42 8.69 -24.74 9.96
C SER A 42 9.16 -23.28 9.99
N LYS A 43 8.79 -22.51 8.97
CA LYS A 43 9.19 -21.11 8.87
C LYS A 43 8.29 -20.23 9.73
N LEU A 44 7.00 -20.60 9.79
CA LEU A 44 6.06 -19.91 10.67
C LEU A 44 6.36 -20.26 12.13
N ASP A 45 7.02 -21.40 12.32
CA ASP A 45 7.52 -21.83 13.63
C ASP A 45 6.37 -22.04 14.62
N PRO A 46 5.83 -23.27 14.68
CA PRO A 46 4.66 -23.57 15.53
C PRO A 46 5.03 -23.60 17.01
N GLY A 47 4.07 -23.21 17.86
CA GLY A 47 4.29 -23.18 19.29
C GLY A 47 4.41 -21.78 19.82
N LYS A 48 4.42 -20.81 18.91
CA LYS A 48 4.54 -19.40 19.28
C LYS A 48 3.14 -18.76 19.29
N PRO A 49 2.66 -18.32 20.47
CA PRO A 49 1.30 -17.78 20.63
C PRO A 49 1.08 -16.49 19.83
N GLU A 50 1.56 -15.36 20.38
CA GLU A 50 1.36 -14.06 19.76
C GLU A 50 2.64 -13.56 19.09
N SER A 51 3.70 -14.37 19.17
CA SER A 51 4.99 -14.00 18.62
C SER A 51 4.89 -13.60 17.16
N ILE A 52 4.09 -14.35 16.40
CA ILE A 52 3.91 -14.09 14.97
C ILE A 52 3.26 -12.73 14.74
N LEU A 53 2.33 -12.35 15.62
CA LEU A 53 1.63 -11.08 15.52
C LEU A 53 2.55 -9.94 15.97
N LYS A 54 3.47 -10.28 16.87
CA LYS A 54 4.42 -9.31 17.42
C LYS A 54 5.58 -9.08 16.45
N MET A 55 5.91 -10.11 15.66
CA MET A 55 7.02 -10.02 14.71
C MET A 55 6.53 -9.62 13.32
N THR A 56 5.25 -9.85 13.04
CA THR A 56 4.64 -9.46 11.78
C THR A 56 3.66 -8.30 12.00
N LYS A 57 4.07 -7.10 11.60
CA LYS A 57 3.23 -5.92 11.78
C LYS A 57 2.81 -5.35 10.43
N LYS A 58 1.50 -5.23 10.23
CA LYS A 58 0.97 -4.57 9.04
C LYS A 58 0.94 -3.06 9.25
N GLY A 59 0.88 -2.31 8.17
CA GLY A 59 0.99 -0.85 8.25
C GLY A 59 2.28 -0.39 7.60
N LYS A 60 2.41 -0.69 6.32
CA LYS A 60 3.63 -0.42 5.58
C LYS A 60 3.59 0.99 4.98
N THR A 61 4.75 1.63 4.95
CA THR A 61 4.85 3.03 4.58
C THR A 61 5.06 3.21 3.07
N LEU A 62 5.02 2.10 2.32
CA LEU A 62 5.27 2.14 0.88
C LEU A 62 3.96 2.05 0.10
N MET A 63 3.57 3.15 -0.53
CA MET A 63 2.39 3.18 -1.39
C MET A 63 2.75 3.79 -2.75
N MET A 64 1.99 3.39 -3.77
CA MET A 64 2.19 3.86 -5.14
C MET A 64 0.87 4.41 -5.71
N PHE A 65 0.89 5.65 -6.14
CA PHE A 65 -0.24 6.26 -6.83
C PHE A 65 -0.07 6.07 -8.33
N VAL A 66 -0.78 5.08 -8.89
CA VAL A 66 -0.68 4.75 -10.30
C VAL A 66 -1.72 5.52 -11.11
N THR A 67 -1.28 6.59 -11.76
CA THR A 67 -2.18 7.40 -12.57
C THR A 67 -2.32 6.79 -13.97
N VAL A 68 -3.45 6.12 -14.18
CA VAL A 68 -3.68 5.35 -15.40
C VAL A 68 -4.59 6.10 -16.36
N SER A 69 -5.73 6.55 -15.83
CA SER A 69 -6.79 7.10 -16.65
C SER A 69 -6.37 8.39 -17.34
N GLY A 70 -6.27 9.47 -16.57
CA GLY A 70 -6.05 10.78 -17.15
C GLY A 70 -7.29 11.30 -17.86
N ASN A 71 -8.38 10.54 -17.76
CA ASN A 71 -9.67 10.91 -18.34
C ASN A 71 -10.75 10.85 -17.26
N PRO A 72 -11.89 11.55 -17.45
CA PRO A 72 -12.89 11.76 -16.38
C PRO A 72 -13.61 10.49 -15.93
N THR A 73 -13.59 9.44 -16.75
CA THR A 73 -14.40 8.25 -16.47
C THR A 73 -13.66 7.30 -15.54
N GLU A 74 -14.38 6.29 -15.03
CA GLU A 74 -13.80 5.34 -14.06
C GLU A 74 -13.46 3.99 -14.68
N LYS A 75 -14.24 3.58 -15.69
CA LYS A 75 -14.18 2.21 -16.22
C LYS A 75 -12.76 1.79 -16.59
N GLU A 76 -12.00 2.68 -17.22
CA GLU A 76 -10.67 2.35 -17.71
C GLU A 76 -9.75 1.90 -16.56
N THR A 77 -9.72 2.68 -15.48
CA THR A 77 -8.89 2.38 -14.33
C THR A 77 -9.51 1.23 -13.53
N GLU A 78 -10.84 1.20 -13.46
CA GLU A 78 -11.56 0.14 -12.76
C GLU A 78 -11.15 -1.22 -13.36
N GLU A 79 -11.26 -1.32 -14.68
CA GLU A 79 -10.94 -2.55 -15.39
C GLU A 79 -9.46 -2.91 -15.21
N ILE A 80 -8.57 -1.98 -15.52
CA ILE A 80 -7.12 -2.26 -15.46
C ILE A 80 -6.71 -2.66 -14.04
N THR A 81 -7.30 -2.02 -13.03
CA THR A 81 -7.01 -2.33 -11.64
C THR A 81 -7.55 -3.72 -11.27
N SER A 82 -8.70 -4.08 -11.84
CA SER A 82 -9.27 -5.40 -11.63
C SER A 82 -8.36 -6.49 -12.22
N LEU A 83 -7.76 -6.19 -13.37
CA LEU A 83 -6.78 -7.09 -13.99
C LEU A 83 -5.57 -7.25 -13.07
N TRP A 84 -5.05 -6.13 -12.57
CA TRP A 84 -3.95 -6.15 -11.63
C TRP A 84 -4.34 -6.90 -10.35
N GLN A 85 -5.60 -6.72 -9.94
CA GLN A 85 -6.14 -7.39 -8.76
C GLN A 85 -6.00 -8.90 -8.91
N GLY A 86 -6.50 -9.42 -10.03
CA GLY A 86 -6.41 -10.84 -10.30
C GLY A 86 -4.99 -11.32 -10.41
N SER A 87 -4.15 -10.56 -11.12
CA SER A 87 -2.77 -10.96 -11.41
C SER A 87 -1.92 -11.01 -10.14
N LEU A 88 -1.82 -9.88 -9.44
CA LEU A 88 -0.93 -9.77 -8.28
C LEU A 88 -1.29 -10.78 -7.20
N PHE A 89 -2.59 -11.07 -7.07
CA PHE A 89 -3.07 -11.95 -6.00
C PHE A 89 -3.07 -13.41 -6.42
N ASN A 90 -3.09 -13.69 -7.73
CA ASN A 90 -3.02 -15.08 -8.21
C ASN A 90 -1.60 -15.60 -8.08
N ALA A 91 -0.65 -14.66 -8.09
CA ALA A 91 0.76 -14.98 -7.84
C ALA A 91 1.07 -14.85 -6.33
N ASN A 92 0.02 -14.51 -5.57
CA ASN A 92 0.09 -14.40 -4.12
C ASN A 92 1.07 -13.32 -3.66
N TYR A 93 0.78 -12.07 -4.00
CA TYR A 93 1.51 -10.94 -3.45
C TYR A 93 0.60 -10.18 -2.49
N ASP A 94 0.94 -10.22 -1.20
CA ASP A 94 0.14 -9.55 -0.18
C ASP A 94 0.25 -8.03 -0.34
N VAL A 95 -0.57 -7.48 -1.22
CA VAL A 95 -0.61 -6.05 -1.48
C VAL A 95 -2.04 -5.54 -1.38
N GLN A 96 -2.24 -4.26 -1.68
CA GLN A 96 -3.56 -3.65 -1.65
C GLN A 96 -3.74 -2.71 -2.84
N ARG A 97 -4.98 -2.45 -3.22
CA ARG A 97 -5.29 -1.57 -4.32
C ARG A 97 -6.70 -1.00 -4.18
N PHE A 98 -6.83 0.30 -4.40
CA PHE A 98 -8.12 0.99 -4.36
C PHE A 98 -8.18 2.03 -5.46
N ILE A 99 -9.38 2.40 -5.88
CA ILE A 99 -9.55 3.45 -6.89
C ILE A 99 -10.23 4.66 -6.26
N VAL A 100 -9.41 5.63 -5.85
CA VAL A 100 -9.90 6.89 -5.29
C VAL A 100 -9.52 8.03 -6.23
N GLY A 101 -10.49 8.54 -6.96
CA GLY A 101 -10.19 9.45 -8.05
C GLY A 101 -9.78 8.68 -9.28
N SER A 102 -10.71 8.49 -10.21
CA SER A 102 -10.56 7.56 -11.33
C SER A 102 -9.25 7.75 -12.09
N ASP A 103 -8.61 8.91 -11.96
CA ASP A 103 -7.35 9.18 -12.64
C ASP A 103 -6.26 8.19 -12.19
N ARG A 104 -6.23 7.89 -10.88
CA ARG A 104 -5.18 7.06 -10.31
C ARG A 104 -5.75 5.96 -9.41
N ALA A 105 -5.13 4.80 -9.47
CA ALA A 105 -5.40 3.72 -8.54
C ALA A 105 -4.27 3.62 -7.53
N ILE A 106 -4.61 3.61 -6.24
CA ILE A 106 -3.61 3.59 -5.18
C ILE A 106 -3.29 2.15 -4.76
N PHE A 107 -2.04 1.76 -4.98
CA PHE A 107 -1.54 0.44 -4.58
C PHE A 107 -0.69 0.54 -3.32
N MET A 108 -1.00 -0.27 -2.33
CA MET A 108 -0.25 -0.32 -1.09
C MET A 108 0.63 -1.57 -1.08
N LEU A 109 1.92 -1.39 -0.83
CA LEU A 109 2.89 -2.48 -0.90
C LEU A 109 3.46 -2.78 0.49
N ARG A 110 4.17 -3.91 0.60
CA ARG A 110 4.78 -4.31 1.85
C ARG A 110 6.25 -3.89 1.91
N ASP A 111 7.01 -4.33 0.92
CA ASP A 111 8.46 -4.18 0.94
C ASP A 111 8.93 -3.43 -0.29
N GLY A 112 10.07 -2.75 -0.15
CA GLY A 112 10.67 -2.06 -1.28
C GLY A 112 11.30 -3.02 -2.26
N SER A 113 11.31 -4.30 -1.90
CA SER A 113 11.88 -5.35 -2.73
C SER A 113 11.09 -5.51 -4.03
N TYR A 114 9.89 -6.09 -3.93
CA TYR A 114 9.08 -6.36 -5.12
C TYR A 114 8.55 -5.06 -5.71
N ALA A 115 8.68 -3.97 -4.96
CA ALA A 115 8.23 -2.65 -5.43
C ALA A 115 8.81 -2.35 -6.81
N TRP A 116 10.05 -2.73 -7.01
CA TRP A 116 10.73 -2.48 -8.27
C TRP A 116 10.17 -3.38 -9.39
N GLU A 117 9.91 -4.64 -9.04
CA GLU A 117 9.37 -5.60 -9.98
C GLU A 117 7.91 -5.28 -10.32
N ILE A 118 7.18 -4.67 -9.37
CA ILE A 118 5.80 -4.29 -9.64
C ILE A 118 5.77 -3.03 -10.50
N LYS A 119 6.78 -2.15 -10.36
CA LYS A 119 6.96 -1.06 -11.33
C LYS A 119 7.05 -1.67 -12.71
N ASP A 120 8.00 -2.58 -12.87
CA ASP A 120 8.24 -3.27 -14.15
C ASP A 120 6.96 -3.94 -14.64
N PHE A 121 6.22 -4.53 -13.71
CA PHE A 121 4.95 -5.19 -14.00
C PHE A 121 3.97 -4.19 -14.62
N LEU A 122 3.87 -3.00 -14.01
CA LEU A 122 3.04 -1.93 -14.55
C LEU A 122 3.55 -1.49 -15.92
N VAL A 123 4.87 -1.43 -16.05
CA VAL A 123 5.53 -1.08 -17.31
C VAL A 123 5.24 -2.13 -18.39
N SER A 124 4.94 -3.35 -17.95
CA SER A 124 4.60 -4.44 -18.87
C SER A 124 3.18 -4.29 -19.42
N GLN A 125 2.46 -3.25 -18.99
CA GLN A 125 1.10 -3.01 -19.45
C GLN A 125 1.08 -2.33 -20.82
N ASP A 126 0.07 -2.69 -21.61
CA ASP A 126 -0.13 -2.18 -22.97
C ASP A 126 -0.03 -0.65 -23.05
N ARG A 127 -0.64 0.02 -22.07
CA ARG A 127 -0.83 1.47 -22.16
C ARG A 127 0.18 2.24 -21.30
N CYS A 128 1.16 1.52 -20.73
CA CYS A 128 2.25 2.12 -19.95
C CYS A 128 1.72 2.80 -18.67
N ALA A 129 1.07 3.95 -18.81
CA ALA A 129 0.59 4.75 -17.69
C ALA A 129 1.75 5.39 -16.91
N GLU A 130 1.44 5.96 -15.76
CA GLU A 130 2.45 6.60 -14.91
C GLU A 130 2.20 6.25 -13.45
N VAL A 131 3.27 6.15 -12.66
CA VAL A 131 3.17 5.79 -11.26
C VAL A 131 4.14 6.61 -10.40
N THR A 132 3.66 7.03 -9.24
CA THR A 132 4.48 7.70 -8.24
C THR A 132 4.40 6.92 -6.93
N LEU A 133 5.44 7.00 -6.11
CA LEU A 133 5.48 6.24 -4.86
C LEU A 133 6.10 7.05 -3.73
N GLU A 134 5.98 6.52 -2.51
CA GLU A 134 6.67 7.09 -1.36
C GLU A 134 8.19 7.06 -1.60
N GLY A 135 8.87 8.12 -1.18
CA GLY A 135 10.29 8.26 -1.48
C GLY A 135 10.50 9.09 -2.73
N GLN A 136 9.55 10.00 -2.99
CA GLN A 136 9.54 10.84 -4.19
C GLN A 136 9.33 10.00 -5.43
N MET A 137 10.31 9.15 -5.76
CA MET A 137 10.19 8.20 -6.86
C MET A 137 11.29 7.16 -6.75
N TYR A 138 12.53 7.64 -6.60
CA TYR A 138 13.68 6.77 -6.38
C TYR A 138 14.19 6.94 -4.95
N PRO A 139 14.71 5.86 -4.32
CA PRO A 139 15.16 5.90 -2.93
C PRO A 139 16.39 6.80 -2.73
N GLY A 140 16.66 7.15 -1.48
CA GLY A 140 17.81 7.98 -1.16
C GLY A 140 19.13 7.27 -1.38
N LYS A 141 20.22 7.92 -1.00
CA LYS A 141 21.55 7.35 -1.18
C LYS A 141 21.97 6.59 0.08
N GLY A 1 -23.05 -27.49 -16.32
CA GLY A 1 -24.08 -28.47 -15.91
C GLY A 1 -24.92 -27.96 -14.75
N ASP A 2 -26.15 -27.54 -15.04
CA ASP A 2 -27.07 -27.06 -14.02
C ASP A 2 -28.19 -28.06 -13.83
N ILE A 3 -28.66 -28.60 -14.95
CA ILE A 3 -29.71 -29.60 -14.96
C ILE A 3 -29.27 -30.86 -14.21
N ARG A 4 -29.94 -31.17 -13.11
CA ARG A 4 -29.68 -32.41 -12.37
C ARG A 4 -30.86 -33.35 -12.50
N ASP A 5 -32.07 -32.81 -12.35
CA ASP A 5 -33.30 -33.60 -12.43
C ASP A 5 -33.45 -34.22 -13.81
N TYR A 6 -33.24 -33.41 -14.85
CA TYR A 6 -33.34 -33.89 -16.22
C TYR A 6 -32.34 -35.01 -16.47
N ASN A 7 -31.09 -34.78 -16.07
CA ASN A 7 -30.04 -35.77 -16.25
C ASN A 7 -30.43 -37.08 -15.60
N ASP A 8 -30.54 -37.07 -14.27
CA ASP A 8 -30.89 -38.28 -13.53
C ASP A 8 -32.17 -38.90 -14.09
N ALA A 9 -33.30 -38.22 -13.90
CA ALA A 9 -34.60 -38.77 -14.28
C ALA A 9 -34.65 -39.14 -15.77
N ASP A 10 -34.54 -38.14 -16.63
CA ASP A 10 -34.73 -38.33 -18.06
C ASP A 10 -33.62 -39.18 -18.66
N MET A 11 -32.37 -38.76 -18.46
CA MET A 11 -31.25 -39.42 -19.14
C MET A 11 -31.10 -40.86 -18.66
N ALA A 12 -31.39 -41.12 -17.38
CA ALA A 12 -31.41 -42.48 -16.89
C ALA A 12 -32.49 -43.26 -17.64
N ARG A 13 -33.72 -42.77 -17.60
CA ARG A 13 -34.82 -43.46 -18.28
C ARG A 13 -34.61 -43.52 -19.80
N LEU A 14 -33.64 -42.77 -20.30
CA LEU A 14 -33.24 -42.88 -21.71
C LEU A 14 -32.24 -44.03 -21.90
N LEU A 15 -31.29 -44.18 -20.98
CA LEU A 15 -30.28 -45.23 -21.07
C LEU A 15 -30.22 -46.07 -19.78
N GLU A 16 -31.40 -46.31 -19.21
CA GLU A 16 -31.55 -47.03 -17.94
C GLU A 16 -30.78 -48.35 -17.90
N GLN A 17 -30.37 -48.86 -19.05
CA GLN A 17 -29.50 -50.04 -19.08
C GLN A 17 -28.23 -49.77 -18.27
N TRP A 18 -27.59 -48.63 -18.54
CA TRP A 18 -26.38 -48.23 -17.81
C TRP A 18 -26.69 -48.02 -16.34
N GLU A 19 -27.84 -47.39 -16.07
CA GLU A 19 -28.30 -47.18 -14.71
C GLU A 19 -28.38 -48.51 -13.97
N LYS A 20 -28.94 -49.51 -14.66
CA LYS A 20 -29.16 -50.82 -14.09
C LYS A 20 -27.83 -51.57 -13.95
N ASP A 21 -26.91 -51.36 -14.90
CA ASP A 21 -25.58 -51.95 -14.81
C ASP A 21 -24.92 -51.52 -13.51
N ASP A 22 -24.86 -50.22 -13.28
CA ASP A 22 -24.26 -49.68 -12.06
C ASP A 22 -25.16 -49.90 -10.86
N ASP A 23 -26.45 -50.10 -11.07
CA ASP A 23 -27.38 -50.33 -9.97
C ASP A 23 -27.17 -51.72 -9.37
N ILE A 24 -27.02 -52.71 -10.25
CA ILE A 24 -26.81 -54.09 -9.83
C ILE A 24 -25.37 -54.30 -9.37
N GLU A 25 -24.42 -53.93 -10.23
CA GLU A 25 -23.00 -54.12 -9.93
C GLU A 25 -22.48 -53.06 -8.96
N GLU A 26 -23.26 -51.99 -8.81
CA GLU A 26 -23.03 -50.97 -7.78
C GLU A 26 -21.68 -50.28 -7.93
N GLY A 27 -21.62 -49.35 -8.88
CA GLY A 27 -20.46 -48.49 -9.05
C GLY A 27 -19.15 -49.24 -9.27
N ASP A 28 -18.86 -49.55 -10.53
CA ASP A 28 -17.58 -50.19 -10.88
C ASP A 28 -16.48 -49.14 -10.94
N LEU A 29 -15.36 -49.43 -10.27
CA LEU A 29 -14.21 -48.53 -10.25
C LEU A 29 -13.58 -48.46 -11.65
N PRO A 30 -13.49 -47.25 -12.24
CA PRO A 30 -12.86 -47.05 -13.55
C PRO A 30 -11.36 -47.32 -13.51
N GLU A 31 -10.76 -47.45 -14.69
CA GLU A 31 -9.32 -47.74 -14.80
C GLU A 31 -8.49 -46.50 -14.52
N HIS A 32 -9.14 -45.40 -14.16
CA HIS A 32 -8.46 -44.16 -13.85
C HIS A 32 -8.31 -44.00 -12.34
N LYS A 33 -7.11 -44.22 -11.84
CA LYS A 33 -6.81 -44.10 -10.43
C LYS A 33 -5.72 -43.05 -10.25
N ARG A 34 -5.97 -42.06 -9.39
CA ARG A 34 -5.03 -40.97 -9.19
C ARG A 34 -3.88 -41.43 -8.29
N PRO A 35 -2.64 -41.42 -8.81
CA PRO A 35 -1.45 -41.75 -8.03
C PRO A 35 -1.05 -40.61 -7.09
N SER A 36 -1.71 -39.47 -7.28
CA SER A 36 -1.43 -38.27 -6.49
C SER A 36 -2.70 -37.77 -5.79
N ALA A 37 -2.75 -37.91 -4.48
CA ALA A 37 -3.88 -37.45 -3.68
C ALA A 37 -3.62 -36.07 -3.03
N PRO A 38 -2.49 -35.90 -2.29
CA PRO A 38 -2.21 -34.66 -1.56
C PRO A 38 -1.59 -33.56 -2.45
N ILE A 39 -2.13 -33.42 -3.66
CA ILE A 39 -1.63 -32.42 -4.61
C ILE A 39 -1.70 -31.00 -4.03
N ASP A 40 -2.87 -30.66 -3.49
CA ASP A 40 -3.10 -29.34 -2.90
C ASP A 40 -2.10 -29.06 -1.79
N PHE A 41 -1.90 -30.06 -0.94
CA PHE A 41 -0.97 -29.97 0.18
C PHE A 41 0.46 -29.80 -0.33
N SER A 42 0.79 -30.48 -1.42
CA SER A 42 2.13 -30.42 -1.99
C SER A 42 2.36 -29.08 -2.68
N LYS A 43 1.29 -28.48 -3.18
CA LYS A 43 1.36 -27.21 -3.90
C LYS A 43 1.57 -26.05 -2.92
N LEU A 44 0.70 -25.95 -1.91
CA LEU A 44 0.76 -24.86 -0.94
C LEU A 44 1.82 -25.13 0.13
N ASP A 45 2.04 -26.40 0.43
CA ASP A 45 2.94 -26.81 1.52
C ASP A 45 2.56 -26.10 2.83
N PRO A 46 1.48 -26.57 3.49
CA PRO A 46 1.01 -25.98 4.75
C PRO A 46 1.90 -26.38 5.93
N GLY A 47 2.04 -25.48 6.89
CA GLY A 47 2.85 -25.75 8.07
C GLY A 47 4.17 -25.01 8.05
N LYS A 48 4.41 -24.23 7.00
CA LYS A 48 5.63 -23.44 6.89
C LYS A 48 5.62 -22.32 7.93
N PRO A 49 6.81 -21.93 8.45
CA PRO A 49 6.94 -20.89 9.49
C PRO A 49 6.19 -19.61 9.14
N GLU A 50 5.59 -18.97 10.15
CA GLU A 50 4.84 -17.73 9.96
C GLU A 50 5.76 -16.52 10.08
N SER A 51 7.07 -16.75 9.99
CA SER A 51 8.06 -15.70 10.16
C SER A 51 7.78 -14.49 9.27
N ILE A 52 7.64 -14.73 7.97
CA ILE A 52 7.38 -13.65 7.01
C ILE A 52 6.04 -12.98 7.31
N LEU A 53 5.07 -13.77 7.76
CA LEU A 53 3.73 -13.26 8.06
C LEU A 53 3.83 -12.25 9.22
N LYS A 54 4.53 -12.65 10.27
CA LYS A 54 4.72 -11.79 11.44
C LYS A 54 5.65 -10.61 11.11
N MET A 55 6.53 -10.82 10.14
CA MET A 55 7.51 -9.79 9.75
C MET A 55 6.88 -8.75 8.81
N THR A 56 5.79 -9.13 8.15
CA THR A 56 5.09 -8.21 7.25
C THR A 56 3.86 -7.60 7.95
N LYS A 57 4.02 -6.37 8.44
CA LYS A 57 2.92 -5.66 9.10
C LYS A 57 2.32 -4.63 8.13
N LYS A 58 0.99 -4.52 8.12
CA LYS A 58 0.32 -3.52 7.30
C LYS A 58 0.70 -2.11 7.77
N GLY A 59 0.63 -1.14 6.86
CA GLY A 59 0.96 0.23 7.20
C GLY A 59 2.35 0.62 6.75
N LYS A 60 2.81 0.00 5.67
CA LYS A 60 4.10 0.32 5.07
C LYS A 60 3.97 1.59 4.22
N THR A 61 4.95 2.49 4.33
CA THR A 61 4.92 3.77 3.63
C THR A 61 5.23 3.62 2.13
N LEU A 62 5.27 2.37 1.65
CA LEU A 62 5.55 2.12 0.24
C LEU A 62 4.24 2.06 -0.54
N MET A 63 3.89 3.16 -1.20
CA MET A 63 2.65 3.26 -1.96
C MET A 63 2.94 3.74 -3.38
N MET A 64 2.11 3.31 -4.33
CA MET A 64 2.29 3.67 -5.73
C MET A 64 0.98 4.21 -6.31
N PHE A 65 1.00 5.45 -6.77
CA PHE A 65 -0.13 6.04 -7.47
C PHE A 65 0.01 5.78 -8.98
N VAL A 66 -0.73 4.81 -9.48
CA VAL A 66 -0.66 4.45 -10.89
C VAL A 66 -1.76 5.18 -11.67
N THR A 67 -1.38 6.25 -12.36
CA THR A 67 -2.32 7.00 -13.19
C THR A 67 -2.47 6.32 -14.55
N VAL A 68 -3.64 5.74 -14.78
CA VAL A 68 -3.87 4.92 -15.97
C VAL A 68 -4.66 5.67 -17.04
N SER A 69 -5.81 6.20 -16.64
CA SER A 69 -6.74 6.81 -17.57
C SER A 69 -6.32 8.22 -17.94
N GLY A 70 -6.23 9.07 -16.92
CA GLY A 70 -5.92 10.48 -17.14
C GLY A 70 -7.14 11.26 -17.57
N ASN A 71 -8.28 10.57 -17.62
CA ASN A 71 -9.56 11.17 -17.97
C ASN A 71 -10.61 10.85 -16.89
N PRO A 72 -11.78 11.50 -16.93
CA PRO A 72 -12.85 11.28 -15.94
C PRO A 72 -13.43 9.86 -15.99
N THR A 73 -13.19 9.17 -17.11
CA THR A 73 -13.69 7.82 -17.30
C THR A 73 -13.08 6.86 -16.27
N GLU A 74 -13.82 6.64 -15.18
CA GLU A 74 -13.39 5.76 -14.10
C GLU A 74 -13.30 4.32 -14.56
N LYS A 75 -13.91 4.05 -15.71
CA LYS A 75 -13.99 2.69 -16.25
C LYS A 75 -12.59 2.12 -16.49
N GLU A 76 -11.70 2.98 -16.98
CA GLU A 76 -10.35 2.55 -17.31
C GLU A 76 -9.60 2.08 -16.07
N THR A 77 -9.54 2.94 -15.04
CA THR A 77 -8.83 2.62 -13.82
C THR A 77 -9.48 1.43 -13.11
N GLU A 78 -10.81 1.37 -13.14
CA GLU A 78 -11.56 0.30 -12.49
C GLU A 78 -11.18 -1.06 -13.11
N GLU A 79 -11.28 -1.13 -14.43
CA GLU A 79 -11.01 -2.37 -15.17
C GLU A 79 -9.56 -2.81 -14.99
N ILE A 80 -8.63 -1.88 -15.19
CA ILE A 80 -7.21 -2.23 -15.13
C ILE A 80 -6.81 -2.65 -13.71
N THR A 81 -7.40 -1.98 -12.71
CA THR A 81 -7.11 -2.30 -11.31
C THR A 81 -7.63 -3.70 -10.96
N SER A 82 -8.83 -4.04 -11.43
CA SER A 82 -9.38 -5.38 -11.19
C SER A 82 -8.51 -6.46 -11.85
N LEU A 83 -8.06 -6.17 -13.08
CA LEU A 83 -7.14 -7.07 -13.79
C LEU A 83 -5.86 -7.28 -13.00
N TRP A 84 -5.29 -6.17 -12.51
CA TRP A 84 -4.07 -6.22 -11.72
C TRP A 84 -4.29 -6.96 -10.40
N GLN A 85 -5.43 -6.73 -9.76
CA GLN A 85 -5.77 -7.44 -8.52
C GLN A 85 -5.72 -8.94 -8.76
N GLY A 86 -6.34 -9.38 -9.84
CA GLY A 86 -6.29 -10.79 -10.19
C GLY A 86 -4.88 -11.29 -10.38
N SER A 87 -4.11 -10.56 -11.17
CA SER A 87 -2.75 -10.95 -11.53
C SER A 87 -1.82 -10.99 -10.29
N LEU A 88 -1.89 -9.95 -9.47
CA LEU A 88 -1.00 -9.81 -8.31
C LEU A 88 -1.21 -10.95 -7.31
N PHE A 89 -2.47 -11.20 -6.96
CA PHE A 89 -2.79 -12.26 -6.01
C PHE A 89 -2.62 -13.64 -6.65
N ASN A 90 -2.64 -13.68 -7.98
CA ASN A 90 -2.43 -14.92 -8.72
C ASN A 90 -0.95 -15.33 -8.64
N ALA A 91 -0.07 -14.34 -8.74
CA ALA A 91 1.37 -14.56 -8.55
C ALA A 91 1.72 -14.56 -7.06
N ASN A 92 0.69 -14.30 -6.25
CA ASN A 92 0.81 -14.25 -4.80
C ASN A 92 1.75 -13.12 -4.35
N TYR A 93 1.20 -11.91 -4.29
CA TYR A 93 1.92 -10.77 -3.75
C TYR A 93 1.18 -10.21 -2.54
N ASP A 94 1.92 -9.56 -1.65
CA ASP A 94 1.33 -8.94 -0.46
C ASP A 94 1.05 -7.47 -0.73
N VAL A 95 -0.05 -7.23 -1.44
CA VAL A 95 -0.40 -5.89 -1.91
C VAL A 95 -1.80 -5.49 -1.48
N GLN A 96 -1.97 -4.20 -1.22
CA GLN A 96 -3.29 -3.62 -0.98
C GLN A 96 -3.61 -2.67 -2.13
N ARG A 97 -4.89 -2.37 -2.32
CA ARG A 97 -5.33 -1.59 -3.48
C ARG A 97 -6.55 -0.75 -3.14
N PHE A 98 -6.56 0.49 -3.62
CA PHE A 98 -7.69 1.40 -3.41
C PHE A 98 -7.92 2.23 -4.67
N ILE A 99 -9.18 2.33 -5.10
CA ILE A 99 -9.53 3.13 -6.26
C ILE A 99 -10.10 4.48 -5.83
N VAL A 100 -9.31 5.53 -6.05
CA VAL A 100 -9.72 6.89 -5.70
C VAL A 100 -9.12 7.87 -6.73
N GLY A 101 -9.97 8.73 -7.28
CA GLY A 101 -9.53 9.59 -8.36
C GLY A 101 -9.49 8.83 -9.67
N SER A 102 -10.51 9.04 -10.51
CA SER A 102 -10.69 8.28 -11.75
C SER A 102 -9.42 8.19 -12.59
N ASP A 103 -8.51 9.14 -12.41
CA ASP A 103 -7.25 9.19 -13.16
C ASP A 103 -6.34 7.99 -12.81
N ARG A 104 -6.33 7.62 -11.54
CA ARG A 104 -5.33 6.68 -11.02
C ARG A 104 -5.92 5.63 -10.10
N ALA A 105 -5.05 4.75 -9.63
CA ALA A 105 -5.35 3.78 -8.60
C ALA A 105 -4.11 3.59 -7.74
N ILE A 106 -4.27 3.37 -6.44
CA ILE A 106 -3.13 3.29 -5.54
C ILE A 106 -2.91 1.87 -5.01
N PHE A 107 -1.65 1.42 -5.07
CA PHE A 107 -1.25 0.14 -4.50
C PHE A 107 -0.37 0.38 -3.27
N MET A 108 -0.52 -0.46 -2.26
CA MET A 108 0.27 -0.36 -1.04
C MET A 108 0.96 -1.69 -0.78
N LEU A 109 2.29 -1.67 -0.71
CA LEU A 109 3.06 -2.89 -0.48
C LEU A 109 3.26 -3.10 1.01
N ARG A 110 3.27 -4.37 1.45
CA ARG A 110 3.51 -4.70 2.84
C ARG A 110 5.00 -5.02 3.06
N ASP A 111 5.78 -4.84 2.00
CA ASP A 111 7.20 -5.18 1.99
C ASP A 111 8.01 -4.07 1.33
N GLY A 112 9.27 -4.37 1.01
CA GLY A 112 10.12 -3.45 0.28
C GLY A 112 11.10 -4.17 -0.61
N SER A 113 10.72 -5.36 -1.06
CA SER A 113 11.60 -6.22 -1.86
C SER A 113 11.24 -6.14 -3.35
N TYR A 114 10.09 -6.67 -3.74
CA TYR A 114 9.72 -6.78 -5.15
C TYR A 114 9.08 -5.48 -5.67
N ALA A 115 9.35 -4.38 -4.98
CA ALA A 115 8.79 -3.07 -5.32
C ALA A 115 9.04 -2.72 -6.79
N TRP A 116 10.28 -2.90 -7.24
CA TRP A 116 10.65 -2.59 -8.61
C TRP A 116 10.04 -3.59 -9.60
N GLU A 117 9.80 -4.81 -9.13
CA GLU A 117 9.24 -5.85 -9.99
C GLU A 117 7.76 -5.57 -10.26
N ILE A 118 7.02 -5.22 -9.22
CA ILE A 118 5.60 -4.86 -9.38
C ILE A 118 5.49 -3.54 -10.14
N LYS A 119 6.38 -2.59 -9.84
CA LYS A 119 6.42 -1.31 -10.53
C LYS A 119 6.59 -1.55 -12.04
N ASP A 120 7.53 -2.42 -12.39
CA ASP A 120 7.77 -2.79 -13.77
C ASP A 120 6.53 -3.44 -14.37
N PHE A 121 5.94 -4.36 -13.62
CA PHE A 121 4.73 -5.05 -14.05
C PHE A 121 3.62 -4.05 -14.39
N LEU A 122 3.51 -3.01 -13.58
CA LEU A 122 2.49 -1.98 -13.75
C LEU A 122 2.78 -1.12 -14.98
N VAL A 123 4.04 -0.70 -15.14
CA VAL A 123 4.41 0.16 -16.27
C VAL A 123 4.45 -0.62 -17.58
N SER A 124 4.65 -1.94 -17.48
CA SER A 124 4.64 -2.80 -18.66
C SER A 124 3.23 -2.90 -19.23
N GLN A 125 2.27 -2.27 -18.54
CA GLN A 125 0.90 -2.19 -19.03
C GLN A 125 0.87 -1.48 -20.38
N ASP A 126 0.11 -2.04 -21.32
CA ASP A 126 0.02 -1.52 -22.69
C ASP A 126 -0.37 -0.05 -22.71
N ARG A 127 -1.13 0.38 -21.70
CA ARG A 127 -1.61 1.76 -21.62
C ARG A 127 -0.49 2.73 -21.23
N CYS A 128 0.70 2.20 -20.93
CA CYS A 128 1.86 3.02 -20.58
C CYS A 128 1.55 3.86 -19.33
N ALA A 129 0.80 3.28 -18.40
CA ALA A 129 0.36 3.97 -17.19
C ALA A 129 1.55 4.49 -16.38
N GLU A 130 1.50 5.76 -16.00
CA GLU A 130 2.55 6.37 -15.21
C GLU A 130 2.41 6.01 -13.73
N VAL A 131 3.41 5.34 -13.19
CA VAL A 131 3.41 4.90 -11.80
C VAL A 131 4.27 5.84 -10.96
N THR A 132 3.62 6.72 -10.21
CA THR A 132 4.30 7.66 -9.35
C THR A 132 4.33 7.13 -7.92
N LEU A 133 5.48 7.26 -7.26
CA LEU A 133 5.63 6.74 -5.91
C LEU A 133 5.16 7.77 -4.88
N GLU A 134 4.74 7.29 -3.71
CA GLU A 134 4.27 8.17 -2.65
C GLU A 134 5.44 8.97 -2.08
N GLY A 135 5.72 10.11 -2.69
CA GLY A 135 6.81 10.96 -2.24
C GLY A 135 8.15 10.52 -2.80
N GLN A 136 9.19 11.32 -2.55
CA GLN A 136 10.54 10.99 -2.98
C GLN A 136 11.07 9.81 -2.16
N MET A 137 10.61 8.62 -2.50
CA MET A 137 10.92 7.41 -1.73
C MET A 137 12.26 6.81 -2.15
N TYR A 138 12.52 6.72 -3.46
CA TYR A 138 13.78 6.18 -3.95
C TYR A 138 14.33 7.00 -5.14
N PRO A 139 13.58 7.11 -6.27
CA PRO A 139 14.06 7.80 -7.47
C PRO A 139 13.63 9.27 -7.53
N GLY A 140 13.08 9.76 -6.44
CA GLY A 140 12.55 11.11 -6.44
C GLY A 140 11.07 11.14 -6.76
N LYS A 141 10.51 12.35 -6.85
CA LYS A 141 9.09 12.54 -7.18
C LYS A 141 8.83 14.02 -7.43
N GLY A 1 -56.93 -8.41 47.08
CA GLY A 1 -55.73 -7.75 46.49
C GLY A 1 -54.90 -8.72 45.66
N ASP A 2 -55.32 -8.93 44.41
CA ASP A 2 -54.60 -9.82 43.50
C ASP A 2 -53.36 -9.12 42.94
N ILE A 3 -52.42 -8.81 43.83
CA ILE A 3 -51.21 -8.10 43.44
C ILE A 3 -50.26 -9.04 42.71
N ARG A 4 -50.38 -10.34 43.00
CA ARG A 4 -49.59 -11.36 42.31
C ARG A 4 -49.80 -11.28 40.81
N ASP A 5 -51.07 -11.26 40.41
CA ASP A 5 -51.45 -11.18 39.00
C ASP A 5 -50.89 -9.91 38.36
N TYR A 6 -50.96 -8.80 39.11
CA TYR A 6 -50.44 -7.53 38.63
C TYR A 6 -48.95 -7.62 38.33
N ASN A 7 -48.19 -8.15 39.30
CA ASN A 7 -46.74 -8.27 39.15
C ASN A 7 -46.42 -9.22 38.00
N ASP A 8 -47.01 -10.40 38.05
CA ASP A 8 -46.82 -11.41 37.01
C ASP A 8 -47.11 -10.82 35.64
N ALA A 9 -48.39 -10.55 35.36
CA ALA A 9 -48.79 -10.01 34.07
C ALA A 9 -47.95 -8.78 33.71
N ASP A 10 -48.18 -7.69 34.42
CA ASP A 10 -47.54 -6.43 34.08
C ASP A 10 -46.02 -6.52 34.16
N MET A 11 -45.51 -6.73 35.38
CA MET A 11 -44.07 -6.59 35.63
C MET A 11 -43.28 -7.69 34.92
N ALA A 12 -43.77 -8.92 34.96
CA ALA A 12 -43.02 -10.04 34.40
C ALA A 12 -43.06 -10.00 32.87
N ARG A 13 -44.23 -9.77 32.29
CA ARG A 13 -44.35 -9.75 30.83
C ARG A 13 -43.62 -8.54 30.24
N LEU A 14 -43.44 -7.49 31.04
CA LEU A 14 -42.57 -6.38 30.64
C LEU A 14 -41.11 -6.82 30.68
N LEU A 15 -40.71 -7.44 31.79
CA LEU A 15 -39.31 -7.81 32.02
C LEU A 15 -38.91 -9.10 31.29
N GLU A 16 -39.89 -9.79 30.69
CA GLU A 16 -39.62 -11.02 29.93
C GLU A 16 -38.46 -10.81 28.95
N GLN A 17 -38.46 -9.66 28.28
CA GLN A 17 -37.40 -9.31 27.34
C GLN A 17 -36.05 -9.24 28.04
N TRP A 18 -36.04 -8.72 29.27
CA TRP A 18 -34.80 -8.52 30.01
C TRP A 18 -34.20 -9.85 30.44
N GLU A 19 -35.06 -10.76 30.93
CA GLU A 19 -34.61 -12.10 31.32
C GLU A 19 -34.19 -12.89 30.09
N LYS A 20 -34.89 -12.66 28.99
CA LYS A 20 -34.58 -13.35 27.73
C LYS A 20 -33.19 -12.94 27.23
N ASP A 21 -32.95 -11.63 27.20
CA ASP A 21 -31.67 -11.10 26.73
C ASP A 21 -30.54 -11.54 27.66
N ASP A 22 -30.83 -11.53 28.96
CA ASP A 22 -29.90 -12.02 29.98
C ASP A 22 -29.59 -13.49 29.74
N ASP A 23 -30.62 -14.23 29.34
CA ASP A 23 -30.51 -15.67 29.05
C ASP A 23 -29.70 -15.91 27.79
N ILE A 24 -29.80 -14.99 26.84
CA ILE A 24 -29.05 -15.07 25.58
C ILE A 24 -27.57 -14.77 25.82
N GLU A 25 -27.30 -13.81 26.71
CA GLU A 25 -25.92 -13.42 27.00
C GLU A 25 -25.25 -14.42 27.94
N GLU A 26 -25.74 -14.49 29.18
CA GLU A 26 -25.15 -15.35 30.19
C GLU A 26 -26.07 -16.52 30.51
N GLY A 27 -25.48 -17.72 30.59
CA GLY A 27 -26.23 -18.92 30.90
C GLY A 27 -26.75 -19.59 29.65
N ASP A 28 -25.93 -19.61 28.62
CA ASP A 28 -26.32 -20.21 27.34
C ASP A 28 -26.21 -21.73 27.42
N LEU A 29 -26.87 -22.41 26.49
CA LEU A 29 -26.85 -23.87 26.44
C LEU A 29 -26.00 -24.33 25.26
N PRO A 30 -24.83 -24.93 25.54
CA PRO A 30 -23.88 -25.34 24.48
C PRO A 30 -24.41 -26.51 23.65
N GLU A 31 -25.37 -26.24 22.79
CA GLU A 31 -25.87 -27.22 21.84
C GLU A 31 -24.87 -27.35 20.69
N HIS A 32 -24.33 -26.22 20.27
CA HIS A 32 -23.26 -26.17 19.28
C HIS A 32 -22.07 -25.41 19.86
N LYS A 33 -20.94 -26.11 19.98
CA LYS A 33 -19.75 -25.54 20.62
C LYS A 33 -18.78 -24.97 19.59
N ARG A 34 -17.95 -24.03 20.05
CA ARG A 34 -16.87 -23.46 19.25
C ARG A 34 -15.54 -23.90 19.86
N PRO A 35 -14.89 -24.93 19.29
CA PRO A 35 -13.70 -25.54 19.87
C PRO A 35 -12.43 -24.69 19.71
N SER A 36 -12.04 -24.42 18.47
CA SER A 36 -10.77 -23.78 18.18
C SER A 36 -10.91 -22.25 18.24
N ALA A 37 -10.33 -21.65 19.26
CA ALA A 37 -10.33 -20.20 19.42
C ALA A 37 -9.27 -19.52 18.53
N PRO A 38 -7.98 -19.98 18.58
CA PRO A 38 -6.89 -19.36 17.81
C PRO A 38 -6.91 -19.73 16.32
N ILE A 39 -8.10 -19.70 15.72
CA ILE A 39 -8.28 -20.05 14.31
C ILE A 39 -7.35 -19.24 13.40
N ASP A 40 -7.08 -17.99 13.80
CA ASP A 40 -6.20 -17.11 13.03
C ASP A 40 -4.85 -17.76 12.78
N PHE A 41 -4.22 -18.24 13.86
CA PHE A 41 -2.91 -18.89 13.79
C PHE A 41 -2.98 -20.16 12.94
N SER A 42 -4.13 -20.83 12.98
CA SER A 42 -4.33 -22.08 12.25
C SER A 42 -4.48 -21.81 10.74
N LYS A 43 -5.08 -20.68 10.39
CA LYS A 43 -5.32 -20.33 8.99
C LYS A 43 -4.07 -19.71 8.37
N LEU A 44 -3.42 -18.80 9.11
CA LEU A 44 -2.17 -18.20 8.65
C LEU A 44 -1.06 -19.24 8.67
N ASP A 45 -1.06 -20.07 9.71
CA ASP A 45 -0.08 -21.15 9.89
C ASP A 45 1.36 -20.61 9.74
N PRO A 46 1.84 -19.85 10.74
CA PRO A 46 3.18 -19.26 10.73
C PRO A 46 4.22 -20.16 11.39
N GLY A 47 3.77 -21.24 12.01
CA GLY A 47 4.66 -22.09 12.78
C GLY A 47 5.06 -21.45 14.10
N LYS A 48 5.82 -20.37 14.00
CA LYS A 48 6.22 -19.58 15.16
C LYS A 48 5.33 -18.34 15.27
N PRO A 49 4.51 -18.24 16.34
CA PRO A 49 3.62 -17.09 16.55
C PRO A 49 4.38 -15.75 16.57
N GLU A 50 5.68 -15.82 16.80
CA GLU A 50 6.52 -14.62 16.82
C GLU A 50 6.80 -14.12 15.41
N SER A 51 6.77 -15.01 14.43
CA SER A 51 7.10 -14.67 13.04
C SER A 51 6.19 -13.56 12.53
N ILE A 52 4.89 -13.67 12.81
CA ILE A 52 3.92 -12.67 12.38
C ILE A 52 4.23 -11.32 13.01
N LEU A 53 4.71 -11.36 14.26
CA LEU A 53 5.07 -10.14 14.98
C LEU A 53 6.32 -9.51 14.34
N LYS A 54 7.23 -10.36 13.89
CA LYS A 54 8.47 -9.89 13.27
C LYS A 54 8.21 -9.26 11.90
N MET A 55 7.23 -9.80 11.17
CA MET A 55 6.93 -9.32 9.81
C MET A 55 5.88 -8.20 9.82
N THR A 56 5.10 -8.11 10.89
CA THR A 56 4.08 -7.06 11.00
C THR A 56 4.59 -5.91 11.86
N LYS A 57 5.05 -4.84 11.22
CA LYS A 57 5.65 -3.70 11.91
C LYS A 57 5.31 -2.39 11.21
N LYS A 58 5.35 -1.29 11.95
CA LYS A 58 5.10 0.03 11.39
C LYS A 58 6.38 0.64 10.85
N GLY A 59 6.23 1.63 9.98
CA GLY A 59 7.38 2.22 9.31
C GLY A 59 7.44 1.82 7.85
N LYS A 60 6.28 1.70 7.23
CA LYS A 60 6.17 1.30 5.83
C LYS A 60 5.07 2.09 5.13
N THR A 61 5.48 3.12 4.41
CA THR A 61 4.55 4.01 3.70
C THR A 61 4.65 3.81 2.19
N LEU A 62 4.98 2.59 1.77
CA LEU A 62 5.26 2.32 0.37
C LEU A 62 3.94 2.21 -0.38
N MET A 63 3.56 3.30 -1.04
CA MET A 63 2.32 3.39 -1.80
C MET A 63 2.62 3.85 -3.21
N MET A 64 1.96 3.25 -4.19
CA MET A 64 2.19 3.59 -5.59
C MET A 64 0.91 4.10 -6.24
N PHE A 65 0.94 5.36 -6.67
CA PHE A 65 -0.19 5.99 -7.36
C PHE A 65 -0.01 5.83 -8.87
N VAL A 66 -0.68 4.84 -9.44
CA VAL A 66 -0.53 4.49 -10.85
C VAL A 66 -1.51 5.27 -11.72
N THR A 67 -1.00 6.27 -12.45
CA THR A 67 -1.81 7.02 -13.40
C THR A 67 -2.04 6.18 -14.65
N VAL A 68 -3.23 5.61 -14.78
CA VAL A 68 -3.48 4.63 -15.83
C VAL A 68 -4.26 5.22 -16.99
N SER A 69 -5.47 5.67 -16.71
CA SER A 69 -6.42 6.06 -17.75
C SER A 69 -6.33 7.55 -18.09
N GLY A 70 -6.47 8.40 -17.06
CA GLY A 70 -6.55 9.83 -17.30
C GLY A 70 -7.80 10.20 -18.08
N ASN A 71 -8.86 9.42 -17.88
CA ASN A 71 -10.08 9.52 -18.67
C ASN A 71 -11.27 9.91 -17.79
N PRO A 72 -12.40 10.34 -18.41
CA PRO A 72 -13.64 10.62 -17.68
C PRO A 72 -14.28 9.34 -17.11
N THR A 73 -14.33 8.29 -17.92
CA THR A 73 -14.98 7.05 -17.54
C THR A 73 -14.14 6.27 -16.52
N GLU A 74 -14.41 6.54 -15.24
CA GLU A 74 -13.69 5.94 -14.12
C GLU A 74 -13.71 4.40 -14.19
N LYS A 75 -14.74 3.89 -14.85
CA LYS A 75 -14.92 2.45 -15.04
C LYS A 75 -13.62 1.77 -15.45
N GLU A 76 -12.93 2.36 -16.41
CA GLU A 76 -11.74 1.76 -17.00
C GLU A 76 -10.62 1.63 -15.97
N THR A 77 -10.47 2.66 -15.13
CA THR A 77 -9.48 2.63 -14.06
C THR A 77 -9.83 1.55 -13.04
N GLU A 78 -11.10 1.49 -12.65
CA GLU A 78 -11.57 0.47 -11.71
C GLU A 78 -11.26 -0.93 -12.25
N GLU A 79 -11.68 -1.18 -13.48
CA GLU A 79 -11.58 -2.48 -14.11
C GLU A 79 -10.11 -2.91 -14.26
N ILE A 80 -9.26 -2.02 -14.78
CA ILE A 80 -7.85 -2.36 -14.95
C ILE A 80 -7.20 -2.66 -13.60
N THR A 81 -7.57 -1.90 -12.58
CA THR A 81 -7.09 -2.15 -11.22
C THR A 81 -7.57 -3.51 -10.72
N SER A 82 -8.77 -3.89 -11.12
CA SER A 82 -9.32 -5.20 -10.76
C SER A 82 -8.51 -6.32 -11.42
N LEU A 83 -8.13 -6.12 -12.68
CA LEU A 83 -7.30 -7.08 -13.41
C LEU A 83 -5.96 -7.26 -12.70
N TRP A 84 -5.31 -6.16 -12.36
CA TRP A 84 -4.05 -6.21 -11.62
C TRP A 84 -4.26 -6.88 -10.26
N GLN A 85 -5.35 -6.53 -9.59
CA GLN A 85 -5.69 -7.09 -8.29
C GLN A 85 -5.67 -8.62 -8.36
N GLY A 86 -6.45 -9.18 -9.28
CA GLY A 86 -6.50 -10.62 -9.45
C GLY A 86 -5.14 -11.21 -9.78
N SER A 87 -4.51 -10.68 -10.83
CA SER A 87 -3.24 -11.20 -11.32
C SER A 87 -2.18 -11.23 -10.22
N LEU A 88 -2.06 -10.14 -9.46
CA LEU A 88 -1.06 -10.03 -8.40
C LEU A 88 -1.36 -11.04 -7.30
N PHE A 89 -2.62 -11.16 -6.91
CA PHE A 89 -3.03 -12.10 -5.87
C PHE A 89 -2.86 -13.55 -6.35
N ASN A 90 -2.89 -13.76 -7.65
CA ASN A 90 -2.63 -15.08 -8.24
C ASN A 90 -1.15 -15.44 -8.06
N ALA A 91 -0.32 -14.41 -7.87
CA ALA A 91 1.11 -14.59 -7.64
C ALA A 91 1.43 -14.44 -6.14
N ASN A 92 0.37 -14.48 -5.32
CA ASN A 92 0.49 -14.40 -3.86
C ASN A 92 0.97 -13.02 -3.40
N TYR A 93 0.83 -12.02 -4.27
CA TYR A 93 1.18 -10.65 -3.94
C TYR A 93 -0.03 -9.92 -3.37
N ASP A 94 -0.29 -10.13 -2.08
CA ASP A 94 -1.41 -9.49 -1.39
C ASP A 94 -1.15 -8.00 -1.24
N VAL A 95 -1.32 -7.26 -2.33
CA VAL A 95 -1.15 -5.82 -2.30
C VAL A 95 -2.46 -5.14 -1.91
N GLN A 96 -2.35 -3.98 -1.28
CA GLN A 96 -3.54 -3.25 -0.86
C GLN A 96 -3.84 -2.16 -1.87
N ARG A 97 -4.81 -2.44 -2.72
CA ARG A 97 -5.10 -1.61 -3.89
C ARG A 97 -6.47 -0.98 -3.79
N PHE A 98 -6.53 0.32 -4.04
CA PHE A 98 -7.79 1.08 -4.00
C PHE A 98 -7.82 2.06 -5.16
N ILE A 99 -9.01 2.51 -5.54
CA ILE A 99 -9.16 3.47 -6.62
C ILE A 99 -9.39 4.88 -6.06
N VAL A 100 -8.31 5.59 -5.83
CA VAL A 100 -8.36 6.97 -5.38
C VAL A 100 -7.78 7.88 -6.46
N GLY A 101 -8.63 8.70 -7.06
CA GLY A 101 -8.24 9.42 -8.25
C GLY A 101 -8.79 8.74 -9.49
N SER A 102 -9.84 9.32 -10.05
CA SER A 102 -10.55 8.74 -11.20
C SER A 102 -9.60 8.30 -12.32
N ASP A 103 -8.42 8.90 -12.37
CA ASP A 103 -7.44 8.63 -13.43
C ASP A 103 -6.34 7.66 -12.98
N ARG A 104 -6.20 7.50 -11.67
CA ARG A 104 -5.06 6.75 -11.12
C ARG A 104 -5.46 5.93 -9.90
N ALA A 105 -4.91 4.73 -9.82
CA ALA A 105 -5.16 3.83 -8.68
C ALA A 105 -4.01 3.88 -7.70
N ILE A 106 -4.18 3.25 -6.53
CA ILE A 106 -3.13 3.20 -5.52
C ILE A 106 -2.84 1.76 -5.10
N PHE A 107 -1.56 1.40 -5.09
CA PHE A 107 -1.11 0.08 -4.67
C PHE A 107 -0.12 0.20 -3.51
N MET A 108 -0.55 -0.20 -2.32
CA MET A 108 0.33 -0.21 -1.15
C MET A 108 0.99 -1.58 -1.01
N LEU A 109 2.31 -1.58 -0.84
CA LEU A 109 3.09 -2.81 -0.85
C LEU A 109 3.32 -3.35 0.56
N ARG A 110 3.50 -4.66 0.65
CA ARG A 110 3.80 -5.32 1.92
C ARG A 110 5.28 -5.14 2.23
N ASP A 111 6.08 -5.51 1.25
CA ASP A 111 7.53 -5.54 1.38
C ASP A 111 8.17 -4.37 0.61
N GLY A 112 9.48 -4.44 0.43
CA GLY A 112 10.20 -3.47 -0.36
C GLY A 112 11.24 -4.14 -1.25
N SER A 113 11.05 -5.43 -1.49
CA SER A 113 11.99 -6.21 -2.29
C SER A 113 11.67 -6.11 -3.78
N TYR A 114 10.54 -6.69 -4.18
CA TYR A 114 10.14 -6.70 -5.59
C TYR A 114 9.32 -5.46 -5.93
N ALA A 115 9.30 -4.50 -5.02
CA ALA A 115 8.58 -3.24 -5.22
C ALA A 115 8.93 -2.61 -6.57
N TRP A 116 10.21 -2.70 -6.92
CA TRP A 116 10.69 -2.13 -8.17
C TRP A 116 10.15 -2.93 -9.37
N GLU A 117 10.04 -4.24 -9.18
CA GLU A 117 9.59 -5.12 -10.25
C GLU A 117 8.08 -4.99 -10.49
N ILE A 118 7.31 -4.83 -9.40
CA ILE A 118 5.88 -4.60 -9.53
C ILE A 118 5.63 -3.22 -10.15
N LYS A 119 6.50 -2.26 -9.80
CA LYS A 119 6.51 -0.95 -10.45
C LYS A 119 6.62 -1.13 -11.96
N ASP A 120 7.63 -1.88 -12.38
CA ASP A 120 7.85 -2.18 -13.79
C ASP A 120 6.64 -2.89 -14.40
N PHE A 121 6.11 -3.88 -13.67
CA PHE A 121 4.93 -4.62 -14.11
C PHE A 121 3.80 -3.67 -14.49
N LEU A 122 3.57 -2.68 -13.61
CA LEU A 122 2.52 -1.69 -13.82
C LEU A 122 2.83 -0.81 -15.05
N VAL A 123 4.05 -0.28 -15.12
CA VAL A 123 4.42 0.64 -16.20
C VAL A 123 4.63 -0.11 -17.52
N SER A 124 4.76 -1.43 -17.46
CA SER A 124 4.93 -2.25 -18.66
C SER A 124 3.69 -2.20 -19.55
N GLN A 125 2.61 -1.64 -19.02
CA GLN A 125 1.40 -1.43 -19.81
C GLN A 125 1.72 -0.64 -21.07
N ASP A 126 1.09 -1.02 -22.17
CA ASP A 126 1.38 -0.46 -23.48
C ASP A 126 1.15 1.05 -23.50
N ARG A 127 0.14 1.50 -22.79
CA ARG A 127 -0.20 2.93 -22.73
C ARG A 127 0.69 3.67 -21.72
N CYS A 128 1.69 2.95 -21.19
CA CYS A 128 2.67 3.52 -20.26
C CYS A 128 2.01 4.06 -19.01
N ALA A 129 1.70 3.18 -18.07
CA ALA A 129 1.10 3.57 -16.81
C ALA A 129 2.17 4.16 -15.87
N GLU A 130 2.26 5.47 -15.85
CA GLU A 130 3.27 6.16 -15.04
C GLU A 130 2.82 6.21 -13.59
N VAL A 131 3.70 5.80 -12.69
CA VAL A 131 3.35 5.62 -11.29
C VAL A 131 4.17 6.54 -10.37
N THR A 132 3.46 7.27 -9.51
CA THR A 132 4.08 8.11 -8.49
C THR A 132 4.18 7.31 -7.19
N LEU A 133 5.38 6.86 -6.84
CA LEU A 133 5.59 6.03 -5.65
C LEU A 133 5.96 6.88 -4.44
N GLU A 134 5.62 6.37 -3.25
CA GLU A 134 5.95 7.00 -1.98
C GLU A 134 6.79 6.02 -1.16
N GLY A 135 7.78 6.54 -0.44
CA GLY A 135 8.60 5.70 0.40
C GLY A 135 9.85 6.43 0.87
N GLN A 136 10.33 6.08 2.05
CA GLN A 136 11.55 6.67 2.59
C GLN A 136 12.77 5.97 1.99
N MET A 137 12.54 4.77 1.45
CA MET A 137 13.59 4.00 0.77
C MET A 137 13.66 4.40 -0.70
N TYR A 138 14.65 5.21 -1.04
CA TYR A 138 14.86 5.63 -2.43
C TYR A 138 16.11 4.98 -2.98
N PRO A 139 16.01 4.27 -4.12
CA PRO A 139 17.12 3.52 -4.70
C PRO A 139 18.23 4.45 -5.24
N GLY A 140 19.25 4.68 -4.42
CA GLY A 140 20.37 5.51 -4.82
C GLY A 140 20.36 6.86 -4.12
N LYS A 141 21.50 7.23 -3.55
CA LYS A 141 21.64 8.52 -2.87
C LYS A 141 21.95 9.62 -3.90
N GLY A 1 -43.48 -2.76 21.28
CA GLY A 1 -42.51 -2.52 20.20
C GLY A 1 -42.06 -1.07 20.13
N ASP A 2 -41.24 -0.74 19.13
CA ASP A 2 -40.76 0.63 18.91
C ASP A 2 -40.09 1.19 20.16
N ILE A 3 -39.41 0.31 20.90
CA ILE A 3 -38.81 0.68 22.18
C ILE A 3 -37.77 1.78 22.02
N ARG A 4 -37.08 1.82 20.88
CA ARG A 4 -36.08 2.85 20.62
C ARG A 4 -36.74 4.22 20.58
N ASP A 5 -37.91 4.28 19.94
CA ASP A 5 -38.67 5.52 19.83
C ASP A 5 -39.19 5.95 21.20
N TYR A 6 -39.73 4.98 21.95
CA TYR A 6 -40.20 5.21 23.31
C TYR A 6 -39.05 5.72 24.21
N ASN A 7 -37.91 5.05 24.14
CA ASN A 7 -36.77 5.42 24.96
C ASN A 7 -36.31 6.84 24.60
N ASP A 8 -36.11 7.07 23.33
CA ASP A 8 -35.67 8.38 22.84
C ASP A 8 -36.58 9.50 23.36
N ALA A 9 -37.83 9.47 22.93
CA ALA A 9 -38.79 10.53 23.25
C ALA A 9 -39.04 10.64 24.74
N ASP A 10 -39.45 9.55 25.36
CA ASP A 10 -39.89 9.56 26.76
C ASP A 10 -38.73 9.88 27.71
N MET A 11 -37.58 9.23 27.49
CA MET A 11 -36.41 9.50 28.34
C MET A 11 -35.96 10.95 28.15
N ALA A 12 -36.02 11.43 26.90
CA ALA A 12 -35.69 12.83 26.61
C ALA A 12 -36.58 13.75 27.42
N ARG A 13 -37.88 13.46 27.40
CA ARG A 13 -38.87 14.22 28.16
C ARG A 13 -38.50 14.26 29.63
N LEU A 14 -38.06 13.12 30.17
CA LEU A 14 -37.62 13.05 31.56
C LEU A 14 -36.39 13.94 31.78
N LEU A 15 -35.45 13.89 30.85
CA LEU A 15 -34.21 14.66 30.98
C LEU A 15 -34.44 16.15 30.72
N GLU A 16 -35.55 16.50 30.06
CA GLU A 16 -35.89 17.89 29.82
C GLU A 16 -35.99 18.66 31.14
N GLN A 17 -36.29 17.93 32.21
CA GLN A 17 -36.34 18.52 33.55
C GLN A 17 -34.98 19.11 33.92
N TRP A 18 -33.94 18.31 33.77
CA TRP A 18 -32.59 18.71 34.16
C TRP A 18 -32.08 19.82 33.24
N GLU A 19 -32.35 19.67 31.95
CA GLU A 19 -31.91 20.63 30.94
C GLU A 19 -32.60 21.98 31.17
N LYS A 20 -33.92 21.94 31.23
CA LYS A 20 -34.72 23.14 31.42
C LYS A 20 -34.33 23.83 32.72
N ASP A 21 -34.11 23.04 33.77
CA ASP A 21 -33.71 23.57 35.08
C ASP A 21 -32.39 24.34 34.95
N ASP A 22 -31.41 23.71 34.32
CA ASP A 22 -30.12 24.37 34.07
C ASP A 22 -30.30 25.64 33.24
N ASP A 23 -31.30 25.65 32.38
CA ASP A 23 -31.52 26.78 31.46
C ASP A 23 -32.14 27.96 32.19
N ILE A 24 -33.16 27.67 32.99
CA ILE A 24 -33.88 28.71 33.72
C ILE A 24 -33.09 29.21 34.93
N GLU A 25 -32.29 28.34 35.52
CA GLU A 25 -31.46 28.72 36.66
C GLU A 25 -30.09 29.20 36.18
N GLU A 26 -29.73 28.77 34.98
CA GLU A 26 -28.49 29.18 34.31
C GLU A 26 -27.25 28.73 35.08
N GLY A 27 -26.67 27.60 34.66
CA GLY A 27 -25.41 27.15 35.20
C GLY A 27 -25.59 26.30 36.45
N ASP A 28 -25.78 25.01 36.27
CA ASP A 28 -25.83 24.07 37.40
C ASP A 28 -24.40 23.75 37.87
N LEU A 29 -24.00 24.38 38.96
CA LEU A 29 -22.70 24.11 39.57
C LEU A 29 -22.86 23.07 40.68
N PRO A 30 -21.92 22.12 40.78
CA PRO A 30 -21.93 21.09 41.84
C PRO A 30 -21.72 21.71 43.22
N GLU A 31 -22.30 21.08 44.24
CA GLU A 31 -22.14 21.54 45.62
C GLU A 31 -20.70 21.32 46.08
N HIS A 32 -20.05 20.38 45.42
CA HIS A 32 -18.66 20.06 45.70
C HIS A 32 -17.76 20.80 44.72
N LYS A 33 -16.75 21.49 45.24
CA LYS A 33 -15.88 22.31 44.41
C LYS A 33 -14.99 21.43 43.53
N ARG A 34 -15.02 21.69 42.23
CA ARG A 34 -14.25 20.92 41.25
C ARG A 34 -12.77 21.33 41.29
N PRO A 35 -11.85 20.35 41.11
CA PRO A 35 -10.40 20.63 41.06
C PRO A 35 -10.04 21.53 39.87
N SER A 36 -10.41 21.09 38.67
CA SER A 36 -10.16 21.84 37.45
C SER A 36 -11.44 21.94 36.62
N ALA A 37 -11.62 23.08 35.96
CA ALA A 37 -12.79 23.30 35.11
C ALA A 37 -12.68 22.55 33.77
N PRO A 38 -11.53 22.67 33.04
CA PRO A 38 -11.32 21.93 31.81
C PRO A 38 -10.59 20.60 32.04
N ILE A 39 -11.34 19.57 32.40
CA ILE A 39 -10.78 18.27 32.71
C ILE A 39 -10.08 17.68 31.49
N ASP A 40 -10.77 17.72 30.35
CA ASP A 40 -10.27 17.14 29.09
C ASP A 40 -8.87 17.66 28.77
N PHE A 41 -8.76 18.96 28.55
CA PHE A 41 -7.52 19.58 28.13
C PHE A 41 -6.41 19.40 29.18
N SER A 42 -6.80 19.49 30.45
CA SER A 42 -5.84 19.40 31.56
C SER A 42 -5.31 17.98 31.71
N LYS A 43 -6.17 17.00 31.45
CA LYS A 43 -5.81 15.59 31.66
C LYS A 43 -5.05 15.03 30.45
N LEU A 44 -5.53 15.34 29.26
CA LEU A 44 -4.92 14.83 28.03
C LEU A 44 -3.68 15.64 27.65
N ASP A 45 -3.72 16.95 27.90
CA ASP A 45 -2.61 17.85 27.58
C ASP A 45 -2.32 17.84 26.07
N PRO A 46 -2.96 18.76 25.32
CA PRO A 46 -2.76 18.85 23.86
C PRO A 46 -1.36 19.38 23.50
N GLY A 47 -0.92 19.06 22.29
CA GLY A 47 0.40 19.48 21.83
C GLY A 47 1.28 18.31 21.44
N LYS A 48 0.75 17.10 21.59
CA LYS A 48 1.47 15.87 21.25
C LYS A 48 1.43 15.65 19.74
N PRO A 49 2.57 15.83 19.04
CA PRO A 49 2.66 15.81 17.59
C PRO A 49 3.36 14.56 17.02
N GLU A 50 3.11 13.38 17.58
CA GLU A 50 3.73 12.15 17.06
C GLU A 50 3.13 11.80 15.70
N SER A 51 3.61 12.49 14.67
CA SER A 51 3.08 12.35 13.32
C SER A 51 3.05 10.89 12.90
N ILE A 52 4.21 10.23 12.98
CA ILE A 52 4.32 8.85 12.52
C ILE A 52 3.39 7.90 13.32
N LEU A 53 3.23 8.17 14.61
CA LEU A 53 2.35 7.34 15.43
C LEU A 53 0.88 7.57 15.06
N LYS A 54 0.58 8.76 14.57
CA LYS A 54 -0.78 9.11 14.18
C LYS A 54 -1.12 8.64 12.76
N MET A 55 -0.23 8.88 11.79
CA MET A 55 -0.57 8.68 10.37
C MET A 55 0.10 7.44 9.75
N THR A 56 1.16 6.92 10.37
CA THR A 56 1.83 5.74 9.83
C THR A 56 1.17 4.46 10.34
N LYS A 57 0.43 3.79 9.45
CA LYS A 57 -0.26 2.56 9.79
C LYS A 57 0.66 1.35 9.53
N LYS A 58 0.53 0.32 10.36
CA LYS A 58 1.34 -0.88 10.22
C LYS A 58 1.01 -1.60 8.91
N GLY A 59 2.04 -2.18 8.29
CA GLY A 59 1.84 -2.88 7.03
C GLY A 59 1.89 -1.95 5.84
N LYS A 60 2.58 -0.83 6.00
CA LYS A 60 2.76 0.14 4.93
C LYS A 60 4.22 0.60 4.88
N THR A 61 4.99 0.03 3.97
CA THR A 61 6.40 0.41 3.81
C THR A 61 6.55 1.38 2.64
N LEU A 62 5.67 1.25 1.64
CA LEU A 62 5.69 2.11 0.46
C LEU A 62 4.28 2.24 -0.10
N MET A 63 4.00 3.35 -0.78
CA MET A 63 2.73 3.52 -1.49
C MET A 63 2.99 4.18 -2.84
N MET A 64 2.44 3.58 -3.89
CA MET A 64 2.65 4.04 -5.25
C MET A 64 1.34 4.46 -5.88
N PHE A 65 1.39 5.51 -6.69
CA PHE A 65 0.24 5.96 -7.47
C PHE A 65 0.53 5.76 -8.96
N VAL A 66 -0.36 5.04 -9.63
CA VAL A 66 -0.20 4.75 -11.04
C VAL A 66 -1.35 5.38 -11.83
N THR A 67 -1.03 6.36 -12.67
CA THR A 67 -2.04 7.03 -13.48
C THR A 67 -2.42 6.15 -14.66
N VAL A 68 -3.63 5.59 -14.61
CA VAL A 68 -4.02 4.54 -15.54
C VAL A 68 -4.89 5.05 -16.68
N SER A 69 -5.87 5.87 -16.34
CA SER A 69 -6.81 6.41 -17.31
C SER A 69 -6.31 7.75 -17.84
N GLY A 70 -6.20 8.71 -16.94
CA GLY A 70 -5.87 10.07 -17.31
C GLY A 70 -7.13 10.87 -17.57
N ASN A 71 -8.26 10.17 -17.62
CA ASN A 71 -9.58 10.78 -17.81
C ASN A 71 -10.52 10.30 -16.69
N PRO A 72 -11.61 11.05 -16.42
CA PRO A 72 -12.53 10.77 -15.30
C PRO A 72 -13.26 9.42 -15.44
N THR A 73 -13.30 8.89 -16.66
CA THR A 73 -14.01 7.64 -16.95
C THR A 73 -13.66 6.55 -15.94
N GLU A 74 -14.69 5.97 -15.32
CA GLU A 74 -14.50 4.94 -14.30
C GLU A 74 -14.07 3.62 -14.97
N LYS A 75 -14.35 3.52 -16.26
CA LYS A 75 -14.17 2.28 -17.01
C LYS A 75 -12.70 1.85 -17.05
N GLU A 76 -11.86 2.73 -17.59
CA GLU A 76 -10.43 2.45 -17.75
C GLU A 76 -9.82 1.97 -16.43
N THR A 77 -9.97 2.79 -15.39
CA THR A 77 -9.39 2.49 -14.09
C THR A 77 -10.00 1.22 -13.49
N GLU A 78 -11.30 1.02 -13.70
CA GLU A 78 -11.99 -0.17 -13.21
C GLU A 78 -11.35 -1.43 -13.77
N GLU A 79 -11.28 -1.50 -15.10
CA GLU A 79 -10.79 -2.67 -15.80
C GLU A 79 -9.34 -2.96 -15.46
N ILE A 80 -8.50 -1.93 -15.49
CA ILE A 80 -7.07 -2.12 -15.26
C ILE A 80 -6.78 -2.44 -13.79
N THR A 81 -7.45 -1.74 -12.87
CA THR A 81 -7.25 -1.96 -11.45
C THR A 81 -7.80 -3.33 -11.03
N SER A 82 -8.89 -3.74 -11.68
CA SER A 82 -9.46 -5.07 -11.44
C SER A 82 -8.50 -6.14 -11.96
N LEU A 83 -7.90 -5.87 -13.12
CA LEU A 83 -6.91 -6.76 -13.72
C LEU A 83 -5.78 -6.99 -12.72
N TRP A 84 -5.19 -5.91 -12.23
CA TRP A 84 -4.12 -5.99 -11.25
C TRP A 84 -4.62 -6.59 -9.92
N GLN A 85 -5.84 -6.23 -9.54
CA GLN A 85 -6.45 -6.71 -8.30
C GLN A 85 -6.45 -8.24 -8.26
N GLY A 86 -6.73 -8.85 -9.41
CA GLY A 86 -6.69 -10.30 -9.51
C GLY A 86 -5.28 -10.80 -9.76
N SER A 87 -4.61 -10.20 -10.74
CA SER A 87 -3.31 -10.68 -11.21
C SER A 87 -2.29 -10.77 -10.07
N LEU A 88 -2.17 -9.70 -9.28
CA LEU A 88 -1.22 -9.66 -8.18
C LEU A 88 -1.51 -10.74 -7.15
N PHE A 89 -2.78 -11.07 -6.98
CA PHE A 89 -3.20 -12.09 -6.03
C PHE A 89 -3.22 -13.47 -6.68
N ASN A 90 -3.06 -13.50 -8.00
CA ASN A 90 -2.91 -14.76 -8.73
C ASN A 90 -1.46 -15.24 -8.61
N ALA A 91 -0.53 -14.31 -8.79
CA ALA A 91 0.90 -14.59 -8.61
C ALA A 91 1.25 -14.59 -7.13
N ASN A 92 0.31 -14.11 -6.31
CA ASN A 92 0.43 -14.09 -4.85
C ASN A 92 1.45 -13.05 -4.38
N TYR A 93 1.04 -11.79 -4.38
CA TYR A 93 1.84 -10.69 -3.82
C TYR A 93 1.02 -9.97 -2.77
N ASP A 94 1.61 -9.76 -1.59
CA ASP A 94 0.92 -9.08 -0.50
C ASP A 94 1.00 -7.57 -0.68
N VAL A 95 -0.02 -7.03 -1.35
CA VAL A 95 -0.09 -5.59 -1.63
C VAL A 95 -1.52 -5.09 -1.39
N GLN A 96 -1.63 -3.81 -1.07
CA GLN A 96 -2.93 -3.17 -0.88
C GLN A 96 -3.27 -2.36 -2.13
N ARG A 97 -4.27 -2.83 -2.88
CA ARG A 97 -4.66 -2.18 -4.13
C ARG A 97 -6.04 -1.55 -3.97
N PHE A 98 -6.11 -0.24 -4.19
CA PHE A 98 -7.38 0.50 -4.06
C PHE A 98 -7.54 1.46 -5.23
N ILE A 99 -8.77 1.59 -5.70
CA ILE A 99 -9.09 2.50 -6.79
C ILE A 99 -9.61 3.83 -6.23
N VAL A 100 -8.69 4.76 -6.01
CA VAL A 100 -9.02 6.10 -5.50
C VAL A 100 -8.57 7.15 -6.51
N GLY A 101 -9.47 8.05 -6.88
CA GLY A 101 -9.19 8.98 -7.95
C GLY A 101 -9.19 8.27 -9.29
N SER A 102 -10.28 8.40 -10.03
CA SER A 102 -10.51 7.62 -11.25
C SER A 102 -9.37 7.76 -12.27
N ASP A 103 -8.51 8.77 -12.10
CA ASP A 103 -7.37 8.98 -13.00
C ASP A 103 -6.29 7.92 -12.77
N ARG A 104 -6.21 7.42 -11.55
CA ARG A 104 -5.11 6.55 -11.12
C ARG A 104 -5.58 5.44 -10.20
N ALA A 105 -4.62 4.67 -9.69
CA ALA A 105 -4.87 3.65 -8.68
C ALA A 105 -3.71 3.65 -7.68
N ILE A 106 -3.98 3.25 -6.44
CA ILE A 106 -2.95 3.27 -5.39
C ILE A 106 -2.58 1.84 -4.97
N PHE A 107 -1.28 1.63 -4.79
CA PHE A 107 -0.74 0.34 -4.35
C PHE A 107 0.17 0.53 -3.14
N MET A 108 -0.30 0.13 -1.97
CA MET A 108 0.49 0.18 -0.74
C MET A 108 1.15 -1.17 -0.50
N LEU A 109 2.47 -1.19 -0.55
CA LEU A 109 3.23 -2.43 -0.42
C LEU A 109 3.34 -2.87 1.04
N ARG A 110 3.01 -4.13 1.31
CA ARG A 110 3.25 -4.74 2.61
C ARG A 110 4.74 -5.03 2.73
N ASP A 111 5.28 -5.59 1.64
CA ASP A 111 6.70 -5.90 1.54
C ASP A 111 7.33 -5.07 0.43
N GLY A 112 8.46 -4.43 0.73
CA GLY A 112 9.06 -3.49 -0.21
C GLY A 112 10.12 -4.12 -1.09
N SER A 113 10.31 -5.44 -0.97
CA SER A 113 11.34 -6.12 -1.73
C SER A 113 10.92 -6.25 -3.21
N TYR A 114 9.62 -6.30 -3.44
CA TYR A 114 9.08 -6.49 -4.79
C TYR A 114 8.74 -5.13 -5.42
N ALA A 115 9.28 -4.06 -4.84
CA ALA A 115 8.96 -2.68 -5.24
C ALA A 115 9.21 -2.43 -6.73
N TRP A 116 10.46 -2.60 -7.15
CA TRP A 116 10.85 -2.31 -8.53
C TRP A 116 10.18 -3.28 -9.50
N GLU A 117 10.03 -4.53 -9.08
CA GLU A 117 9.39 -5.54 -9.90
C GLU A 117 7.93 -5.19 -10.17
N ILE A 118 7.21 -4.76 -9.13
CA ILE A 118 5.80 -4.38 -9.31
C ILE A 118 5.69 -3.09 -10.13
N LYS A 119 6.65 -2.18 -9.94
CA LYS A 119 6.71 -0.95 -10.75
C LYS A 119 6.69 -1.31 -12.23
N ASP A 120 7.64 -2.16 -12.63
CA ASP A 120 7.74 -2.61 -14.01
C ASP A 120 6.46 -3.32 -14.44
N PHE A 121 5.95 -4.19 -13.58
CA PHE A 121 4.71 -4.93 -13.85
C PHE A 121 3.58 -3.98 -14.21
N LEU A 122 3.50 -2.86 -13.49
CA LEU A 122 2.44 -1.88 -13.68
C LEU A 122 2.67 -1.06 -14.95
N VAL A 123 3.92 -0.62 -15.17
CA VAL A 123 4.24 0.25 -16.30
C VAL A 123 4.36 -0.53 -17.61
N SER A 124 4.44 -1.86 -17.52
CA SER A 124 4.53 -2.71 -18.72
C SER A 124 3.17 -2.81 -19.42
N GLN A 125 2.13 -2.22 -18.82
CA GLN A 125 0.81 -2.20 -19.43
C GLN A 125 0.80 -1.29 -20.66
N ASP A 126 0.04 -1.70 -21.67
CA ASP A 126 -0.05 -0.96 -22.93
C ASP A 126 -0.59 0.45 -22.68
N ARG A 127 -1.29 0.62 -21.55
CA ARG A 127 -1.85 1.90 -21.14
C ARG A 127 -0.77 2.98 -21.06
N CYS A 128 0.48 2.57 -20.87
CA CYS A 128 1.58 3.51 -20.65
C CYS A 128 1.30 4.31 -19.39
N ALA A 129 0.83 3.61 -18.36
CA ALA A 129 0.45 4.22 -17.09
C ALA A 129 1.70 4.70 -16.33
N GLU A 130 1.62 5.89 -15.77
CA GLU A 130 2.74 6.48 -15.06
C GLU A 130 2.79 5.92 -13.64
N VAL A 131 3.82 5.14 -13.34
CA VAL A 131 4.02 4.57 -12.01
C VAL A 131 4.92 5.48 -11.17
N THR A 132 4.40 6.01 -10.07
CA THR A 132 5.14 6.93 -9.22
C THR A 132 5.04 6.53 -7.75
N LEU A 133 6.09 6.80 -6.99
CA LEU A 133 6.08 6.53 -5.55
C LEU A 133 5.81 7.84 -4.80
N GLU A 134 4.90 7.79 -3.84
CA GLU A 134 4.53 8.97 -3.07
C GLU A 134 4.81 8.71 -1.59
N GLY A 135 5.70 9.49 -1.00
CA GLY A 135 6.04 9.31 0.40
C GLY A 135 7.38 9.91 0.76
N GLN A 136 7.92 9.49 1.90
CA GLN A 136 9.21 10.01 2.39
C GLN A 136 10.36 9.31 1.68
N MET A 137 10.09 8.11 1.17
CA MET A 137 11.10 7.32 0.45
C MET A 137 10.82 7.39 -1.05
N TYR A 138 11.82 7.80 -1.82
CA TYR A 138 11.68 7.93 -3.26
C TYR A 138 13.05 7.81 -3.94
N PRO A 139 13.14 7.03 -5.04
CA PRO A 139 14.39 6.86 -5.79
C PRO A 139 14.94 8.19 -6.30
N GLY A 140 16.26 8.33 -6.25
CA GLY A 140 16.91 9.53 -6.73
C GLY A 140 18.13 9.89 -5.90
N LYS A 141 19.30 9.70 -6.48
CA LYS A 141 20.56 10.09 -5.86
C LYS A 141 20.78 11.59 -6.01
N GLY A 1 36.24 62.80 -0.80
CA GLY A 1 37.51 63.52 -1.05
C GLY A 1 37.53 64.21 -2.40
N ASP A 2 38.46 65.15 -2.58
CA ASP A 2 38.59 65.90 -3.83
C ASP A 2 38.89 64.94 -4.98
N ILE A 3 39.92 64.12 -4.79
CA ILE A 3 40.35 63.16 -5.81
C ILE A 3 39.60 61.84 -5.66
N ARG A 4 38.27 61.93 -5.55
CA ARG A 4 37.42 60.74 -5.35
C ARG A 4 37.73 59.67 -6.38
N ASP A 5 37.89 60.08 -7.63
CA ASP A 5 38.15 59.15 -8.73
C ASP A 5 39.44 58.37 -8.49
N TYR A 6 40.49 59.11 -8.10
CA TYR A 6 41.79 58.50 -7.82
C TYR A 6 41.67 57.57 -6.61
N ASN A 7 41.01 58.04 -5.56
CA ASN A 7 40.81 57.27 -4.34
C ASN A 7 40.18 55.93 -4.68
N ASP A 8 38.94 55.96 -5.17
CA ASP A 8 38.22 54.74 -5.54
C ASP A 8 39.08 53.86 -6.44
N ALA A 9 39.35 54.32 -7.65
CA ALA A 9 40.09 53.51 -8.62
C ALA A 9 41.40 53.00 -8.03
N ASP A 10 42.34 53.91 -7.83
CA ASP A 10 43.70 53.56 -7.43
C ASP A 10 43.73 53.05 -6.00
N MET A 11 43.27 53.87 -5.05
CA MET A 11 43.44 53.57 -3.64
C MET A 11 42.65 52.33 -3.25
N ALA A 12 41.47 52.13 -3.83
CA ALA A 12 40.68 50.95 -3.51
C ALA A 12 41.27 49.72 -4.16
N ARG A 13 41.87 49.87 -5.36
CA ARG A 13 42.54 48.74 -5.99
C ARG A 13 43.68 48.23 -5.12
N LEU A 14 44.47 49.17 -4.59
CA LEU A 14 45.58 48.84 -3.69
C LEU A 14 45.06 48.19 -2.41
N LEU A 15 44.12 48.87 -1.74
CA LEU A 15 43.62 48.43 -0.44
C LEU A 15 42.62 47.29 -0.58
N GLU A 16 42.26 46.96 -1.83
CA GLU A 16 41.36 45.83 -2.10
C GLU A 16 41.88 44.56 -1.43
N GLN A 17 43.20 44.48 -1.29
CA GLN A 17 43.83 43.34 -0.62
C GLN A 17 43.28 43.15 0.79
N TRP A 18 43.12 44.26 1.52
CA TRP A 18 42.67 44.20 2.91
C TRP A 18 41.16 43.99 2.98
N GLU A 19 40.42 44.69 2.12
CA GLU A 19 38.97 44.55 2.06
C GLU A 19 38.62 43.10 1.72
N LYS A 20 39.20 42.62 0.63
CA LYS A 20 39.02 41.25 0.19
C LYS A 20 39.42 40.28 1.28
N ASP A 21 40.55 40.55 1.94
CA ASP A 21 41.03 39.72 3.04
C ASP A 21 39.93 39.51 4.07
N ASP A 22 39.36 40.61 4.57
CA ASP A 22 38.29 40.53 5.57
C ASP A 22 37.07 39.79 5.00
N ASP A 23 36.78 40.01 3.72
CA ASP A 23 35.65 39.36 3.06
C ASP A 23 35.91 37.86 2.89
N ILE A 24 37.18 37.47 2.92
CA ILE A 24 37.54 36.05 2.88
C ILE A 24 37.55 35.47 4.30
N GLU A 25 38.00 36.28 5.26
CA GLU A 25 38.01 35.91 6.67
C GLU A 25 36.59 35.65 7.16
N GLU A 26 35.64 36.36 6.57
CA GLU A 26 34.23 36.12 6.85
C GLU A 26 33.37 36.58 5.66
N GLY A 27 32.85 37.81 5.73
CA GLY A 27 31.92 38.29 4.72
C GLY A 27 30.68 37.40 4.62
N ASP A 28 30.45 36.61 5.66
CA ASP A 28 29.35 35.65 5.70
C ASP A 28 28.12 36.24 6.37
N LEU A 29 26.95 35.76 5.98
CA LEU A 29 25.69 36.11 6.62
C LEU A 29 25.37 35.05 7.69
N PRO A 30 24.76 35.45 8.82
CA PRO A 30 24.47 34.55 9.93
C PRO A 30 23.36 33.53 9.62
N GLU A 31 22.92 33.51 8.37
CA GLU A 31 21.84 32.61 7.94
C GLU A 31 22.37 31.20 7.66
N HIS A 32 23.68 31.07 7.48
CA HIS A 32 24.27 29.79 7.11
C HIS A 32 25.24 29.31 8.18
N LYS A 33 25.18 28.02 8.49
CA LYS A 33 26.03 27.39 9.48
C LYS A 33 26.98 26.40 8.82
N ARG A 34 27.81 25.76 9.63
CA ARG A 34 28.72 24.72 9.15
C ARG A 34 27.95 23.46 8.76
N PRO A 35 28.44 22.69 7.76
CA PRO A 35 27.75 21.49 7.26
C PRO A 35 27.58 20.41 8.32
N SER A 36 28.39 20.47 9.37
CA SER A 36 28.29 19.53 10.47
C SER A 36 28.25 20.28 11.81
N ALA A 37 27.08 20.29 12.44
CA ALA A 37 26.90 20.96 13.72
C ALA A 37 27.13 20.02 14.91
N PRO A 38 26.48 18.82 14.93
CA PRO A 38 26.61 17.88 16.05
C PRO A 38 28.06 17.57 16.41
N ILE A 39 28.53 18.18 17.50
CA ILE A 39 29.91 18.01 17.95
C ILE A 39 30.18 16.56 18.35
N ASP A 40 29.26 15.98 19.12
CA ASP A 40 29.42 14.62 19.62
C ASP A 40 29.54 13.64 18.45
N PHE A 41 28.69 13.80 17.45
CA PHE A 41 28.77 12.96 16.25
C PHE A 41 30.12 13.15 15.57
N SER A 42 30.54 14.40 15.41
CA SER A 42 31.81 14.71 14.73
C SER A 42 32.99 14.11 15.51
N LYS A 43 32.83 13.98 16.82
CA LYS A 43 33.88 13.41 17.68
C LYS A 43 33.82 11.87 17.68
N LEU A 44 32.63 11.33 17.48
CA LEU A 44 32.43 9.87 17.46
C LEU A 44 32.51 9.31 16.03
N ASP A 45 32.59 10.22 15.05
CA ASP A 45 32.74 9.84 13.63
C ASP A 45 31.52 9.05 13.13
N PRO A 46 30.52 9.73 12.56
CA PRO A 46 29.31 9.09 12.04
C PRO A 46 29.41 8.80 10.53
N GLY A 47 28.31 8.32 9.95
CA GLY A 47 28.24 8.13 8.51
C GLY A 47 28.59 6.72 8.07
N LYS A 48 28.80 5.81 9.02
CA LYS A 48 29.12 4.43 8.71
C LYS A 48 27.89 3.72 8.12
N PRO A 49 28.05 3.06 6.95
CA PRO A 49 26.93 2.41 6.22
C PRO A 49 26.18 1.37 7.04
N GLU A 50 26.66 1.08 8.25
CA GLU A 50 25.99 0.15 9.14
C GLU A 50 24.72 0.80 9.71
N SER A 51 24.73 2.13 9.77
CA SER A 51 23.61 2.91 10.28
C SER A 51 22.32 2.52 9.54
N ILE A 52 22.34 2.61 8.21
CA ILE A 52 21.18 2.30 7.39
C ILE A 52 20.77 0.84 7.54
N LEU A 53 21.75 -0.03 7.79
CA LEU A 53 21.48 -1.46 7.98
C LEU A 53 20.70 -1.64 9.29
N LYS A 54 21.09 -0.89 10.30
CA LYS A 54 20.42 -0.92 11.60
C LYS A 54 19.08 -0.17 11.54
N MET A 55 19.00 0.82 10.65
CA MET A 55 17.83 1.68 10.55
C MET A 55 16.75 1.08 9.63
N THR A 56 17.14 0.17 8.73
CA THR A 56 16.18 -0.47 7.84
C THR A 56 15.45 -1.57 8.61
N LYS A 57 14.13 -1.64 8.42
CA LYS A 57 13.28 -2.56 9.18
C LYS A 57 12.08 -2.98 8.36
N LYS A 58 11.50 -4.14 8.71
CA LYS A 58 10.35 -4.67 7.99
C LYS A 58 9.11 -3.82 8.27
N GLY A 59 8.11 -3.96 7.40
CA GLY A 59 6.92 -3.14 7.51
C GLY A 59 6.87 -2.13 6.38
N LYS A 60 6.72 -2.64 5.16
CA LYS A 60 6.68 -1.79 3.98
C LYS A 60 5.27 -1.27 3.76
N THR A 61 5.12 0.04 3.85
CA THR A 61 3.82 0.68 3.64
C THR A 61 3.95 1.82 2.63
N LEU A 62 4.89 1.65 1.70
CA LEU A 62 5.13 2.65 0.66
C LEU A 62 4.09 2.50 -0.44
N MET A 63 3.79 3.59 -1.14
CA MET A 63 2.69 3.61 -2.10
C MET A 63 3.09 4.26 -3.42
N MET A 64 2.52 3.73 -4.50
CA MET A 64 2.71 4.24 -5.85
C MET A 64 1.39 4.75 -6.43
N PHE A 65 1.38 6.00 -6.85
CA PHE A 65 0.24 6.57 -7.56
C PHE A 65 0.38 6.28 -9.05
N VAL A 66 -0.52 5.47 -9.59
CA VAL A 66 -0.45 5.08 -10.99
C VAL A 66 -1.61 5.70 -11.80
N THR A 67 -1.28 6.68 -12.62
CA THR A 67 -2.23 7.28 -13.53
C THR A 67 -2.44 6.36 -14.73
N VAL A 68 -3.59 5.70 -14.77
CA VAL A 68 -3.84 4.68 -15.78
C VAL A 68 -4.72 5.19 -16.91
N SER A 69 -5.93 5.61 -16.55
CA SER A 69 -6.95 5.97 -17.51
C SER A 69 -6.67 7.33 -18.15
N GLY A 70 -6.56 8.35 -17.32
CA GLY A 70 -6.43 9.71 -17.82
C GLY A 70 -7.76 10.31 -18.23
N ASN A 71 -8.80 9.48 -18.17
CA ASN A 71 -10.16 9.89 -18.50
C ASN A 71 -11.02 9.92 -17.23
N PRO A 72 -12.17 10.63 -17.25
CA PRO A 72 -13.04 10.78 -16.08
C PRO A 72 -13.91 9.54 -15.82
N THR A 73 -14.16 8.76 -16.87
CA THR A 73 -14.95 7.54 -16.73
C THR A 73 -14.20 6.52 -15.87
N GLU A 74 -14.61 6.44 -14.60
CA GLU A 74 -13.94 5.65 -13.57
C GLU A 74 -13.97 4.16 -13.90
N LYS A 75 -14.98 3.77 -14.67
CA LYS A 75 -15.15 2.38 -15.14
C LYS A 75 -13.81 1.78 -15.60
N GLU A 76 -12.96 2.62 -16.20
CA GLU A 76 -11.69 2.17 -16.73
C GLU A 76 -10.72 1.77 -15.61
N THR A 77 -10.51 2.66 -14.64
CA THR A 77 -9.60 2.38 -13.55
C THR A 77 -10.11 1.21 -12.71
N GLU A 78 -11.43 1.08 -12.63
CA GLU A 78 -12.05 -0.06 -11.97
C GLU A 78 -11.63 -1.36 -12.67
N GLU A 79 -11.79 -1.39 -13.99
CA GLU A 79 -11.38 -2.54 -14.80
C GLU A 79 -9.92 -2.89 -14.54
N ILE A 80 -9.02 -1.97 -14.86
CA ILE A 80 -7.59 -2.22 -14.82
C ILE A 80 -7.12 -2.64 -13.41
N THR A 81 -7.69 -2.01 -12.38
CA THR A 81 -7.35 -2.35 -11.01
C THR A 81 -7.79 -3.78 -10.68
N SER A 82 -8.97 -4.16 -11.16
CA SER A 82 -9.48 -5.52 -10.97
C SER A 82 -8.57 -6.53 -11.68
N LEU A 83 -8.23 -6.25 -12.93
CA LEU A 83 -7.34 -7.12 -13.70
C LEU A 83 -5.98 -7.23 -13.02
N TRP A 84 -5.47 -6.10 -12.53
CA TRP A 84 -4.17 -6.08 -11.87
C TRP A 84 -4.18 -6.92 -10.61
N GLN A 85 -5.08 -6.64 -9.68
CA GLN A 85 -5.13 -7.41 -8.43
C GLN A 85 -5.31 -8.90 -8.72
N GLY A 86 -6.11 -9.20 -9.75
CA GLY A 86 -6.29 -10.58 -10.17
C GLY A 86 -5.02 -11.17 -10.77
N SER A 87 -4.24 -10.33 -11.43
CA SER A 87 -3.00 -10.76 -12.10
C SER A 87 -1.82 -10.75 -11.13
N LEU A 88 -1.93 -9.99 -10.06
CA LEU A 88 -0.86 -9.85 -9.08
C LEU A 88 -0.98 -10.91 -7.99
N PHE A 89 -2.18 -11.07 -7.45
CA PHE A 89 -2.41 -11.98 -6.35
C PHE A 89 -2.26 -13.45 -6.78
N ASN A 90 -2.42 -13.72 -8.07
CA ASN A 90 -2.19 -15.07 -8.59
C ASN A 90 -0.69 -15.40 -8.55
N ALA A 91 0.13 -14.34 -8.53
CA ALA A 91 1.58 -14.47 -8.37
C ALA A 91 1.96 -14.29 -6.90
N ASN A 92 0.92 -14.27 -6.03
CA ASN A 92 1.09 -14.16 -4.58
C ASN A 92 1.54 -12.76 -4.17
N TYR A 93 1.33 -11.77 -5.04
CA TYR A 93 1.65 -10.39 -4.74
C TYR A 93 0.58 -9.77 -3.85
N ASP A 94 0.83 -9.79 -2.54
CA ASP A 94 -0.08 -9.18 -1.57
C ASP A 94 0.15 -7.67 -1.51
N VAL A 95 -0.57 -6.96 -2.37
CA VAL A 95 -0.49 -5.50 -2.43
C VAL A 95 -1.86 -4.90 -2.19
N GLN A 96 -1.91 -3.77 -1.52
CA GLN A 96 -3.17 -3.13 -1.19
C GLN A 96 -3.43 -1.99 -2.14
N ARG A 97 -4.54 -2.09 -2.85
CA ARG A 97 -4.87 -1.13 -3.89
C ARG A 97 -6.18 -0.43 -3.55
N PHE A 98 -6.15 0.89 -3.65
CA PHE A 98 -7.33 1.71 -3.38
C PHE A 98 -7.60 2.62 -4.56
N ILE A 99 -8.88 2.82 -4.85
CA ILE A 99 -9.28 3.62 -6.00
C ILE A 99 -9.56 5.07 -5.58
N VAL A 100 -8.57 5.93 -5.82
CA VAL A 100 -8.69 7.35 -5.54
C VAL A 100 -8.30 8.16 -6.78
N GLY A 101 -9.28 8.81 -7.38
CA GLY A 101 -9.04 9.48 -8.65
C GLY A 101 -9.43 8.58 -9.82
N SER A 102 -10.56 8.87 -10.44
CA SER A 102 -11.14 8.02 -11.49
C SER A 102 -10.16 7.75 -12.65
N ASP A 103 -9.06 8.50 -12.72
CA ASP A 103 -8.08 8.34 -13.81
C ASP A 103 -6.89 7.50 -13.36
N ARG A 104 -6.87 7.11 -12.10
CA ARG A 104 -5.69 6.49 -11.50
C ARG A 104 -6.08 5.53 -10.36
N ALA A 105 -5.06 4.89 -9.80
CA ALA A 105 -5.21 4.03 -8.64
C ALA A 105 -3.97 4.16 -7.77
N ILE A 106 -4.05 3.75 -6.50
CA ILE A 106 -2.90 3.80 -5.61
C ILE A 106 -2.60 2.41 -5.06
N PHE A 107 -1.36 1.98 -5.21
CA PHE A 107 -0.92 0.66 -4.74
C PHE A 107 0.05 0.77 -3.58
N MET A 108 -0.43 0.44 -2.38
CA MET A 108 0.42 0.26 -1.21
C MET A 108 1.10 -1.10 -1.30
N LEU A 109 2.42 -1.11 -1.29
CA LEU A 109 3.19 -2.34 -1.42
C LEU A 109 3.55 -2.83 -0.03
N ARG A 110 2.83 -3.85 0.42
CA ARG A 110 2.95 -4.33 1.78
C ARG A 110 4.23 -5.15 1.94
N ASP A 111 4.54 -5.93 0.92
CA ASP A 111 5.78 -6.70 0.90
C ASP A 111 6.75 -6.11 -0.13
N GLY A 112 7.83 -5.54 0.38
CA GLY A 112 8.80 -4.85 -0.46
C GLY A 112 9.76 -5.81 -1.15
N SER A 113 9.65 -7.09 -0.81
CA SER A 113 10.49 -8.13 -1.40
C SER A 113 10.44 -8.09 -2.93
N TYR A 114 9.33 -7.57 -3.47
CA TYR A 114 9.13 -7.48 -4.91
C TYR A 114 8.68 -6.07 -5.31
N ALA A 115 9.09 -5.07 -4.53
CA ALA A 115 8.68 -3.68 -4.76
C ALA A 115 9.04 -3.22 -6.18
N TRP A 116 10.32 -3.30 -6.51
CA TRP A 116 10.78 -2.88 -7.83
C TRP A 116 10.25 -3.81 -8.92
N GLU A 117 9.97 -5.05 -8.55
CA GLU A 117 9.48 -6.05 -9.50
C GLU A 117 8.07 -5.69 -9.97
N ILE A 118 7.19 -5.34 -9.03
CA ILE A 118 5.84 -4.91 -9.38
C ILE A 118 5.90 -3.53 -10.03
N LYS A 119 6.90 -2.73 -9.63
CA LYS A 119 7.16 -1.45 -10.28
C LYS A 119 7.47 -1.68 -11.76
N ASP A 120 8.34 -2.65 -12.03
CA ASP A 120 8.71 -3.00 -13.41
C ASP A 120 7.49 -3.51 -14.16
N PHE A 121 6.65 -4.28 -13.46
CA PHE A 121 5.40 -4.78 -14.01
C PHE A 121 4.52 -3.61 -14.47
N LEU A 122 4.48 -2.57 -13.65
CA LEU A 122 3.69 -1.37 -13.94
C LEU A 122 4.28 -0.62 -15.13
N VAL A 123 5.62 -0.50 -15.16
CA VAL A 123 6.31 0.16 -16.27
C VAL A 123 6.16 -0.65 -17.56
N SER A 124 6.08 -1.96 -17.41
CA SER A 124 5.93 -2.87 -18.54
C SER A 124 4.51 -2.81 -19.10
N GLN A 125 3.57 -2.38 -18.27
CA GLN A 125 2.17 -2.31 -18.65
C GLN A 125 1.96 -1.32 -19.81
N ASP A 126 1.33 -1.80 -20.86
CA ASP A 126 1.10 -1.01 -22.07
C ASP A 126 0.07 0.10 -21.84
N ARG A 127 -0.82 -0.12 -20.86
CA ARG A 127 -1.87 0.86 -20.54
C ARG A 127 -1.49 1.69 -19.32
N CYS A 128 -0.20 1.71 -19.00
CA CYS A 128 0.30 2.53 -17.90
C CYS A 128 0.74 3.89 -18.44
N ALA A 129 0.15 4.97 -17.91
CA ALA A 129 0.47 6.32 -18.36
C ALA A 129 1.55 6.96 -17.48
N GLU A 130 1.30 6.99 -16.17
CA GLU A 130 2.23 7.63 -15.23
C GLU A 130 2.32 6.82 -13.94
N VAL A 131 3.54 6.67 -13.42
CA VAL A 131 3.78 5.97 -12.15
C VAL A 131 4.59 6.87 -11.21
N THR A 132 4.07 7.09 -10.01
CA THR A 132 4.73 7.97 -9.04
C THR A 132 4.89 7.26 -7.68
N LEU A 133 6.13 6.94 -7.33
CA LEU A 133 6.45 6.35 -6.02
C LEU A 133 6.66 7.48 -5.02
N GLU A 134 5.81 7.56 -4.00
CA GLU A 134 5.89 8.66 -3.04
C GLU A 134 6.89 8.34 -1.93
N GLY A 135 8.13 8.78 -2.11
CA GLY A 135 9.17 8.59 -1.11
C GLY A 135 10.55 8.52 -1.72
N GLN A 136 11.54 9.09 -1.04
CA GLN A 136 12.93 9.07 -1.51
C GLN A 136 13.76 8.11 -0.65
N MET A 137 13.08 7.22 0.06
CA MET A 137 13.74 6.24 0.92
C MET A 137 14.32 5.10 0.08
N TYR A 138 13.86 4.99 -1.17
CA TYR A 138 14.35 3.98 -2.09
C TYR A 138 14.97 4.61 -3.35
N PRO A 139 14.23 5.46 -4.11
CA PRO A 139 14.77 6.11 -5.31
C PRO A 139 15.54 7.40 -4.96
N GLY A 140 16.21 7.96 -5.97
CA GLY A 140 16.96 9.18 -5.77
C GLY A 140 18.44 8.91 -5.52
N LYS A 141 19.07 9.73 -4.70
CA LYS A 141 20.48 9.55 -4.36
C LYS A 141 20.80 10.29 -3.05
N GLY A 1 -19.13 38.26 40.68
CA GLY A 1 -17.74 37.77 40.57
C GLY A 1 -17.68 36.26 40.42
N ASP A 2 -17.19 35.57 41.44
CA ASP A 2 -17.06 34.12 41.41
C ASP A 2 -18.42 33.44 41.26
N ILE A 3 -19.47 34.15 41.66
CA ILE A 3 -20.84 33.62 41.60
C ILE A 3 -21.25 33.29 40.15
N ARG A 4 -20.49 33.80 39.19
CA ARG A 4 -20.76 33.56 37.77
C ARG A 4 -20.87 32.07 37.45
N ASP A 5 -20.21 31.25 38.27
CA ASP A 5 -20.17 29.80 38.05
C ASP A 5 -21.58 29.21 37.86
N TYR A 6 -22.47 29.52 38.81
CA TYR A 6 -23.83 28.99 38.76
C TYR A 6 -24.65 29.73 37.72
N ASN A 7 -24.39 31.03 37.57
CA ASN A 7 -25.08 31.83 36.58
C ASN A 7 -24.93 31.19 35.20
N ASP A 8 -23.69 31.08 34.74
CA ASP A 8 -23.43 30.45 33.45
C ASP A 8 -23.98 29.03 33.42
N ALA A 9 -23.46 28.17 34.30
CA ALA A 9 -23.82 26.75 34.29
C ALA A 9 -25.33 26.54 34.38
N ASP A 10 -25.91 26.96 35.49
CA ASP A 10 -27.32 26.72 35.78
C ASP A 10 -28.24 27.48 34.81
N MET A 11 -28.04 28.78 34.67
CA MET A 11 -28.97 29.60 33.88
C MET A 11 -28.92 29.19 32.41
N ALA A 12 -27.76 28.75 31.93
CA ALA A 12 -27.65 28.23 30.58
C ALA A 12 -28.33 26.86 30.48
N ARG A 13 -28.11 26.02 31.50
CA ARG A 13 -28.70 24.69 31.55
C ARG A 13 -30.23 24.78 31.44
N LEU A 14 -30.79 25.85 32.01
CA LEU A 14 -32.23 26.10 31.94
C LEU A 14 -32.61 26.87 30.67
N LEU A 15 -31.77 27.83 30.27
CA LEU A 15 -32.11 28.76 29.21
C LEU A 15 -31.12 28.71 28.05
N GLU A 16 -30.61 27.52 27.74
CA GLU A 16 -29.68 27.36 26.61
C GLU A 16 -30.32 27.78 25.29
N GLN A 17 -31.63 28.07 25.32
CA GLN A 17 -32.35 28.56 24.14
C GLN A 17 -31.62 29.78 23.56
N TRP A 18 -31.02 30.59 24.45
CA TRP A 18 -30.40 31.84 24.05
C TRP A 18 -29.04 31.61 23.39
N GLU A 19 -28.24 30.71 23.96
CA GLU A 19 -26.91 30.41 23.39
C GLU A 19 -27.09 29.66 22.07
N LYS A 20 -28.10 28.79 22.05
CA LYS A 20 -28.45 28.04 20.85
C LYS A 20 -28.92 28.98 19.75
N ASP A 21 -29.81 29.90 20.13
CA ASP A 21 -30.36 30.88 19.20
C ASP A 21 -29.23 31.69 18.56
N ASP A 22 -28.37 32.28 19.39
CA ASP A 22 -27.26 33.08 18.88
C ASP A 22 -26.38 32.26 17.95
N ASP A 23 -26.02 31.05 18.38
CA ASP A 23 -25.13 30.19 17.59
C ASP A 23 -25.68 29.96 16.18
N ILE A 24 -26.96 29.64 16.11
CA ILE A 24 -27.62 29.35 14.83
C ILE A 24 -27.88 30.63 14.04
N GLU A 25 -28.56 31.58 14.67
CA GLU A 25 -28.99 32.81 14.00
C GLU A 25 -27.79 33.65 13.54
N GLU A 26 -26.83 33.86 14.43
CA GLU A 26 -25.65 34.65 14.12
C GLU A 26 -24.76 33.93 13.11
N GLY A 27 -24.62 32.62 13.30
CA GLY A 27 -23.78 31.81 12.43
C GLY A 27 -22.32 32.18 12.57
N ASP A 28 -21.96 32.75 13.71
CA ASP A 28 -20.60 33.18 13.98
C ASP A 28 -19.94 32.23 14.98
N LEU A 29 -18.80 31.67 14.59
CA LEU A 29 -18.08 30.71 15.42
C LEU A 29 -16.84 31.35 16.04
N PRO A 30 -16.34 30.80 17.16
CA PRO A 30 -15.11 31.29 17.81
C PRO A 30 -13.95 31.39 16.83
N GLU A 31 -13.29 32.55 16.80
CA GLU A 31 -12.17 32.81 15.90
C GLU A 31 -10.91 32.09 16.37
N HIS A 32 -10.90 31.69 17.64
CA HIS A 32 -9.82 30.87 18.19
C HIS A 32 -9.98 29.42 17.75
N LYS A 33 -8.92 28.63 17.93
CA LYS A 33 -8.89 27.26 17.43
C LYS A 33 -9.77 26.34 18.28
N ARG A 34 -10.67 25.63 17.63
CA ARG A 34 -11.52 24.63 18.28
C ARG A 34 -10.71 23.34 18.49
N PRO A 35 -10.27 23.08 19.74
CA PRO A 35 -9.31 22.00 20.05
C PRO A 35 -9.73 20.61 19.58
N SER A 36 -10.90 20.17 20.04
CA SER A 36 -11.38 18.83 19.74
C SER A 36 -12.72 18.88 18.99
N ALA A 37 -12.72 18.41 17.75
CA ALA A 37 -13.91 18.44 16.90
C ALA A 37 -14.84 17.24 17.13
N PRO A 38 -14.32 15.98 17.10
CA PRO A 38 -15.16 14.77 17.19
C PRO A 38 -15.63 14.47 18.61
N ILE A 39 -15.77 15.51 19.44
CA ILE A 39 -16.26 15.35 20.80
C ILE A 39 -17.67 14.77 20.81
N ASP A 40 -18.43 15.07 19.75
CA ASP A 40 -19.80 14.58 19.63
C ASP A 40 -19.80 13.06 19.43
N PHE A 41 -18.92 12.58 18.56
CA PHE A 41 -18.77 11.13 18.34
C PHE A 41 -18.32 10.46 19.62
N SER A 42 -17.51 11.17 20.39
CA SER A 42 -17.03 10.69 21.69
C SER A 42 -18.17 10.74 22.72
N LYS A 43 -19.06 11.72 22.55
CA LYS A 43 -20.23 11.87 23.40
C LYS A 43 -21.15 10.67 23.24
N LEU A 44 -21.42 10.31 21.98
CA LEU A 44 -22.25 9.16 21.67
C LEU A 44 -21.56 7.86 22.08
N ASP A 45 -20.27 7.74 21.75
CA ASP A 45 -19.49 6.53 22.00
C ASP A 45 -20.10 5.34 21.26
N PRO A 46 -19.61 5.08 20.02
CA PRO A 46 -20.14 4.02 19.14
C PRO A 46 -20.47 2.72 19.89
N GLY A 47 -19.64 2.35 20.87
CA GLY A 47 -19.88 1.16 21.66
C GLY A 47 -19.42 -0.11 20.96
N LYS A 48 -19.68 -0.19 19.67
CA LYS A 48 -19.19 -1.29 18.84
C LYS A 48 -17.68 -1.13 18.61
N PRO A 49 -16.92 -2.23 18.64
CA PRO A 49 -15.45 -2.18 18.49
C PRO A 49 -15.02 -1.76 17.09
N GLU A 50 -13.72 -1.48 16.93
CA GLU A 50 -13.17 -1.07 15.64
C GLU A 50 -13.10 -2.28 14.68
N SER A 51 -14.26 -2.77 14.28
CA SER A 51 -14.36 -3.90 13.37
C SER A 51 -13.63 -3.60 12.07
N ILE A 52 -13.67 -2.34 11.65
CA ILE A 52 -12.96 -1.90 10.46
C ILE A 52 -11.45 -2.11 10.61
N LEU A 53 -10.93 -1.79 11.80
CA LEU A 53 -9.51 -1.94 12.07
C LEU A 53 -9.13 -3.42 12.11
N LYS A 54 -10.04 -4.24 12.62
CA LYS A 54 -9.85 -5.69 12.64
C LYS A 54 -9.83 -6.21 11.20
N MET A 55 -10.73 -5.68 10.38
CA MET A 55 -10.88 -6.11 8.99
C MET A 55 -9.76 -5.55 8.11
N THR A 56 -9.12 -4.48 8.55
CA THR A 56 -8.05 -3.85 7.80
C THR A 56 -6.68 -4.24 8.35
N LYS A 57 -5.91 -4.98 7.56
CA LYS A 57 -4.55 -5.34 7.94
C LYS A 57 -3.58 -4.26 7.48
N LYS A 58 -3.07 -3.50 8.44
CA LYS A 58 -2.20 -2.36 8.19
C LYS A 58 -0.74 -2.74 8.43
N GLY A 59 0.19 -1.94 7.90
CA GLY A 59 1.60 -2.26 8.01
C GLY A 59 2.27 -2.32 6.65
N LYS A 60 1.49 -2.13 5.59
CA LYS A 60 2.05 -1.99 4.25
C LYS A 60 2.59 -0.56 4.09
N THR A 61 3.92 -0.43 4.20
CA THR A 61 4.57 0.86 4.37
C THR A 61 4.85 1.59 3.05
N LEU A 62 4.95 0.85 1.95
CA LEU A 62 5.32 1.45 0.68
C LEU A 62 4.12 1.47 -0.26
N MET A 63 3.49 2.63 -0.40
CA MET A 63 2.34 2.77 -1.30
C MET A 63 2.72 3.58 -2.53
N MET A 64 2.04 3.28 -3.64
CA MET A 64 2.29 3.92 -4.93
C MET A 64 0.99 4.42 -5.53
N PHE A 65 1.09 5.45 -6.37
CA PHE A 65 -0.05 5.97 -7.12
C PHE A 65 0.17 5.71 -8.62
N VAL A 66 -0.56 4.76 -9.16
CA VAL A 66 -0.42 4.36 -10.55
C VAL A 66 -1.31 5.21 -11.45
N THR A 67 -0.69 6.15 -12.17
CA THR A 67 -1.43 6.99 -13.11
C THR A 67 -1.71 6.19 -14.38
N VAL A 68 -2.96 5.74 -14.53
CA VAL A 68 -3.33 4.83 -15.62
C VAL A 68 -4.03 5.57 -16.75
N SER A 69 -5.18 6.15 -16.45
CA SER A 69 -6.02 6.78 -17.45
C SER A 69 -5.70 8.27 -17.57
N GLY A 70 -5.90 9.00 -16.47
CA GLY A 70 -5.74 10.44 -16.47
C GLY A 70 -6.98 11.15 -16.96
N ASN A 71 -8.06 10.38 -17.11
CA ASN A 71 -9.35 10.88 -17.56
C ASN A 71 -10.45 10.46 -16.56
N PRO A 72 -11.64 11.10 -16.61
CA PRO A 72 -12.66 10.95 -15.57
C PRO A 72 -13.33 9.58 -15.54
N THR A 73 -13.36 8.89 -16.68
CA THR A 73 -14.00 7.58 -16.77
C THR A 73 -13.29 6.56 -15.87
N GLU A 74 -13.77 6.48 -14.62
CA GLU A 74 -13.20 5.61 -13.60
C GLU A 74 -13.35 4.14 -13.98
N LYS A 75 -14.31 3.87 -14.86
CA LYS A 75 -14.61 2.51 -15.30
C LYS A 75 -13.35 1.82 -15.82
N GLU A 76 -12.62 2.53 -16.69
CA GLU A 76 -11.42 2.00 -17.32
C GLU A 76 -10.39 1.65 -16.25
N THR A 77 -10.21 2.57 -15.30
CA THR A 77 -9.27 2.38 -14.20
C THR A 77 -9.70 1.21 -13.31
N GLU A 78 -11.01 1.09 -13.08
CA GLU A 78 -11.54 0.02 -12.25
C GLU A 78 -11.28 -1.34 -12.89
N GLU A 79 -11.60 -1.45 -14.17
CA GLU A 79 -11.38 -2.67 -14.94
C GLU A 79 -9.92 -3.11 -14.89
N ILE A 80 -9.03 -2.20 -15.26
CA ILE A 80 -7.60 -2.52 -15.32
C ILE A 80 -7.07 -2.89 -13.93
N THR A 81 -7.57 -2.20 -12.90
CA THR A 81 -7.18 -2.49 -11.52
C THR A 81 -7.72 -3.84 -11.07
N SER A 82 -8.88 -4.23 -11.62
CA SER A 82 -9.45 -5.55 -11.33
C SER A 82 -8.58 -6.65 -11.93
N LEU A 83 -8.08 -6.39 -13.14
CA LEU A 83 -7.16 -7.31 -13.80
C LEU A 83 -5.86 -7.44 -13.01
N TRP A 84 -5.35 -6.31 -12.53
CA TRP A 84 -4.17 -6.29 -11.68
C TRP A 84 -4.46 -6.99 -10.35
N GLN A 85 -5.67 -6.78 -9.84
CA GLN A 85 -6.11 -7.41 -8.58
C GLN A 85 -5.93 -8.92 -8.69
N GLY A 86 -6.54 -9.51 -9.71
CA GLY A 86 -6.43 -10.94 -9.93
C GLY A 86 -5.00 -11.38 -10.14
N SER A 87 -4.34 -10.76 -11.12
CA SER A 87 -2.98 -11.15 -11.52
C SER A 87 -2.01 -11.10 -10.32
N LEU A 88 -1.97 -9.98 -9.62
CA LEU A 88 -1.04 -9.79 -8.51
C LEU A 88 -1.28 -10.83 -7.41
N PHE A 89 -2.54 -11.01 -7.03
CA PHE A 89 -2.88 -11.97 -5.99
C PHE A 89 -2.60 -13.40 -6.47
N ASN A 90 -2.71 -13.62 -7.78
CA ASN A 90 -2.36 -14.91 -8.38
C ASN A 90 -0.84 -15.07 -8.40
N ALA A 91 -0.13 -13.95 -8.28
CA ALA A 91 1.33 -13.95 -8.22
C ALA A 91 1.80 -13.97 -6.75
N ASN A 92 0.86 -14.27 -5.86
CA ASN A 92 1.14 -14.43 -4.42
C ASN A 92 1.38 -13.08 -3.73
N TYR A 93 0.99 -11.99 -4.40
CA TYR A 93 1.06 -10.66 -3.78
C TYR A 93 -0.08 -10.48 -2.78
N ASP A 94 0.28 -10.20 -1.53
CA ASP A 94 -0.71 -9.92 -0.48
C ASP A 94 -0.84 -8.41 -0.29
N VAL A 95 -0.78 -7.70 -1.41
CA VAL A 95 -0.80 -6.24 -1.40
C VAL A 95 -2.24 -5.72 -1.40
N GLN A 96 -2.39 -4.42 -1.20
CA GLN A 96 -3.70 -3.78 -1.15
C GLN A 96 -3.82 -2.77 -2.30
N ARG A 97 -5.04 -2.52 -2.75
CA ARG A 97 -5.27 -1.56 -3.84
C ARG A 97 -6.68 -0.98 -3.76
N PHE A 98 -6.80 0.30 -4.09
CA PHE A 98 -8.09 0.99 -4.11
C PHE A 98 -8.17 1.96 -5.29
N ILE A 99 -9.38 2.16 -5.80
CA ILE A 99 -9.63 3.14 -6.84
C ILE A 99 -10.22 4.42 -6.24
N VAL A 100 -9.41 5.47 -6.20
CA VAL A 100 -9.84 6.77 -5.70
C VAL A 100 -9.13 7.87 -6.49
N GLY A 101 -9.89 8.53 -7.36
CA GLY A 101 -9.31 9.46 -8.30
C GLY A 101 -8.98 8.73 -9.59
N SER A 102 -9.86 8.88 -10.57
CA SER A 102 -9.79 8.12 -11.83
C SER A 102 -8.39 8.13 -12.45
N ASP A 103 -7.64 9.21 -12.21
CA ASP A 103 -6.28 9.35 -12.73
C ASP A 103 -5.38 8.21 -12.27
N ARG A 104 -5.47 7.89 -10.98
CA ARG A 104 -4.49 7.01 -10.33
C ARG A 104 -5.16 5.94 -9.46
N ALA A 105 -4.63 4.72 -9.56
CA ALA A 105 -5.03 3.64 -8.65
C ALA A 105 -3.96 3.49 -7.57
N ILE A 106 -4.39 3.46 -6.31
CA ILE A 106 -3.43 3.42 -5.20
C ILE A 106 -3.14 1.98 -4.77
N PHE A 107 -1.87 1.59 -4.87
CA PHE A 107 -1.43 0.26 -4.48
C PHE A 107 -0.56 0.33 -3.23
N MET A 108 -1.01 -0.31 -2.16
CA MET A 108 -0.27 -0.36 -0.90
C MET A 108 0.57 -1.63 -0.84
N LEU A 109 1.88 -1.49 -1.00
CA LEU A 109 2.81 -2.61 -0.95
C LEU A 109 3.37 -2.76 0.45
N ARG A 110 3.88 -3.95 0.76
CA ARG A 110 4.41 -4.26 2.09
C ARG A 110 5.62 -3.37 2.39
N ASP A 111 6.56 -3.40 1.46
CA ASP A 111 7.82 -2.68 1.63
C ASP A 111 8.52 -2.58 0.28
N GLY A 112 9.74 -2.05 0.28
CA GLY A 112 10.49 -1.87 -0.95
C GLY A 112 11.22 -3.14 -1.39
N SER A 113 10.50 -4.26 -1.32
CA SER A 113 11.06 -5.56 -1.69
C SER A 113 10.92 -5.81 -3.19
N TYR A 114 9.68 -6.02 -3.64
CA TYR A 114 9.39 -6.25 -5.06
C TYR A 114 8.78 -5.00 -5.69
N ALA A 115 9.05 -3.85 -5.07
CA ALA A 115 8.49 -2.57 -5.49
C ALA A 115 8.76 -2.30 -6.99
N TRP A 116 10.00 -2.49 -7.40
CA TRP A 116 10.41 -2.24 -8.79
C TRP A 116 9.81 -3.27 -9.74
N GLU A 117 9.57 -4.49 -9.25
CA GLU A 117 9.04 -5.56 -10.08
C GLU A 117 7.58 -5.27 -10.43
N ILE A 118 6.78 -4.98 -9.42
CA ILE A 118 5.38 -4.65 -9.63
C ILE A 118 5.25 -3.33 -10.40
N LYS A 119 6.08 -2.35 -10.06
CA LYS A 119 6.12 -1.07 -10.78
C LYS A 119 6.39 -1.32 -12.26
N ASP A 120 7.37 -2.18 -12.54
CA ASP A 120 7.72 -2.57 -13.91
C ASP A 120 6.50 -3.14 -14.61
N PHE A 121 5.89 -4.14 -13.99
CA PHE A 121 4.70 -4.80 -14.52
C PHE A 121 3.61 -3.79 -14.87
N LEU A 122 3.31 -2.88 -13.94
CA LEU A 122 2.24 -1.91 -14.11
C LEU A 122 2.55 -0.94 -15.25
N VAL A 123 3.83 -0.56 -15.39
CA VAL A 123 4.25 0.36 -16.45
C VAL A 123 4.37 -0.38 -17.79
N SER A 124 4.53 -1.70 -17.72
CA SER A 124 4.69 -2.52 -18.93
C SER A 124 3.41 -2.62 -19.74
N GLN A 125 2.33 -1.98 -19.27
CA GLN A 125 1.07 -1.96 -20.01
C GLN A 125 1.30 -1.41 -21.43
N ASP A 126 0.63 -2.04 -22.40
CA ASP A 126 0.82 -1.72 -23.81
C ASP A 126 0.40 -0.28 -24.12
N ARG A 127 -0.64 0.19 -23.44
CA ARG A 127 -1.15 1.55 -23.64
C ARG A 127 -0.32 2.56 -22.82
N CYS A 128 0.75 2.06 -22.19
CA CYS A 128 1.65 2.89 -21.38
C CYS A 128 0.97 3.35 -20.09
N ALA A 129 1.80 3.65 -19.08
CA ALA A 129 1.32 4.10 -17.78
C ALA A 129 2.51 4.56 -16.94
N GLU A 130 2.27 4.88 -15.68
CA GLU A 130 3.35 5.28 -14.77
C GLU A 130 2.93 5.05 -13.33
N VAL A 131 3.89 4.66 -12.50
CA VAL A 131 3.66 4.36 -11.09
C VAL A 131 4.54 5.25 -10.23
N THR A 132 3.92 6.19 -9.52
CA THR A 132 4.66 7.15 -8.71
C THR A 132 4.72 6.66 -7.27
N LEU A 133 5.82 6.97 -6.58
CA LEU A 133 6.01 6.50 -5.21
C LEU A 133 5.51 7.55 -4.22
N GLU A 134 4.89 7.11 -3.13
CA GLU A 134 4.46 8.04 -2.09
C GLU A 134 5.68 8.42 -1.24
N GLY A 135 6.52 9.29 -1.79
CA GLY A 135 7.71 9.73 -1.09
C GLY A 135 8.81 8.68 -1.13
N GLN A 136 9.57 8.60 -0.03
CA GLN A 136 10.67 7.63 0.09
C GLN A 136 11.74 7.88 -0.99
N MET A 137 12.65 6.91 -1.13
CA MET A 137 13.72 6.99 -2.11
C MET A 137 13.16 6.94 -3.54
N TYR A 138 13.05 8.10 -4.15
CA TYR A 138 12.56 8.20 -5.52
C TYR A 138 13.74 8.40 -6.47
N PRO A 139 13.75 7.72 -7.64
CA PRO A 139 14.80 7.86 -8.65
C PRO A 139 14.79 9.25 -9.31
N GLY A 140 15.48 9.37 -10.45
CA GLY A 140 15.49 10.62 -11.19
C GLY A 140 14.11 10.94 -11.74
N LYS A 141 13.46 9.91 -12.27
CA LYS A 141 12.10 10.01 -12.77
C LYS A 141 11.54 8.62 -13.01
N GLY A 1 48.33 34.18 3.75
CA GLY A 1 48.28 33.58 5.10
C GLY A 1 49.09 32.29 5.17
N ASP A 2 49.86 32.13 6.24
CA ASP A 2 50.69 30.94 6.42
C ASP A 2 49.83 29.71 6.66
N ILE A 3 49.85 28.78 5.71
CA ILE A 3 49.05 27.56 5.81
C ILE A 3 49.76 26.50 6.66
N ARG A 4 51.05 26.71 6.91
CA ARG A 4 51.83 25.77 7.70
C ARG A 4 51.31 25.69 9.13
N ASP A 5 50.88 26.84 9.65
CA ASP A 5 50.44 26.95 11.04
C ASP A 5 49.40 25.87 11.39
N TYR A 6 48.38 25.73 10.54
CA TYR A 6 47.32 24.76 10.80
C TYR A 6 47.83 23.34 10.59
N ASN A 7 48.62 23.14 9.54
CA ASN A 7 49.22 21.82 9.29
C ASN A 7 50.02 21.40 10.51
N ASP A 8 51.05 22.17 10.82
CA ASP A 8 51.92 21.93 11.97
C ASP A 8 51.09 21.67 13.23
N ALA A 9 50.50 22.73 13.77
CA ALA A 9 49.83 22.65 15.06
C ALA A 9 48.67 21.65 15.05
N ASP A 10 47.74 21.82 14.12
CA ASP A 10 46.48 21.07 14.15
C ASP A 10 46.70 19.61 13.72
N MET A 11 47.45 19.41 12.63
CA MET A 11 47.64 18.05 12.11
C MET A 11 48.57 17.25 13.02
N ALA A 12 49.60 17.90 13.56
CA ALA A 12 50.48 17.22 14.51
C ALA A 12 49.73 16.85 15.77
N ARG A 13 48.87 17.77 16.23
CA ARG A 13 48.04 17.52 17.40
C ARG A 13 47.07 16.36 17.15
N LEU A 14 46.59 16.25 15.91
CA LEU A 14 45.71 15.16 15.51
C LEU A 14 46.48 13.83 15.52
N LEU A 15 47.61 13.81 14.82
CA LEU A 15 48.43 12.61 14.70
C LEU A 15 49.22 12.34 15.99
N GLU A 16 49.21 13.32 16.90
CA GLU A 16 49.86 13.18 18.21
C GLU A 16 49.44 11.88 18.88
N GLN A 17 48.12 11.63 18.85
CA GLN A 17 47.55 10.43 19.45
C GLN A 17 48.14 9.18 18.79
N TRP A 18 48.06 9.13 17.47
CA TRP A 18 48.56 8.00 16.71
C TRP A 18 50.05 7.77 17.01
N GLU A 19 50.78 8.86 17.11
CA GLU A 19 52.23 8.82 17.31
C GLU A 19 52.57 8.25 18.69
N LYS A 20 52.08 8.91 19.73
CA LYS A 20 52.40 8.52 21.10
C LYS A 20 51.89 7.11 21.41
N ASP A 21 50.66 6.82 21.01
CA ASP A 21 50.07 5.50 21.27
C ASP A 21 50.84 4.41 20.52
N ASP A 22 51.22 4.69 19.27
CA ASP A 22 52.00 3.73 18.49
C ASP A 22 53.31 3.39 19.21
N ASP A 23 53.98 4.43 19.70
CA ASP A 23 55.26 4.28 20.40
C ASP A 23 55.07 3.52 21.72
N ILE A 24 54.10 3.96 22.51
CA ILE A 24 53.85 3.36 23.83
C ILE A 24 53.45 1.89 23.72
N GLU A 25 52.52 1.59 22.82
CA GLU A 25 52.05 0.22 22.64
C GLU A 25 53.14 -0.66 22.03
N GLU A 26 53.85 -0.10 21.04
CA GLU A 26 54.99 -0.78 20.41
C GLU A 26 54.60 -2.17 19.86
N GLY A 27 54.35 -2.24 18.56
CA GLY A 27 54.03 -3.51 17.94
C GLY A 27 52.54 -3.79 17.92
N ASP A 28 51.88 -3.36 16.85
CA ASP A 28 50.45 -3.61 16.68
C ASP A 28 50.22 -5.04 16.18
N LEU A 29 49.94 -5.94 17.12
CA LEU A 29 49.72 -7.35 16.80
C LEU A 29 48.59 -7.90 17.67
N PRO A 30 47.43 -8.23 17.07
CA PRO A 30 46.29 -8.78 17.81
C PRO A 30 46.56 -10.21 18.29
N GLU A 31 46.56 -10.37 19.61
CA GLU A 31 46.78 -11.69 20.22
C GLU A 31 45.51 -12.53 20.16
N HIS A 32 44.38 -11.85 20.11
CA HIS A 32 43.08 -12.50 20.14
C HIS A 32 42.29 -12.21 18.88
N LYS A 33 41.72 -13.27 18.30
CA LYS A 33 40.88 -13.17 17.11
C LYS A 33 39.44 -13.58 17.48
N ARG A 34 38.49 -13.26 16.62
CA ARG A 34 37.11 -13.69 16.83
C ARG A 34 37.01 -15.17 16.47
N PRO A 35 36.84 -16.06 17.47
CA PRO A 35 36.87 -17.52 17.26
C PRO A 35 35.83 -18.00 16.26
N SER A 36 34.69 -17.32 16.22
CA SER A 36 33.59 -17.68 15.34
C SER A 36 33.95 -17.40 13.89
N ALA A 37 34.10 -18.46 13.10
CA ALA A 37 34.36 -18.33 11.66
C ALA A 37 33.16 -17.68 10.95
N PRO A 38 31.92 -18.20 11.15
CA PRO A 38 30.73 -17.57 10.59
C PRO A 38 30.28 -16.37 11.44
N ILE A 39 30.80 -15.20 11.11
CA ILE A 39 30.55 -13.98 11.88
C ILE A 39 29.05 -13.69 12.00
N ASP A 40 28.29 -14.15 11.01
CA ASP A 40 26.84 -13.93 10.95
C ASP A 40 26.16 -14.35 12.25
N PHE A 41 26.56 -15.50 12.79
CA PHE A 41 25.96 -16.02 14.02
C PHE A 41 26.27 -15.11 15.21
N SER A 42 27.44 -14.47 15.17
CA SER A 42 27.83 -13.54 16.22
C SER A 42 27.09 -12.22 16.06
N LYS A 43 26.92 -11.80 14.80
CA LYS A 43 26.28 -10.53 14.47
C LYS A 43 24.80 -10.55 14.85
N LEU A 44 24.11 -11.63 14.50
CA LEU A 44 22.70 -11.80 14.82
C LEU A 44 22.53 -12.26 16.27
N ASP A 45 23.41 -13.17 16.70
CA ASP A 45 23.36 -13.74 18.05
C ASP A 45 21.99 -14.36 18.31
N PRO A 46 21.82 -15.65 17.93
CA PRO A 46 20.51 -16.32 17.92
C PRO A 46 19.92 -16.56 19.30
N GLY A 47 18.81 -17.30 19.33
CA GLY A 47 18.12 -17.60 20.58
C GLY A 47 16.84 -16.80 20.75
N LYS A 48 16.65 -15.81 19.87
CA LYS A 48 15.49 -14.94 19.92
C LYS A 48 14.46 -15.36 18.86
N PRO A 49 13.21 -15.66 19.26
CA PRO A 49 12.16 -16.08 18.34
C PRO A 49 11.45 -14.90 17.69
N GLU A 50 11.60 -14.77 16.36
CA GLU A 50 10.93 -13.74 15.58
C GLU A 50 11.29 -12.33 16.07
N SER A 51 12.49 -12.19 16.62
CA SER A 51 12.97 -10.90 17.11
C SER A 51 12.95 -9.86 15.99
N ILE A 52 13.32 -10.30 14.79
CA ILE A 52 13.28 -9.44 13.62
C ILE A 52 11.86 -8.97 13.34
N LEU A 53 10.88 -9.86 13.53
CA LEU A 53 9.47 -9.51 13.36
C LEU A 53 9.03 -8.58 14.50
N LYS A 54 9.70 -8.70 15.64
CA LYS A 54 9.41 -7.87 16.80
C LYS A 54 9.93 -6.44 16.59
N MET A 55 11.04 -6.31 15.88
CA MET A 55 11.62 -4.99 15.60
C MET A 55 11.02 -4.37 14.34
N THR A 56 10.46 -5.20 13.45
CA THR A 56 9.75 -4.71 12.29
C THR A 56 8.44 -4.06 12.71
N LYS A 57 8.33 -2.75 12.49
CA LYS A 57 7.17 -1.99 12.93
C LYS A 57 6.12 -1.91 11.83
N LYS A 58 4.87 -2.16 12.20
CA LYS A 58 3.76 -2.12 11.26
C LYS A 58 3.38 -0.68 10.93
N GLY A 59 2.69 -0.50 9.80
CA GLY A 59 2.42 0.83 9.28
C GLY A 59 3.38 1.15 8.15
N LYS A 60 3.39 0.30 7.13
CA LYS A 60 4.33 0.42 6.03
C LYS A 60 3.84 1.48 5.04
N THR A 61 4.41 2.67 5.14
CA THR A 61 3.99 3.81 4.31
C THR A 61 4.57 3.74 2.89
N LEU A 62 4.79 2.52 2.39
CA LEU A 62 5.34 2.32 1.05
C LEU A 62 4.18 2.19 0.06
N MET A 63 3.89 3.26 -0.67
CA MET A 63 2.77 3.27 -1.60
C MET A 63 3.18 3.90 -2.94
N MET A 64 2.46 3.50 -3.99
CA MET A 64 2.71 3.97 -5.34
C MET A 64 1.41 4.48 -5.98
N PHE A 65 1.44 5.73 -6.44
CA PHE A 65 0.30 6.32 -7.14
C PHE A 65 0.48 6.16 -8.65
N VAL A 66 -0.26 5.24 -9.24
CA VAL A 66 -0.13 4.93 -10.66
C VAL A 66 -1.25 5.60 -11.46
N THR A 67 -0.89 6.63 -12.22
CA THR A 67 -1.86 7.34 -13.07
C THR A 67 -2.13 6.53 -14.35
N VAL A 68 -3.26 5.83 -14.37
CA VAL A 68 -3.55 4.87 -15.44
C VAL A 68 -4.56 5.42 -16.45
N SER A 69 -5.63 6.03 -15.95
CA SER A 69 -6.78 6.34 -16.77
C SER A 69 -6.53 7.53 -17.71
N GLY A 70 -6.45 8.73 -17.13
CA GLY A 70 -6.42 9.95 -17.95
C GLY A 70 -7.73 10.14 -18.71
N ASN A 71 -8.73 9.32 -18.37
CA ASN A 71 -10.03 9.31 -19.04
C ASN A 71 -11.15 9.50 -18.01
N PRO A 72 -12.05 10.48 -18.23
CA PRO A 72 -13.17 10.75 -17.30
C PRO A 72 -14.08 9.53 -17.10
N THR A 73 -14.07 8.62 -18.07
CA THR A 73 -14.88 7.41 -17.97
C THR A 73 -14.14 6.33 -17.18
N GLU A 74 -14.74 5.93 -16.05
CA GLU A 74 -14.09 5.03 -15.10
C GLU A 74 -13.85 3.62 -15.66
N LYS A 75 -14.42 3.34 -16.83
CA LYS A 75 -14.25 2.03 -17.48
C LYS A 75 -12.79 1.56 -17.46
N GLU A 76 -11.88 2.47 -17.77
CA GLU A 76 -10.46 2.14 -17.86
C GLU A 76 -9.89 1.74 -16.50
N THR A 77 -10.10 2.57 -15.49
CA THR A 77 -9.55 2.34 -14.16
C THR A 77 -10.20 1.12 -13.52
N GLU A 78 -11.48 0.90 -13.81
CA GLU A 78 -12.23 -0.23 -13.26
C GLU A 78 -11.63 -1.53 -13.80
N GLU A 79 -11.55 -1.62 -15.13
CA GLU A 79 -10.97 -2.79 -15.80
C GLU A 79 -9.56 -3.06 -15.31
N ILE A 80 -8.71 -2.03 -15.37
CA ILE A 80 -7.28 -2.21 -15.10
C ILE A 80 -7.03 -2.54 -13.62
N THR A 81 -7.73 -1.85 -12.71
CA THR A 81 -7.52 -2.06 -11.29
C THR A 81 -8.01 -3.44 -10.87
N SER A 82 -9.12 -3.89 -11.44
CA SER A 82 -9.64 -5.22 -11.13
C SER A 82 -8.72 -6.30 -11.68
N LEU A 83 -8.33 -6.17 -12.95
CA LEU A 83 -7.44 -7.12 -13.60
C LEU A 83 -6.10 -7.20 -12.85
N TRP A 84 -5.57 -6.03 -12.48
CA TRP A 84 -4.29 -5.96 -11.75
C TRP A 84 -4.39 -6.67 -10.41
N GLN A 85 -5.31 -6.21 -9.55
CA GLN A 85 -5.42 -6.77 -8.19
C GLN A 85 -5.65 -8.27 -8.25
N GLY A 86 -6.41 -8.72 -9.24
CA GLY A 86 -6.61 -10.15 -9.44
C GLY A 86 -5.31 -10.84 -9.84
N SER A 87 -4.64 -10.27 -10.84
CA SER A 87 -3.39 -10.82 -11.36
C SER A 87 -2.34 -10.94 -10.26
N LEU A 88 -2.23 -9.92 -9.42
CA LEU A 88 -1.26 -9.89 -8.35
C LEU A 88 -1.55 -10.99 -7.33
N PHE A 89 -2.82 -11.19 -7.01
CA PHE A 89 -3.23 -12.23 -6.07
C PHE A 89 -3.22 -13.60 -6.76
N ASN A 90 -3.27 -13.60 -8.09
CA ASN A 90 -3.06 -14.84 -8.86
C ASN A 90 -1.60 -15.26 -8.73
N ALA A 91 -0.72 -14.25 -8.63
CA ALA A 91 0.69 -14.48 -8.39
C ALA A 91 0.96 -14.65 -6.89
N ASN A 92 -0.11 -14.49 -6.09
CA ASN A 92 -0.09 -14.73 -4.64
C ASN A 92 0.63 -13.61 -3.88
N TYR A 93 0.76 -12.44 -4.50
CA TYR A 93 1.39 -11.31 -3.83
C TYR A 93 0.35 -10.53 -3.02
N ASP A 94 0.28 -10.79 -1.72
CA ASP A 94 -0.65 -10.11 -0.84
C ASP A 94 -0.29 -8.64 -0.67
N VAL A 95 -0.75 -7.81 -1.61
CA VAL A 95 -0.52 -6.37 -1.56
C VAL A 95 -1.85 -5.65 -1.42
N GLN A 96 -1.82 -4.40 -0.96
CA GLN A 96 -3.03 -3.61 -0.79
C GLN A 96 -3.18 -2.64 -1.94
N ARG A 97 -4.42 -2.39 -2.35
CA ARG A 97 -4.68 -1.47 -3.45
C ARG A 97 -6.02 -0.77 -3.23
N PHE A 98 -6.07 0.51 -3.55
CA PHE A 98 -7.27 1.31 -3.40
C PHE A 98 -7.44 2.20 -4.62
N ILE A 99 -8.67 2.63 -4.89
CA ILE A 99 -8.96 3.46 -6.04
C ILE A 99 -9.62 4.77 -5.60
N VAL A 100 -8.80 5.77 -5.32
CA VAL A 100 -9.28 7.09 -4.93
C VAL A 100 -8.92 8.10 -6.02
N GLY A 101 -9.91 8.42 -6.87
CA GLY A 101 -9.66 9.24 -8.03
C GLY A 101 -9.48 8.39 -9.27
N SER A 102 -10.53 8.33 -10.09
CA SER A 102 -10.60 7.41 -11.23
C SER A 102 -9.36 7.47 -12.13
N ASP A 103 -8.56 8.53 -12.02
CA ASP A 103 -7.37 8.68 -12.84
C ASP A 103 -6.25 7.74 -12.41
N ARG A 104 -6.03 7.62 -11.09
CA ARG A 104 -4.86 6.88 -10.58
C ARG A 104 -5.25 5.86 -9.52
N ALA A 105 -4.61 4.70 -9.57
CA ALA A 105 -4.80 3.65 -8.58
C ALA A 105 -3.61 3.67 -7.62
N ILE A 106 -3.89 3.53 -6.32
CA ILE A 106 -2.84 3.56 -5.31
C ILE A 106 -2.58 2.15 -4.75
N PHE A 107 -1.36 1.66 -4.95
CA PHE A 107 -0.94 0.36 -4.43
C PHE A 107 -0.05 0.54 -3.21
N MET A 108 -0.45 -0.05 -2.09
CA MET A 108 0.36 -0.03 -0.87
C MET A 108 1.04 -1.39 -0.70
N LEU A 109 2.37 -1.35 -0.66
CA LEU A 109 3.18 -2.56 -0.61
C LEU A 109 3.67 -2.82 0.81
N ARG A 110 3.51 -4.07 1.27
CA ARG A 110 4.01 -4.47 2.57
C ARG A 110 5.52 -4.63 2.52
N ASP A 111 6.01 -4.96 1.32
CA ASP A 111 7.41 -5.23 1.09
C ASP A 111 7.97 -4.27 0.04
N GLY A 112 9.26 -3.95 0.16
CA GLY A 112 9.91 -3.03 -0.75
C GLY A 112 10.87 -3.73 -1.70
N SER A 113 11.08 -5.03 -1.49
CA SER A 113 12.01 -5.80 -2.32
C SER A 113 11.41 -6.05 -3.70
N TYR A 114 10.10 -6.34 -3.73
CA TYR A 114 9.39 -6.61 -4.99
C TYR A 114 8.96 -5.30 -5.64
N ALA A 115 9.25 -4.19 -4.97
CA ALA A 115 8.79 -2.86 -5.40
C ALA A 115 9.19 -2.54 -6.85
N TRP A 116 10.42 -2.89 -7.22
CA TRP A 116 10.93 -2.59 -8.57
C TRP A 116 10.26 -3.47 -9.61
N GLU A 117 10.09 -4.75 -9.29
CA GLU A 117 9.48 -5.71 -10.20
C GLU A 117 8.04 -5.30 -10.49
N ILE A 118 7.28 -5.01 -9.43
CA ILE A 118 5.89 -4.59 -9.56
C ILE A 118 5.81 -3.22 -10.23
N LYS A 119 6.77 -2.35 -9.93
CA LYS A 119 6.85 -1.02 -10.56
C LYS A 119 6.86 -1.18 -12.08
N ASP A 120 7.79 -1.98 -12.57
CA ASP A 120 7.91 -2.23 -14.01
C ASP A 120 6.67 -2.94 -14.53
N PHE A 121 6.10 -3.84 -13.73
CA PHE A 121 4.89 -4.56 -14.12
C PHE A 121 3.75 -3.57 -14.40
N LEU A 122 3.55 -2.63 -13.49
CA LEU A 122 2.49 -1.63 -13.61
C LEU A 122 2.74 -0.70 -14.80
N VAL A 123 3.95 -0.16 -14.91
CA VAL A 123 4.28 0.79 -15.97
C VAL A 123 4.33 0.12 -17.34
N SER A 124 4.57 -1.20 -17.35
CA SER A 124 4.68 -1.96 -18.59
C SER A 124 3.30 -2.21 -19.21
N GLN A 125 2.26 -1.76 -18.52
CA GLN A 125 0.88 -1.93 -19.00
C GLN A 125 0.70 -1.22 -20.34
N ASP A 126 -0.17 -1.77 -21.19
CA ASP A 126 -0.36 -1.27 -22.56
C ASP A 126 -0.83 0.18 -22.59
N ARG A 127 -1.41 0.66 -21.48
CA ARG A 127 -1.88 2.04 -21.39
C ARG A 127 -0.72 3.00 -21.12
N CYS A 128 0.41 2.44 -20.69
CA CYS A 128 1.59 3.23 -20.30
C CYS A 128 1.23 4.19 -19.17
N ALA A 129 1.33 3.72 -17.95
CA ALA A 129 0.94 4.49 -16.77
C ALA A 129 2.16 4.90 -15.96
N GLU A 130 2.19 6.15 -15.52
CA GLU A 130 3.29 6.64 -14.69
C GLU A 130 3.05 6.25 -13.23
N VAL A 131 3.97 5.45 -12.69
CA VAL A 131 3.91 5.01 -11.30
C VAL A 131 4.75 5.90 -10.41
N THR A 132 4.09 6.86 -9.75
CA THR A 132 4.75 7.78 -8.85
C THR A 132 4.77 7.20 -7.43
N LEU A 133 5.91 6.62 -7.06
CA LEU A 133 6.06 6.00 -5.75
C LEU A 133 6.61 7.01 -4.73
N GLU A 134 6.30 6.79 -3.45
CA GLU A 134 6.81 7.65 -2.38
C GLU A 134 8.33 7.51 -2.26
N GLY A 135 9.07 8.30 -3.04
CA GLY A 135 10.52 8.23 -3.05
C GLY A 135 11.15 9.27 -2.14
N GLN A 136 11.02 9.06 -0.84
CA GLN A 136 11.52 10.01 0.16
C GLN A 136 13.04 10.00 0.23
N MET A 137 13.67 8.99 -0.38
CA MET A 137 15.12 8.82 -0.31
C MET A 137 15.77 8.60 -1.68
N TYR A 138 15.90 7.35 -2.09
CA TYR A 138 16.64 6.99 -3.31
C TYR A 138 15.97 7.54 -4.59
N PRO A 139 14.70 7.18 -4.87
CA PRO A 139 14.06 7.49 -6.16
C PRO A 139 13.53 8.92 -6.24
N GLY A 140 14.09 9.82 -5.44
CA GLY A 140 13.61 11.20 -5.44
C GLY A 140 14.63 12.17 -4.85
N LYS A 141 15.03 13.13 -5.67
CA LYS A 141 15.88 14.23 -5.21
C LYS A 141 15.02 15.28 -4.50
N GLY A 1 7.41 -48.74 -28.90
CA GLY A 1 7.78 -48.87 -30.33
C GLY A 1 8.04 -47.53 -30.98
N ASP A 2 9.32 -47.23 -31.22
CA ASP A 2 9.74 -45.98 -31.88
C ASP A 2 11.21 -46.08 -32.25
N ILE A 3 11.63 -45.24 -33.19
CA ILE A 3 13.03 -45.20 -33.62
C ILE A 3 13.76 -44.08 -32.89
N ARG A 4 14.16 -44.35 -31.65
CA ARG A 4 14.86 -43.36 -30.84
C ARG A 4 16.25 -43.13 -31.40
N ASP A 5 16.83 -44.17 -32.00
CA ASP A 5 18.18 -44.09 -32.59
C ASP A 5 18.31 -42.85 -33.48
N TYR A 6 17.31 -42.66 -34.34
CA TYR A 6 17.25 -41.48 -35.19
C TYR A 6 17.23 -40.22 -34.33
N ASN A 7 16.38 -40.20 -33.32
CA ASN A 7 16.23 -39.03 -32.45
C ASN A 7 17.56 -38.70 -31.77
N ASP A 8 18.17 -39.71 -31.14
CA ASP A 8 19.44 -39.54 -30.46
C ASP A 8 20.46 -38.89 -31.39
N ALA A 9 20.79 -39.60 -32.46
CA ALA A 9 21.86 -39.17 -33.38
C ALA A 9 21.50 -37.86 -34.06
N ASP A 10 20.37 -37.84 -34.74
CA ASP A 10 19.98 -36.69 -35.56
C ASP A 10 19.83 -35.43 -34.72
N MET A 11 19.12 -35.52 -33.59
CA MET A 11 18.90 -34.36 -32.75
C MET A 11 20.22 -33.87 -32.15
N ALA A 12 21.02 -34.82 -31.65
CA ALA A 12 22.33 -34.50 -31.08
C ALA A 12 23.20 -33.81 -32.14
N ARG A 13 23.14 -34.33 -33.36
CA ARG A 13 23.92 -33.78 -34.48
C ARG A 13 23.26 -32.54 -35.05
N LEU A 14 22.02 -32.28 -34.66
CA LEU A 14 21.39 -31.00 -34.98
C LEU A 14 22.02 -29.92 -34.13
N LEU A 15 22.04 -30.15 -32.81
CA LEU A 15 22.55 -29.18 -31.85
C LEU A 15 24.05 -28.92 -32.07
N GLU A 16 24.85 -29.99 -32.07
CA GLU A 16 26.31 -29.86 -32.10
C GLU A 16 26.80 -29.13 -33.36
N GLN A 17 25.98 -29.12 -34.42
CA GLN A 17 26.36 -28.49 -35.67
C GLN A 17 26.23 -26.97 -35.59
N TRP A 18 25.03 -26.47 -35.25
CA TRP A 18 24.84 -25.02 -35.12
C TRP A 18 25.61 -24.51 -33.91
N GLU A 19 25.90 -25.41 -32.97
CA GLU A 19 26.75 -25.10 -31.83
C GLU A 19 28.17 -24.85 -32.31
N LYS A 20 28.71 -25.79 -33.10
CA LYS A 20 30.05 -25.65 -33.68
C LYS A 20 30.14 -24.36 -34.47
N ASP A 21 29.10 -24.10 -35.26
CA ASP A 21 29.00 -22.85 -36.02
C ASP A 21 29.08 -21.65 -35.09
N ASP A 22 28.27 -21.67 -34.03
CA ASP A 22 28.23 -20.58 -33.07
C ASP A 22 29.50 -20.54 -32.22
N ASP A 23 30.22 -21.66 -32.18
CA ASP A 23 31.45 -21.75 -31.41
C ASP A 23 32.58 -21.08 -32.17
N ILE A 24 32.55 -21.20 -33.50
CA ILE A 24 33.54 -20.56 -34.35
C ILE A 24 33.06 -19.17 -34.78
N GLU A 25 31.77 -18.91 -34.59
CA GLU A 25 31.18 -17.61 -34.91
C GLU A 25 31.25 -16.70 -33.68
N GLU A 26 30.63 -17.15 -32.60
CA GLU A 26 30.60 -16.41 -31.34
C GLU A 26 31.64 -16.97 -30.38
N GLY A 27 31.30 -18.08 -29.72
CA GLY A 27 32.20 -18.72 -28.77
C GLY A 27 32.82 -17.73 -27.79
N ASP A 28 31.98 -17.05 -27.02
CA ASP A 28 32.45 -16.05 -26.07
C ASP A 28 32.93 -16.71 -24.78
N LEU A 29 33.91 -16.08 -24.13
CA LEU A 29 34.42 -16.56 -22.86
C LEU A 29 33.66 -15.87 -21.72
N PRO A 30 32.99 -16.65 -20.85
CA PRO A 30 32.24 -16.10 -19.72
C PRO A 30 33.16 -15.45 -18.68
N GLU A 31 33.64 -14.26 -18.99
CA GLU A 31 34.56 -13.53 -18.12
C GLU A 31 33.78 -12.58 -17.22
N HIS A 32 32.54 -12.34 -17.60
CA HIS A 32 31.66 -11.45 -16.86
C HIS A 32 31.26 -12.07 -15.52
N LYS A 33 31.81 -11.52 -14.44
CA LYS A 33 31.57 -12.04 -13.09
C LYS A 33 30.38 -11.34 -12.44
N ARG A 34 30.11 -11.72 -11.19
CA ARG A 34 28.96 -11.22 -10.45
C ARG A 34 29.37 -10.04 -9.56
N PRO A 35 28.84 -8.83 -9.83
CA PRO A 35 29.16 -7.62 -9.05
C PRO A 35 28.72 -7.73 -7.59
N SER A 36 27.57 -8.37 -7.37
CA SER A 36 27.00 -8.49 -6.02
C SER A 36 27.03 -9.93 -5.55
N ALA A 37 27.90 -10.23 -4.59
CA ALA A 37 27.95 -11.56 -3.98
C ALA A 37 27.49 -11.51 -2.51
N PRO A 38 28.16 -10.73 -1.61
CA PRO A 38 27.81 -10.72 -0.18
C PRO A 38 26.37 -10.27 0.08
N ILE A 39 26.07 -9.03 -0.32
CA ILE A 39 24.73 -8.46 -0.11
C ILE A 39 23.67 -9.31 -0.80
N ASP A 40 24.04 -9.83 -1.96
CA ASP A 40 23.13 -10.63 -2.78
C ASP A 40 22.54 -11.79 -1.98
N PHE A 41 23.38 -12.77 -1.68
CA PHE A 41 22.94 -13.96 -0.96
C PHE A 41 22.30 -13.60 0.38
N SER A 42 22.94 -12.69 1.12
CA SER A 42 22.45 -12.30 2.44
C SER A 42 21.05 -11.69 2.37
N LYS A 43 20.74 -11.01 1.26
CA LYS A 43 19.43 -10.39 1.08
C LYS A 43 18.40 -11.45 0.71
N LEU A 44 18.80 -12.39 -0.14
CA LEU A 44 17.93 -13.50 -0.54
C LEU A 44 17.80 -14.53 0.59
N ASP A 45 18.71 -14.45 1.57
CA ASP A 45 18.76 -15.37 2.71
C ASP A 45 19.07 -16.78 2.19
N PRO A 46 20.36 -17.13 2.05
CA PRO A 46 20.82 -18.30 1.29
C PRO A 46 20.83 -19.60 2.11
N GLY A 47 19.98 -20.54 1.71
CA GLY A 47 19.93 -21.84 2.37
C GLY A 47 19.25 -21.80 3.72
N LYS A 48 19.05 -20.60 4.22
CA LYS A 48 18.38 -20.37 5.49
C LYS A 48 16.94 -19.92 5.25
N PRO A 49 15.97 -20.46 6.03
CA PRO A 49 14.56 -20.06 5.91
C PRO A 49 14.40 -18.54 5.98
N GLU A 50 13.38 -18.02 5.29
CA GLU A 50 13.13 -16.58 5.19
C GLU A 50 12.91 -15.92 6.56
N SER A 51 14.00 -15.76 7.30
CA SER A 51 13.94 -15.22 8.65
C SER A 51 13.76 -13.71 8.59
N ILE A 52 14.48 -13.05 7.68
CA ILE A 52 14.37 -11.61 7.52
C ILE A 52 12.96 -11.23 7.05
N LEU A 53 12.43 -12.03 6.13
CA LEU A 53 11.08 -11.82 5.61
C LEU A 53 10.07 -12.06 6.73
N LYS A 54 10.31 -13.10 7.51
CA LYS A 54 9.45 -13.45 8.65
C LYS A 54 9.51 -12.35 9.71
N MET A 55 10.67 -11.71 9.84
CA MET A 55 10.85 -10.63 10.81
C MET A 55 10.26 -9.33 10.27
N THR A 56 10.12 -9.24 8.95
CA THR A 56 9.51 -8.08 8.32
C THR A 56 8.01 -8.03 8.63
N LYS A 57 7.56 -6.88 9.13
CA LYS A 57 6.14 -6.68 9.44
C LYS A 57 5.44 -6.13 8.20
N LYS A 58 4.40 -6.83 7.74
CA LYS A 58 3.71 -6.42 6.53
C LYS A 58 2.88 -5.16 6.77
N GLY A 59 3.03 -4.18 5.89
CA GLY A 59 2.36 -2.91 6.04
C GLY A 59 3.34 -1.76 6.12
N LYS A 60 4.31 -1.77 5.21
CA LYS A 60 5.33 -0.73 5.13
C LYS A 60 4.76 0.51 4.41
N THR A 61 5.35 1.67 4.64
CA THR A 61 4.83 2.94 4.15
C THR A 61 5.11 3.14 2.65
N LEU A 62 5.17 2.06 1.89
CA LEU A 62 5.46 2.14 0.45
C LEU A 62 4.17 2.03 -0.34
N MET A 63 3.86 3.08 -1.10
CA MET A 63 2.64 3.13 -1.90
C MET A 63 2.92 3.76 -3.27
N MET A 64 2.33 3.20 -4.31
CA MET A 64 2.54 3.68 -5.68
C MET A 64 1.22 4.21 -6.26
N PHE A 65 1.20 5.49 -6.61
CA PHE A 65 0.08 6.10 -7.30
C PHE A 65 0.27 5.94 -8.81
N VAL A 66 -0.44 5.00 -9.41
CA VAL A 66 -0.29 4.71 -10.84
C VAL A 66 -1.47 5.28 -11.63
N THR A 67 -1.24 6.41 -12.30
CA THR A 67 -2.26 7.03 -13.14
C THR A 67 -2.44 6.21 -14.42
N VAL A 68 -3.47 5.37 -14.43
CA VAL A 68 -3.72 4.45 -15.54
C VAL A 68 -4.84 4.93 -16.46
N SER A 69 -5.88 5.53 -15.89
CA SER A 69 -7.10 5.82 -16.64
C SER A 69 -6.87 6.84 -17.75
N GLY A 70 -6.68 8.10 -17.37
CA GLY A 70 -6.62 9.17 -18.34
C GLY A 70 -7.95 9.38 -19.03
N ASN A 71 -8.98 8.72 -18.49
CA ASN A 71 -10.33 8.77 -19.04
C ASN A 71 -11.32 9.18 -17.95
N PRO A 72 -12.22 10.14 -18.24
CA PRO A 72 -13.18 10.66 -17.25
C PRO A 72 -14.05 9.57 -16.62
N THR A 73 -14.50 8.62 -17.44
CA THR A 73 -15.40 7.56 -16.98
C THR A 73 -14.64 6.51 -16.15
N GLU A 74 -15.21 6.15 -15.01
CA GLU A 74 -14.61 5.18 -14.09
C GLU A 74 -14.44 3.80 -14.74
N LYS A 75 -15.18 3.56 -15.82
CA LYS A 75 -15.17 2.27 -16.52
C LYS A 75 -13.74 1.77 -16.78
N GLU A 76 -12.92 2.58 -17.43
CA GLU A 76 -11.61 2.16 -17.90
C GLU A 76 -10.70 1.81 -16.73
N THR A 77 -10.61 2.72 -15.77
CA THR A 77 -9.75 2.53 -14.61
C THR A 77 -10.18 1.29 -13.82
N GLU A 78 -11.49 1.06 -13.76
CA GLU A 78 -12.01 -0.10 -13.05
C GLU A 78 -11.58 -1.38 -13.75
N GLU A 79 -11.66 -1.39 -15.08
CA GLU A 79 -11.25 -2.55 -15.87
C GLU A 79 -9.78 -2.90 -15.59
N ILE A 80 -8.89 -1.96 -15.90
CA ILE A 80 -7.45 -2.22 -15.80
C ILE A 80 -7.04 -2.52 -14.35
N THR A 81 -7.60 -1.79 -13.40
CA THR A 81 -7.29 -1.98 -11.99
C THR A 81 -7.77 -3.33 -11.48
N SER A 82 -8.93 -3.79 -11.97
CA SER A 82 -9.46 -5.10 -11.58
C SER A 82 -8.60 -6.23 -12.15
N LEU A 83 -8.16 -6.06 -13.39
CA LEU A 83 -7.29 -7.04 -14.03
C LEU A 83 -5.98 -7.18 -13.26
N TRP A 84 -5.35 -6.04 -12.96
CA TRP A 84 -4.13 -6.02 -12.18
C TRP A 84 -4.37 -6.57 -10.78
N GLN A 85 -5.46 -6.14 -10.14
CA GLN A 85 -5.82 -6.62 -8.81
C GLN A 85 -5.79 -8.14 -8.76
N GLY A 86 -6.43 -8.77 -9.75
CA GLY A 86 -6.43 -10.22 -9.83
C GLY A 86 -5.03 -10.78 -10.02
N SER A 87 -4.32 -10.27 -11.03
CA SER A 87 -3.01 -10.81 -11.40
C SER A 87 -1.98 -10.63 -10.27
N LEU A 88 -2.11 -9.55 -9.50
CA LEU A 88 -1.19 -9.29 -8.39
C LEU A 88 -1.36 -10.34 -7.30
N PHE A 89 -2.61 -10.60 -6.93
CA PHE A 89 -2.92 -11.61 -5.92
C PHE A 89 -2.63 -13.01 -6.45
N ASN A 90 -2.71 -13.17 -7.77
CA ASN A 90 -2.33 -14.43 -8.42
C ASN A 90 -0.82 -14.63 -8.34
N ALA A 91 -0.10 -13.51 -8.27
CA ALA A 91 1.35 -13.53 -8.11
C ALA A 91 1.73 -13.52 -6.63
N ASN A 92 0.71 -13.62 -5.77
CA ASN A 92 0.88 -13.68 -4.31
C ASN A 92 1.45 -12.38 -3.76
N TYR A 93 1.31 -11.29 -4.51
CA TYR A 93 1.71 -9.97 -4.03
C TYR A 93 0.77 -9.51 -2.92
N ASP A 94 1.18 -9.73 -1.67
CA ASP A 94 0.38 -9.33 -0.53
C ASP A 94 0.39 -7.82 -0.38
N VAL A 95 -0.51 -7.16 -1.09
CA VAL A 95 -0.54 -5.69 -1.15
C VAL A 95 -1.91 -5.16 -0.77
N GLN A 96 -1.98 -3.84 -0.58
CA GLN A 96 -3.23 -3.13 -0.33
C GLN A 96 -3.62 -2.35 -1.59
N ARG A 97 -4.55 -2.89 -2.37
CA ARG A 97 -4.98 -2.25 -3.61
C ARG A 97 -6.16 -1.32 -3.35
N PHE A 98 -5.98 -0.04 -3.66
CA PHE A 98 -7.03 0.96 -3.48
C PHE A 98 -7.00 1.96 -4.64
N ILE A 99 -8.08 2.69 -4.83
CA ILE A 99 -8.14 3.71 -5.88
C ILE A 99 -8.60 5.05 -5.31
N VAL A 100 -7.65 5.98 -5.14
CA VAL A 100 -7.94 7.33 -4.69
C VAL A 100 -7.60 8.31 -5.81
N GLY A 101 -8.63 8.86 -6.43
CA GLY A 101 -8.45 9.60 -7.66
C GLY A 101 -8.68 8.69 -8.85
N SER A 102 -9.84 8.82 -9.47
CA SER A 102 -10.30 7.89 -10.51
C SER A 102 -9.22 7.52 -11.53
N ASP A 103 -8.34 8.46 -11.85
CA ASP A 103 -7.34 8.26 -12.89
C ASP A 103 -6.19 7.37 -12.42
N ARG A 104 -5.97 7.30 -11.11
CA ARG A 104 -4.82 6.62 -10.54
C ARG A 104 -5.22 5.54 -9.54
N ALA A 105 -4.64 4.36 -9.69
CA ALA A 105 -4.81 3.28 -8.74
C ALA A 105 -3.60 3.26 -7.79
N ILE A 106 -3.84 3.27 -6.49
CA ILE A 106 -2.76 3.27 -5.51
C ILE A 106 -2.52 1.87 -4.95
N PHE A 107 -1.35 1.32 -5.26
CA PHE A 107 -0.94 0.04 -4.72
C PHE A 107 -0.03 0.25 -3.51
N MET A 108 -0.58 0.06 -2.33
CA MET A 108 0.18 0.16 -1.10
C MET A 108 0.91 -1.16 -0.85
N LEU A 109 2.21 -1.16 -1.09
CA LEU A 109 3.01 -2.37 -0.95
C LEU A 109 3.31 -2.62 0.52
N ARG A 110 2.88 -3.78 1.02
CA ARG A 110 3.12 -4.14 2.41
C ARG A 110 4.62 -4.29 2.66
N ASP A 111 5.37 -4.45 1.57
CA ASP A 111 6.82 -4.44 1.63
C ASP A 111 7.40 -4.17 0.24
N GLY A 112 8.69 -3.83 0.16
CA GLY A 112 9.28 -3.37 -1.08
C GLY A 112 10.30 -4.33 -1.68
N SER A 113 10.41 -5.55 -1.14
CA SER A 113 11.34 -6.54 -1.69
C SER A 113 11.00 -6.88 -3.15
N TYR A 114 9.74 -6.72 -3.50
CA TYR A 114 9.27 -7.00 -4.86
C TYR A 114 8.83 -5.71 -5.55
N ALA A 115 9.25 -4.57 -4.99
CA ALA A 115 8.84 -3.25 -5.48
C ALA A 115 9.13 -3.10 -6.97
N TRP A 116 10.35 -3.41 -7.38
CA TRP A 116 10.75 -3.26 -8.77
C TRP A 116 10.06 -4.30 -9.66
N GLU A 117 9.74 -5.46 -9.09
CA GLU A 117 9.12 -6.54 -9.85
C GLU A 117 7.68 -6.18 -10.21
N ILE A 118 6.92 -5.72 -9.22
CA ILE A 118 5.55 -5.26 -9.45
C ILE A 118 5.58 -3.98 -10.30
N LYS A 119 6.55 -3.12 -10.04
CA LYS A 119 6.73 -1.88 -10.82
C LYS A 119 6.89 -2.24 -12.30
N ASP A 120 7.72 -3.24 -12.58
CA ASP A 120 7.92 -3.73 -13.94
C ASP A 120 6.60 -4.19 -14.53
N PHE A 121 5.89 -5.02 -13.76
CA PHE A 121 4.58 -5.53 -14.17
C PHE A 121 3.64 -4.39 -14.56
N LEU A 122 3.67 -3.31 -13.78
CA LEU A 122 2.82 -2.14 -14.04
C LEU A 122 3.21 -1.48 -15.36
N VAL A 123 4.51 -1.24 -15.53
CA VAL A 123 5.02 -0.53 -16.70
C VAL A 123 5.14 -1.46 -17.92
N SER A 124 4.86 -2.76 -17.72
CA SER A 124 4.86 -3.71 -18.83
C SER A 124 3.82 -3.32 -19.87
N GLN A 125 2.74 -2.68 -19.43
CA GLN A 125 1.71 -2.20 -20.35
C GLN A 125 1.98 -0.75 -20.74
N ASP A 126 1.75 -0.45 -22.01
CA ASP A 126 1.95 0.89 -22.54
C ASP A 126 0.82 1.82 -22.13
N ARG A 127 -0.14 1.26 -21.38
CA ARG A 127 -1.31 2.01 -20.93
C ARG A 127 -1.08 2.64 -19.56
N CYS A 128 0.16 2.55 -19.06
CA CYS A 128 0.54 3.18 -17.80
C CYS A 128 1.05 4.60 -18.08
N ALA A 129 0.31 5.61 -17.64
CA ALA A 129 0.64 7.00 -17.93
C ALA A 129 1.63 7.58 -16.91
N GLU A 130 1.36 7.33 -15.63
CA GLU A 130 2.17 7.88 -14.55
C GLU A 130 2.26 6.89 -13.40
N VAL A 131 3.39 6.87 -12.71
CA VAL A 131 3.60 6.00 -11.55
C VAL A 131 4.53 6.67 -10.54
N THR A 132 3.95 7.18 -9.47
CA THR A 132 4.71 7.86 -8.42
C THR A 132 4.72 7.04 -7.13
N LEU A 133 5.90 6.64 -6.67
CA LEU A 133 6.04 5.90 -5.43
C LEU A 133 6.45 6.83 -4.29
N GLU A 134 5.83 6.63 -3.13
CA GLU A 134 6.11 7.45 -1.95
C GLU A 134 7.15 6.80 -1.06
N GLY A 135 7.92 7.61 -0.35
CA GLY A 135 8.94 7.12 0.55
C GLY A 135 10.33 7.47 0.07
N GLN A 136 10.60 7.17 -1.20
CA GLN A 136 11.92 7.39 -1.83
C GLN A 136 13.00 6.61 -1.07
N MET A 137 13.49 5.54 -1.70
CA MET A 137 14.52 4.69 -1.09
C MET A 137 15.68 4.48 -2.06
N TYR A 138 15.40 3.76 -3.15
CA TYR A 138 16.43 3.46 -4.15
C TYR A 138 16.58 4.60 -5.17
N PRO A 139 15.47 5.11 -5.77
CA PRO A 139 15.54 6.22 -6.74
C PRO A 139 15.98 7.52 -6.08
N GLY A 140 16.90 8.22 -6.73
CA GLY A 140 17.47 9.43 -6.16
C GLY A 140 18.57 9.12 -5.17
N LYS A 141 18.55 9.80 -4.02
CA LYS A 141 19.53 9.58 -2.94
C LYS A 141 20.95 9.96 -3.40
N GLY A 1 -7.55 47.43 -27.85
CA GLY A 1 -7.46 48.18 -26.58
C GLY A 1 -7.71 47.29 -25.37
N ASP A 2 -6.69 46.50 -25.02
CA ASP A 2 -6.82 45.51 -23.94
C ASP A 2 -5.66 45.67 -22.96
N ILE A 3 -5.87 46.51 -21.94
CA ILE A 3 -4.84 46.78 -20.92
C ILE A 3 -4.90 45.70 -19.82
N ARG A 4 -4.96 44.46 -20.26
CA ARG A 4 -5.15 43.31 -19.36
C ARG A 4 -4.06 43.24 -18.29
N ASP A 5 -2.89 43.76 -18.62
CA ASP A 5 -1.77 43.79 -17.67
C ASP A 5 -2.12 44.72 -16.50
N TYR A 6 -2.62 45.91 -16.84
CA TYR A 6 -3.01 46.89 -15.84
C TYR A 6 -4.20 46.35 -15.04
N ASN A 7 -5.17 45.80 -15.75
CA ASN A 7 -6.35 45.21 -15.13
C ASN A 7 -5.93 44.19 -14.09
N ASP A 8 -5.16 43.19 -14.52
CA ASP A 8 -4.69 42.13 -13.63
C ASP A 8 -3.99 42.74 -12.42
N ALA A 9 -2.82 43.36 -12.66
CA ALA A 9 -2.01 43.89 -11.58
C ALA A 9 -2.80 44.86 -10.71
N ASP A 10 -3.16 46.01 -11.27
CA ASP A 10 -3.77 47.09 -10.52
C ASP A 10 -5.16 46.70 -10.00
N MET A 11 -6.04 46.27 -10.90
CA MET A 11 -7.43 46.06 -10.54
C MET A 11 -7.60 44.87 -9.60
N ALA A 12 -6.87 43.77 -9.87
CA ALA A 12 -6.99 42.58 -9.04
C ALA A 12 -6.33 42.80 -7.69
N ARG A 13 -5.21 43.53 -7.67
CA ARG A 13 -4.55 43.86 -6.40
C ARG A 13 -5.43 44.79 -5.57
N LEU A 14 -6.19 45.64 -6.25
CA LEU A 14 -7.13 46.55 -5.58
C LEU A 14 -8.31 45.76 -5.03
N LEU A 15 -8.82 44.81 -5.82
CA LEU A 15 -9.99 44.01 -5.44
C LEU A 15 -9.59 42.75 -4.67
N GLU A 16 -8.28 42.52 -4.54
CA GLU A 16 -7.77 41.34 -3.81
C GLU A 16 -8.45 41.21 -2.44
N GLN A 17 -8.46 42.30 -1.68
CA GLN A 17 -9.10 42.32 -0.36
C GLN A 17 -10.58 41.99 -0.49
N TRP A 18 -11.22 42.57 -1.50
CA TRP A 18 -12.64 42.37 -1.74
C TRP A 18 -12.94 40.89 -2.01
N GLU A 19 -12.08 40.27 -2.81
CA GLU A 19 -12.27 38.88 -3.20
C GLU A 19 -12.01 37.93 -2.03
N LYS A 20 -10.92 38.18 -1.31
CA LYS A 20 -10.57 37.33 -0.17
C LYS A 20 -11.61 37.46 0.93
N ASP A 21 -12.14 38.68 1.07
CA ASP A 21 -13.22 38.96 2.02
C ASP A 21 -14.46 38.15 1.68
N ASP A 22 -14.87 38.23 0.41
CA ASP A 22 -16.03 37.49 -0.08
C ASP A 22 -15.77 35.99 0.08
N ASP A 23 -14.55 35.57 -0.21
CA ASP A 23 -14.13 34.17 -0.08
C ASP A 23 -14.33 33.68 1.35
N ILE A 24 -13.95 34.53 2.31
CA ILE A 24 -14.14 34.22 3.73
C ILE A 24 -15.63 34.06 4.05
N GLU A 25 -16.44 34.99 3.56
CA GLU A 25 -17.88 34.94 3.81
C GLU A 25 -18.59 33.91 2.93
N GLU A 26 -17.86 33.32 1.97
CA GLU A 26 -18.36 32.15 1.25
C GLU A 26 -18.24 30.92 2.15
N GLY A 27 -17.08 30.81 2.82
CA GLY A 27 -16.83 29.70 3.70
C GLY A 27 -16.83 28.36 2.98
N ASP A 28 -15.88 28.20 2.06
CA ASP A 28 -15.77 26.96 1.30
C ASP A 28 -15.08 25.89 2.14
N LEU A 29 -15.77 24.76 2.31
CA LEU A 29 -15.25 23.67 3.14
C LEU A 29 -13.95 23.13 2.56
N PRO A 30 -12.93 22.89 3.41
CA PRO A 30 -11.61 22.43 2.98
C PRO A 30 -11.67 21.14 2.14
N GLU A 31 -10.56 20.80 1.51
CA GLU A 31 -10.47 19.59 0.69
C GLU A 31 -10.66 18.34 1.55
N HIS A 32 -10.47 18.51 2.85
CA HIS A 32 -10.66 17.44 3.82
C HIS A 32 -11.76 17.83 4.80
N LYS A 33 -12.38 16.83 5.41
CA LYS A 33 -13.43 17.07 6.40
C LYS A 33 -12.80 17.62 7.70
N ARG A 34 -13.64 18.04 8.65
CA ARG A 34 -13.17 18.71 9.86
C ARG A 34 -13.14 17.73 11.04
N PRO A 35 -11.97 17.18 11.39
CA PRO A 35 -11.79 16.29 12.54
C PRO A 35 -11.39 17.04 13.82
N SER A 36 -11.21 18.35 13.70
CA SER A 36 -10.72 19.17 14.80
C SER A 36 -11.85 19.51 15.79
N ALA A 37 -11.73 18.98 17.01
CA ALA A 37 -12.67 19.28 18.08
C ALA A 37 -12.19 20.48 18.92
N PRO A 38 -10.92 20.47 19.40
CA PRO A 38 -10.37 21.59 20.16
C PRO A 38 -9.98 22.76 19.25
N ILE A 39 -10.85 23.77 19.22
CA ILE A 39 -10.63 24.96 18.38
C ILE A 39 -9.44 25.78 18.89
N ASP A 40 -9.05 25.53 20.14
CA ASP A 40 -7.92 26.20 20.77
C ASP A 40 -6.70 26.21 19.86
N PHE A 41 -6.29 25.02 19.42
CA PHE A 41 -5.10 24.87 18.58
C PHE A 41 -5.31 25.53 17.23
N SER A 42 -6.55 25.51 16.74
CA SER A 42 -6.86 26.02 15.40
C SER A 42 -6.90 27.55 15.36
N LYS A 43 -7.30 28.17 16.48
CA LYS A 43 -7.44 29.62 16.54
C LYS A 43 -6.14 30.28 17.00
N LEU A 44 -5.42 29.61 17.89
CA LEU A 44 -4.17 30.16 18.43
C LEU A 44 -2.96 29.72 17.59
N ASP A 45 -2.98 28.47 17.12
CA ASP A 45 -1.87 27.89 16.37
C ASP A 45 -0.57 27.94 17.19
N PRO A 46 -0.31 26.90 17.99
CA PRO A 46 0.87 26.84 18.86
C PRO A 46 2.17 26.64 18.08
N GLY A 47 2.04 26.27 16.80
CA GLY A 47 3.20 26.04 15.96
C GLY A 47 3.96 24.77 16.32
N LYS A 48 3.41 24.01 17.26
CA LYS A 48 4.03 22.77 17.73
C LYS A 48 3.37 21.58 17.02
N PRO A 49 4.11 20.91 16.13
CA PRO A 49 3.55 19.86 15.25
C PRO A 49 3.39 18.51 15.94
N GLU A 50 2.88 18.51 17.16
CA GLU A 50 2.59 17.25 17.86
C GLU A 50 1.39 16.57 17.22
N SER A 51 0.49 17.39 16.66
CA SER A 51 -0.74 16.90 16.06
C SER A 51 -0.46 15.82 15.01
N ILE A 52 0.42 16.14 14.04
CA ILE A 52 0.74 15.23 12.96
C ILE A 52 1.31 13.91 13.49
N LEU A 53 2.18 14.00 14.50
CA LEU A 53 2.81 12.83 15.09
C LEU A 53 1.75 11.98 15.79
N LYS A 54 0.80 12.66 16.41
CA LYS A 54 -0.31 12.01 17.11
C LYS A 54 -1.28 11.39 16.10
N MET A 55 -1.32 11.97 14.90
CA MET A 55 -2.27 11.55 13.87
C MET A 55 -1.69 10.46 12.95
N THR A 56 -0.36 10.37 12.88
CA THR A 56 0.30 9.41 11.98
C THR A 56 -0.24 7.98 12.16
N LYS A 57 -0.86 7.44 11.11
CA LYS A 57 -1.30 6.06 11.10
C LYS A 57 -0.20 5.15 10.56
N LYS A 58 0.01 4.01 11.21
CA LYS A 58 1.07 3.09 10.85
C LYS A 58 0.56 2.05 9.85
N GLY A 59 1.48 1.42 9.12
CA GLY A 59 1.10 0.35 8.20
C GLY A 59 1.42 0.68 6.76
N LYS A 60 1.99 1.86 6.51
CA LYS A 60 2.39 2.25 5.17
C LYS A 60 3.92 2.29 5.06
N THR A 61 4.51 1.22 4.52
CA THR A 61 5.95 1.18 4.31
C THR A 61 6.31 1.79 2.95
N LEU A 62 5.41 1.63 1.99
CA LEU A 62 5.57 2.18 0.66
C LEU A 62 4.23 2.20 -0.06
N MET A 63 3.95 3.30 -0.75
CA MET A 63 2.75 3.41 -1.56
C MET A 63 3.09 4.04 -2.90
N MET A 64 2.37 3.64 -3.93
CA MET A 64 2.60 4.13 -5.29
C MET A 64 1.30 4.61 -5.92
N PHE A 65 1.29 5.88 -6.34
CA PHE A 65 0.17 6.46 -7.06
C PHE A 65 0.35 6.19 -8.55
N VAL A 66 -0.42 5.25 -9.08
CA VAL A 66 -0.31 4.85 -10.48
C VAL A 66 -1.39 5.55 -11.31
N THR A 67 -0.98 6.55 -12.09
CA THR A 67 -1.92 7.28 -12.94
C THR A 67 -2.07 6.55 -14.28
N VAL A 68 -3.21 5.88 -14.44
CA VAL A 68 -3.44 4.99 -15.59
C VAL A 68 -4.34 5.66 -16.62
N SER A 69 -5.54 6.01 -16.19
CA SER A 69 -6.60 6.48 -17.09
C SER A 69 -6.29 7.89 -17.61
N GLY A 70 -6.39 8.87 -16.72
CA GLY A 70 -6.32 10.27 -17.13
C GLY A 70 -7.62 10.72 -17.79
N ASN A 71 -8.54 9.78 -17.96
CA ASN A 71 -9.82 10.03 -18.60
C ASN A 71 -10.94 9.91 -17.55
N PRO A 72 -11.90 10.87 -17.53
CA PRO A 72 -13.02 10.87 -16.57
C PRO A 72 -13.76 9.53 -16.48
N THR A 73 -13.61 8.68 -17.50
CA THR A 73 -14.22 7.36 -17.49
C THR A 73 -13.57 6.47 -16.43
N GLU A 74 -14.26 6.34 -15.29
CA GLU A 74 -13.78 5.53 -14.17
C GLU A 74 -13.53 4.08 -14.61
N LYS A 75 -14.30 3.66 -15.61
CA LYS A 75 -14.23 2.31 -16.15
C LYS A 75 -12.78 1.88 -16.40
N GLU A 76 -12.00 2.78 -16.99
CA GLU A 76 -10.63 2.46 -17.40
C GLU A 76 -9.78 2.05 -16.19
N THR A 77 -9.78 2.90 -15.17
CA THR A 77 -8.95 2.67 -14.00
C THR A 77 -9.49 1.49 -13.17
N GLU A 78 -10.81 1.37 -13.09
CA GLU A 78 -11.46 0.29 -12.35
C GLU A 78 -11.12 -1.06 -12.99
N GLU A 79 -11.34 -1.15 -14.30
CA GLU A 79 -11.09 -2.38 -15.05
C GLU A 79 -9.62 -2.78 -14.98
N ILE A 80 -8.72 -1.82 -15.21
CA ILE A 80 -7.28 -2.12 -15.24
C ILE A 80 -6.79 -2.56 -13.85
N THR A 81 -7.29 -1.90 -12.80
CA THR A 81 -6.93 -2.26 -11.43
C THR A 81 -7.42 -3.67 -11.09
N SER A 82 -8.60 -4.01 -11.58
CA SER A 82 -9.15 -5.35 -11.40
C SER A 82 -8.27 -6.38 -12.12
N LEU A 83 -7.80 -6.02 -13.32
CA LEU A 83 -6.92 -6.88 -14.10
C LEU A 83 -5.63 -7.14 -13.31
N TRP A 84 -5.02 -6.08 -12.81
CA TRP A 84 -3.81 -6.20 -12.00
C TRP A 84 -4.09 -7.03 -10.75
N GLN A 85 -5.24 -6.79 -10.14
CA GLN A 85 -5.65 -7.53 -8.95
C GLN A 85 -5.56 -9.03 -9.22
N GLY A 86 -6.17 -9.47 -10.31
CA GLY A 86 -6.10 -10.88 -10.68
C GLY A 86 -4.67 -11.30 -11.04
N SER A 87 -3.95 -10.41 -11.71
CA SER A 87 -2.61 -10.70 -12.20
C SER A 87 -1.57 -10.71 -11.08
N LEU A 88 -1.89 -10.06 -9.96
CA LEU A 88 -0.97 -9.97 -8.82
C LEU A 88 -1.28 -11.07 -7.81
N PHE A 89 -2.55 -11.23 -7.49
CA PHE A 89 -2.97 -12.16 -6.44
C PHE A 89 -3.05 -13.60 -6.94
N ASN A 90 -2.79 -13.81 -8.23
CA ASN A 90 -2.66 -15.17 -8.76
C ASN A 90 -1.32 -15.77 -8.33
N ALA A 91 -0.34 -14.88 -8.10
CA ALA A 91 0.96 -15.27 -7.57
C ALA A 91 1.04 -14.89 -6.09
N ASN A 92 -0.14 -14.58 -5.52
CA ASN A 92 -0.31 -14.24 -4.10
C ASN A 92 0.74 -13.25 -3.59
N TYR A 93 0.74 -12.04 -4.15
CA TYR A 93 1.55 -10.95 -3.62
C TYR A 93 0.73 -10.22 -2.55
N ASP A 94 1.11 -10.37 -1.29
CA ASP A 94 0.42 -9.70 -0.19
C ASP A 94 0.64 -8.19 -0.24
N VAL A 95 -0.13 -7.53 -1.09
CA VAL A 95 -0.10 -6.07 -1.22
C VAL A 95 -1.52 -5.54 -1.19
N GLN A 96 -1.70 -4.28 -0.82
CA GLN A 96 -3.04 -3.71 -0.72
C GLN A 96 -3.22 -2.61 -1.76
N ARG A 97 -4.42 -2.56 -2.35
CA ARG A 97 -4.68 -1.63 -3.45
C ARG A 97 -6.02 -0.94 -3.27
N PHE A 98 -6.03 0.39 -3.41
CA PHE A 98 -7.25 1.17 -3.30
C PHE A 98 -7.51 1.90 -4.61
N ILE A 99 -8.70 1.76 -5.16
CA ILE A 99 -9.07 2.43 -6.39
C ILE A 99 -9.71 3.79 -6.09
N VAL A 100 -8.87 4.82 -6.04
CA VAL A 100 -9.31 6.18 -5.78
C VAL A 100 -8.66 7.12 -6.80
N GLY A 101 -9.45 8.05 -7.32
CA GLY A 101 -8.96 8.91 -8.39
C GLY A 101 -9.31 8.31 -9.74
N SER A 102 -10.32 8.87 -10.40
CA SER A 102 -10.81 8.36 -11.69
C SER A 102 -9.67 8.20 -12.72
N ASP A 103 -8.52 8.82 -12.46
CA ASP A 103 -7.38 8.77 -13.38
C ASP A 103 -6.33 7.74 -12.91
N ARG A 104 -6.36 7.40 -11.63
CA ARG A 104 -5.27 6.65 -11.02
C ARG A 104 -5.78 5.52 -10.12
N ALA A 105 -4.82 4.77 -9.58
CA ALA A 105 -5.07 3.75 -8.57
C ALA A 105 -3.86 3.68 -7.65
N ILE A 106 -4.07 3.56 -6.34
CA ILE A 106 -2.95 3.56 -5.40
C ILE A 106 -2.67 2.16 -4.87
N PHE A 107 -1.44 1.72 -5.08
CA PHE A 107 -0.98 0.42 -4.58
C PHE A 107 -0.10 0.62 -3.34
N MET A 108 -0.63 0.24 -2.18
CA MET A 108 0.10 0.34 -0.93
C MET A 108 0.81 -0.98 -0.65
N LEU A 109 2.13 -0.97 -0.80
CA LEU A 109 2.94 -2.16 -0.61
C LEU A 109 3.27 -2.35 0.87
N ARG A 110 3.14 -3.58 1.35
CA ARG A 110 3.45 -3.89 2.75
C ARG A 110 4.96 -3.94 2.94
N ASP A 111 5.69 -4.11 1.84
CA ASP A 111 7.14 -4.11 1.86
C ASP A 111 7.66 -3.84 0.45
N GLY A 112 8.84 -3.24 0.35
CA GLY A 112 9.39 -2.83 -0.93
C GLY A 112 10.11 -3.94 -1.67
N SER A 113 10.07 -5.15 -1.12
CA SER A 113 10.75 -6.31 -1.71
C SER A 113 10.37 -6.51 -3.18
N TYR A 114 9.11 -6.23 -3.52
CA TYR A 114 8.60 -6.45 -4.88
C TYR A 114 8.29 -5.10 -5.55
N ALA A 115 8.82 -4.03 -4.99
CA ALA A 115 8.50 -2.66 -5.43
C ALA A 115 8.84 -2.41 -6.89
N TRP A 116 10.10 -2.61 -7.24
CA TRP A 116 10.57 -2.33 -8.59
C TRP A 116 9.87 -3.22 -9.62
N GLU A 117 9.70 -4.49 -9.24
CA GLU A 117 9.09 -5.47 -10.12
C GLU A 117 7.63 -5.13 -10.43
N ILE A 118 6.86 -4.79 -9.39
CA ILE A 118 5.46 -4.42 -9.59
C ILE A 118 5.37 -3.13 -10.39
N LYS A 119 6.33 -2.22 -10.17
CA LYS A 119 6.41 -0.97 -10.93
C LYS A 119 6.46 -1.26 -12.42
N ASP A 120 7.51 -1.96 -12.88
CA ASP A 120 7.67 -2.22 -14.30
C ASP A 120 6.53 -3.07 -14.82
N PHE A 121 5.99 -3.93 -13.95
CA PHE A 121 4.82 -4.74 -14.28
C PHE A 121 3.65 -3.85 -14.70
N LEU A 122 3.38 -2.81 -13.90
CA LEU A 122 2.31 -1.87 -14.18
C LEU A 122 2.61 -1.08 -15.46
N VAL A 123 3.89 -0.78 -15.65
CA VAL A 123 4.35 -0.04 -16.83
C VAL A 123 4.24 -0.91 -18.10
N SER A 124 4.31 -2.23 -17.93
CA SER A 124 4.27 -3.16 -19.05
C SER A 124 2.94 -3.11 -19.82
N GLN A 125 1.95 -2.41 -19.27
CA GLN A 125 0.64 -2.30 -19.92
C GLN A 125 0.71 -1.45 -21.18
N ASP A 126 -0.15 -1.77 -22.14
CA ASP A 126 -0.22 -1.05 -23.42
C ASP A 126 -0.62 0.41 -23.19
N ARG A 127 -1.53 0.61 -22.24
CA ARG A 127 -2.02 1.95 -21.90
C ARG A 127 -0.89 2.82 -21.36
N CYS A 128 0.10 2.18 -20.73
CA CYS A 128 1.21 2.88 -20.08
C CYS A 128 0.71 3.69 -18.88
N ALA A 129 1.23 3.36 -17.70
CA ALA A 129 0.83 4.03 -16.46
C ALA A 129 2.05 4.48 -15.68
N GLU A 130 2.02 5.72 -15.20
CA GLU A 130 3.11 6.28 -14.41
C GLU A 130 2.94 5.91 -12.95
N VAL A 131 3.90 5.15 -12.43
CA VAL A 131 3.88 4.68 -11.05
C VAL A 131 4.77 5.58 -10.18
N THR A 132 4.14 6.53 -9.49
CA THR A 132 4.88 7.45 -8.62
C THR A 132 4.89 6.92 -7.19
N LEU A 133 6.08 6.73 -6.64
CA LEU A 133 6.22 6.15 -5.31
C LEU A 133 6.39 7.24 -4.24
N GLU A 134 6.09 6.90 -3.00
CA GLU A 134 6.23 7.82 -1.86
C GLU A 134 7.61 8.47 -1.84
N GLY A 135 7.63 9.78 -1.60
CA GLY A 135 8.88 10.53 -1.54
C GLY A 135 9.47 10.75 -2.93
N GLN A 136 10.77 10.55 -3.05
CA GLN A 136 11.45 10.64 -4.34
C GLN A 136 12.75 9.83 -4.27
N MET A 137 12.68 8.58 -4.71
CA MET A 137 13.84 7.69 -4.69
C MET A 137 14.39 7.58 -3.25
N TYR A 138 13.47 7.49 -2.28
CA TYR A 138 13.83 7.57 -0.85
C TYR A 138 14.79 6.45 -0.39
N PRO A 139 14.78 5.22 -0.98
CA PRO A 139 15.75 4.18 -0.60
C PRO A 139 17.20 4.62 -0.78
N GLY A 140 17.40 5.65 -1.61
CA GLY A 140 18.74 6.15 -1.88
C GLY A 140 19.23 7.11 -0.82
N LYS A 141 18.33 7.54 0.05
CA LYS A 141 18.65 8.48 1.13
C LYS A 141 18.86 7.72 2.44
N GLY A 1 -38.56 47.30 6.54
CA GLY A 1 -39.05 48.18 7.64
C GLY A 1 -37.94 48.98 8.29
N ASP A 2 -37.42 49.98 7.58
CA ASP A 2 -36.37 50.83 8.11
C ASP A 2 -36.94 51.85 9.07
N ILE A 3 -37.00 51.47 10.34
CA ILE A 3 -37.49 52.33 11.40
C ILE A 3 -36.82 51.93 12.73
N ARG A 4 -35.75 51.14 12.60
CA ARG A 4 -35.08 50.52 13.74
C ARG A 4 -34.53 51.58 14.71
N ASP A 5 -34.28 52.78 14.21
CA ASP A 5 -33.78 53.87 15.05
C ASP A 5 -34.88 54.31 16.03
N TYR A 6 -36.09 54.51 15.49
CA TYR A 6 -37.24 54.89 16.29
C TYR A 6 -37.61 53.78 17.24
N ASN A 7 -37.68 52.56 16.70
CA ASN A 7 -38.00 51.38 17.49
C ASN A 7 -37.02 51.26 18.65
N ASP A 8 -35.73 51.27 18.36
CA ASP A 8 -34.70 51.17 19.39
C ASP A 8 -34.92 52.25 20.45
N ALA A 9 -34.74 53.51 20.06
CA ALA A 9 -34.82 54.62 21.00
C ALA A 9 -36.14 54.61 21.76
N ASP A 10 -37.23 54.82 21.04
CA ASP A 10 -38.56 54.96 21.65
C ASP A 10 -39.05 53.64 22.25
N MET A 11 -39.16 52.61 21.42
CA MET A 11 -39.82 51.37 21.84
C MET A 11 -39.03 50.67 22.93
N ALA A 12 -37.71 50.92 23.01
CA ALA A 12 -36.94 50.44 24.14
C ALA A 12 -37.23 51.30 25.36
N ARG A 13 -36.85 52.57 25.31
CA ARG A 13 -36.96 53.46 26.47
C ARG A 13 -38.41 53.54 27.00
N LEU A 14 -39.37 53.04 26.22
CA LEU A 14 -40.76 52.99 26.65
C LEU A 14 -41.22 51.56 26.99
N LEU A 15 -41.02 50.62 26.07
CA LEU A 15 -41.57 49.25 26.23
C LEU A 15 -40.48 48.17 26.26
N GLU A 16 -39.23 48.54 26.51
CA GLU A 16 -38.12 47.57 26.52
C GLU A 16 -38.39 46.44 27.50
N GLN A 17 -39.23 46.71 28.49
CA GLN A 17 -39.58 45.73 29.51
C GLN A 17 -39.89 44.37 28.88
N TRP A 18 -40.74 44.40 27.86
CA TRP A 18 -41.29 43.17 27.27
C TRP A 18 -40.28 42.49 26.35
N GLU A 19 -39.61 43.29 25.52
CA GLU A 19 -38.68 42.75 24.52
C GLU A 19 -37.37 42.35 25.17
N LYS A 20 -37.02 43.02 26.27
CA LYS A 20 -35.83 42.71 27.03
C LYS A 20 -36.07 41.48 27.88
N ASP A 21 -37.29 41.35 28.42
CA ASP A 21 -37.69 40.14 29.12
C ASP A 21 -37.63 38.95 28.18
N ASP A 22 -38.16 39.13 26.96
CA ASP A 22 -38.10 38.11 25.91
C ASP A 22 -36.66 37.85 25.50
N ASP A 23 -35.82 38.89 25.54
CA ASP A 23 -34.39 38.75 25.23
C ASP A 23 -33.71 37.85 26.25
N ILE A 24 -34.10 37.99 27.51
CA ILE A 24 -33.57 37.15 28.59
C ILE A 24 -34.25 35.78 28.58
N GLU A 25 -35.47 35.74 28.05
CA GLU A 25 -36.26 34.51 27.98
C GLU A 25 -35.75 33.62 26.85
N GLU A 26 -35.45 34.24 25.71
CA GLU A 26 -35.04 33.52 24.51
C GLU A 26 -34.40 34.49 23.52
N GLY A 27 -34.33 34.09 22.25
CA GLY A 27 -33.82 34.96 21.22
C GLY A 27 -32.35 35.26 21.41
N ASP A 28 -31.55 34.19 21.51
CA ASP A 28 -30.12 34.31 21.78
C ASP A 28 -29.39 34.69 20.49
N LEU A 29 -28.58 35.73 20.57
CA LEU A 29 -27.83 36.22 19.42
C LEU A 29 -26.46 35.57 19.38
N PRO A 30 -26.17 34.79 18.31
CA PRO A 30 -24.85 34.18 18.12
C PRO A 30 -23.83 35.22 17.67
N GLU A 31 -23.53 36.16 18.56
CA GLU A 31 -22.64 37.27 18.25
C GLU A 31 -21.20 36.76 18.09
N HIS A 32 -20.83 35.84 18.97
CA HIS A 32 -19.47 35.32 18.99
C HIS A 32 -19.48 33.79 19.07
N LYS A 33 -19.13 33.14 17.97
CA LYS A 33 -18.99 31.68 17.95
C LYS A 33 -17.63 31.29 18.52
N ARG A 34 -17.47 30.02 18.89
CA ARG A 34 -16.21 29.52 19.44
C ARG A 34 -15.05 29.79 18.48
N PRO A 35 -14.10 30.67 18.88
CA PRO A 35 -12.95 31.03 18.03
C PRO A 35 -12.14 29.81 17.57
N SER A 36 -12.15 28.75 18.38
CA SER A 36 -11.49 27.52 18.02
C SER A 36 -12.50 26.49 17.51
N ALA A 37 -12.47 26.23 16.20
CA ALA A 37 -13.38 25.27 15.59
C ALA A 37 -13.20 23.85 16.16
N PRO A 38 -11.95 23.33 16.26
CA PRO A 38 -11.69 21.99 16.79
C PRO A 38 -12.41 21.74 18.13
N ILE A 39 -12.31 22.70 19.04
CA ILE A 39 -12.94 22.57 20.36
C ILE A 39 -14.46 22.52 20.23
N ASP A 40 -15.00 23.39 19.39
CA ASP A 40 -16.45 23.45 19.17
C ASP A 40 -16.97 22.11 18.66
N PHE A 41 -16.41 21.65 17.55
CA PHE A 41 -16.81 20.38 16.96
C PHE A 41 -16.50 19.21 17.90
N SER A 42 -15.47 19.37 18.72
CA SER A 42 -15.12 18.36 19.72
C SER A 42 -16.26 18.23 20.72
N LYS A 43 -16.83 19.36 21.11
CA LYS A 43 -17.98 19.39 22.00
C LYS A 43 -19.19 18.74 21.34
N LEU A 44 -19.41 19.08 20.08
CA LEU A 44 -20.49 18.50 19.29
C LEU A 44 -20.19 17.04 18.93
N ASP A 45 -18.92 16.66 19.07
CA ASP A 45 -18.46 15.28 18.79
C ASP A 45 -18.57 14.98 17.30
N PRO A 46 -17.47 15.17 16.54
CA PRO A 46 -17.45 15.10 15.07
C PRO A 46 -18.35 14.00 14.49
N GLY A 47 -18.26 12.80 15.05
CA GLY A 47 -19.09 11.71 14.58
C GLY A 47 -18.56 11.07 13.30
N LYS A 48 -17.34 11.44 12.93
CA LYS A 48 -16.70 10.92 11.73
C LYS A 48 -16.46 9.42 11.90
N PRO A 49 -16.93 8.59 10.94
CA PRO A 49 -16.89 7.12 11.06
C PRO A 49 -15.50 6.58 11.38
N GLU A 50 -15.40 5.83 12.49
CA GLU A 50 -14.13 5.22 12.92
C GLU A 50 -13.59 4.28 11.84
N SER A 51 -14.46 3.90 10.91
CA SER A 51 -14.08 3.08 9.76
C SER A 51 -12.80 3.59 9.11
N ILE A 52 -12.61 4.91 9.13
CA ILE A 52 -11.39 5.52 8.58
C ILE A 52 -10.17 5.09 9.39
N LEU A 53 -10.32 5.04 10.71
CA LEU A 53 -9.24 4.63 11.61
C LEU A 53 -8.94 3.14 11.43
N LYS A 54 -9.99 2.37 11.11
CA LYS A 54 -9.84 0.96 10.79
C LYS A 54 -9.18 0.79 9.42
N MET A 55 -9.45 1.73 8.52
CA MET A 55 -8.91 1.68 7.17
C MET A 55 -7.45 2.15 7.15
N THR A 56 -7.07 2.97 8.14
CA THR A 56 -5.69 3.39 8.29
C THR A 56 -4.89 2.28 8.95
N LYS A 57 -4.20 1.48 8.14
CA LYS A 57 -3.43 0.36 8.62
C LYS A 57 -1.95 0.65 8.47
N LYS A 58 -1.26 0.77 9.60
CA LYS A 58 0.15 1.11 9.60
C LYS A 58 0.99 -0.11 9.22
N GLY A 59 2.21 0.12 8.75
CA GLY A 59 3.03 -0.94 8.23
C GLY A 59 3.19 -0.85 6.73
N LYS A 60 2.79 0.29 6.17
CA LYS A 60 2.93 0.55 4.75
C LYS A 60 4.39 0.96 4.47
N THR A 61 5.14 0.03 3.89
CA THR A 61 6.57 0.23 3.68
C THR A 61 6.84 0.98 2.37
N LEU A 62 5.97 0.79 1.39
CA LEU A 62 6.11 1.47 0.10
C LEU A 62 4.78 1.42 -0.67
N MET A 63 4.50 2.48 -1.42
CA MET A 63 3.28 2.56 -2.22
C MET A 63 3.55 3.35 -3.50
N MET A 64 2.67 3.20 -4.49
CA MET A 64 2.78 3.99 -5.72
C MET A 64 1.40 4.32 -6.29
N PHE A 65 1.27 5.56 -6.77
CA PHE A 65 0.05 6.03 -7.42
C PHE A 65 0.20 5.91 -8.93
N VAL A 66 -0.50 4.95 -9.53
CA VAL A 66 -0.40 4.70 -10.96
C VAL A 66 -1.52 5.42 -11.71
N THR A 67 -1.16 6.49 -12.42
CA THR A 67 -2.10 7.21 -13.26
C THR A 67 -2.28 6.43 -14.58
N VAL A 68 -3.39 5.71 -14.68
CA VAL A 68 -3.62 4.79 -15.80
C VAL A 68 -4.57 5.40 -16.82
N SER A 69 -5.71 5.86 -16.33
CA SER A 69 -6.79 6.32 -17.20
C SER A 69 -6.48 7.70 -17.77
N GLY A 70 -6.41 8.69 -16.90
CA GLY A 70 -6.33 10.07 -17.34
C GLY A 70 -7.68 10.55 -17.89
N ASN A 71 -8.68 9.70 -17.74
CA ASN A 71 -10.04 9.98 -18.20
C ASN A 71 -11.02 9.79 -17.04
N PRO A 72 -11.89 10.78 -16.78
CA PRO A 72 -12.90 10.71 -15.69
C PRO A 72 -13.67 9.39 -15.62
N THR A 73 -13.69 8.65 -16.73
CA THR A 73 -14.36 7.35 -16.77
C THR A 73 -13.78 6.40 -15.70
N GLU A 74 -14.51 6.27 -14.60
CA GLU A 74 -14.11 5.40 -13.47
C GLU A 74 -13.77 4.00 -13.97
N LYS A 75 -14.48 3.60 -15.02
CA LYS A 75 -14.49 2.23 -15.49
C LYS A 75 -13.10 1.80 -15.98
N GLU A 76 -12.35 2.75 -16.51
CA GLU A 76 -11.02 2.48 -17.05
C GLU A 76 -10.09 1.97 -15.96
N THR A 77 -9.91 2.78 -14.92
CA THR A 77 -9.03 2.43 -13.81
C THR A 77 -9.61 1.25 -13.02
N GLU A 78 -10.94 1.21 -12.90
CA GLU A 78 -11.63 0.13 -12.22
C GLU A 78 -11.25 -1.23 -12.83
N GLU A 79 -11.50 -1.37 -14.13
CA GLU A 79 -11.27 -2.62 -14.82
C GLU A 79 -9.78 -2.97 -14.85
N ILE A 80 -8.92 -2.01 -15.19
CA ILE A 80 -7.48 -2.27 -15.33
C ILE A 80 -6.88 -2.65 -13.97
N THR A 81 -7.30 -1.98 -12.91
CA THR A 81 -6.82 -2.27 -11.57
C THR A 81 -7.35 -3.62 -11.10
N SER A 82 -8.56 -3.98 -11.55
CA SER A 82 -9.11 -5.29 -11.27
C SER A 82 -8.26 -6.37 -11.94
N LEU A 83 -7.83 -6.10 -13.17
CA LEU A 83 -6.95 -7.02 -13.91
C LEU A 83 -5.64 -7.21 -13.16
N TRP A 84 -5.05 -6.10 -12.73
CA TRP A 84 -3.81 -6.14 -11.95
C TRP A 84 -4.04 -6.82 -10.60
N GLN A 85 -5.20 -6.57 -9.99
CA GLN A 85 -5.54 -7.17 -8.71
C GLN A 85 -5.50 -8.69 -8.83
N GLY A 86 -6.22 -9.22 -9.80
CA GLY A 86 -6.21 -10.66 -10.04
C GLY A 86 -4.82 -11.17 -10.34
N SER A 87 -4.13 -10.49 -11.25
CA SER A 87 -2.79 -10.87 -11.67
C SER A 87 -1.83 -10.96 -10.46
N LEU A 88 -1.86 -9.95 -9.60
CA LEU A 88 -0.99 -9.89 -8.44
C LEU A 88 -1.36 -10.98 -7.43
N PHE A 89 -2.66 -11.28 -7.33
CA PHE A 89 -3.13 -12.33 -6.44
C PHE A 89 -2.89 -13.71 -7.05
N ASN A 90 -2.59 -13.74 -8.35
CA ASN A 90 -2.17 -14.98 -9.03
C ASN A 90 -0.68 -15.20 -8.80
N ALA A 91 0.09 -14.12 -8.90
CA ALA A 91 1.53 -14.15 -8.63
C ALA A 91 1.78 -14.15 -7.12
N ASN A 92 0.70 -13.99 -6.36
CA ASN A 92 0.72 -14.03 -4.90
C ASN A 92 1.49 -12.83 -4.32
N TYR A 93 0.84 -11.68 -4.33
CA TYR A 93 1.36 -10.47 -3.69
C TYR A 93 0.26 -9.80 -2.88
N ASP A 94 0.34 -9.92 -1.55
CA ASP A 94 -0.58 -9.24 -0.67
C ASP A 94 -0.39 -7.73 -0.79
N VAL A 95 -1.15 -7.12 -1.69
CA VAL A 95 -1.12 -5.67 -1.90
C VAL A 95 -2.50 -5.08 -1.65
N GLN A 96 -2.53 -3.93 -0.99
CA GLN A 96 -3.78 -3.25 -0.71
C GLN A 96 -3.96 -2.09 -1.69
N ARG A 97 -4.88 -2.27 -2.64
CA ARG A 97 -5.09 -1.30 -3.71
C ARG A 97 -6.44 -0.62 -3.57
N PHE A 98 -6.49 0.67 -3.85
CA PHE A 98 -7.73 1.44 -3.79
C PHE A 98 -7.86 2.34 -5.01
N ILE A 99 -9.10 2.59 -5.42
CA ILE A 99 -9.38 3.50 -6.51
C ILE A 99 -9.73 4.89 -5.96
N VAL A 100 -8.74 5.78 -5.99
CA VAL A 100 -8.91 7.17 -5.56
C VAL A 100 -8.48 8.10 -6.68
N GLY A 101 -9.46 8.64 -7.40
CA GLY A 101 -9.16 9.39 -8.60
C GLY A 101 -9.31 8.50 -9.82
N SER A 102 -10.40 8.68 -10.57
CA SER A 102 -10.70 7.83 -11.72
C SER A 102 -9.56 7.78 -12.74
N ASP A 103 -8.60 8.69 -12.63
CA ASP A 103 -7.46 8.74 -13.53
C ASP A 103 -6.35 7.78 -13.09
N ARG A 104 -6.32 7.48 -11.80
CA ARG A 104 -5.21 6.75 -11.19
C ARG A 104 -5.71 5.61 -10.29
N ALA A 105 -4.75 4.88 -9.72
CA ALA A 105 -5.02 3.83 -8.74
C ALA A 105 -3.84 3.72 -7.79
N ILE A 106 -4.11 3.54 -6.50
CA ILE A 106 -3.04 3.47 -5.50
C ILE A 106 -2.79 2.02 -5.07
N PHE A 107 -1.53 1.60 -5.15
CA PHE A 107 -1.10 0.31 -4.67
C PHE A 107 -0.25 0.47 -3.41
N MET A 108 -0.75 -0.05 -2.29
CA MET A 108 -0.03 -0.05 -1.02
C MET A 108 0.56 -1.44 -0.77
N LEU A 109 1.88 -1.52 -0.64
CA LEU A 109 2.56 -2.80 -0.49
C LEU A 109 2.91 -3.09 0.96
N ARG A 110 3.21 -4.36 1.24
CA ARG A 110 3.57 -4.80 2.58
C ARG A 110 5.09 -4.86 2.72
N ASP A 111 5.77 -5.02 1.59
CA ASP A 111 7.23 -5.10 1.56
C ASP A 111 7.79 -4.27 0.40
N GLY A 112 9.01 -3.76 0.57
CA GLY A 112 9.58 -2.83 -0.39
C GLY A 112 10.45 -3.50 -1.45
N SER A 113 10.74 -4.78 -1.28
CA SER A 113 11.60 -5.49 -2.22
C SER A 113 10.85 -5.75 -3.53
N TYR A 114 9.68 -6.39 -3.44
CA TYR A 114 8.91 -6.71 -4.64
C TYR A 114 8.24 -5.46 -5.20
N ALA A 115 8.47 -4.32 -4.54
CA ALA A 115 7.94 -3.03 -5.00
C ALA A 115 8.44 -2.71 -6.40
N TRP A 116 9.70 -3.04 -6.67
CA TRP A 116 10.27 -2.81 -7.99
C TRP A 116 9.71 -3.80 -9.00
N GLU A 117 9.53 -5.05 -8.57
CA GLU A 117 8.96 -6.09 -9.42
C GLU A 117 7.57 -5.69 -9.92
N ILE A 118 6.71 -5.29 -8.99
CA ILE A 118 5.36 -4.84 -9.34
C ILE A 118 5.45 -3.55 -10.15
N LYS A 119 6.39 -2.68 -9.79
CA LYS A 119 6.63 -1.44 -10.51
C LYS A 119 6.90 -1.74 -11.99
N ASP A 120 7.72 -2.75 -12.24
CA ASP A 120 8.06 -3.14 -13.61
C ASP A 120 6.84 -3.71 -14.31
N PHE A 121 6.12 -4.59 -13.62
CA PHE A 121 4.90 -5.18 -14.16
C PHE A 121 3.92 -4.08 -14.58
N LEU A 122 3.81 -3.05 -13.74
CA LEU A 122 2.89 -1.94 -14.01
C LEU A 122 3.35 -1.13 -15.22
N VAL A 123 4.65 -0.83 -15.30
CA VAL A 123 5.18 -0.04 -16.40
C VAL A 123 5.34 -0.88 -17.67
N SER A 124 5.22 -2.20 -17.54
CA SER A 124 5.26 -3.10 -18.68
C SER A 124 3.87 -3.23 -19.31
N GLN A 125 2.85 -2.77 -18.58
CA GLN A 125 1.49 -2.75 -19.10
C GLN A 125 1.37 -1.59 -20.09
N ASP A 126 0.91 -1.91 -21.30
CA ASP A 126 0.95 -0.96 -22.42
C ASP A 126 0.34 0.41 -22.07
N ARG A 127 -0.72 0.41 -21.25
CA ARG A 127 -1.45 1.64 -20.94
C ARG A 127 -0.88 2.31 -19.68
N CYS A 128 0.38 2.05 -19.37
CA CYS A 128 1.04 2.70 -18.24
C CYS A 128 1.39 4.15 -18.59
N ALA A 129 0.50 5.06 -18.23
CA ALA A 129 0.67 6.47 -18.55
C ALA A 129 1.66 7.14 -17.59
N GLU A 130 1.39 7.02 -16.29
CA GLU A 130 2.21 7.67 -15.28
C GLU A 130 2.16 6.86 -13.98
N VAL A 131 3.27 6.82 -13.25
CA VAL A 131 3.33 6.10 -11.99
C VAL A 131 4.25 6.83 -10.99
N THR A 132 3.62 7.49 -10.01
CA THR A 132 4.35 8.20 -8.97
C THR A 132 4.65 7.25 -7.81
N LEU A 133 5.94 6.99 -7.57
CA LEU A 133 6.36 5.99 -6.60
C LEU A 133 6.74 6.65 -5.27
N GLU A 134 5.99 6.34 -4.22
CA GLU A 134 6.27 6.84 -2.88
C GLU A 134 7.25 5.92 -2.17
N GLY A 135 8.54 6.16 -2.39
CA GLY A 135 9.59 5.34 -1.81
C GLY A 135 10.89 5.53 -2.54
N GLN A 136 11.33 6.78 -2.63
CA GLN A 136 12.52 7.16 -3.37
C GLN A 136 13.78 6.65 -2.67
N MET A 137 14.09 5.37 -2.86
CA MET A 137 15.30 4.76 -2.33
C MET A 137 16.32 4.58 -3.45
N TYR A 138 15.88 3.93 -4.53
CA TYR A 138 16.72 3.73 -5.71
C TYR A 138 15.85 3.75 -6.98
N PRO A 139 15.29 4.93 -7.33
CA PRO A 139 14.39 5.07 -8.48
C PRO A 139 15.11 4.92 -9.82
N GLY A 140 14.36 4.99 -10.91
CA GLY A 140 14.91 4.74 -12.23
C GLY A 140 14.92 3.25 -12.54
N LYS A 141 15.23 2.91 -13.78
CA LYS A 141 15.27 1.52 -14.21
C LYS A 141 16.38 1.33 -15.25
N GLY A 1 -11.85 37.84 6.41
CA GLY A 1 -10.55 37.57 7.08
C GLY A 1 -9.76 36.48 6.39
N ASP A 2 -9.52 35.38 7.10
CA ASP A 2 -8.73 34.26 6.57
C ASP A 2 -8.90 33.04 7.46
N ILE A 3 -8.47 31.87 6.96
CA ILE A 3 -8.65 30.62 7.68
C ILE A 3 -7.46 30.31 8.61
N ARG A 4 -6.44 31.18 8.58
CA ARG A 4 -5.23 30.96 9.37
C ARG A 4 -5.56 30.85 10.86
N ASP A 5 -6.70 31.39 11.27
CA ASP A 5 -7.17 31.24 12.66
C ASP A 5 -7.07 29.77 13.09
N TYR A 6 -7.51 28.88 12.21
CA TYR A 6 -7.37 27.43 12.42
C TYR A 6 -5.91 27.06 12.57
N ASN A 7 -5.06 27.61 11.71
CA ASN A 7 -3.63 27.29 11.71
C ASN A 7 -3.03 27.62 13.08
N ASP A 8 -3.06 28.90 13.45
CA ASP A 8 -2.46 29.35 14.70
C ASP A 8 -3.07 28.63 15.90
N ALA A 9 -4.39 28.70 16.01
CA ALA A 9 -5.10 28.17 17.18
C ALA A 9 -4.91 26.66 17.32
N ASP A 10 -5.22 25.91 16.27
CA ASP A 10 -5.19 24.44 16.34
C ASP A 10 -3.76 23.93 16.47
N MET A 11 -2.85 24.47 15.65
CA MET A 11 -1.46 24.03 15.67
C MET A 11 -0.83 24.34 17.02
N ALA A 12 -1.14 25.52 17.57
CA ALA A 12 -0.64 25.89 18.90
C ALA A 12 -1.24 24.98 19.96
N ARG A 13 -2.53 24.70 19.81
CA ARG A 13 -3.26 23.82 20.74
C ARG A 13 -2.56 22.47 20.87
N LEU A 14 -2.12 21.94 19.73
CA LEU A 14 -1.47 20.63 19.69
C LEU A 14 0.03 20.73 20.03
N LEU A 15 0.73 21.61 19.31
CA LEU A 15 2.19 21.70 19.40
C LEU A 15 2.66 22.22 20.76
N GLU A 16 1.87 23.08 21.41
CA GLU A 16 2.28 23.62 22.72
C GLU A 16 2.52 22.48 23.71
N GLN A 17 1.73 21.42 23.57
CA GLN A 17 1.86 20.24 24.41
C GLN A 17 3.24 19.61 24.21
N TRP A 18 3.63 19.48 22.95
CA TRP A 18 4.94 18.93 22.60
C TRP A 18 6.05 19.84 23.10
N GLU A 19 5.85 21.15 22.93
CA GLU A 19 6.80 22.16 23.37
C GLU A 19 7.10 22.01 24.86
N LYS A 20 6.07 22.17 25.68
CA LYS A 20 6.21 22.12 27.14
C LYS A 20 6.77 20.78 27.57
N ASP A 21 6.18 19.68 27.09
CA ASP A 21 6.61 18.33 27.47
C ASP A 21 8.09 18.13 27.13
N ASP A 22 8.49 18.64 25.96
CA ASP A 22 9.87 18.56 25.50
C ASP A 22 10.82 19.25 26.47
N ASP A 23 10.54 20.51 26.81
CA ASP A 23 11.46 21.28 27.67
C ASP A 23 11.30 20.89 29.13
N ILE A 24 10.16 20.29 29.49
CA ILE A 24 9.96 19.76 30.84
C ILE A 24 10.91 18.60 31.09
N GLU A 25 11.00 17.70 30.11
CA GLU A 25 11.97 16.61 30.19
C GLU A 25 13.38 17.15 29.93
N GLU A 26 13.49 18.06 28.96
CA GLU A 26 14.74 18.70 28.59
C GLU A 26 15.81 17.64 28.23
N GLY A 27 15.35 16.43 27.95
CA GLY A 27 16.24 15.36 27.53
C GLY A 27 16.81 14.55 28.69
N ASP A 28 16.14 14.56 29.84
CA ASP A 28 16.57 13.75 30.98
C ASP A 28 16.03 12.33 30.84
N LEU A 29 16.75 11.37 31.41
CA LEU A 29 16.35 9.98 31.36
C LEU A 29 15.28 9.69 32.41
N PRO A 30 14.10 9.17 31.98
CA PRO A 30 13.00 8.88 32.90
C PRO A 30 13.37 7.81 33.93
N GLU A 31 13.92 8.25 35.06
CA GLU A 31 14.22 7.36 36.17
C GLU A 31 12.91 6.92 36.82
N HIS A 32 11.92 7.77 36.65
CA HIS A 32 10.56 7.52 37.13
C HIS A 32 9.59 7.65 35.96
N LYS A 33 8.77 6.63 35.74
CA LYS A 33 7.85 6.62 34.61
C LYS A 33 6.65 7.52 34.86
N ARG A 34 5.93 7.83 33.78
CA ARG A 34 4.73 8.66 33.87
C ARG A 34 3.55 7.76 34.25
N PRO A 35 3.00 7.93 35.48
CA PRO A 35 1.95 7.04 36.02
C PRO A 35 0.82 6.76 35.03
N SER A 36 0.43 7.77 34.28
CA SER A 36 -0.64 7.65 33.30
C SER A 36 -0.09 7.15 31.97
N ALA A 37 -0.46 5.93 31.59
CA ALA A 37 -0.07 5.35 30.31
C ALA A 37 -1.06 5.74 29.19
N PRO A 38 -2.40 5.60 29.42
CA PRO A 38 -3.39 5.91 28.38
C PRO A 38 -3.70 7.40 28.27
N ILE A 39 -2.65 8.23 28.36
CA ILE A 39 -2.81 9.68 28.28
C ILE A 39 -3.49 10.10 26.98
N ASP A 40 -3.30 9.30 25.93
CA ASP A 40 -3.92 9.54 24.62
C ASP A 40 -5.44 9.57 24.76
N PHE A 41 -5.96 8.65 25.56
CA PHE A 41 -7.40 8.55 25.79
C PHE A 41 -7.90 9.78 26.54
N SER A 42 -7.00 10.41 27.30
CA SER A 42 -7.33 11.63 28.01
C SER A 42 -7.32 12.83 27.06
N LYS A 43 -6.34 12.83 26.14
CA LYS A 43 -6.22 13.89 25.14
C LYS A 43 -7.44 13.91 24.22
N LEU A 44 -7.89 12.72 23.82
CA LEU A 44 -9.03 12.58 22.93
C LEU A 44 -10.32 12.38 23.72
N ASP A 45 -10.41 11.25 24.42
CA ASP A 45 -11.65 10.81 25.08
C ASP A 45 -12.77 10.66 24.04
N PRO A 46 -12.82 9.51 23.35
CA PRO A 46 -13.83 9.25 22.32
C PRO A 46 -15.23 9.11 22.89
N GLY A 47 -15.35 8.36 24.00
CA GLY A 47 -16.64 8.09 24.60
C GLY A 47 -17.38 6.97 23.90
N LYS A 48 -17.56 7.13 22.59
CA LYS A 48 -18.25 6.16 21.76
C LYS A 48 -17.32 4.99 21.40
N PRO A 49 -17.88 3.85 20.94
CA PRO A 49 -17.08 2.75 20.41
C PRO A 49 -16.56 3.08 19.02
N GLU A 50 -15.32 3.54 18.94
CA GLU A 50 -14.73 3.94 17.68
C GLU A 50 -14.41 2.71 16.82
N SER A 51 -15.32 2.40 15.90
CA SER A 51 -15.17 1.24 15.03
C SER A 51 -13.91 1.36 14.19
N ILE A 52 -13.55 2.60 13.87
CA ILE A 52 -12.32 2.87 13.12
C ILE A 52 -11.10 2.36 13.91
N LEU A 53 -11.05 2.72 15.19
CA LEU A 53 -9.97 2.29 16.07
C LEU A 53 -10.00 0.76 16.21
N LYS A 54 -11.21 0.22 16.15
CA LYS A 54 -11.41 -1.22 16.21
C LYS A 54 -10.93 -1.91 14.93
N MET A 55 -11.09 -1.23 13.79
CA MET A 55 -10.81 -1.85 12.49
C MET A 55 -9.43 -1.46 11.94
N THR A 56 -8.72 -0.57 12.64
CA THR A 56 -7.37 -0.17 12.22
C THR A 56 -6.49 -1.38 11.90
N LYS A 57 -5.95 -1.41 10.68
CA LYS A 57 -5.12 -2.52 10.22
C LYS A 57 -3.74 -2.00 9.79
N LYS A 58 -2.71 -2.76 10.13
CA LYS A 58 -1.32 -2.35 9.88
C LYS A 58 -0.74 -3.17 8.72
N GLY A 59 0.35 -2.66 8.13
CA GLY A 59 1.02 -3.39 7.07
C GLY A 59 0.97 -2.67 5.73
N LYS A 60 1.65 -1.54 5.65
CA LYS A 60 1.81 -0.80 4.40
C LYS A 60 3.03 0.11 4.49
N THR A 61 4.10 -0.29 3.81
CA THR A 61 5.39 0.38 3.93
C THR A 61 5.64 1.37 2.79
N LEU A 62 5.07 1.07 1.63
CA LEU A 62 5.29 1.89 0.43
C LEU A 62 3.96 2.12 -0.29
N MET A 63 3.80 3.31 -0.88
CA MET A 63 2.60 3.64 -1.64
C MET A 63 3.00 4.15 -3.03
N MET A 64 2.27 3.71 -4.05
CA MET A 64 2.52 4.13 -5.42
C MET A 64 1.23 4.64 -6.05
N PHE A 65 1.23 5.90 -6.47
CA PHE A 65 0.11 6.47 -7.22
C PHE A 65 0.34 6.22 -8.71
N VAL A 66 -0.36 5.23 -9.24
CA VAL A 66 -0.20 4.83 -10.62
C VAL A 66 -1.25 5.50 -11.51
N THR A 67 -0.85 6.55 -12.21
CA THR A 67 -1.72 7.22 -13.15
C THR A 67 -1.92 6.34 -14.39
N VAL A 68 -3.07 5.68 -14.46
CA VAL A 68 -3.33 4.72 -15.53
C VAL A 68 -4.17 5.36 -16.62
N SER A 69 -5.19 6.09 -16.21
CA SER A 69 -6.14 6.69 -17.13
C SER A 69 -5.70 8.09 -17.53
N GLY A 70 -5.66 8.98 -16.55
CA GLY A 70 -5.45 10.39 -16.82
C GLY A 70 -6.76 11.11 -17.10
N ASN A 71 -7.83 10.33 -17.28
CA ASN A 71 -9.17 10.88 -17.48
C ASN A 71 -10.15 10.27 -16.47
N PRO A 72 -11.20 11.03 -16.11
CA PRO A 72 -12.09 10.74 -14.96
C PRO A 72 -12.95 9.46 -15.05
N THR A 73 -13.11 8.86 -16.24
CA THR A 73 -14.17 7.88 -16.43
C THR A 73 -13.92 6.58 -15.63
N GLU A 74 -14.99 5.79 -15.46
CA GLU A 74 -14.94 4.58 -14.64
C GLU A 74 -14.50 3.36 -15.46
N LYS A 75 -14.58 3.49 -16.78
CA LYS A 75 -14.32 2.38 -17.70
C LYS A 75 -12.93 1.79 -17.47
N GLU A 76 -11.93 2.54 -17.89
CA GLU A 76 -10.54 2.16 -17.83
C GLU A 76 -10.11 1.79 -16.41
N THR A 77 -10.48 2.60 -15.43
CA THR A 77 -10.05 2.38 -14.06
C THR A 77 -10.57 1.06 -13.51
N GLU A 78 -11.84 0.75 -13.78
CA GLU A 78 -12.44 -0.49 -13.33
C GLU A 78 -11.73 -1.67 -13.98
N GLU A 79 -11.57 -1.60 -15.29
CA GLU A 79 -10.96 -2.68 -16.08
C GLU A 79 -9.53 -2.96 -15.61
N ILE A 80 -8.72 -1.92 -15.51
CA ILE A 80 -7.30 -2.10 -15.19
C ILE A 80 -7.11 -2.50 -13.73
N THR A 81 -7.86 -1.89 -12.83
CA THR A 81 -7.76 -2.20 -11.41
C THR A 81 -8.16 -3.64 -11.16
N SER A 82 -9.21 -4.11 -11.83
CA SER A 82 -9.65 -5.51 -11.70
C SER A 82 -8.61 -6.45 -12.30
N LEU A 83 -8.02 -6.04 -13.43
CA LEU A 83 -6.98 -6.81 -14.10
C LEU A 83 -5.82 -7.06 -13.11
N TRP A 84 -5.25 -5.98 -12.60
CA TRP A 84 -4.14 -6.08 -11.66
C TRP A 84 -4.58 -6.75 -10.36
N GLN A 85 -5.82 -6.49 -9.95
CA GLN A 85 -6.39 -7.12 -8.77
C GLN A 85 -6.35 -8.64 -8.90
N GLY A 86 -6.56 -9.12 -10.12
CA GLY A 86 -6.47 -10.54 -10.38
C GLY A 86 -5.04 -11.03 -10.42
N SER A 87 -4.26 -10.49 -11.35
CA SER A 87 -2.89 -10.95 -11.61
C SER A 87 -2.00 -10.86 -10.37
N LEU A 88 -1.99 -9.72 -9.71
CA LEU A 88 -1.08 -9.48 -8.59
C LEU A 88 -1.42 -10.36 -7.39
N PHE A 89 -2.70 -10.54 -7.14
CA PHE A 89 -3.17 -11.31 -5.98
C PHE A 89 -3.08 -12.82 -6.23
N ASN A 90 -3.29 -13.23 -7.48
CA ASN A 90 -3.29 -14.66 -7.82
C ASN A 90 -1.85 -15.18 -7.85
N ALA A 91 -0.91 -14.25 -8.04
CA ALA A 91 0.51 -14.57 -7.99
C ALA A 91 1.03 -14.55 -6.56
N ASN A 92 0.11 -14.31 -5.61
CA ASN A 92 0.40 -14.38 -4.18
C ASN A 92 1.37 -13.28 -3.73
N TYR A 93 1.13 -12.06 -4.21
CA TYR A 93 1.95 -10.92 -3.79
C TYR A 93 1.35 -10.24 -2.55
N ASP A 94 2.15 -9.41 -1.89
CA ASP A 94 1.72 -8.69 -0.68
C ASP A 94 1.19 -7.30 -1.04
N VAL A 95 0.90 -7.11 -2.32
CA VAL A 95 0.50 -5.80 -2.82
C VAL A 95 -1.00 -5.58 -2.68
N GLN A 96 -1.39 -4.42 -2.16
CA GLN A 96 -2.80 -4.06 -2.00
C GLN A 96 -3.14 -2.90 -2.92
N ARG A 97 -4.34 -2.92 -3.50
CA ARG A 97 -4.77 -1.90 -4.45
C ARG A 97 -5.98 -1.14 -3.91
N PHE A 98 -6.04 0.16 -4.18
CA PHE A 98 -7.20 0.97 -3.85
C PHE A 98 -7.44 2.00 -4.94
N ILE A 99 -8.70 2.37 -5.13
CA ILE A 99 -9.08 3.37 -6.12
C ILE A 99 -9.55 4.65 -5.43
N VAL A 100 -8.79 5.73 -5.60
CA VAL A 100 -9.15 7.04 -5.07
C VAL A 100 -8.65 8.10 -6.05
N GLY A 101 -9.58 8.70 -6.77
CA GLY A 101 -9.23 9.43 -7.98
C GLY A 101 -9.07 8.44 -9.12
N SER A 102 -10.19 8.14 -9.78
CA SER A 102 -10.28 7.02 -10.72
C SER A 102 -9.13 6.96 -11.74
N ASP A 103 -8.60 8.11 -12.13
CA ASP A 103 -7.56 8.17 -13.15
C ASP A 103 -6.25 7.55 -12.66
N ARG A 104 -6.09 7.48 -11.34
CA ARG A 104 -4.87 6.99 -10.72
C ARG A 104 -5.19 5.91 -9.67
N ALA A 105 -4.62 4.71 -9.86
CA ALA A 105 -4.80 3.61 -8.92
C ALA A 105 -3.66 3.62 -7.91
N ILE A 106 -4.00 3.61 -6.62
CA ILE A 106 -2.97 3.64 -5.57
C ILE A 106 -2.68 2.23 -5.06
N PHE A 107 -1.39 1.90 -4.97
CA PHE A 107 -0.95 0.58 -4.53
C PHE A 107 -0.15 0.71 -3.24
N MET A 108 -0.55 -0.02 -2.22
CA MET A 108 0.16 -0.04 -0.96
C MET A 108 0.88 -1.37 -0.79
N LEU A 109 2.20 -1.32 -0.82
CA LEU A 109 3.04 -2.50 -0.69
C LEU A 109 3.38 -2.73 0.77
N ARG A 110 3.21 -3.95 1.26
CA ARG A 110 3.49 -4.26 2.65
C ARG A 110 4.98 -4.53 2.84
N ASP A 111 5.62 -4.95 1.75
CA ASP A 111 7.06 -5.19 1.74
C ASP A 111 7.67 -4.51 0.51
N GLY A 112 8.99 -4.37 0.50
CA GLY A 112 9.66 -3.65 -0.58
C GLY A 112 10.38 -4.56 -1.55
N SER A 113 10.39 -5.86 -1.28
CA SER A 113 11.10 -6.83 -2.11
C SER A 113 10.56 -6.84 -3.54
N TYR A 114 9.26 -6.65 -3.71
CA TYR A 114 8.63 -6.67 -5.04
C TYR A 114 8.33 -5.25 -5.53
N ALA A 115 8.88 -4.26 -4.83
CA ALA A 115 8.59 -2.85 -5.12
C ALA A 115 8.89 -2.48 -6.57
N TRP A 116 10.17 -2.55 -6.96
CA TRP A 116 10.58 -2.17 -8.30
C TRP A 116 9.99 -3.12 -9.35
N GLU A 117 9.85 -4.38 -8.97
CA GLU A 117 9.31 -5.39 -9.87
C GLU A 117 7.90 -5.03 -10.31
N ILE A 118 7.03 -4.71 -9.33
CA ILE A 118 5.65 -4.34 -9.63
C ILE A 118 5.63 -2.99 -10.36
N LYS A 119 6.52 -2.08 -9.95
CA LYS A 119 6.63 -0.76 -10.60
C LYS A 119 6.77 -0.93 -12.12
N ASP A 120 7.77 -1.71 -12.53
CA ASP A 120 8.01 -1.95 -13.95
C ASP A 120 6.86 -2.73 -14.56
N PHE A 121 6.29 -3.65 -13.78
CA PHE A 121 5.11 -4.41 -14.23
C PHE A 121 3.95 -3.46 -14.57
N LEU A 122 3.79 -2.43 -13.74
CA LEU A 122 2.71 -1.46 -13.92
C LEU A 122 2.94 -0.62 -15.16
N VAL A 123 4.16 -0.11 -15.33
CA VAL A 123 4.49 0.72 -16.50
C VAL A 123 4.53 -0.12 -17.78
N SER A 124 4.79 -1.42 -17.62
CA SER A 124 4.88 -2.33 -18.76
C SER A 124 3.50 -2.77 -19.24
N GLN A 125 2.45 -2.33 -18.52
CA GLN A 125 1.07 -2.66 -18.89
C GLN A 125 0.76 -2.13 -20.29
N ASP A 126 -0.17 -2.80 -20.98
CA ASP A 126 -0.59 -2.40 -22.33
C ASP A 126 -0.99 -0.92 -22.39
N ARG A 127 -1.73 -0.48 -21.39
CA ARG A 127 -2.20 0.91 -21.30
C ARG A 127 -1.03 1.87 -21.05
N CYS A 128 0.10 1.33 -20.58
CA CYS A 128 1.27 2.13 -20.23
C CYS A 128 0.92 3.11 -19.11
N ALA A 129 0.90 2.59 -17.88
CA ALA A 129 0.53 3.39 -16.72
C ALA A 129 1.76 4.01 -16.08
N GLU A 130 1.71 5.32 -15.83
CA GLU A 130 2.83 6.04 -15.25
C GLU A 130 2.70 6.07 -13.72
N VAL A 131 3.62 5.41 -13.04
CA VAL A 131 3.59 5.30 -11.59
C VAL A 131 4.47 6.36 -10.93
N THR A 132 3.96 6.92 -9.84
CA THR A 132 4.71 7.85 -9.02
C THR A 132 4.71 7.36 -7.57
N LEU A 133 5.89 7.31 -6.95
CA LEU A 133 6.01 6.77 -5.59
C LEU A 133 5.75 7.86 -4.57
N GLU A 134 5.17 7.47 -3.44
CA GLU A 134 4.88 8.37 -2.34
C GLU A 134 5.61 7.88 -1.09
N GLY A 135 6.20 8.80 -0.35
CA GLY A 135 6.95 8.44 0.85
C GLY A 135 8.43 8.25 0.58
N GLN A 136 8.81 7.06 0.15
CA GLN A 136 10.23 6.73 -0.06
C GLN A 136 10.46 6.18 -1.47
N MET A 137 11.36 6.84 -2.21
CA MET A 137 11.77 6.37 -3.53
C MET A 137 13.14 5.72 -3.45
N TYR A 138 13.15 4.39 -3.42
CA TYR A 138 14.37 3.61 -3.23
C TYR A 138 14.40 2.39 -4.18
N PRO A 139 15.39 2.33 -5.09
CA PRO A 139 15.53 1.21 -6.03
C PRO A 139 15.90 -0.10 -5.33
N GLY A 140 16.58 0.02 -4.19
CA GLY A 140 17.01 -1.15 -3.45
C GLY A 140 18.40 -1.57 -3.83
N LYS A 141 18.51 -2.64 -4.61
CA LYS A 141 19.80 -3.18 -5.04
C LYS A 141 19.88 -3.21 -6.57
N GLY A 1 -45.26 -14.39 -16.83
CA GLY A 1 -46.44 -13.54 -17.11
C GLY A 1 -46.59 -12.44 -16.08
N ASP A 2 -45.94 -11.31 -16.32
CA ASP A 2 -45.98 -10.18 -15.40
C ASP A 2 -47.27 -9.38 -15.56
N ILE A 3 -47.82 -8.94 -14.44
CA ILE A 3 -48.97 -8.04 -14.42
C ILE A 3 -48.45 -6.60 -14.39
N ARG A 4 -47.49 -6.34 -15.27
CA ARG A 4 -46.65 -5.15 -15.22
C ARG A 4 -47.48 -3.86 -15.25
N ASP A 5 -48.55 -3.86 -16.02
CA ASP A 5 -49.42 -2.68 -16.12
C ASP A 5 -49.98 -2.31 -14.75
N TYR A 6 -50.44 -3.33 -14.03
CA TYR A 6 -50.93 -3.14 -12.67
C TYR A 6 -49.82 -2.57 -11.80
N ASN A 7 -48.64 -3.17 -11.89
CA ASN A 7 -47.47 -2.72 -11.14
C ASN A 7 -47.25 -1.22 -11.35
N ASP A 8 -46.76 -0.86 -12.53
CA ASP A 8 -46.42 0.53 -12.84
C ASP A 8 -47.61 1.46 -12.61
N ALA A 9 -48.69 1.21 -13.33
CA ALA A 9 -49.84 2.12 -13.34
C ALA A 9 -50.52 2.20 -11.98
N ASP A 10 -50.95 1.05 -11.45
CA ASP A 10 -51.77 1.03 -10.24
C ASP A 10 -50.96 1.46 -9.03
N MET A 11 -49.69 1.02 -8.95
CA MET A 11 -48.84 1.41 -7.84
C MET A 11 -48.49 2.90 -7.93
N ALA A 12 -48.30 3.39 -9.16
CA ALA A 12 -48.06 4.82 -9.37
C ALA A 12 -49.23 5.62 -8.82
N ARG A 13 -50.44 5.20 -9.15
CA ARG A 13 -51.65 5.88 -8.69
C ARG A 13 -51.80 5.79 -7.18
N LEU A 14 -51.45 4.63 -6.61
CA LEU A 14 -51.54 4.41 -5.17
C LEU A 14 -50.59 5.37 -4.44
N LEU A 15 -49.33 5.37 -4.86
CA LEU A 15 -48.33 6.24 -4.25
C LEU A 15 -48.61 7.71 -4.56
N GLU A 16 -49.25 7.95 -5.71
CA GLU A 16 -49.59 9.31 -6.14
C GLU A 16 -50.39 10.01 -5.04
N GLN A 17 -51.23 9.25 -4.35
CA GLN A 17 -52.03 9.78 -3.24
C GLN A 17 -51.12 10.39 -2.18
N TRP A 18 -50.09 9.65 -1.79
CA TRP A 18 -49.14 10.09 -0.78
C TRP A 18 -48.36 11.31 -1.26
N GLU A 19 -47.99 11.27 -2.54
CA GLU A 19 -47.23 12.35 -3.17
C GLU A 19 -48.00 13.66 -3.07
N LYS A 20 -49.26 13.63 -3.50
CA LYS A 20 -50.08 14.84 -3.54
C LYS A 20 -50.38 15.34 -2.13
N ASP A 21 -50.66 14.42 -1.19
CA ASP A 21 -50.88 14.82 0.20
C ASP A 21 -49.66 15.54 0.74
N ASP A 22 -48.48 15.03 0.38
CA ASP A 22 -47.22 15.65 0.79
C ASP A 22 -47.06 17.03 0.15
N ASP A 23 -47.46 17.17 -1.11
CA ASP A 23 -47.39 18.46 -1.80
C ASP A 23 -48.27 19.49 -1.10
N ILE A 24 -49.45 19.06 -0.69
CA ILE A 24 -50.44 19.95 -0.07
C ILE A 24 -50.02 20.36 1.34
N GLU A 25 -49.83 19.37 2.21
CA GLU A 25 -49.61 19.63 3.64
C GLU A 25 -48.12 19.70 4.00
N GLU A 26 -47.28 19.11 3.15
CA GLU A 26 -45.83 19.09 3.36
C GLU A 26 -45.43 18.27 4.58
N GLY A 27 -45.08 17.00 4.35
CA GLY A 27 -44.55 16.13 5.38
C GLY A 27 -45.34 16.16 6.69
N ASP A 28 -46.32 15.27 6.81
CA ASP A 28 -47.10 15.17 8.05
C ASP A 28 -46.31 14.40 9.08
N LEU A 29 -45.66 15.14 9.98
CA LEU A 29 -44.79 14.57 11.00
C LEU A 29 -45.49 14.56 12.36
N PRO A 30 -44.92 13.84 13.37
CA PRO A 30 -45.42 13.86 14.74
C PRO A 30 -45.47 15.27 15.34
N GLU A 31 -45.84 15.37 16.62
CA GLU A 31 -45.97 16.67 17.29
C GLU A 31 -44.63 17.37 17.46
N HIS A 32 -43.55 16.70 17.11
CA HIS A 32 -42.21 17.30 17.09
C HIS A 32 -41.61 17.17 15.68
N LYS A 33 -41.58 18.28 14.97
CA LYS A 33 -41.06 18.32 13.60
C LYS A 33 -39.65 18.92 13.58
N ARG A 34 -39.10 19.06 12.38
CA ARG A 34 -37.74 19.59 12.18
C ARG A 34 -37.54 20.91 12.94
N PRO A 35 -36.62 20.91 13.93
CA PRO A 35 -36.24 22.14 14.64
C PRO A 35 -35.35 23.02 13.77
N SER A 36 -34.84 22.44 12.68
CA SER A 36 -34.00 23.14 11.73
C SER A 36 -34.54 22.92 10.33
N ALA A 37 -34.76 24.01 9.61
CA ALA A 37 -35.33 23.93 8.25
C ALA A 37 -34.30 23.46 7.21
N PRO A 38 -33.06 24.03 7.20
CA PRO A 38 -32.05 23.65 6.22
C PRO A 38 -31.55 22.21 6.43
N ILE A 39 -32.23 21.26 5.81
CA ILE A 39 -31.87 19.84 5.92
C ILE A 39 -30.49 19.58 5.35
N ASP A 40 -30.02 20.53 4.53
CA ASP A 40 -28.67 20.46 3.94
C ASP A 40 -27.63 20.21 5.03
N PHE A 41 -27.57 21.12 5.99
CA PHE A 41 -26.58 21.05 7.06
C PHE A 41 -26.78 19.79 7.90
N SER A 42 -28.05 19.40 8.08
CA SER A 42 -28.36 18.20 8.85
C SER A 42 -27.85 16.94 8.13
N LYS A 43 -27.86 16.99 6.79
CA LYS A 43 -27.47 15.85 5.97
C LYS A 43 -25.94 15.74 5.91
N LEU A 44 -25.28 16.86 5.64
CA LEU A 44 -23.81 16.89 5.52
C LEU A 44 -23.14 16.83 6.89
N ASP A 45 -23.84 17.32 7.91
CA ASP A 45 -23.31 17.36 9.28
C ASP A 45 -22.06 18.24 9.35
N PRO A 46 -22.22 19.55 9.61
CA PRO A 46 -21.13 20.53 9.54
C PRO A 46 -20.13 20.36 10.69
N GLY A 47 -18.84 20.50 10.37
CA GLY A 47 -17.82 20.45 11.40
C GLY A 47 -17.42 19.05 11.79
N LYS A 48 -17.89 18.06 11.01
CA LYS A 48 -17.62 16.65 11.30
C LYS A 48 -16.11 16.38 11.35
N PRO A 49 -15.56 16.11 12.55
CA PRO A 49 -14.12 15.95 12.76
C PRO A 49 -13.57 14.66 12.14
N GLU A 50 -14.45 13.69 11.92
CA GLU A 50 -14.05 12.38 11.40
C GLU A 50 -13.31 12.49 10.06
N SER A 51 -13.46 13.63 9.38
CA SER A 51 -12.78 13.85 8.11
C SER A 51 -11.28 13.59 8.23
N ILE A 52 -10.67 14.14 9.30
CA ILE A 52 -9.24 13.98 9.51
C ILE A 52 -8.91 12.52 9.85
N LEU A 53 -9.79 11.88 10.62
CA LEU A 53 -9.60 10.47 10.97
C LEU A 53 -9.74 9.58 9.74
N LYS A 54 -10.47 10.09 8.74
CA LYS A 54 -10.67 9.36 7.49
C LYS A 54 -9.41 9.46 6.63
N MET A 55 -8.84 10.66 6.53
CA MET A 55 -7.66 10.88 5.68
C MET A 55 -6.37 10.43 6.37
N THR A 56 -6.40 10.30 7.70
CA THR A 56 -5.22 9.87 8.45
C THR A 56 -5.19 8.34 8.54
N LYS A 57 -4.20 7.73 7.89
CA LYS A 57 -4.06 6.27 7.89
C LYS A 57 -2.60 5.87 8.14
N LYS A 58 -2.43 4.77 8.87
CA LYS A 58 -1.12 4.15 9.08
C LYS A 58 -1.03 2.85 8.30
N GLY A 59 0.19 2.38 8.10
CA GLY A 59 0.41 1.11 7.41
C GLY A 59 0.82 1.31 5.97
N LYS A 60 1.99 1.92 5.77
CA LYS A 60 2.56 2.09 4.44
C LYS A 60 4.09 2.04 4.51
N THR A 61 4.67 0.95 4.03
CA THR A 61 6.12 0.85 3.90
C THR A 61 6.54 1.38 2.54
N LEU A 62 5.66 1.19 1.56
CA LEU A 62 5.84 1.74 0.22
C LEU A 62 4.49 1.71 -0.51
N MET A 63 4.02 2.86 -0.97
CA MET A 63 2.80 2.91 -1.77
C MET A 63 3.04 3.68 -3.07
N MET A 64 2.31 3.30 -4.12
CA MET A 64 2.46 3.90 -5.43
C MET A 64 1.13 4.43 -5.94
N PHE A 65 1.19 5.52 -6.70
CA PHE A 65 0.02 6.06 -7.38
C PHE A 65 0.18 5.83 -8.88
N VAL A 66 -0.63 4.93 -9.42
CA VAL A 66 -0.56 4.57 -10.83
C VAL A 66 -1.64 5.30 -11.62
N THR A 67 -1.24 6.37 -12.33
CA THR A 67 -2.18 7.15 -13.12
C THR A 67 -2.37 6.51 -14.49
N VAL A 68 -3.56 5.94 -14.70
CA VAL A 68 -3.84 5.15 -15.89
C VAL A 68 -4.68 5.93 -16.89
N SER A 69 -5.87 6.34 -16.46
CA SER A 69 -6.84 6.98 -17.34
C SER A 69 -6.48 8.45 -17.56
N GLY A 70 -6.41 9.19 -16.46
CA GLY A 70 -6.24 10.64 -16.53
C GLY A 70 -7.56 11.33 -16.84
N ASN A 71 -8.61 10.53 -16.98
CA ASN A 71 -9.96 11.02 -17.25
C ASN A 71 -10.93 10.48 -16.20
N PRO A 72 -11.95 11.28 -15.84
CA PRO A 72 -12.85 10.98 -14.70
C PRO A 72 -13.61 9.66 -14.83
N THR A 73 -13.72 9.13 -16.05
CA THR A 73 -14.47 7.90 -16.29
C THR A 73 -13.85 6.75 -15.50
N GLU A 74 -14.55 6.33 -14.45
CA GLU A 74 -14.01 5.40 -13.46
C GLU A 74 -13.65 4.03 -14.05
N LYS A 75 -14.47 3.56 -15.00
CA LYS A 75 -14.39 2.17 -15.46
C LYS A 75 -13.00 1.83 -16.02
N GLU A 76 -12.29 2.84 -16.50
CA GLU A 76 -10.95 2.62 -17.06
C GLU A 76 -10.00 2.07 -16.01
N THR A 77 -9.63 2.91 -15.07
CA THR A 77 -8.67 2.54 -14.04
C THR A 77 -9.23 1.44 -13.14
N GLU A 78 -10.55 1.43 -12.96
CA GLU A 78 -11.21 0.38 -12.17
C GLU A 78 -10.93 -1.00 -12.78
N GLU A 79 -11.26 -1.16 -14.06
CA GLU A 79 -11.10 -2.45 -14.73
C GLU A 79 -9.63 -2.84 -14.86
N ILE A 80 -8.77 -1.90 -15.25
CA ILE A 80 -7.35 -2.20 -15.43
C ILE A 80 -6.72 -2.62 -14.10
N THR A 81 -7.16 -2.00 -13.00
CA THR A 81 -6.69 -2.37 -11.68
C THR A 81 -7.20 -3.77 -11.32
N SER A 82 -8.42 -4.08 -11.73
CA SER A 82 -8.98 -5.41 -11.55
C SER A 82 -8.11 -6.46 -12.24
N LEU A 83 -7.69 -6.15 -13.46
CA LEU A 83 -6.82 -7.03 -14.23
C LEU A 83 -5.48 -7.22 -13.53
N TRP A 84 -4.86 -6.10 -13.13
CA TRP A 84 -3.58 -6.13 -12.44
C TRP A 84 -3.66 -6.93 -11.15
N GLN A 85 -4.59 -6.57 -10.26
CA GLN A 85 -4.71 -7.26 -8.98
C GLN A 85 -4.90 -8.76 -9.21
N GLY A 86 -5.70 -9.11 -10.21
CA GLY A 86 -5.87 -10.52 -10.56
C GLY A 86 -4.55 -11.14 -10.98
N SER A 87 -3.75 -10.39 -11.73
CA SER A 87 -2.45 -10.86 -12.21
C SER A 87 -1.40 -10.83 -11.10
N LEU A 88 -1.68 -10.08 -10.02
CA LEU A 88 -0.75 -9.97 -8.90
C LEU A 88 -1.02 -11.04 -7.84
N PHE A 89 -2.30 -11.28 -7.57
CA PHE A 89 -2.70 -12.17 -6.49
C PHE A 89 -2.51 -13.66 -6.84
N ASN A 90 -2.37 -13.96 -8.14
CA ASN A 90 -2.07 -15.35 -8.54
C ASN A 90 -0.60 -15.66 -8.25
N ALA A 91 0.20 -14.60 -8.12
CA ALA A 91 1.60 -14.72 -7.69
C ALA A 91 1.69 -14.45 -6.19
N ASN A 92 0.52 -14.34 -5.56
CA ASN A 92 0.39 -14.02 -4.14
C ASN A 92 1.20 -12.79 -3.77
N TYR A 93 0.66 -11.62 -4.11
CA TYR A 93 1.23 -10.35 -3.67
C TYR A 93 0.32 -9.70 -2.63
N ASP A 94 0.92 -9.25 -1.54
CA ASP A 94 0.17 -8.69 -0.41
C ASP A 94 -0.05 -7.20 -0.59
N VAL A 95 -0.36 -6.81 -1.81
CA VAL A 95 -0.58 -5.42 -2.15
C VAL A 95 -2.05 -5.03 -1.92
N GLN A 96 -2.25 -3.90 -1.26
CA GLN A 96 -3.58 -3.37 -1.01
C GLN A 96 -3.89 -2.28 -2.01
N ARG A 97 -4.81 -2.57 -2.91
CA ARG A 97 -5.08 -1.71 -4.06
C ARG A 97 -6.47 -1.10 -3.97
N PHE A 98 -6.52 0.22 -4.11
CA PHE A 98 -7.77 0.97 -4.09
C PHE A 98 -7.73 2.08 -5.14
N ILE A 99 -8.88 2.57 -5.55
CA ILE A 99 -8.95 3.65 -6.54
C ILE A 99 -9.53 4.91 -5.91
N VAL A 100 -8.68 5.92 -5.75
CA VAL A 100 -9.09 7.22 -5.21
C VAL A 100 -8.80 8.30 -6.26
N GLY A 101 -9.86 8.79 -6.91
CA GLY A 101 -9.69 9.67 -8.04
C GLY A 101 -9.38 8.87 -9.28
N SER A 102 -10.39 8.68 -10.13
CA SER A 102 -10.33 7.78 -11.29
C SER A 102 -9.00 7.88 -12.06
N ASP A 103 -8.38 9.05 -12.05
CA ASP A 103 -7.15 9.29 -12.81
C ASP A 103 -6.06 8.26 -12.46
N ARG A 104 -6.03 7.85 -11.19
CA ARG A 104 -4.98 6.98 -10.69
C ARG A 104 -5.51 6.00 -9.64
N ALA A 105 -4.88 4.83 -9.58
CA ALA A 105 -5.16 3.83 -8.56
C ALA A 105 -3.98 3.73 -7.60
N ILE A 106 -4.28 3.67 -6.30
CA ILE A 106 -3.22 3.59 -5.30
C ILE A 106 -2.93 2.14 -4.94
N PHE A 107 -1.72 1.71 -5.27
CA PHE A 107 -1.23 0.37 -4.92
C PHE A 107 -0.34 0.46 -3.70
N MET A 108 -0.87 0.09 -2.54
CA MET A 108 -0.11 0.06 -1.31
C MET A 108 0.59 -1.30 -1.17
N LEU A 109 1.86 -1.28 -0.81
CA LEU A 109 2.64 -2.50 -0.67
C LEU A 109 2.96 -2.68 0.80
N ARG A 110 2.52 -3.80 1.36
CA ARG A 110 2.81 -4.11 2.75
C ARG A 110 4.26 -4.54 2.85
N ASP A 111 4.71 -5.28 1.83
CA ASP A 111 6.13 -5.58 1.63
C ASP A 111 6.62 -4.87 0.37
N GLY A 112 7.47 -3.88 0.54
CA GLY A 112 7.92 -3.08 -0.59
C GLY A 112 9.23 -3.58 -1.18
N SER A 113 9.54 -4.85 -0.96
CA SER A 113 10.79 -5.42 -1.46
C SER A 113 10.73 -5.56 -2.98
N TYR A 114 9.60 -6.08 -3.48
CA TYR A 114 9.41 -6.29 -4.93
C TYR A 114 8.80 -5.06 -5.58
N ALA A 115 8.96 -3.90 -4.92
CA ALA A 115 8.38 -2.64 -5.39
C ALA A 115 8.78 -2.33 -6.82
N TRP A 116 10.07 -2.49 -7.12
CA TRP A 116 10.59 -2.16 -8.45
C TRP A 116 10.03 -3.13 -9.49
N GLU A 117 9.83 -4.37 -9.07
CA GLU A 117 9.35 -5.43 -9.95
C GLU A 117 7.89 -5.20 -10.32
N ILE A 118 7.06 -4.92 -9.31
CA ILE A 118 5.65 -4.66 -9.53
C ILE A 118 5.45 -3.38 -10.35
N LYS A 119 6.27 -2.35 -10.08
CA LYS A 119 6.24 -1.13 -10.88
C LYS A 119 6.50 -1.46 -12.35
N ASP A 120 7.60 -2.16 -12.58
CA ASP A 120 8.02 -2.53 -13.94
C ASP A 120 6.90 -3.30 -14.65
N PHE A 121 6.21 -4.14 -13.90
CA PHE A 121 5.06 -4.88 -14.42
C PHE A 121 3.95 -3.92 -14.86
N LEU A 122 3.59 -2.98 -13.98
CA LEU A 122 2.51 -2.03 -14.25
C LEU A 122 2.85 -1.14 -15.44
N VAL A 123 4.12 -0.76 -15.55
CA VAL A 123 4.59 0.09 -16.66
C VAL A 123 4.66 -0.73 -17.95
N SER A 124 4.95 -2.01 -17.82
CA SER A 124 5.07 -2.91 -18.97
C SER A 124 3.70 -3.22 -19.59
N GLN A 125 2.64 -2.66 -18.99
CA GLN A 125 1.29 -2.81 -19.55
C GLN A 125 1.25 -2.30 -20.98
N ASP A 126 0.36 -2.87 -21.81
CA ASP A 126 0.27 -2.49 -23.22
C ASP A 126 -0.03 -1.00 -23.37
N ARG A 127 -0.80 -0.47 -22.42
CA ARG A 127 -1.15 0.95 -22.42
C ARG A 127 -0.04 1.79 -21.76
N CYS A 128 0.86 1.09 -21.08
CA CYS A 128 1.98 1.72 -20.37
C CYS A 128 1.48 2.73 -19.32
N ALA A 129 1.20 2.23 -18.12
CA ALA A 129 0.69 3.08 -17.05
C ALA A 129 1.82 3.79 -16.31
N GLU A 130 1.54 4.97 -15.80
CA GLU A 130 2.55 5.77 -15.11
C GLU A 130 2.49 5.53 -13.60
N VAL A 131 3.54 4.94 -13.06
CA VAL A 131 3.60 4.62 -11.64
C VAL A 131 4.55 5.58 -10.92
N THR A 132 4.03 6.35 -9.97
CA THR A 132 4.85 7.27 -9.17
C THR A 132 4.89 6.79 -7.72
N LEU A 133 6.00 7.05 -7.04
CA LEU A 133 6.20 6.61 -5.65
C LEU A 133 5.74 7.69 -4.67
N GLU A 134 5.19 7.27 -3.54
CA GLU A 134 4.83 8.19 -2.46
C GLU A 134 6.04 8.38 -1.54
N GLY A 135 6.33 9.64 -1.22
CA GLY A 135 7.46 9.94 -0.35
C GLY A 135 8.56 10.69 -1.08
N GLN A 136 9.37 9.95 -1.84
CA GLN A 136 10.50 10.52 -2.57
C GLN A 136 11.08 9.50 -3.54
N MET A 137 12.12 9.88 -4.27
CA MET A 137 12.79 8.97 -5.19
C MET A 137 13.73 8.06 -4.42
N TYR A 138 13.16 7.02 -3.81
CA TYR A 138 13.91 6.07 -2.98
C TYR A 138 15.09 5.42 -3.74
N PRO A 139 14.86 4.87 -4.96
CA PRO A 139 15.92 4.16 -5.71
C PRO A 139 16.93 5.11 -6.35
N GLY A 140 16.81 6.40 -6.08
CA GLY A 140 17.67 7.39 -6.69
C GLY A 140 17.75 8.67 -5.88
N LYS A 141 18.62 8.68 -4.88
CA LYS A 141 18.82 9.83 -4.02
C LYS A 141 20.14 10.52 -4.36
N GLY A 1 -43.96 -22.25 49.68
CA GLY A 1 -42.92 -21.25 49.99
C GLY A 1 -41.71 -21.39 49.09
N ASP A 2 -40.87 -20.36 49.04
CA ASP A 2 -39.66 -20.37 48.24
C ASP A 2 -38.51 -19.74 49.03
N ILE A 3 -37.43 -20.49 49.20
CA ILE A 3 -36.30 -20.04 50.04
C ILE A 3 -35.27 -19.26 49.23
N ARG A 4 -35.73 -18.46 48.26
CA ARG A 4 -34.84 -17.63 47.45
C ARG A 4 -33.89 -16.82 48.33
N ASP A 5 -34.42 -16.34 49.46
CA ASP A 5 -33.63 -15.57 50.42
C ASP A 5 -32.37 -16.32 50.81
N TYR A 6 -32.55 -17.57 51.19
CA TYR A 6 -31.43 -18.43 51.56
C TYR A 6 -30.51 -18.64 50.38
N ASN A 7 -31.10 -18.91 49.22
CA ASN A 7 -30.35 -19.17 48.00
C ASN A 7 -29.39 -18.02 47.70
N ASP A 8 -29.94 -16.84 47.44
CA ASP A 8 -29.12 -15.67 47.14
C ASP A 8 -28.11 -15.41 48.25
N ALA A 9 -28.60 -15.24 49.48
CA ALA A 9 -27.72 -14.88 50.60
C ALA A 9 -26.59 -15.90 50.78
N ASP A 10 -26.96 -17.13 51.15
CA ASP A 10 -25.97 -18.14 51.54
C ASP A 10 -25.14 -18.62 50.35
N MET A 11 -25.79 -18.86 49.21
CA MET A 11 -25.10 -19.43 48.06
C MET A 11 -24.21 -18.38 47.39
N ALA A 12 -24.66 -17.14 47.33
CA ALA A 12 -23.82 -16.06 46.78
C ALA A 12 -22.64 -15.81 47.71
N ARG A 13 -22.89 -15.92 49.01
CA ARG A 13 -21.82 -15.82 50.01
C ARG A 13 -20.80 -16.94 49.78
N LEU A 14 -21.30 -18.12 49.41
CA LEU A 14 -20.43 -19.25 49.07
C LEU A 14 -19.65 -18.96 47.79
N LEU A 15 -20.35 -18.44 46.79
CA LEU A 15 -19.73 -18.11 45.49
C LEU A 15 -18.97 -16.80 45.56
N GLU A 16 -19.09 -16.11 46.68
CA GLU A 16 -18.39 -14.84 46.91
C GLU A 16 -16.91 -14.96 46.56
N GLN A 17 -16.31 -16.08 46.95
CA GLN A 17 -14.90 -16.35 46.69
C GLN A 17 -14.64 -16.45 45.18
N TRP A 18 -15.52 -17.16 44.47
CA TRP A 18 -15.36 -17.37 43.03
C TRP A 18 -15.53 -16.05 42.28
N GLU A 19 -16.49 -15.25 42.73
CA GLU A 19 -16.72 -13.92 42.17
C GLU A 19 -15.53 -13.01 42.48
N LYS A 20 -14.87 -13.24 43.61
CA LYS A 20 -13.67 -12.49 43.95
C LYS A 20 -12.53 -12.89 43.01
N ASP A 21 -12.47 -14.19 42.71
CA ASP A 21 -11.50 -14.71 41.75
C ASP A 21 -11.78 -14.11 40.37
N ASP A 22 -13.07 -13.95 40.06
CA ASP A 22 -13.50 -13.31 38.81
C ASP A 22 -12.94 -11.90 38.76
N ASP A 23 -13.08 -11.18 39.87
CA ASP A 23 -12.50 -9.83 40.02
C ASP A 23 -11.00 -9.86 39.76
N ILE A 24 -10.33 -10.86 40.31
CA ILE A 24 -8.88 -11.02 40.11
C ILE A 24 -8.58 -11.25 38.63
N GLU A 25 -9.44 -12.00 37.95
CA GLU A 25 -9.27 -12.32 36.54
C GLU A 25 -9.53 -11.10 35.66
N GLU A 26 -10.42 -10.22 36.11
CA GLU A 26 -10.73 -9.00 35.37
C GLU A 26 -9.45 -8.22 35.07
N GLY A 27 -8.72 -7.86 36.11
CA GLY A 27 -7.53 -7.05 35.95
C GLY A 27 -7.88 -5.64 35.53
N ASP A 28 -8.23 -4.81 36.50
CA ASP A 28 -8.73 -3.46 36.23
C ASP A 28 -7.57 -2.52 35.89
N LEU A 29 -7.88 -1.49 35.11
CA LEU A 29 -6.91 -0.47 34.73
C LEU A 29 -7.47 0.92 35.04
N PRO A 30 -6.60 1.86 35.49
CA PRO A 30 -7.01 3.24 35.77
C PRO A 30 -7.22 4.04 34.49
N GLU A 31 -7.59 5.31 34.64
CA GLU A 31 -7.75 6.20 33.49
C GLU A 31 -6.37 6.59 32.95
N HIS A 32 -5.37 6.38 33.78
CA HIS A 32 -3.97 6.61 33.42
C HIS A 32 -3.45 5.46 32.56
N LYS A 33 -2.28 5.64 31.97
CA LYS A 33 -1.66 4.57 31.17
C LYS A 33 -1.25 3.41 32.09
N ARG A 34 -0.67 2.36 31.51
CA ARG A 34 -0.32 1.17 32.29
C ARG A 34 0.52 1.55 33.51
N PRO A 35 0.05 1.21 34.73
CA PRO A 35 0.72 1.60 35.98
C PRO A 35 2.07 0.91 36.18
N SER A 36 2.46 0.07 35.23
CA SER A 36 3.72 -0.66 35.34
C SER A 36 4.90 0.31 35.19
N ALA A 37 5.57 0.56 36.31
CA ALA A 37 6.74 1.45 36.35
C ALA A 37 8.03 0.71 35.98
N PRO A 38 8.31 -0.49 36.57
CA PRO A 38 9.52 -1.24 36.25
C PRO A 38 9.59 -1.62 34.77
N ILE A 39 10.68 -1.24 34.12
CA ILE A 39 10.84 -1.47 32.67
C ILE A 39 11.24 -2.93 32.40
N ASP A 40 11.35 -3.72 33.46
CA ASP A 40 11.78 -5.12 33.38
C ASP A 40 11.08 -5.87 32.25
N PHE A 41 9.83 -5.52 31.99
CA PHE A 41 9.06 -6.13 30.90
C PHE A 41 9.82 -6.01 29.58
N SER A 42 10.19 -4.78 29.22
CA SER A 42 10.86 -4.51 27.96
C SER A 42 12.36 -4.76 28.08
N LYS A 43 12.88 -4.62 29.30
CA LYS A 43 14.29 -4.85 29.59
C LYS A 43 14.66 -6.31 29.32
N LEU A 44 13.89 -7.22 29.89
CA LEU A 44 14.11 -8.65 29.71
C LEU A 44 13.51 -9.12 28.39
N ASP A 45 12.31 -8.63 28.06
CA ASP A 45 11.57 -9.10 26.89
C ASP A 45 11.44 -10.63 26.95
N PRO A 46 10.82 -11.13 28.05
CA PRO A 46 10.81 -12.55 28.37
C PRO A 46 9.56 -13.29 27.91
N GLY A 47 9.77 -14.42 27.22
CA GLY A 47 8.68 -15.35 26.96
C GLY A 47 7.92 -15.06 25.68
N LYS A 48 7.98 -13.82 25.20
CA LYS A 48 7.24 -13.43 23.99
C LYS A 48 8.13 -13.50 22.75
N PRO A 49 7.88 -14.48 21.86
CA PRO A 49 8.50 -14.56 20.55
C PRO A 49 7.58 -13.97 19.47
N GLU A 50 6.52 -14.70 19.14
CA GLU A 50 5.50 -14.25 18.19
C GLU A 50 6.12 -13.85 16.84
N SER A 51 6.55 -14.86 16.09
CA SER A 51 7.10 -14.64 14.75
C SER A 51 6.10 -13.85 13.90
N ILE A 52 4.81 -14.14 14.08
CA ILE A 52 3.75 -13.42 13.37
C ILE A 52 3.80 -11.92 13.67
N LEU A 53 4.06 -11.58 14.93
CA LEU A 53 4.09 -10.18 15.36
C LEU A 53 5.35 -9.50 14.82
N LYS A 54 6.43 -10.27 14.72
CA LYS A 54 7.69 -9.75 14.19
C LYS A 54 7.67 -9.65 12.66
N MET A 55 6.93 -10.54 12.00
CA MET A 55 6.88 -10.56 10.54
C MET A 55 5.82 -9.58 10.02
N THR A 56 4.85 -9.24 10.87
CA THR A 56 3.85 -8.24 10.52
C THR A 56 4.46 -6.84 10.60
N LYS A 57 4.43 -6.12 9.49
CA LYS A 57 4.99 -4.78 9.43
C LYS A 57 3.93 -3.75 9.82
N LYS A 58 4.10 -3.16 11.01
CA LYS A 58 3.18 -2.15 11.50
C LYS A 58 3.57 -0.79 10.94
N GLY A 59 2.78 -0.29 9.99
CA GLY A 59 3.07 0.98 9.36
C GLY A 59 3.84 0.81 8.07
N LYS A 60 3.16 0.29 7.05
CA LYS A 60 3.79 0.10 5.74
C LYS A 60 3.84 1.44 4.99
N THR A 61 5.04 1.92 4.76
CA THR A 61 5.26 3.24 4.21
C THR A 61 5.11 3.28 2.69
N LEU A 62 5.32 2.14 2.03
CA LEU A 62 5.39 2.11 0.57
C LEU A 62 3.99 2.12 -0.04
N MET A 63 3.61 3.27 -0.58
CA MET A 63 2.37 3.41 -1.34
C MET A 63 2.66 4.21 -2.60
N MET A 64 2.10 3.78 -3.72
CA MET A 64 2.40 4.36 -5.02
C MET A 64 1.12 4.48 -5.86
N PHE A 65 0.88 5.68 -6.39
CA PHE A 65 -0.31 5.96 -7.18
C PHE A 65 -0.07 5.60 -8.65
N VAL A 66 -0.82 4.61 -9.14
CA VAL A 66 -0.72 4.19 -10.53
C VAL A 66 -1.81 4.86 -11.36
N THR A 67 -1.41 5.84 -12.19
CA THR A 67 -2.37 6.53 -13.04
C THR A 67 -2.50 5.81 -14.37
N VAL A 68 -3.67 5.20 -14.59
CA VAL A 68 -3.91 4.41 -15.79
C VAL A 68 -4.74 5.19 -16.80
N SER A 69 -5.92 5.63 -16.36
CA SER A 69 -6.81 6.40 -17.21
C SER A 69 -6.15 7.70 -17.65
N GLY A 70 -5.62 8.44 -16.67
CA GLY A 70 -5.15 9.80 -16.92
C GLY A 70 -6.32 10.74 -17.21
N ASN A 71 -7.51 10.15 -17.27
CA ASN A 71 -8.74 10.81 -17.66
C ASN A 71 -9.79 10.54 -16.58
N PRO A 72 -10.65 11.52 -16.25
CA PRO A 72 -11.76 11.36 -15.27
C PRO A 72 -12.51 10.02 -15.32
N THR A 73 -12.38 9.26 -16.41
CA THR A 73 -13.02 7.96 -16.52
C THR A 73 -12.49 6.98 -15.47
N GLU A 74 -13.41 6.36 -14.73
CA GLU A 74 -13.04 5.32 -13.76
C GLU A 74 -12.80 4.01 -14.50
N LYS A 75 -13.42 3.89 -15.67
CA LYS A 75 -13.55 2.60 -16.36
C LYS A 75 -12.18 1.99 -16.65
N GLU A 76 -11.28 2.79 -17.19
CA GLU A 76 -9.94 2.32 -17.56
C GLU A 76 -9.21 1.76 -16.34
N THR A 77 -8.97 2.62 -15.36
CA THR A 77 -8.26 2.26 -14.14
C THR A 77 -8.97 1.13 -13.38
N GLU A 78 -10.29 1.17 -13.37
CA GLU A 78 -11.07 0.18 -12.62
C GLU A 78 -10.89 -1.21 -13.21
N GLU A 79 -11.10 -1.33 -14.52
CA GLU A 79 -10.96 -2.61 -15.22
C GLU A 79 -9.55 -3.15 -15.08
N ILE A 80 -8.54 -2.31 -15.32
CA ILE A 80 -7.15 -2.76 -15.28
C ILE A 80 -6.75 -3.15 -13.85
N THR A 81 -7.23 -2.40 -12.86
CA THR A 81 -6.97 -2.70 -11.45
C THR A 81 -7.60 -4.04 -11.07
N SER A 82 -8.75 -4.33 -11.67
CA SER A 82 -9.42 -5.62 -11.47
C SER A 82 -8.54 -6.74 -12.05
N LEU A 83 -8.01 -6.50 -13.25
CA LEU A 83 -7.11 -7.45 -13.90
C LEU A 83 -5.90 -7.70 -12.99
N TRP A 84 -5.42 -6.65 -12.33
CA TRP A 84 -4.32 -6.77 -11.38
C TRP A 84 -4.77 -7.43 -10.08
N GLN A 85 -6.03 -7.20 -9.71
CA GLN A 85 -6.62 -7.84 -8.52
C GLN A 85 -6.52 -9.35 -8.66
N GLY A 86 -6.68 -9.83 -9.89
CA GLY A 86 -6.51 -11.24 -10.17
C GLY A 86 -5.03 -11.61 -10.36
N SER A 87 -4.35 -10.86 -11.22
CA SER A 87 -2.97 -11.16 -11.60
C SER A 87 -2.01 -11.13 -10.40
N LEU A 88 -1.93 -9.99 -9.72
CA LEU A 88 -0.97 -9.82 -8.64
C LEU A 88 -1.23 -10.81 -7.50
N PHE A 89 -2.49 -11.10 -7.25
CA PHE A 89 -2.87 -11.95 -6.11
C PHE A 89 -2.63 -13.42 -6.38
N ASN A 90 -2.81 -13.88 -7.62
CA ASN A 90 -2.48 -15.27 -7.96
C ASN A 90 -0.96 -15.43 -7.94
N ALA A 91 -0.26 -14.31 -8.12
CA ALA A 91 1.19 -14.25 -7.99
C ALA A 91 1.59 -14.12 -6.51
N ASN A 92 0.59 -14.16 -5.64
CA ASN A 92 0.78 -14.18 -4.18
C ASN A 92 1.16 -12.81 -3.62
N TYR A 93 0.92 -11.75 -4.40
CA TYR A 93 1.19 -10.40 -3.93
C TYR A 93 -0.09 -9.78 -3.37
N ASP A 94 -0.28 -9.90 -2.06
CA ASP A 94 -1.43 -9.30 -1.38
C ASP A 94 -1.20 -7.79 -1.24
N VAL A 95 -1.44 -7.08 -2.33
CA VAL A 95 -1.28 -5.63 -2.36
C VAL A 95 -2.62 -4.95 -2.07
N GLN A 96 -2.58 -3.83 -1.36
CA GLN A 96 -3.80 -3.13 -0.97
C GLN A 96 -4.02 -1.95 -1.89
N ARG A 97 -4.91 -2.14 -2.85
CA ARG A 97 -5.17 -1.16 -3.90
C ARG A 97 -6.53 -0.49 -3.68
N PHE A 98 -6.54 0.84 -3.75
CA PHE A 98 -7.75 1.61 -3.55
C PHE A 98 -7.93 2.59 -4.71
N ILE A 99 -9.09 2.54 -5.35
CA ILE A 99 -9.39 3.44 -6.46
C ILE A 99 -9.82 4.81 -5.94
N VAL A 100 -8.83 5.69 -5.73
CA VAL A 100 -9.08 7.06 -5.30
C VAL A 100 -8.54 8.01 -6.37
N GLY A 101 -9.44 8.78 -6.96
CA GLY A 101 -9.10 9.53 -8.14
C GLY A 101 -9.30 8.66 -9.36
N SER A 102 -10.39 8.89 -10.09
CA SER A 102 -10.83 8.02 -11.18
C SER A 102 -9.70 7.61 -12.14
N ASP A 103 -8.69 8.47 -12.28
CA ASP A 103 -7.62 8.25 -13.26
C ASP A 103 -6.51 7.35 -12.72
N ARG A 104 -6.53 7.08 -11.41
CA ARG A 104 -5.42 6.38 -10.77
C ARG A 104 -5.91 5.47 -9.64
N ALA A 105 -5.11 4.45 -9.35
CA ALA A 105 -5.37 3.55 -8.23
C ALA A 105 -4.13 3.49 -7.34
N ILE A 106 -4.29 3.70 -6.04
CA ILE A 106 -3.16 3.69 -5.12
C ILE A 106 -2.86 2.26 -4.67
N PHE A 107 -1.64 1.81 -4.93
CA PHE A 107 -1.18 0.49 -4.52
C PHE A 107 -0.32 0.61 -3.27
N MET A 108 -0.77 -0.01 -2.19
CA MET A 108 -0.03 -0.06 -0.94
C MET A 108 0.67 -1.40 -0.81
N LEU A 109 1.99 -1.38 -0.63
CA LEU A 109 2.78 -2.60 -0.63
C LEU A 109 3.14 -3.00 0.80
N ARG A 110 3.34 -4.30 1.01
CA ARG A 110 3.78 -4.81 2.31
C ARG A 110 5.26 -4.48 2.51
N ASP A 111 6.02 -4.69 1.44
CA ASP A 111 7.45 -4.37 1.43
C ASP A 111 7.84 -3.88 0.04
N GLY A 112 9.09 -3.47 -0.12
CA GLY A 112 9.53 -2.87 -1.38
C GLY A 112 10.58 -3.68 -2.11
N SER A 113 10.74 -4.94 -1.73
CA SER A 113 11.74 -5.80 -2.38
C SER A 113 11.42 -6.01 -3.85
N TYR A 114 10.13 -6.06 -4.16
CA TYR A 114 9.66 -6.28 -5.53
C TYR A 114 9.04 -4.99 -6.09
N ALA A 115 9.36 -3.86 -5.45
CA ALA A 115 8.77 -2.58 -5.82
C ALA A 115 9.02 -2.24 -7.29
N TRP A 116 10.27 -2.42 -7.72
CA TRP A 116 10.64 -2.12 -9.10
C TRP A 116 10.08 -3.17 -10.06
N GLU A 117 9.93 -4.39 -9.57
CA GLU A 117 9.37 -5.47 -10.37
C GLU A 117 7.90 -5.17 -10.71
N ILE A 118 7.11 -4.90 -9.67
CA ILE A 118 5.70 -4.58 -9.87
C ILE A 118 5.55 -3.28 -10.64
N LYS A 119 6.43 -2.30 -10.35
CA LYS A 119 6.42 -1.03 -11.07
C LYS A 119 6.59 -1.26 -12.57
N ASP A 120 7.60 -2.06 -12.92
CA ASP A 120 7.87 -2.38 -14.32
C ASP A 120 6.66 -3.09 -14.94
N PHE A 121 6.09 -4.01 -14.17
CA PHE A 121 4.89 -4.74 -14.61
C PHE A 121 3.77 -3.78 -14.97
N LEU A 122 3.60 -2.74 -14.14
CA LEU A 122 2.53 -1.76 -14.31
C LEU A 122 2.81 -0.83 -15.51
N VAL A 123 4.04 -0.38 -15.65
CA VAL A 123 4.40 0.55 -16.72
C VAL A 123 4.50 -0.16 -18.06
N SER A 124 4.81 -1.45 -18.02
CA SER A 124 4.95 -2.26 -19.24
C SER A 124 3.59 -2.73 -19.76
N GLN A 125 2.52 -2.37 -19.06
CA GLN A 125 1.16 -2.71 -19.48
C GLN A 125 0.83 -2.03 -20.81
N ASP A 126 -0.21 -2.54 -21.47
CA ASP A 126 -0.62 -2.06 -22.80
C ASP A 126 -0.82 -0.54 -22.81
N ARG A 127 -1.31 0.00 -21.70
CA ARG A 127 -1.61 1.43 -21.60
C ARG A 127 -0.38 2.24 -21.18
N CYS A 128 0.66 1.55 -20.71
CA CYS A 128 1.85 2.21 -20.19
C CYS A 128 1.47 3.20 -19.07
N ALA A 129 1.18 2.67 -17.90
CA ALA A 129 0.71 3.50 -16.78
C ALA A 129 1.87 3.99 -15.93
N GLU A 130 1.91 5.30 -15.69
CA GLU A 130 2.95 5.89 -14.85
C GLU A 130 2.56 5.80 -13.37
N VAL A 131 3.56 5.66 -12.50
CA VAL A 131 3.31 5.49 -11.08
C VAL A 131 4.08 6.52 -10.26
N THR A 132 3.35 7.31 -9.47
CA THR A 132 3.95 8.30 -8.58
C THR A 132 4.04 7.74 -7.16
N LEU A 133 5.25 7.51 -6.67
CA LEU A 133 5.47 6.94 -5.35
C LEU A 133 5.48 8.02 -4.26
N GLU A 134 5.09 7.65 -3.05
CA GLU A 134 5.18 8.53 -1.90
C GLU A 134 6.58 8.50 -1.32
N GLY A 135 7.33 9.58 -1.54
CA GLY A 135 8.70 9.67 -1.04
C GLY A 135 9.72 9.13 -2.03
N GLN A 136 10.96 9.62 -1.92
CA GLN A 136 12.05 9.16 -2.78
C GLN A 136 13.01 8.28 -1.99
N MET A 137 12.57 7.05 -1.70
CA MET A 137 13.40 6.08 -0.98
C MET A 137 14.49 5.52 -1.88
N TYR A 138 14.10 5.15 -3.09
CA TYR A 138 15.04 4.57 -4.06
C TYR A 138 15.62 5.66 -4.99
N PRO A 139 14.76 6.50 -5.62
CA PRO A 139 15.25 7.60 -6.47
C PRO A 139 15.88 8.73 -5.64
N GLY A 140 16.18 9.85 -6.29
CA GLY A 140 16.79 10.95 -5.60
C GLY A 140 16.89 12.19 -6.46
N LYS A 141 15.77 12.84 -6.71
CA LYS A 141 15.76 14.10 -7.43
C LYS A 141 16.00 15.23 -6.42
#